data_2L4V
#
_entry.id   2L4V
#
_entity_poly.entity_id   1
_entity_poly.type   'polypeptide(L)'
_entity_poly.pdbx_seq_one_letter_code
;MADEQPKKPVPAAEEAPAAEAEAEEEEGLHLEDDQEPREHPIMGGIYDAPLNNENGFDKEDLARFAVREYNNKNNALLEF
VRVVKAKEQVVSGMMHYLTVEVNDAGKKKLYEAKVWEQVWMNFRQLQEFTYLGDA
;
_entity_poly.pdbx_strand_id   A
#
# COMPACT_ATOMS: atom_id res chain seq x y z
N MET A 1 19.14 3.77 9.38
CA MET A 1 17.77 3.19 9.48
C MET A 1 17.82 1.67 9.65
N ALA A 2 16.69 1.09 10.01
CA ALA A 2 16.60 -0.35 10.20
C ALA A 2 16.96 -1.10 8.91
N ASP A 3 16.51 -0.57 7.79
CA ASP A 3 16.78 -1.18 6.49
C ASP A 3 16.20 -2.59 6.43
N GLU A 4 14.90 -2.67 6.17
CA GLU A 4 14.22 -3.96 6.09
C GLU A 4 14.46 -4.61 4.73
N GLN A 5 13.89 -4.00 3.69
CA GLN A 5 14.04 -4.51 2.34
C GLN A 5 14.26 -3.38 1.34
N PRO A 6 15.28 -2.53 1.58
CA PRO A 6 15.59 -1.39 0.71
C PRO A 6 16.18 -1.84 -0.63
N LYS A 7 16.86 -2.98 -0.61
CA LYS A 7 17.48 -3.52 -1.81
C LYS A 7 17.29 -5.03 -1.89
N LYS A 8 16.37 -5.47 -2.75
CA LYS A 8 16.10 -6.88 -2.93
C LYS A 8 15.12 -7.11 -4.07
N PRO A 9 15.02 -8.36 -4.56
CA PRO A 9 14.11 -8.71 -5.66
C PRO A 9 12.64 -8.61 -5.25
N VAL A 10 11.75 -8.90 -6.19
CA VAL A 10 10.31 -8.85 -5.92
C VAL A 10 9.59 -10.07 -6.49
N PRO A 11 8.42 -10.41 -5.93
CA PRO A 11 7.64 -11.56 -6.38
C PRO A 11 6.93 -11.30 -7.71
N ALA A 12 6.01 -12.19 -8.07
CA ALA A 12 5.27 -12.05 -9.31
C ALA A 12 3.81 -11.70 -9.04
N ALA A 13 3.34 -10.60 -9.62
CA ALA A 13 1.97 -10.16 -9.44
C ALA A 13 1.00 -11.01 -10.27
N GLU A 14 -0.28 -10.68 -10.19
CA GLU A 14 -1.30 -11.41 -10.93
C GLU A 14 -2.46 -10.49 -11.31
N GLU A 15 -3.22 -10.07 -10.31
CA GLU A 15 -4.36 -9.19 -10.53
C GLU A 15 -5.02 -8.80 -9.21
N ALA A 16 -6.14 -8.09 -9.31
CA ALA A 16 -6.86 -7.65 -8.11
C ALA A 16 -8.15 -8.43 -7.94
N PRO A 17 -8.76 -8.38 -6.74
CA PRO A 17 -10.00 -9.10 -6.44
C PRO A 17 -11.21 -8.44 -7.12
N ALA A 18 -12.39 -9.01 -6.87
CA ALA A 18 -13.62 -8.48 -7.46
C ALA A 18 -14.84 -9.11 -6.79
N ALA A 19 -14.79 -10.42 -6.58
CA ALA A 19 -15.90 -11.13 -5.95
C ALA A 19 -15.75 -11.15 -4.44
N GLU A 20 -16.67 -11.84 -3.77
CA GLU A 20 -16.65 -11.94 -2.31
C GLU A 20 -16.75 -10.55 -1.67
N ALA A 21 -17.98 -10.15 -1.35
CA ALA A 21 -18.22 -8.85 -0.74
C ALA A 21 -17.79 -8.86 0.73
N GLU A 22 -17.60 -7.66 1.28
CA GLU A 22 -17.19 -7.52 2.67
C GLU A 22 -18.37 -7.13 3.56
N ALA A 23 -18.10 -6.91 4.84
CA ALA A 23 -19.14 -6.53 5.78
C ALA A 23 -19.17 -5.02 5.98
N GLU A 24 -18.20 -4.51 6.74
CA GLU A 24 -18.12 -3.07 7.00
C GLU A 24 -16.98 -2.44 6.20
N GLU A 25 -16.79 -1.14 6.39
CA GLU A 25 -15.74 -0.41 5.69
C GLU A 25 -15.48 0.95 6.34
N GLU A 26 -14.22 1.39 6.31
CA GLU A 26 -13.84 2.66 6.90
C GLU A 26 -14.60 3.81 6.25
N GLU A 27 -14.38 5.02 6.75
CA GLU A 27 -15.03 6.20 6.21
C GLU A 27 -14.03 7.33 5.98
N GLY A 28 -13.66 7.52 4.72
CA GLY A 28 -12.70 8.57 4.38
C GLY A 28 -13.02 9.25 3.07
N LEU A 29 -12.81 8.54 1.97
CA LEU A 29 -13.08 9.10 0.64
C LEU A 29 -13.68 8.03 -0.27
N HIS A 30 -14.35 8.47 -1.34
CA HIS A 30 -14.97 7.56 -2.29
C HIS A 30 -14.10 7.40 -3.53
N LEU A 31 -13.95 6.16 -3.98
CA LEU A 31 -13.14 5.87 -5.16
C LEU A 31 -13.94 6.11 -6.44
N GLU A 32 -13.32 5.84 -7.59
CA GLU A 32 -13.98 6.03 -8.88
C GLU A 32 -13.80 4.80 -9.76
N ASP A 33 -14.90 4.28 -10.28
CA ASP A 33 -14.86 3.10 -11.14
C ASP A 33 -14.26 1.91 -10.40
N ASP A 34 -14.49 1.86 -9.10
CA ASP A 34 -13.97 0.76 -8.28
C ASP A 34 -12.45 0.71 -8.35
N GLN A 35 -11.88 -0.36 -7.79
CA GLN A 35 -10.43 -0.54 -7.79
C GLN A 35 -9.74 0.60 -7.05
N GLU A 36 -8.42 0.52 -6.94
CA GLU A 36 -7.65 1.54 -6.25
C GLU A 36 -6.37 1.88 -7.03
N PRO A 37 -6.45 2.84 -7.97
CA PRO A 37 -5.30 3.24 -8.78
C PRO A 37 -4.09 3.59 -7.94
N ARG A 38 -2.94 3.75 -8.59
CA ARG A 38 -1.70 4.09 -7.89
C ARG A 38 -1.31 5.53 -8.14
N GLU A 39 -0.15 5.93 -7.64
CA GLU A 39 0.33 7.29 -7.80
C GLU A 39 1.76 7.30 -8.34
N HIS A 40 2.28 8.49 -8.62
CA HIS A 40 3.64 8.63 -9.14
C HIS A 40 4.58 9.16 -8.06
N PRO A 41 5.17 8.26 -7.26
CA PRO A 41 6.09 8.64 -6.18
C PRO A 41 7.41 9.18 -6.73
N ILE A 42 8.18 9.83 -5.86
CA ILE A 42 9.48 10.39 -6.25
C ILE A 42 10.62 9.70 -5.52
N MET A 43 11.82 9.79 -6.09
CA MET A 43 13.00 9.17 -5.49
C MET A 43 13.23 9.70 -4.07
N GLY A 44 14.06 8.99 -3.31
CA GLY A 44 14.36 9.41 -1.95
C GLY A 44 14.72 8.25 -1.06
N GLY A 45 15.67 8.46 -0.16
CA GLY A 45 16.10 7.40 0.75
C GLY A 45 14.99 6.97 1.68
N ILE A 46 15.34 6.20 2.71
CA ILE A 46 14.37 5.72 3.67
C ILE A 46 13.97 6.81 4.65
N TYR A 47 13.37 7.87 4.13
CA TYR A 47 12.94 8.99 4.95
C TYR A 47 12.22 10.05 4.12
N ASP A 48 12.86 10.47 3.03
CA ASP A 48 12.30 11.47 2.14
C ASP A 48 10.98 10.98 1.54
N ALA A 49 9.88 11.60 1.94
CA ALA A 49 8.56 11.23 1.44
C ALA A 49 7.48 12.16 1.99
N PRO A 50 7.48 13.42 1.55
CA PRO A 50 6.49 14.42 2.00
C PRO A 50 5.08 14.05 1.56
N LEU A 51 4.97 13.29 0.47
CA LEU A 51 3.68 12.88 -0.05
C LEU A 51 2.82 14.09 -0.42
N ASN A 52 3.08 14.66 -1.58
CA ASN A 52 2.35 15.82 -2.06
C ASN A 52 0.86 15.51 -2.17
N ASN A 53 0.54 14.29 -2.58
CA ASN A 53 -0.85 13.86 -2.72
C ASN A 53 -1.36 13.23 -1.45
N GLU A 54 -1.17 13.92 -0.33
CA GLU A 54 -1.61 13.41 0.97
C GLU A 54 -3.01 13.94 1.33
N ASN A 55 -3.72 14.43 0.32
CA ASN A 55 -5.07 14.95 0.54
C ASN A 55 -5.98 13.90 1.14
N GLY A 56 -5.73 12.64 0.81
CA GLY A 56 -6.54 11.55 1.34
C GLY A 56 -6.94 10.55 0.27
N PHE A 57 -7.33 11.06 -0.90
CA PHE A 57 -7.74 10.21 -2.00
C PHE A 57 -6.59 9.34 -2.48
N ASP A 58 -5.47 9.96 -2.83
CA ASP A 58 -4.30 9.24 -3.30
C ASP A 58 -3.81 8.24 -2.25
N LYS A 59 -3.59 8.72 -1.03
CA LYS A 59 -3.12 7.86 0.05
C LYS A 59 -4.06 6.69 0.27
N GLU A 60 -5.36 6.96 0.18
CA GLU A 60 -6.37 5.92 0.37
C GLU A 60 -6.28 4.87 -0.74
N ASP A 61 -6.16 5.34 -1.98
CA ASP A 61 -6.07 4.44 -3.12
C ASP A 61 -4.87 3.51 -2.99
N LEU A 62 -3.71 4.09 -2.64
CA LEU A 62 -2.49 3.31 -2.48
C LEU A 62 -2.61 2.33 -1.33
N ALA A 63 -3.00 2.84 -0.15
CA ALA A 63 -3.16 2.01 1.03
C ALA A 63 -4.07 0.82 0.75
N ARG A 64 -5.27 1.11 0.25
CA ARG A 64 -6.24 0.07 -0.07
C ARG A 64 -5.71 -0.85 -1.16
N PHE A 65 -5.01 -0.25 -2.12
CA PHE A 65 -4.44 -1.01 -3.22
C PHE A 65 -3.46 -2.07 -2.72
N ALA A 66 -2.47 -1.63 -1.94
CA ALA A 66 -1.48 -2.54 -1.38
C ALA A 66 -2.13 -3.61 -0.50
N VAL A 67 -2.92 -3.15 0.47
CA VAL A 67 -3.61 -4.05 1.38
C VAL A 67 -4.41 -5.10 0.61
N ARG A 68 -5.29 -4.63 -0.27
CA ARG A 68 -6.11 -5.53 -1.08
C ARG A 68 -5.25 -6.37 -2.01
N GLU A 69 -4.10 -5.82 -2.41
CA GLU A 69 -3.19 -6.53 -3.31
C GLU A 69 -2.64 -7.78 -2.63
N TYR A 70 -2.26 -7.64 -1.37
CA TYR A 70 -1.71 -8.76 -0.61
C TYR A 70 -2.82 -9.56 0.08
N ASN A 71 -3.98 -8.93 0.24
CA ASN A 71 -5.12 -9.58 0.90
C ASN A 71 -5.92 -10.43 -0.08
N ASN A 72 -5.86 -10.09 -1.36
CA ASN A 72 -6.59 -10.83 -2.38
C ASN A 72 -5.82 -12.08 -2.81
N LYS A 73 -4.50 -11.97 -2.86
CA LYS A 73 -3.65 -13.09 -3.27
C LYS A 73 -3.98 -14.36 -2.49
N ASN A 74 -4.19 -14.22 -1.18
CA ASN A 74 -4.51 -15.36 -0.34
C ASN A 74 -4.78 -14.93 1.10
N ASN A 75 -4.01 -13.95 1.57
CA ASN A 75 -4.15 -13.45 2.94
C ASN A 75 -5.62 -13.19 3.29
N ALA A 76 -5.87 -12.94 4.56
CA ALA A 76 -7.23 -12.67 5.03
C ALA A 76 -7.85 -11.49 4.30
N LEU A 77 -9.04 -11.10 4.72
CA LEU A 77 -9.75 -9.99 4.11
C LEU A 77 -10.05 -8.90 5.14
N LEU A 78 -9.10 -7.96 5.30
CA LEU A 78 -9.26 -6.87 6.24
C LEU A 78 -9.53 -5.56 5.51
N GLU A 79 -9.63 -4.48 6.28
CA GLU A 79 -9.89 -3.16 5.69
C GLU A 79 -9.02 -2.09 6.35
N PHE A 80 -8.40 -1.26 5.52
CA PHE A 80 -7.54 -0.19 6.02
C PHE A 80 -8.38 1.03 6.41
N VAL A 81 -7.90 1.79 7.39
CA VAL A 81 -8.60 2.97 7.86
C VAL A 81 -7.93 4.24 7.35
N ARG A 82 -6.60 4.22 7.28
CA ARG A 82 -5.83 5.36 6.80
C ARG A 82 -4.33 5.12 6.96
N VAL A 83 -3.53 5.95 6.30
CA VAL A 83 -2.09 5.83 6.35
C VAL A 83 -1.52 6.61 7.54
N VAL A 84 -0.46 6.07 8.14
CA VAL A 84 0.17 6.72 9.28
C VAL A 84 1.65 7.03 9.01
N LYS A 85 2.20 6.44 7.93
CA LYS A 85 3.59 6.67 7.58
C LYS A 85 3.79 6.60 6.07
N ALA A 86 4.78 7.33 5.58
CA ALA A 86 5.09 7.36 4.16
C ALA A 86 6.58 7.52 3.90
N LYS A 87 7.13 6.66 3.06
CA LYS A 87 8.56 6.71 2.75
C LYS A 87 8.79 6.42 1.26
N GLU A 88 9.88 6.96 0.73
CA GLU A 88 10.21 6.76 -0.68
C GLU A 88 11.47 5.91 -0.84
N GLN A 89 11.56 5.18 -1.94
CA GLN A 89 12.71 4.33 -2.20
C GLN A 89 12.93 4.16 -3.70
N VAL A 90 14.19 4.06 -4.12
CA VAL A 90 14.53 3.89 -5.52
C VAL A 90 15.15 2.52 -5.79
N VAL A 91 14.51 1.75 -6.65
CA VAL A 91 15.01 0.42 -6.99
C VAL A 91 14.40 -0.08 -8.30
N SER A 92 15.17 0.05 -9.39
CA SER A 92 14.69 -0.38 -10.70
C SER A 92 13.42 0.37 -11.10
N GLY A 93 13.27 1.58 -10.58
CA GLY A 93 12.10 2.38 -10.88
C GLY A 93 11.72 3.30 -9.74
N MET A 94 10.58 3.01 -9.11
CA MET A 94 10.10 3.82 -7.99
C MET A 94 9.34 2.96 -6.99
N MET A 95 9.88 2.84 -5.78
CA MET A 95 9.25 2.05 -4.73
C MET A 95 8.79 2.95 -3.59
N HIS A 96 7.54 2.78 -3.17
CA HIS A 96 6.98 3.58 -2.09
C HIS A 96 6.64 2.72 -0.88
N TYR A 97 7.28 3.02 0.25
CA TYR A 97 7.04 2.28 1.48
C TYR A 97 6.17 3.10 2.43
N LEU A 98 4.88 2.78 2.48
CA LEU A 98 3.95 3.50 3.34
C LEU A 98 3.26 2.57 4.33
N THR A 99 3.07 3.05 5.55
CA THR A 99 2.42 2.27 6.59
C THR A 99 1.01 2.80 6.85
N VAL A 100 0.06 1.89 7.04
CA VAL A 100 -1.31 2.29 7.29
C VAL A 100 -1.96 1.41 8.35
N GLU A 101 -3.05 1.91 8.94
CA GLU A 101 -3.76 1.17 9.97
C GLU A 101 -4.84 0.28 9.35
N VAL A 102 -4.89 -0.97 9.79
CA VAL A 102 -5.87 -1.92 9.26
C VAL A 102 -6.72 -2.51 10.37
N ASN A 103 -7.97 -2.84 10.02
CA ASN A 103 -8.89 -3.42 10.98
C ASN A 103 -9.48 -4.72 10.44
N ASP A 104 -9.78 -5.66 11.34
CA ASP A 104 -10.35 -6.94 10.94
C ASP A 104 -11.21 -7.52 12.06
N ALA A 105 -12.52 -7.52 11.85
CA ALA A 105 -13.46 -8.05 12.83
C ALA A 105 -13.26 -7.39 14.19
N GLY A 106 -12.82 -6.14 14.18
CA GLY A 106 -12.59 -5.41 15.42
C GLY A 106 -11.12 -5.27 15.75
N LYS A 107 -10.32 -6.21 15.28
CA LYS A 107 -8.88 -6.19 15.54
C LYS A 107 -8.22 -5.05 14.77
N LYS A 108 -7.77 -4.02 15.51
CA LYS A 108 -7.13 -2.87 14.90
C LYS A 108 -5.62 -2.92 15.12
N LYS A 109 -4.86 -2.62 14.07
CA LYS A 109 -3.40 -2.62 14.15
C LYS A 109 -2.79 -1.80 13.02
N LEU A 110 -1.46 -1.67 13.06
CA LEU A 110 -0.75 -0.91 12.04
C LEU A 110 0.17 -1.83 11.23
N TYR A 111 -0.05 -1.87 9.92
CA TYR A 111 0.75 -2.72 9.04
C TYR A 111 1.44 -1.88 7.96
N GLU A 112 2.68 -2.23 7.65
CA GLU A 112 3.45 -1.52 6.63
C GLU A 112 3.29 -2.18 5.27
N ALA A 113 3.30 -1.37 4.22
CA ALA A 113 3.16 -1.88 2.86
C ALA A 113 4.15 -1.19 1.92
N LYS A 114 4.87 -2.00 1.14
CA LYS A 114 5.83 -1.47 0.18
C LYS A 114 5.42 -1.78 -1.25
N VAL A 115 5.14 -0.74 -2.02
CA VAL A 115 4.73 -0.90 -3.41
C VAL A 115 5.85 -0.48 -4.36
N TRP A 116 5.88 -1.11 -5.53
CA TRP A 116 6.91 -0.82 -6.53
C TRP A 116 6.27 -0.46 -7.87
N GLU A 117 6.86 0.52 -8.56
CA GLU A 117 6.36 0.95 -9.86
C GLU A 117 7.50 1.49 -10.72
N GLN A 118 7.63 0.96 -11.93
CA GLN A 118 8.67 1.38 -12.85
C GLN A 118 8.13 2.36 -13.88
N VAL A 119 9.03 2.91 -14.70
CA VAL A 119 8.64 3.85 -15.74
C VAL A 119 8.94 3.30 -17.12
N TRP A 120 10.08 2.60 -17.25
CA TRP A 120 10.48 2.01 -18.52
C TRP A 120 9.78 0.67 -18.73
N MET A 121 9.32 0.06 -17.66
CA MET A 121 8.64 -1.23 -17.74
C MET A 121 7.13 -1.05 -17.74
N ASN A 122 6.67 0.06 -17.16
CA ASN A 122 5.25 0.37 -17.09
C ASN A 122 4.50 -0.68 -16.29
N PHE A 123 5.00 -0.94 -15.08
CA PHE A 123 4.38 -1.94 -14.20
C PHE A 123 4.37 -1.45 -12.75
N ARG A 124 3.37 -1.88 -12.00
CA ARG A 124 3.25 -1.50 -10.59
C ARG A 124 2.50 -2.56 -9.80
N GLN A 125 3.04 -2.93 -8.65
CA GLN A 125 2.41 -3.94 -7.80
C GLN A 125 2.97 -3.90 -6.38
N LEU A 126 2.39 -4.71 -5.50
CA LEU A 126 2.83 -4.76 -4.11
C LEU A 126 3.96 -5.78 -3.94
N GLN A 127 5.00 -5.39 -3.21
CA GLN A 127 6.14 -6.26 -2.98
C GLN A 127 5.98 -7.05 -1.68
N GLU A 128 5.83 -6.33 -0.58
CA GLU A 128 5.67 -6.97 0.72
C GLU A 128 4.74 -6.17 1.64
N PHE A 129 4.16 -6.88 2.61
CA PHE A 129 3.25 -6.27 3.58
C PHE A 129 3.54 -6.81 4.98
N THR A 130 4.09 -5.95 5.83
CA THR A 130 4.42 -6.35 7.20
C THR A 130 3.35 -5.90 8.18
N TYR A 131 3.20 -6.64 9.27
CA TYR A 131 2.20 -6.32 10.28
C TYR A 131 2.87 -5.87 11.58
N LEU A 132 2.75 -4.58 11.89
CA LEU A 132 3.33 -4.02 13.09
C LEU A 132 2.38 -4.16 14.27
N GLY A 133 2.72 -3.51 15.38
CA GLY A 133 1.89 -3.57 16.57
C GLY A 133 0.63 -2.76 16.43
N ASP A 134 0.74 -1.45 16.61
CA ASP A 134 -0.41 -0.56 16.50
C ASP A 134 0.04 0.90 16.42
N ALA A 135 -0.75 1.72 15.72
CA ALA A 135 -0.43 3.13 15.58
C ALA A 135 -1.09 3.96 16.67
N MET A 1 20.89 5.31 6.92
CA MET A 1 19.42 5.56 6.98
C MET A 1 18.72 4.45 7.76
N ALA A 2 17.39 4.40 7.64
CA ALA A 2 16.60 3.39 8.34
C ALA A 2 17.02 1.99 7.93
N ASP A 3 17.43 1.84 6.67
CA ASP A 3 17.86 0.55 6.16
C ASP A 3 16.72 -0.47 6.24
N GLU A 4 15.51 -0.03 5.90
CA GLU A 4 14.34 -0.90 5.93
C GLU A 4 14.53 -2.09 4.99
N GLN A 5 14.38 -1.85 3.70
CA GLN A 5 14.53 -2.89 2.70
C GLN A 5 14.86 -2.31 1.33
N PRO A 6 15.91 -1.46 1.26
CA PRO A 6 16.32 -0.83 0.00
C PRO A 6 17.01 -1.81 -0.95
N LYS A 7 16.66 -1.74 -2.22
CA LYS A 7 17.24 -2.62 -3.23
C LYS A 7 16.95 -4.08 -2.90
N LYS A 8 16.06 -4.70 -3.68
CA LYS A 8 15.71 -6.09 -3.47
C LYS A 8 14.73 -6.57 -4.55
N PRO A 9 14.70 -7.89 -4.82
CA PRO A 9 13.80 -8.46 -5.82
C PRO A 9 12.34 -8.42 -5.39
N VAL A 10 11.44 -8.70 -6.33
CA VAL A 10 10.01 -8.70 -6.05
C VAL A 10 9.33 -9.94 -6.61
N PRO A 11 8.18 -10.33 -6.05
CA PRO A 11 7.44 -11.51 -6.50
C PRO A 11 6.71 -11.27 -7.83
N ALA A 12 5.83 -12.19 -8.18
CA ALA A 12 5.08 -12.08 -9.44
C ALA A 12 3.94 -11.07 -9.30
N ALA A 13 3.06 -11.04 -10.30
CA ALA A 13 1.92 -10.13 -10.30
C ALA A 13 0.79 -10.68 -9.44
N GLU A 14 -0.34 -9.97 -9.46
CA GLU A 14 -1.51 -10.38 -8.68
C GLU A 14 -2.77 -9.70 -9.19
N GLU A 15 -3.89 -9.96 -8.52
CA GLU A 15 -5.16 -9.36 -8.91
C GLU A 15 -6.01 -9.05 -7.68
N ALA A 16 -7.23 -8.57 -7.90
CA ALA A 16 -8.14 -8.24 -6.82
C ALA A 16 -9.01 -9.44 -6.46
N PRO A 17 -9.60 -9.43 -5.24
CA PRO A 17 -10.47 -10.51 -4.77
C PRO A 17 -11.80 -10.54 -5.50
N ALA A 18 -11.89 -11.39 -6.54
CA ALA A 18 -13.12 -11.51 -7.32
C ALA A 18 -13.95 -12.68 -6.83
N ALA A 19 -13.29 -13.74 -6.39
CA ALA A 19 -13.98 -14.93 -5.90
C ALA A 19 -14.87 -14.60 -4.71
N GLU A 20 -14.25 -14.25 -3.58
CA GLU A 20 -14.98 -13.91 -2.38
C GLU A 20 -14.27 -12.80 -1.61
N ALA A 21 -15.06 -11.95 -0.94
CA ALA A 21 -14.52 -10.85 -0.16
C ALA A 21 -15.62 -10.13 0.61
N GLU A 22 -15.25 -9.59 1.77
CA GLU A 22 -16.20 -8.87 2.61
C GLU A 22 -16.31 -7.41 2.19
N ALA A 23 -15.15 -6.80 1.91
CA ALA A 23 -15.12 -5.40 1.49
C ALA A 23 -15.69 -4.49 2.57
N GLU A 24 -14.83 -3.70 3.19
CA GLU A 24 -15.24 -2.78 4.25
C GLU A 24 -14.38 -1.53 4.26
N GLU A 25 -14.95 -0.42 4.72
CA GLU A 25 -14.23 0.85 4.78
C GLU A 25 -14.43 1.52 6.14
N GLU A 26 -13.41 2.24 6.58
CA GLU A 26 -13.47 2.93 7.86
C GLU A 26 -13.63 4.44 7.66
N GLU A 27 -12.76 5.02 6.85
CA GLU A 27 -12.81 6.46 6.57
C GLU A 27 -14.10 6.82 5.84
N GLY A 28 -14.31 8.12 5.64
CA GLY A 28 -15.50 8.58 4.95
C GLY A 28 -15.22 9.02 3.53
N LEU A 29 -14.77 8.08 2.70
CA LEU A 29 -14.46 8.39 1.31
C LEU A 29 -15.52 7.81 0.38
N HIS A 30 -15.36 8.05 -0.92
CA HIS A 30 -16.31 7.55 -1.91
C HIS A 30 -15.84 7.89 -3.32
N LEU A 31 -15.30 6.90 -4.02
CA LEU A 31 -14.82 7.09 -5.38
C LEU A 31 -15.74 6.43 -6.39
N GLU A 32 -15.42 6.57 -7.67
CA GLU A 32 -16.23 5.99 -8.73
C GLU A 32 -15.36 5.22 -9.72
N ASP A 33 -15.70 3.95 -9.95
CA ASP A 33 -14.95 3.11 -10.86
C ASP A 33 -13.50 2.97 -10.43
N ASP A 34 -12.73 2.18 -11.16
CA ASP A 34 -11.32 1.98 -10.85
C ASP A 34 -11.17 1.33 -9.47
N GLN A 35 -10.71 0.08 -9.46
CA GLN A 35 -10.51 -0.65 -8.21
C GLN A 35 -9.38 -0.03 -7.39
N GLU A 36 -9.65 1.11 -6.78
CA GLU A 36 -8.66 1.81 -5.97
C GLU A 36 -7.42 2.14 -6.80
N PRO A 37 -7.48 3.24 -7.58
CA PRO A 37 -6.36 3.68 -8.42
C PRO A 37 -5.18 4.19 -7.60
N ARG A 38 -3.97 3.94 -8.08
CA ARG A 38 -2.77 4.38 -7.39
C ARG A 38 -2.12 5.54 -8.12
N GLU A 39 -1.55 6.47 -7.37
CA GLU A 39 -0.89 7.64 -7.94
C GLU A 39 0.57 7.35 -8.24
N HIS A 40 1.33 8.39 -8.56
CA HIS A 40 2.75 8.25 -8.86
C HIS A 40 3.56 9.39 -8.23
N PRO A 41 3.99 9.20 -6.96
CA PRO A 41 4.77 10.22 -6.24
C PRO A 41 6.18 10.35 -6.80
N ILE A 42 6.88 11.42 -6.39
CA ILE A 42 8.24 11.66 -6.85
C ILE A 42 9.22 10.71 -6.18
N MET A 43 10.37 10.52 -6.80
CA MET A 43 11.41 9.63 -6.26
C MET A 43 11.83 10.09 -4.87
N GLY A 44 12.77 9.35 -4.28
CA GLY A 44 13.25 9.68 -2.94
C GLY A 44 14.02 8.55 -2.31
N GLY A 45 14.72 8.85 -1.21
CA GLY A 45 15.51 7.84 -0.53
C GLY A 45 14.81 7.32 0.71
N ILE A 46 15.55 6.62 1.56
CA ILE A 46 15.00 6.07 2.80
C ILE A 46 14.93 7.13 3.89
N TYR A 47 14.18 8.20 3.62
CA TYR A 47 14.03 9.28 4.58
C TYR A 47 12.95 10.25 4.14
N ASP A 48 12.93 10.57 2.85
CA ASP A 48 11.94 11.49 2.31
C ASP A 48 10.52 10.98 2.54
N ALA A 49 9.66 11.85 3.03
CA ALA A 49 8.27 11.48 3.30
C ALA A 49 7.31 12.61 2.91
N PRO A 50 7.41 13.09 1.67
CA PRO A 50 6.55 14.18 1.16
C PRO A 50 5.07 13.80 1.22
N LEU A 51 4.65 12.93 0.31
CA LEU A 51 3.27 12.50 0.25
C LEU A 51 2.32 13.68 0.05
N ASN A 52 2.57 14.44 -1.01
CA ASN A 52 1.73 15.61 -1.32
C ASN A 52 0.28 15.21 -1.52
N ASN A 53 0.07 13.98 -1.98
CA ASN A 53 -1.28 13.48 -2.21
C ASN A 53 -1.88 12.91 -0.92
N GLU A 54 -1.95 13.75 0.11
CA GLU A 54 -2.51 13.34 1.39
C GLU A 54 -3.95 13.82 1.55
N ASN A 55 -4.58 14.18 0.45
CA ASN A 55 -5.96 14.66 0.47
C ASN A 55 -6.88 13.61 1.07
N GLY A 56 -6.52 12.35 0.90
CA GLY A 56 -7.33 11.26 1.43
C GLY A 56 -7.61 10.18 0.42
N PHE A 57 -8.13 10.59 -0.74
CA PHE A 57 -8.45 9.64 -1.81
C PHE A 57 -7.19 8.89 -2.26
N ASP A 58 -6.10 9.63 -2.41
CA ASP A 58 -4.84 9.04 -2.85
C ASP A 58 -4.25 8.14 -1.77
N LYS A 59 -4.09 8.69 -0.57
CA LYS A 59 -3.54 7.94 0.55
C LYS A 59 -4.38 6.70 0.84
N GLU A 60 -5.69 6.87 0.86
CA GLU A 60 -6.61 5.76 1.13
C GLU A 60 -6.52 4.71 0.03
N ASP A 61 -6.54 5.16 -1.22
CA ASP A 61 -6.47 4.25 -2.36
C ASP A 61 -5.20 3.41 -2.31
N LEU A 62 -4.09 4.04 -1.95
CA LEU A 62 -2.82 3.35 -1.86
C LEU A 62 -2.84 2.31 -0.74
N ALA A 63 -3.20 2.75 0.46
CA ALA A 63 -3.27 1.86 1.62
C ALA A 63 -4.18 0.66 1.34
N ARG A 64 -5.41 0.96 0.94
CA ARG A 64 -6.39 -0.09 0.65
C ARG A 64 -5.89 -0.99 -0.47
N PHE A 65 -5.22 -0.39 -1.46
CA PHE A 65 -4.68 -1.14 -2.59
C PHE A 65 -3.71 -2.22 -2.12
N ALA A 66 -2.62 -1.78 -1.49
CA ALA A 66 -1.61 -2.70 -0.99
C ALA A 66 -2.21 -3.74 -0.06
N VAL A 67 -2.92 -3.27 0.97
CA VAL A 67 -3.55 -4.16 1.93
C VAL A 67 -4.40 -5.22 1.24
N ARG A 68 -5.28 -4.77 0.36
CA ARG A 68 -6.14 -5.68 -0.39
C ARG A 68 -5.33 -6.55 -1.34
N GLU A 69 -4.20 -6.03 -1.79
CA GLU A 69 -3.32 -6.76 -2.71
C GLU A 69 -2.75 -7.99 -2.03
N TYR A 70 -2.31 -7.83 -0.79
CA TYR A 70 -1.74 -8.93 -0.03
C TYR A 70 -2.82 -9.71 0.72
N ASN A 71 -3.98 -9.08 0.91
CA ASN A 71 -5.08 -9.70 1.63
C ASN A 71 -5.93 -10.57 0.70
N ASN A 72 -5.92 -10.26 -0.58
CA ASN A 72 -6.70 -11.02 -1.55
C ASN A 72 -5.96 -12.28 -2.00
N LYS A 73 -4.63 -12.18 -2.09
CA LYS A 73 -3.80 -13.30 -2.52
C LYS A 73 -4.11 -14.56 -1.69
N ASN A 74 -4.24 -14.39 -0.39
CA ASN A 74 -4.53 -15.52 0.50
C ASN A 74 -4.73 -15.05 1.94
N ASN A 75 -3.94 -14.07 2.35
CA ASN A 75 -4.01 -13.53 3.71
C ASN A 75 -5.46 -13.28 4.14
N ALA A 76 -5.66 -13.02 5.42
CA ALA A 76 -6.99 -12.76 5.97
C ALA A 76 -7.66 -11.60 5.25
N LEU A 77 -8.84 -11.21 5.73
CA LEU A 77 -9.58 -10.11 5.13
C LEU A 77 -9.82 -9.00 6.15
N LEU A 78 -8.86 -8.10 6.27
CA LEU A 78 -8.96 -6.99 7.20
C LEU A 78 -9.25 -5.68 6.46
N GLU A 79 -9.30 -4.58 7.21
CA GLU A 79 -9.58 -3.28 6.61
C GLU A 79 -8.69 -2.20 7.21
N PHE A 80 -8.10 -1.38 6.34
CA PHE A 80 -7.23 -0.30 6.79
C PHE A 80 -8.04 0.90 7.25
N VAL A 81 -7.50 1.65 8.21
CA VAL A 81 -8.18 2.82 8.74
C VAL A 81 -7.57 4.11 8.17
N ARG A 82 -6.26 4.12 8.01
CA ARG A 82 -5.55 5.28 7.48
C ARG A 82 -4.05 5.06 7.53
N VAL A 83 -3.31 5.92 6.82
CA VAL A 83 -1.85 5.82 6.77
C VAL A 83 -1.22 6.63 7.90
N VAL A 84 -0.14 6.11 8.47
CA VAL A 84 0.56 6.78 9.54
C VAL A 84 1.99 7.14 9.15
N LYS A 85 2.48 6.53 8.07
CA LYS A 85 3.84 6.79 7.58
C LYS A 85 3.91 6.68 6.07
N ALA A 86 4.85 7.41 5.46
CA ALA A 86 5.02 7.39 4.02
C ALA A 86 6.46 7.73 3.64
N LYS A 87 7.02 6.99 2.69
CA LYS A 87 8.37 7.22 2.23
C LYS A 87 8.54 6.82 0.77
N GLU A 88 9.49 7.44 0.08
CA GLU A 88 9.74 7.14 -1.32
C GLU A 88 11.06 6.38 -1.49
N GLN A 89 11.14 5.58 -2.55
CA GLN A 89 12.33 4.80 -2.83
C GLN A 89 12.51 4.61 -4.34
N VAL A 90 13.76 4.42 -4.76
CA VAL A 90 14.06 4.23 -6.18
C VAL A 90 14.80 2.92 -6.42
N VAL A 91 14.18 2.01 -7.16
CA VAL A 91 14.79 0.73 -7.47
C VAL A 91 14.13 0.10 -8.69
N SER A 92 14.81 0.19 -9.84
CA SER A 92 14.29 -0.37 -11.08
C SER A 92 12.97 0.27 -11.46
N GLY A 93 12.75 1.50 -10.99
CA GLY A 93 11.53 2.21 -11.28
C GLY A 93 11.13 3.16 -10.17
N MET A 94 10.03 2.85 -9.50
CA MET A 94 9.54 3.67 -8.41
C MET A 94 8.91 2.82 -7.32
N MET A 95 9.53 2.81 -6.14
CA MET A 95 9.02 2.03 -5.01
C MET A 95 8.56 2.96 -3.89
N HIS A 96 7.33 2.75 -3.42
CA HIS A 96 6.77 3.56 -2.35
C HIS A 96 6.54 2.73 -1.09
N TYR A 97 7.14 3.16 0.01
CA TYR A 97 7.01 2.47 1.29
C TYR A 97 6.17 3.31 2.25
N LEU A 98 4.95 2.85 2.53
CA LEU A 98 4.07 3.57 3.44
C LEU A 98 3.45 2.63 4.46
N THR A 99 3.32 3.11 5.70
CA THR A 99 2.75 2.31 6.78
C THR A 99 1.36 2.82 7.14
N VAL A 100 0.42 1.89 7.31
CA VAL A 100 -0.95 2.26 7.65
C VAL A 100 -1.51 1.36 8.74
N GLU A 101 -2.56 1.83 9.41
CA GLU A 101 -3.19 1.06 10.47
C GLU A 101 -4.29 0.18 9.91
N VAL A 102 -4.34 -1.07 10.36
CA VAL A 102 -5.34 -2.01 9.89
C VAL A 102 -6.11 -2.65 11.06
N ASN A 103 -7.36 -3.01 10.81
CA ASN A 103 -8.20 -3.62 11.83
C ASN A 103 -8.79 -4.93 11.33
N ASP A 104 -8.98 -5.88 12.23
CA ASP A 104 -9.54 -7.18 11.88
C ASP A 104 -10.41 -7.74 13.00
N ALA A 105 -11.72 -7.72 12.81
CA ALA A 105 -12.65 -8.21 13.79
C ALA A 105 -12.47 -7.51 15.14
N GLY A 106 -12.02 -6.26 15.10
CA GLY A 106 -11.80 -5.51 16.31
C GLY A 106 -10.32 -5.34 16.63
N LYS A 107 -9.51 -6.29 16.19
CA LYS A 107 -8.08 -6.25 16.44
C LYS A 107 -7.42 -5.13 15.62
N LYS A 108 -6.99 -4.08 16.31
CA LYS A 108 -6.34 -2.95 15.65
C LYS A 108 -4.82 -3.04 15.76
N LYS A 109 -4.14 -2.70 14.68
CA LYS A 109 -2.68 -2.75 14.66
C LYS A 109 -2.12 -1.90 13.52
N LEU A 110 -0.80 -1.76 13.48
CA LEU A 110 -0.13 -0.98 12.46
C LEU A 110 0.74 -1.87 11.57
N TYR A 111 0.45 -1.89 10.28
CA TYR A 111 1.21 -2.71 9.34
C TYR A 111 1.85 -1.85 8.26
N GLU A 112 3.03 -2.27 7.79
CA GLU A 112 3.74 -1.54 6.76
C GLU A 112 3.56 -2.21 5.40
N ALA A 113 3.46 -1.39 4.36
CA ALA A 113 3.27 -1.89 3.00
C ALA A 113 4.21 -1.19 2.02
N LYS A 114 4.81 -1.98 1.13
CA LYS A 114 5.73 -1.42 0.14
C LYS A 114 5.28 -1.78 -1.28
N VAL A 115 4.96 -0.76 -2.08
CA VAL A 115 4.51 -0.97 -3.45
C VAL A 115 5.59 -0.58 -4.45
N TRP A 116 5.60 -1.24 -5.60
CA TRP A 116 6.58 -0.96 -6.64
C TRP A 116 5.90 -0.69 -7.98
N GLU A 117 6.47 0.22 -8.76
CA GLU A 117 5.93 0.58 -10.06
C GLU A 117 7.02 1.12 -10.98
N GLN A 118 7.17 0.51 -12.14
CA GLN A 118 8.17 0.93 -13.10
C GLN A 118 7.55 1.80 -14.20
N VAL A 119 8.39 2.32 -15.08
CA VAL A 119 7.93 3.16 -16.18
C VAL A 119 8.20 2.51 -17.52
N TRP A 120 9.35 1.82 -17.63
CA TRP A 120 9.72 1.15 -18.86
C TRP A 120 9.07 -0.23 -18.95
N MET A 121 8.65 -0.76 -17.81
CA MET A 121 8.01 -2.07 -17.77
C MET A 121 6.50 -1.93 -17.73
N ASN A 122 6.03 -0.78 -17.24
CA ASN A 122 4.60 -0.52 -17.16
C ASN A 122 3.91 -1.51 -16.23
N PHE A 123 4.55 -1.80 -15.11
CA PHE A 123 4.01 -2.74 -14.13
C PHE A 123 4.03 -2.13 -12.73
N ARG A 124 2.96 -2.37 -11.98
CA ARG A 124 2.85 -1.85 -10.61
C ARG A 124 2.07 -2.80 -9.72
N GLN A 125 2.64 -3.16 -8.59
CA GLN A 125 1.99 -4.07 -7.65
C GLN A 125 2.62 -3.99 -6.27
N LEU A 126 2.04 -4.71 -5.31
CA LEU A 126 2.55 -4.72 -3.94
C LEU A 126 3.76 -5.65 -3.84
N GLN A 127 4.78 -5.20 -3.11
CA GLN A 127 6.00 -5.99 -2.93
C GLN A 127 5.92 -6.82 -1.65
N GLU A 128 5.79 -6.15 -0.52
CA GLU A 128 5.72 -6.84 0.77
C GLU A 128 4.81 -6.10 1.75
N PHE A 129 4.30 -6.84 2.72
CA PHE A 129 3.42 -6.28 3.73
C PHE A 129 3.77 -6.83 5.11
N THR A 130 4.38 -6.00 5.95
CA THR A 130 4.78 -6.42 7.29
C THR A 130 3.77 -5.96 8.33
N TYR A 131 3.67 -6.71 9.42
CA TYR A 131 2.73 -6.38 10.49
C TYR A 131 3.48 -5.90 11.73
N LEU A 132 3.36 -4.60 12.02
CA LEU A 132 4.03 -4.01 13.17
C LEU A 132 3.16 -4.14 14.42
N GLY A 133 3.67 -3.61 15.54
CA GLY A 133 2.93 -3.68 16.78
C GLY A 133 1.62 -2.90 16.73
N ASP A 134 1.74 -1.57 16.73
CA ASP A 134 0.56 -0.71 16.68
C ASP A 134 0.97 0.76 16.60
N ALA A 135 0.05 1.61 16.15
CA ALA A 135 0.32 3.03 16.03
C ALA A 135 -0.40 3.81 17.13
N MET A 1 16.90 5.39 8.57
CA MET A 1 15.74 4.50 8.79
C MET A 1 16.18 3.06 9.07
N ALA A 2 15.24 2.24 9.51
CA ALA A 2 15.53 0.84 9.82
C ALA A 2 16.05 0.11 8.59
N ASP A 3 15.57 0.52 7.42
CA ASP A 3 15.98 -0.10 6.16
C ASP A 3 15.62 -1.58 6.14
N GLU A 4 14.36 -1.87 5.85
CA GLU A 4 13.88 -3.25 5.79
C GLU A 4 14.33 -3.93 4.50
N GLN A 5 13.67 -3.58 3.40
CA GLN A 5 14.00 -4.16 2.11
C GLN A 5 14.13 -3.06 1.05
N PRO A 6 14.99 -2.06 1.29
CA PRO A 6 15.20 -0.95 0.36
C PRO A 6 15.95 -1.39 -0.90
N LYS A 7 16.78 -2.42 -0.75
CA LYS A 7 17.56 -2.94 -1.87
C LYS A 7 17.38 -4.45 -2.01
N LYS A 8 16.54 -4.87 -2.93
CA LYS A 8 16.28 -6.28 -3.16
C LYS A 8 15.34 -6.48 -4.35
N PRO A 9 15.25 -7.71 -4.87
CA PRO A 9 14.38 -8.04 -6.01
C PRO A 9 12.90 -7.93 -5.66
N VAL A 10 12.04 -8.20 -6.63
CA VAL A 10 10.60 -8.13 -6.42
C VAL A 10 9.91 -9.36 -6.99
N PRO A 11 8.71 -9.69 -6.47
CA PRO A 11 7.93 -10.84 -6.93
C PRO A 11 7.26 -10.59 -8.27
N ALA A 12 6.34 -11.48 -8.64
CA ALA A 12 5.61 -11.35 -9.90
C ALA A 12 4.17 -11.84 -9.75
N ALA A 13 3.22 -10.94 -9.99
CA ALA A 13 1.81 -11.26 -9.88
C ALA A 13 0.94 -10.09 -10.29
N GLU A 14 -0.37 -10.33 -10.40
CA GLU A 14 -1.31 -9.29 -10.78
C GLU A 14 -2.75 -9.81 -10.77
N GLU A 15 -3.46 -9.54 -9.67
CA GLU A 15 -4.84 -9.99 -9.54
C GLU A 15 -5.45 -9.49 -8.23
N ALA A 16 -6.71 -9.83 -8.01
CA ALA A 16 -7.42 -9.39 -6.81
C ALA A 16 -8.22 -10.55 -6.21
N PRO A 17 -8.73 -10.38 -4.98
CA PRO A 17 -9.53 -11.40 -4.30
C PRO A 17 -10.92 -11.55 -4.90
N ALA A 18 -11.72 -12.44 -4.31
CA ALA A 18 -13.08 -12.68 -4.80
C ALA A 18 -14.11 -12.12 -3.80
N ALA A 19 -14.48 -10.86 -4.00
CA ALA A 19 -15.46 -10.22 -3.13
C ALA A 19 -15.81 -8.83 -3.63
N GLU A 20 -14.80 -8.10 -4.09
CA GLU A 20 -15.01 -6.74 -4.60
C GLU A 20 -15.57 -5.84 -3.52
N ALA A 21 -15.86 -4.59 -3.89
CA ALA A 21 -16.40 -3.63 -2.95
C ALA A 21 -15.44 -3.38 -1.79
N GLU A 22 -15.91 -2.67 -0.77
CA GLU A 22 -15.08 -2.37 0.39
C GLU A 22 -15.80 -2.79 1.68
N ALA A 23 -17.08 -2.46 1.78
CA ALA A 23 -17.87 -2.80 2.96
C ALA A 23 -17.29 -2.15 4.21
N GLU A 24 -17.80 -2.56 5.37
CA GLU A 24 -17.33 -2.02 6.65
C GLU A 24 -17.56 -0.51 6.71
N GLU A 25 -17.12 0.10 7.81
CA GLU A 25 -17.29 1.54 8.00
C GLU A 25 -16.09 2.12 8.74
N GLU A 26 -15.06 2.50 8.01
CA GLU A 26 -13.86 3.07 8.59
C GLU A 26 -13.76 4.56 8.28
N GLU A 27 -14.05 4.92 7.03
CA GLU A 27 -13.99 6.31 6.60
C GLU A 27 -15.00 6.58 5.49
N GLY A 28 -15.31 7.85 5.27
CA GLY A 28 -16.26 8.23 4.24
C GLY A 28 -15.62 8.35 2.88
N LEU A 29 -14.95 7.29 2.44
CA LEU A 29 -14.28 7.29 1.13
C LEU A 29 -15.03 6.41 0.15
N HIS A 30 -15.32 6.96 -1.04
CA HIS A 30 -16.03 6.23 -2.07
C HIS A 30 -15.51 6.60 -3.45
N LEU A 31 -14.75 5.68 -4.06
CA LEU A 31 -14.19 5.90 -5.38
C LEU A 31 -14.51 4.74 -6.31
N GLU A 32 -14.80 5.06 -7.57
CA GLU A 32 -15.13 4.05 -8.57
C GLU A 32 -14.32 4.26 -9.85
N ASP A 33 -13.22 3.53 -9.98
CA ASP A 33 -12.37 3.64 -11.16
C ASP A 33 -12.24 2.30 -11.87
N ASP A 34 -11.46 1.40 -11.28
CA ASP A 34 -11.26 0.07 -11.84
C ASP A 34 -10.94 -0.96 -10.76
N GLN A 35 -9.99 -0.63 -9.91
CA GLN A 35 -9.60 -1.51 -8.82
C GLN A 35 -8.52 -0.86 -7.94
N GLU A 36 -8.95 0.09 -7.10
CA GLU A 36 -8.03 0.78 -6.21
C GLU A 36 -6.95 1.51 -7.00
N PRO A 37 -7.27 2.72 -7.52
CA PRO A 37 -6.30 3.51 -8.30
C PRO A 37 -4.98 3.69 -7.57
N ARG A 38 -4.03 4.35 -8.23
CA ARG A 38 -2.72 4.60 -7.66
C ARG A 38 -2.32 6.05 -7.80
N GLU A 39 -1.08 6.37 -7.41
CA GLU A 39 -0.57 7.74 -7.51
C GLU A 39 0.80 7.76 -8.16
N HIS A 40 1.28 8.95 -8.50
CA HIS A 40 2.58 9.12 -9.12
C HIS A 40 3.60 9.66 -8.13
N PRO A 41 4.27 8.79 -7.37
CA PRO A 41 5.27 9.19 -6.38
C PRO A 41 6.53 9.77 -7.03
N ILE A 42 7.36 10.42 -6.23
CA ILE A 42 8.59 11.01 -6.72
C ILE A 42 9.82 10.32 -6.10
N MET A 43 10.96 10.45 -6.77
CA MET A 43 12.20 9.85 -6.29
C MET A 43 12.55 10.36 -4.89
N GLY A 44 13.58 9.78 -4.30
CA GLY A 44 14.00 10.19 -2.97
C GLY A 44 14.30 9.01 -2.07
N GLY A 45 15.29 9.17 -1.20
CA GLY A 45 15.66 8.11 -0.29
C GLY A 45 14.54 7.77 0.69
N ILE A 46 14.88 7.04 1.75
CA ILE A 46 13.89 6.65 2.74
C ILE A 46 13.58 7.81 3.69
N TYR A 47 12.90 8.82 3.16
CA TYR A 47 12.53 9.99 3.95
C TYR A 47 11.70 10.98 3.11
N ASP A 48 12.09 11.14 1.86
CA ASP A 48 11.38 12.04 0.96
C ASP A 48 10.05 11.45 0.51
N ALA A 49 8.96 12.02 1.00
CA ALA A 49 7.63 11.54 0.65
C ALA A 49 6.55 12.43 1.26
N PRO A 50 6.50 13.72 0.85
CA PRO A 50 5.51 14.67 1.36
C PRO A 50 4.09 14.14 1.24
N LEU A 51 3.87 13.24 0.29
CA LEU A 51 2.55 12.65 0.09
C LEU A 51 1.52 13.74 -0.25
N ASN A 52 1.72 14.40 -1.37
CA ASN A 52 0.81 15.46 -1.81
C ASN A 52 -0.61 14.94 -1.98
N ASN A 53 -0.72 13.65 -2.31
CA ASN A 53 -2.02 13.03 -2.49
C ASN A 53 -2.60 12.56 -1.16
N GLU A 54 -2.76 13.50 -0.23
CA GLU A 54 -3.31 13.20 1.09
C GLU A 54 -4.79 13.55 1.16
N ASN A 55 -5.43 13.73 0.00
CA ASN A 55 -6.85 14.06 -0.05
C ASN A 55 -7.69 13.00 0.66
N GLY A 56 -7.22 11.76 0.62
CA GLY A 56 -7.94 10.67 1.27
C GLY A 56 -8.21 9.52 0.33
N PHE A 57 -8.70 9.84 -0.87
CA PHE A 57 -9.01 8.81 -1.86
C PHE A 57 -7.74 8.12 -2.34
N ASP A 58 -6.68 8.90 -2.53
CA ASP A 58 -5.41 8.36 -2.99
C ASP A 58 -4.74 7.52 -1.90
N LYS A 59 -4.64 8.09 -0.70
CA LYS A 59 -4.03 7.39 0.42
C LYS A 59 -4.78 6.09 0.74
N GLU A 60 -6.11 6.17 0.70
CA GLU A 60 -6.94 5.00 0.98
C GLU A 60 -6.78 3.94 -0.11
N ASP A 61 -6.83 4.38 -1.37
CA ASP A 61 -6.68 3.47 -2.49
C ASP A 61 -5.37 2.71 -2.41
N LEU A 62 -4.29 3.44 -2.12
CA LEU A 62 -2.96 2.85 -2.01
C LEU A 62 -2.90 1.85 -0.85
N ALA A 63 -3.31 2.31 0.33
CA ALA A 63 -3.31 1.46 1.52
C ALA A 63 -4.11 0.18 1.29
N ARG A 64 -5.37 0.35 0.86
CA ARG A 64 -6.24 -0.79 0.61
C ARG A 64 -5.68 -1.66 -0.51
N PHE A 65 -5.04 -1.02 -1.49
CA PHE A 65 -4.45 -1.74 -2.61
C PHE A 65 -3.39 -2.73 -2.13
N ALA A 66 -2.37 -2.21 -1.44
CA ALA A 66 -1.31 -3.05 -0.92
C ALA A 66 -1.85 -4.10 0.03
N VAL A 67 -2.59 -3.66 1.03
CA VAL A 67 -3.17 -4.57 2.02
C VAL A 67 -3.93 -5.71 1.32
N ARG A 68 -4.83 -5.33 0.41
CA ARG A 68 -5.62 -6.31 -0.32
C ARG A 68 -4.74 -7.13 -1.25
N GLU A 69 -3.64 -6.53 -1.69
CA GLU A 69 -2.70 -7.21 -2.59
C GLU A 69 -2.03 -8.39 -1.89
N TYR A 70 -1.65 -8.19 -0.64
CA TYR A 70 -1.01 -9.24 0.15
C TYR A 70 -2.05 -10.08 0.89
N ASN A 71 -3.26 -9.54 1.05
CA ASN A 71 -4.32 -10.23 1.76
C ASN A 71 -5.08 -11.18 0.82
N ASN A 72 -5.09 -10.87 -0.47
CA ASN A 72 -5.79 -11.69 -1.44
C ASN A 72 -4.96 -12.90 -1.85
N LYS A 73 -3.64 -12.71 -1.92
CA LYS A 73 -2.74 -13.79 -2.31
C LYS A 73 -2.97 -15.04 -1.46
N ASN A 74 -3.15 -14.84 -0.16
CA ASN A 74 -3.39 -15.96 0.75
C ASN A 74 -3.65 -15.48 2.17
N ASN A 75 -2.92 -14.45 2.58
CA ASN A 75 -3.06 -13.88 3.92
C ASN A 75 -4.54 -13.65 4.27
N ALA A 76 -4.79 -13.30 5.53
CA ALA A 76 -6.15 -13.05 5.99
C ALA A 76 -6.83 -11.97 5.15
N LEU A 77 -7.99 -11.51 5.61
CA LEU A 77 -8.74 -10.49 4.91
C LEU A 77 -9.04 -9.30 5.83
N LEU A 78 -8.03 -8.88 6.58
CA LEU A 78 -8.18 -7.75 7.50
C LEU A 78 -8.59 -6.49 6.74
N GLU A 79 -8.73 -5.39 7.46
CA GLU A 79 -9.13 -4.12 6.84
C GLU A 79 -8.32 -2.96 7.39
N PHE A 80 -7.83 -2.10 6.50
CA PHE A 80 -7.04 -0.94 6.89
C PHE A 80 -7.95 0.21 7.33
N VAL A 81 -7.46 1.03 8.25
CA VAL A 81 -8.23 2.15 8.75
C VAL A 81 -7.72 3.47 8.17
N ARG A 82 -6.41 3.57 8.01
CA ARG A 82 -5.79 4.78 7.45
C ARG A 82 -4.27 4.67 7.46
N VAL A 83 -3.61 5.52 6.70
CA VAL A 83 -2.16 5.52 6.62
C VAL A 83 -1.54 6.41 7.69
N VAL A 84 -0.42 5.97 8.26
CA VAL A 84 0.27 6.72 9.29
C VAL A 84 1.68 7.12 8.86
N LYS A 85 2.18 6.49 7.79
CA LYS A 85 3.52 6.80 7.30
C LYS A 85 3.60 6.63 5.79
N ALA A 86 4.56 7.33 5.18
CA ALA A 86 4.75 7.26 3.74
C ALA A 86 6.19 7.64 3.36
N LYS A 87 6.81 6.80 2.54
CA LYS A 87 8.19 7.04 2.11
C LYS A 87 8.37 6.69 0.63
N GLU A 88 9.36 7.30 0.00
CA GLU A 88 9.63 7.05 -1.41
C GLU A 88 11.01 6.44 -1.60
N GLN A 89 11.20 5.75 -2.72
CA GLN A 89 12.48 5.12 -3.03
C GLN A 89 12.61 4.84 -4.52
N VAL A 90 13.83 4.87 -5.03
CA VAL A 90 14.08 4.64 -6.45
C VAL A 90 14.82 3.32 -6.67
N VAL A 91 14.18 2.42 -7.39
CA VAL A 91 14.77 1.11 -7.69
C VAL A 91 14.09 0.47 -8.90
N SER A 92 14.74 0.56 -10.05
CA SER A 92 14.20 -0.01 -11.29
C SER A 92 12.86 0.63 -11.63
N GLY A 93 12.65 1.85 -11.15
CA GLY A 93 11.40 2.55 -11.42
C GLY A 93 11.03 3.51 -10.31
N MET A 94 9.95 3.20 -9.60
CA MET A 94 9.49 4.04 -8.50
C MET A 94 8.88 3.19 -7.39
N MET A 95 9.53 3.19 -6.23
CA MET A 95 9.06 2.43 -5.08
C MET A 95 8.56 3.35 -3.98
N HIS A 96 7.52 2.92 -3.27
CA HIS A 96 6.96 3.72 -2.18
C HIS A 96 6.63 2.85 -0.97
N TYR A 97 7.28 3.14 0.15
CA TYR A 97 7.06 2.40 1.38
C TYR A 97 6.15 3.18 2.32
N LEU A 98 4.89 2.76 2.41
CA LEU A 98 3.92 3.44 3.26
C LEU A 98 3.41 2.51 4.36
N THR A 99 3.22 3.07 5.55
CA THR A 99 2.73 2.30 6.68
C THR A 99 1.31 2.74 7.06
N VAL A 100 0.41 1.79 7.25
CA VAL A 100 -0.96 2.09 7.61
C VAL A 100 -1.45 1.19 8.75
N GLU A 101 -2.53 1.62 9.40
CA GLU A 101 -3.10 0.86 10.50
C GLU A 101 -4.13 -0.13 9.98
N VAL A 102 -4.06 -1.37 10.46
CA VAL A 102 -4.98 -2.41 10.03
C VAL A 102 -5.71 -3.04 11.22
N ASN A 103 -6.92 -3.51 10.98
CA ASN A 103 -7.72 -4.14 12.01
C ASN A 103 -8.20 -5.52 11.58
N ASP A 104 -8.25 -6.44 12.53
CA ASP A 104 -8.69 -7.80 12.24
C ASP A 104 -9.49 -8.37 13.41
N ALA A 105 -10.81 -8.44 13.23
CA ALA A 105 -11.70 -8.96 14.27
C ALA A 105 -11.54 -8.18 15.57
N GLY A 106 -11.20 -6.91 15.45
CA GLY A 106 -11.03 -6.07 16.63
C GLY A 106 -9.57 -5.78 16.93
N LYS A 107 -8.69 -6.68 16.51
CA LYS A 107 -7.26 -6.51 16.74
C LYS A 107 -6.72 -5.36 15.90
N LYS A 108 -6.35 -4.27 16.57
CA LYS A 108 -5.82 -3.10 15.89
C LYS A 108 -4.29 -3.09 15.96
N LYS A 109 -3.65 -2.83 14.82
CA LYS A 109 -2.19 -2.79 14.76
C LYS A 109 -1.72 -1.96 13.58
N LEU A 110 -0.41 -1.69 13.53
CA LEU A 110 0.17 -0.91 12.46
C LEU A 110 1.09 -1.77 11.59
N TYR A 111 0.76 -1.87 10.31
CA TYR A 111 1.56 -2.68 9.39
C TYR A 111 2.12 -1.83 8.26
N GLU A 112 3.33 -2.16 7.81
CA GLU A 112 3.98 -1.43 6.73
C GLU A 112 3.82 -2.16 5.40
N ALA A 113 3.70 -1.39 4.32
CA ALA A 113 3.54 -1.95 2.99
C ALA A 113 4.44 -1.26 1.98
N LYS A 114 5.18 -2.05 1.20
CA LYS A 114 6.08 -1.49 0.20
C LYS A 114 5.61 -1.84 -1.21
N VAL A 115 5.22 -0.82 -1.96
CA VAL A 115 4.73 -1.02 -3.33
C VAL A 115 5.76 -0.55 -4.35
N TRP A 116 5.77 -1.19 -5.52
CA TRP A 116 6.70 -0.84 -6.58
C TRP A 116 5.95 -0.55 -7.87
N GLU A 117 6.44 0.44 -8.62
CA GLU A 117 5.82 0.83 -9.88
C GLU A 117 6.86 1.40 -10.85
N GLN A 118 6.95 0.82 -12.03
CA GLN A 118 7.90 1.27 -13.04
C GLN A 118 7.22 2.16 -14.07
N VAL A 119 8.01 2.73 -14.97
CA VAL A 119 7.49 3.61 -16.01
C VAL A 119 7.71 3.02 -17.40
N TRP A 120 8.86 2.38 -17.58
CA TRP A 120 9.20 1.76 -18.86
C TRP A 120 8.58 0.37 -18.98
N MET A 121 8.23 -0.22 -17.85
CA MET A 121 7.62 -1.55 -17.83
C MET A 121 6.10 -1.45 -17.72
N ASN A 122 5.62 -0.34 -17.17
CA ASN A 122 4.20 -0.12 -17.00
C ASN A 122 3.59 -1.16 -16.09
N PHE A 123 4.21 -1.38 -14.93
CA PHE A 123 3.73 -2.36 -13.97
C PHE A 123 3.77 -1.79 -12.55
N ARG A 124 2.84 -2.22 -11.71
CA ARG A 124 2.78 -1.76 -10.33
C ARG A 124 2.11 -2.80 -9.44
N GLN A 125 2.77 -3.15 -8.34
CA GLN A 125 2.24 -4.13 -7.40
C GLN A 125 2.94 -4.04 -6.05
N LEU A 126 2.44 -4.80 -5.09
CA LEU A 126 3.01 -4.82 -3.74
C LEU A 126 4.14 -5.85 -3.66
N GLN A 127 5.25 -5.46 -3.02
CA GLN A 127 6.39 -6.35 -2.87
C GLN A 127 6.32 -7.10 -1.55
N GLU A 128 6.23 -6.37 -0.45
CA GLU A 128 6.18 -6.99 0.87
C GLU A 128 5.28 -6.21 1.82
N PHE A 129 4.79 -6.91 2.85
CA PHE A 129 3.92 -6.32 3.86
C PHE A 129 4.34 -6.77 5.25
N THR A 130 4.90 -5.86 6.02
CA THR A 130 5.35 -6.17 7.37
C THR A 130 4.32 -5.75 8.42
N TYR A 131 4.29 -6.46 9.55
CA TYR A 131 3.35 -6.15 10.62
C TYR A 131 4.09 -5.60 11.84
N LEU A 132 3.90 -4.32 12.10
CA LEU A 132 4.54 -3.67 13.25
C LEU A 132 3.68 -3.82 14.50
N GLY A 133 4.07 -3.09 15.55
CA GLY A 133 3.33 -3.16 16.80
C GLY A 133 2.01 -2.41 16.74
N ASP A 134 2.09 -1.08 16.65
CA ASP A 134 0.90 -0.26 16.58
C ASP A 134 1.27 1.21 16.40
N ALA A 135 0.31 2.01 15.93
CA ALA A 135 0.54 3.43 15.71
C ALA A 135 -0.22 4.27 16.73
N MET A 1 19.75 2.72 4.55
CA MET A 1 19.49 3.23 5.92
C MET A 1 18.92 2.13 6.81
N ALA A 2 17.69 1.73 6.52
CA ALA A 2 17.02 0.68 7.29
C ALA A 2 17.59 -0.70 6.95
N ASP A 3 17.79 -0.95 5.67
CA ASP A 3 18.32 -2.22 5.20
C ASP A 3 17.40 -3.36 5.59
N GLU A 4 17.82 -4.59 5.29
CA GLU A 4 17.02 -5.77 5.61
C GLU A 4 15.67 -5.73 4.90
N GLN A 5 15.66 -5.16 3.70
CA GLN A 5 14.43 -5.07 2.91
C GLN A 5 14.69 -4.34 1.59
N PRO A 6 15.26 -3.13 1.64
CA PRO A 6 15.55 -2.34 0.43
C PRO A 6 16.36 -3.14 -0.59
N LYS A 7 16.03 -2.95 -1.86
CA LYS A 7 16.72 -3.65 -2.94
C LYS A 7 16.59 -5.16 -2.79
N LYS A 8 15.67 -5.74 -3.55
CA LYS A 8 15.43 -7.18 -3.50
C LYS A 8 14.50 -7.62 -4.63
N PRO A 9 14.51 -8.92 -4.97
CA PRO A 9 13.66 -9.47 -6.03
C PRO A 9 12.18 -9.47 -5.65
N VAL A 10 11.35 -9.04 -6.59
CA VAL A 10 9.91 -8.99 -6.35
C VAL A 10 9.17 -10.07 -7.16
N PRO A 11 7.97 -10.47 -6.71
CA PRO A 11 7.18 -11.49 -7.39
C PRO A 11 6.53 -10.97 -8.68
N ALA A 12 5.61 -11.75 -9.22
CA ALA A 12 4.91 -11.36 -10.44
C ALA A 12 3.42 -11.65 -10.34
N ALA A 13 2.61 -10.61 -10.46
CA ALA A 13 1.16 -10.75 -10.38
C ALA A 13 0.46 -9.43 -10.65
N GLU A 14 -0.86 -9.48 -10.82
CA GLU A 14 -1.65 -8.28 -11.09
C GLU A 14 -3.13 -8.61 -11.15
N GLU A 15 -3.81 -8.48 -10.03
CA GLU A 15 -5.24 -8.77 -9.96
C GLU A 15 -5.83 -8.29 -8.64
N ALA A 16 -7.15 -8.07 -8.63
CA ALA A 16 -7.83 -7.60 -7.43
C ALA A 16 -9.07 -8.45 -7.14
N PRO A 17 -9.53 -8.47 -5.88
CA PRO A 17 -10.71 -9.25 -5.48
C PRO A 17 -12.00 -8.66 -6.03
N ALA A 18 -13.12 -9.29 -5.69
CA ALA A 18 -14.42 -8.84 -6.15
C ALA A 18 -15.55 -9.58 -5.45
N ALA A 19 -15.37 -10.89 -5.29
CA ALA A 19 -16.38 -11.72 -4.63
C ALA A 19 -16.34 -11.54 -3.11
N GLU A 20 -16.90 -10.43 -2.64
CA GLU A 20 -16.93 -10.14 -1.21
C GLU A 20 -18.14 -9.28 -0.85
N ALA A 21 -18.45 -9.23 0.43
CA ALA A 21 -19.59 -8.44 0.91
C ALA A 21 -19.41 -6.97 0.56
N GLU A 22 -20.35 -6.14 1.02
CA GLU A 22 -20.30 -4.71 0.76
C GLU A 22 -20.52 -3.91 2.03
N ALA A 23 -19.44 -3.70 2.79
CA ALA A 23 -19.52 -2.96 4.04
C ALA A 23 -18.16 -2.37 4.41
N GLU A 24 -18.18 -1.17 4.99
CA GLU A 24 -16.95 -0.50 5.39
C GLU A 24 -17.20 0.44 6.56
N GLU A 25 -16.31 0.40 7.55
CA GLU A 25 -16.44 1.24 8.73
C GLU A 25 -15.12 1.95 9.04
N GLU A 26 -14.83 3.02 8.32
CA GLU A 26 -13.60 3.77 8.52
C GLU A 26 -13.84 5.27 8.32
N GLU A 27 -14.08 5.66 7.07
CA GLU A 27 -14.33 7.06 6.75
C GLU A 27 -15.08 7.19 5.42
N GLY A 28 -15.34 8.43 5.02
CA GLY A 28 -16.04 8.67 3.76
C GLY A 28 -15.12 9.16 2.67
N LEU A 29 -14.78 8.26 1.74
CA LEU A 29 -13.90 8.61 0.63
C LEU A 29 -14.40 7.99 -0.67
N HIS A 30 -14.33 6.66 -0.74
CA HIS A 30 -14.77 5.94 -1.93
C HIS A 30 -13.97 6.37 -3.15
N LEU A 31 -14.33 5.80 -4.30
CA LEU A 31 -13.63 6.13 -5.56
C LEU A 31 -14.48 5.73 -6.76
N GLU A 32 -14.68 4.42 -6.92
CA GLU A 32 -15.48 3.92 -8.03
C GLU A 32 -14.85 4.30 -9.37
N ASP A 33 -14.29 3.32 -10.07
CA ASP A 33 -13.66 3.55 -11.37
C ASP A 33 -13.30 2.24 -12.04
N ASP A 34 -12.42 1.47 -11.41
CA ASP A 34 -11.99 0.19 -11.95
C ASP A 34 -11.05 -0.51 -10.99
N GLN A 35 -10.15 0.26 -10.38
CA GLN A 35 -9.19 -0.30 -9.43
C GLN A 35 -8.46 0.81 -8.69
N GLU A 36 -7.91 0.47 -7.52
CA GLU A 36 -7.19 1.44 -6.70
C GLU A 36 -6.01 2.03 -7.48
N PRO A 37 -6.10 3.32 -7.87
CA PRO A 37 -5.04 3.99 -8.62
C PRO A 37 -3.78 4.22 -7.77
N ARG A 38 -2.87 5.03 -8.27
CA ARG A 38 -1.63 5.33 -7.57
C ARG A 38 -0.95 6.56 -8.16
N GLU A 39 0.30 6.79 -7.77
CA GLU A 39 1.06 7.93 -8.25
C GLU A 39 2.55 7.60 -8.35
N HIS A 40 3.34 8.58 -8.75
CA HIS A 40 4.79 8.40 -8.89
C HIS A 40 5.54 9.54 -8.23
N PRO A 41 5.89 9.40 -6.94
CA PRO A 41 6.62 10.44 -6.19
C PRO A 41 8.06 10.60 -6.69
N ILE A 42 8.70 11.68 -6.27
CA ILE A 42 10.08 11.95 -6.67
C ILE A 42 11.03 10.92 -6.07
N MET A 43 12.20 10.79 -6.69
CA MET A 43 13.21 9.84 -6.23
C MET A 43 13.56 10.08 -4.76
N GLY A 44 14.52 9.31 -4.25
CA GLY A 44 14.93 9.47 -2.86
C GLY A 44 15.16 8.14 -2.18
N GLY A 45 16.39 7.89 -1.73
CA GLY A 45 16.71 6.65 -1.06
C GLY A 45 15.89 6.44 0.20
N ILE A 46 16.42 5.64 1.12
CA ILE A 46 15.73 5.36 2.37
C ILE A 46 15.87 6.54 3.33
N TYR A 47 15.10 7.58 3.10
CA TYR A 47 15.13 8.77 3.95
C TYR A 47 13.99 9.72 3.58
N ASP A 48 13.89 10.05 2.30
CA ASP A 48 12.85 10.95 1.81
C ASP A 48 11.46 10.39 2.12
N ALA A 49 10.75 11.03 3.03
CA ALA A 49 9.41 10.61 3.41
C ALA A 49 8.46 11.80 3.54
N PRO A 50 8.42 12.66 2.52
CA PRO A 50 7.55 13.84 2.52
C PRO A 50 6.09 13.48 2.21
N LEU A 51 5.91 12.44 1.40
CA LEU A 51 4.57 12.00 1.02
C LEU A 51 3.79 13.13 0.36
N ASN A 52 3.80 13.16 -0.96
CA ASN A 52 3.08 14.18 -1.70
C ASN A 52 1.62 13.80 -1.92
N ASN A 53 1.34 12.50 -1.82
CA ASN A 53 -0.02 12.00 -2.00
C ASN A 53 -0.74 11.86 -0.65
N GLU A 54 -0.57 12.87 0.20
CA GLU A 54 -1.20 12.86 1.52
C GLU A 54 -2.55 13.59 1.49
N ASN A 55 -3.09 13.80 0.29
CA ASN A 55 -4.37 14.49 0.14
C ASN A 55 -5.50 13.68 0.76
N GLY A 56 -5.58 12.42 0.38
CA GLY A 56 -6.62 11.55 0.91
C GLY A 56 -7.04 10.47 -0.07
N PHE A 57 -7.40 10.88 -1.27
CA PHE A 57 -7.82 9.93 -2.30
C PHE A 57 -6.64 9.07 -2.75
N ASP A 58 -5.50 9.71 -2.94
CA ASP A 58 -4.29 9.01 -3.36
C ASP A 58 -3.76 8.10 -2.25
N LYS A 59 -3.66 8.65 -1.04
CA LYS A 59 -3.17 7.89 0.10
C LYS A 59 -4.07 6.68 0.36
N GLU A 60 -5.38 6.89 0.26
CA GLU A 60 -6.35 5.82 0.49
C GLU A 60 -6.25 4.77 -0.61
N ASP A 61 -6.16 5.22 -1.86
CA ASP A 61 -6.06 4.31 -3.00
C ASP A 61 -4.84 3.40 -2.86
N LEU A 62 -3.71 3.98 -2.49
CA LEU A 62 -2.47 3.22 -2.33
C LEU A 62 -2.59 2.24 -1.17
N ALA A 63 -2.98 2.75 0.00
CA ALA A 63 -3.14 1.93 1.19
C ALA A 63 -4.04 0.73 0.92
N ARG A 64 -5.24 1.01 0.42
CA ARG A 64 -6.21 -0.04 0.11
C ARG A 64 -5.67 -0.96 -0.97
N PHE A 65 -4.95 -0.38 -1.94
CA PHE A 65 -4.37 -1.15 -3.03
C PHE A 65 -3.41 -2.21 -2.51
N ALA A 66 -2.42 -1.77 -1.74
CA ALA A 66 -1.43 -2.68 -1.18
C ALA A 66 -2.09 -3.71 -0.27
N VAL A 67 -2.86 -3.24 0.71
CA VAL A 67 -3.55 -4.11 1.64
C VAL A 67 -4.37 -5.16 0.90
N ARG A 68 -5.25 -4.71 0.01
CA ARG A 68 -6.08 -5.61 -0.77
C ARG A 68 -5.23 -6.48 -1.69
N GLU A 69 -4.09 -5.95 -2.12
CA GLU A 69 -3.19 -6.68 -3.00
C GLU A 69 -2.64 -7.92 -2.30
N TYR A 70 -2.26 -7.77 -1.04
CA TYR A 70 -1.71 -8.88 -0.27
C TYR A 70 -2.83 -9.66 0.45
N ASN A 71 -3.99 -9.01 0.60
CA ASN A 71 -5.12 -9.63 1.27
C ASN A 71 -5.93 -10.50 0.31
N ASN A 72 -5.87 -10.19 -0.98
CA ASN A 72 -6.61 -10.95 -1.98
C ASN A 72 -5.86 -12.21 -2.39
N LYS A 73 -4.53 -12.11 -2.45
CA LYS A 73 -3.69 -13.23 -2.84
C LYS A 73 -4.03 -14.49 -2.03
N ASN A 74 -4.21 -14.32 -0.72
CA ASN A 74 -4.53 -15.45 0.15
C ASN A 74 -4.78 -14.98 1.59
N ASN A 75 -4.00 -14.00 2.02
CA ASN A 75 -4.11 -13.47 3.38
C ASN A 75 -5.56 -13.19 3.75
N ALA A 76 -5.81 -12.91 5.02
CA ALA A 76 -7.16 -12.63 5.51
C ALA A 76 -7.79 -11.48 4.75
N LEU A 77 -8.99 -11.08 5.18
CA LEU A 77 -9.71 -9.99 4.54
C LEU A 77 -9.99 -8.87 5.53
N LEU A 78 -9.04 -7.95 5.68
CA LEU A 78 -9.18 -6.83 6.59
C LEU A 78 -9.44 -5.53 5.83
N GLU A 79 -9.53 -4.43 6.55
CA GLU A 79 -9.78 -3.13 5.93
C GLU A 79 -8.92 -2.05 6.58
N PHE A 80 -8.30 -1.21 5.74
CA PHE A 80 -7.46 -0.13 6.22
C PHE A 80 -8.30 1.09 6.61
N VAL A 81 -7.83 1.85 7.58
CA VAL A 81 -8.55 3.03 8.03
C VAL A 81 -7.90 4.31 7.49
N ARG A 82 -6.57 4.30 7.42
CA ARG A 82 -5.82 5.45 6.92
C ARG A 82 -4.33 5.22 7.04
N VAL A 83 -3.54 6.04 6.35
CA VAL A 83 -2.09 5.91 6.39
C VAL A 83 -1.50 6.77 7.50
N VAL A 84 -0.47 6.24 8.16
CA VAL A 84 0.20 6.96 9.25
C VAL A 84 1.64 7.30 8.89
N LYS A 85 2.19 6.61 7.89
CA LYS A 85 3.56 6.86 7.46
C LYS A 85 3.71 6.64 5.96
N ALA A 86 4.69 7.34 5.37
CA ALA A 86 4.94 7.23 3.94
C ALA A 86 6.41 7.53 3.63
N LYS A 87 7.09 6.57 3.00
CA LYS A 87 8.49 6.74 2.65
C LYS A 87 8.72 6.44 1.16
N GLU A 88 9.73 7.07 0.58
CA GLU A 88 10.06 6.89 -0.82
C GLU A 88 11.37 6.13 -0.98
N GLN A 89 11.50 5.38 -2.07
CA GLN A 89 12.70 4.62 -2.34
C GLN A 89 12.86 4.36 -3.85
N VAL A 90 14.10 4.19 -4.28
CA VAL A 90 14.38 3.94 -5.69
C VAL A 90 15.04 2.59 -5.90
N VAL A 91 14.41 1.74 -6.70
CA VAL A 91 14.93 0.40 -6.99
C VAL A 91 14.32 -0.15 -8.27
N SER A 92 15.07 -0.04 -9.36
CA SER A 92 14.61 -0.53 -10.66
C SER A 92 13.32 0.17 -11.08
N GLY A 93 13.13 1.39 -10.59
CA GLY A 93 11.93 2.14 -10.93
C GLY A 93 11.54 3.11 -9.83
N MET A 94 10.41 2.85 -9.19
CA MET A 94 9.92 3.69 -8.12
C MET A 94 9.23 2.87 -7.04
N MET A 95 9.82 2.85 -5.84
CA MET A 95 9.26 2.11 -4.73
C MET A 95 8.78 3.05 -3.63
N HIS A 96 7.71 2.64 -2.94
CA HIS A 96 7.15 3.46 -1.87
C HIS A 96 6.77 2.60 -0.68
N TYR A 97 7.36 2.91 0.47
CA TYR A 97 7.08 2.18 1.70
C TYR A 97 6.20 3.02 2.62
N LEU A 98 4.91 2.72 2.66
CA LEU A 98 3.97 3.45 3.50
C LEU A 98 3.32 2.55 4.54
N THR A 99 3.13 3.09 5.74
CA THR A 99 2.51 2.34 6.82
C THR A 99 1.12 2.88 7.12
N VAL A 100 0.14 1.98 7.16
CA VAL A 100 -1.25 2.37 7.42
C VAL A 100 -1.88 1.51 8.51
N GLU A 101 -2.95 2.02 9.10
CA GLU A 101 -3.65 1.28 10.15
C GLU A 101 -4.73 0.40 9.55
N VAL A 102 -4.80 -0.85 10.01
CA VAL A 102 -5.79 -1.79 9.50
C VAL A 102 -6.65 -2.36 10.62
N ASN A 103 -7.88 -2.72 10.28
CA ASN A 103 -8.82 -3.28 11.26
C ASN A 103 -9.44 -4.56 10.72
N ASP A 104 -9.79 -5.47 11.63
CA ASP A 104 -10.38 -6.74 11.25
C ASP A 104 -11.23 -7.31 12.39
N ALA A 105 -12.55 -7.31 12.19
CA ALA A 105 -13.48 -7.82 13.20
C ALA A 105 -13.24 -7.16 14.56
N GLY A 106 -12.77 -5.92 14.53
CA GLY A 106 -12.53 -5.20 15.76
C GLY A 106 -11.05 -5.08 16.08
N LYS A 107 -10.26 -6.03 15.59
CA LYS A 107 -8.81 -6.03 15.82
C LYS A 107 -8.15 -4.91 15.03
N LYS A 108 -7.68 -3.88 15.73
CA LYS A 108 -7.02 -2.75 15.09
C LYS A 108 -5.52 -2.79 15.33
N LYS A 109 -4.75 -2.43 14.30
CA LYS A 109 -3.30 -2.42 14.40
C LYS A 109 -2.67 -1.61 13.27
N LEU A 110 -1.35 -1.47 13.33
CA LEU A 110 -0.62 -0.71 12.31
C LEU A 110 0.29 -1.63 11.50
N TYR A 111 0.07 -1.68 10.19
CA TYR A 111 0.86 -2.53 9.32
C TYR A 111 1.55 -1.71 8.23
N GLU A 112 2.74 -2.13 7.84
CA GLU A 112 3.51 -1.44 6.81
C GLU A 112 3.37 -2.15 5.46
N ALA A 113 3.33 -1.37 4.39
CA ALA A 113 3.20 -1.92 3.04
C ALA A 113 4.19 -1.26 2.08
N LYS A 114 4.89 -2.09 1.30
CA LYS A 114 5.86 -1.57 0.34
C LYS A 114 5.43 -1.90 -1.09
N VAL A 115 5.14 -0.85 -1.86
CA VAL A 115 4.72 -1.03 -3.24
C VAL A 115 5.82 -0.63 -4.22
N TRP A 116 5.82 -1.27 -5.38
CA TRP A 116 6.83 -1.00 -6.40
C TRP A 116 6.17 -0.65 -7.74
N GLU A 117 6.76 0.29 -8.46
CA GLU A 117 6.23 0.72 -9.75
C GLU A 117 7.35 1.23 -10.66
N GLN A 118 7.49 0.62 -11.82
CA GLN A 118 8.52 1.00 -12.78
C GLN A 118 7.94 1.92 -13.86
N VAL A 119 8.80 2.43 -14.71
CA VAL A 119 8.38 3.32 -15.79
C VAL A 119 8.66 2.69 -17.16
N TRP A 120 9.78 1.99 -17.26
CA TRP A 120 10.15 1.34 -18.51
C TRP A 120 9.48 -0.02 -18.65
N MET A 121 9.05 -0.58 -17.52
CA MET A 121 8.38 -1.87 -17.52
C MET A 121 6.86 -1.70 -17.49
N ASN A 122 6.41 -0.57 -16.97
CA ASN A 122 4.99 -0.27 -16.88
C ASN A 122 4.28 -1.29 -15.99
N PHE A 123 4.87 -1.56 -14.83
CA PHE A 123 4.30 -2.51 -13.88
C PHE A 123 4.29 -1.94 -12.48
N ARG A 124 3.20 -2.18 -11.75
CA ARG A 124 3.06 -1.68 -10.39
C ARG A 124 2.29 -2.67 -9.52
N GLN A 125 2.89 -3.05 -8.40
CA GLN A 125 2.25 -4.01 -7.48
C GLN A 125 2.90 -3.96 -6.11
N LEU A 126 2.32 -4.69 -5.16
CA LEU A 126 2.84 -4.73 -3.79
C LEU A 126 3.89 -5.83 -3.67
N GLN A 127 4.96 -5.53 -2.93
CA GLN A 127 6.04 -6.49 -2.72
C GLN A 127 5.87 -7.23 -1.40
N GLU A 128 5.76 -6.48 -0.31
CA GLU A 128 5.61 -7.08 1.00
C GLU A 128 4.70 -6.26 1.91
N PHE A 129 4.10 -6.92 2.90
CA PHE A 129 3.22 -6.28 3.86
C PHE A 129 3.51 -6.80 5.26
N THR A 130 4.12 -5.95 6.09
CA THR A 130 4.46 -6.33 7.46
C THR A 130 3.42 -5.81 8.44
N TYR A 131 3.26 -6.52 9.56
CA TYR A 131 2.30 -6.14 10.58
C TYR A 131 3.02 -5.64 11.83
N LEU A 132 2.89 -4.36 12.11
CA LEU A 132 3.52 -3.76 13.29
C LEU A 132 2.61 -3.86 14.51
N GLY A 133 2.99 -3.17 15.58
CA GLY A 133 2.20 -3.19 16.80
C GLY A 133 0.90 -2.41 16.66
N ASP A 134 1.02 -1.08 16.63
CA ASP A 134 -0.15 -0.21 16.51
C ASP A 134 0.27 1.25 16.41
N ALA A 135 -0.63 2.08 15.91
CA ALA A 135 -0.36 3.51 15.76
C ALA A 135 -1.25 4.33 16.68
N MET A 1 21.63 4.10 5.45
CA MET A 1 20.82 3.21 6.31
C MET A 1 21.27 1.75 6.17
N ALA A 2 20.80 0.91 7.08
CA ALA A 2 21.16 -0.50 7.06
C ALA A 2 20.77 -1.15 5.75
N ASP A 3 19.72 -0.62 5.12
CA ASP A 3 19.24 -1.15 3.85
C ASP A 3 18.77 -2.60 4.00
N GLU A 4 18.27 -2.93 5.18
CA GLU A 4 17.78 -4.27 5.44
C GLU A 4 16.50 -4.56 4.65
N GLN A 5 15.54 -3.65 4.76
CA GLN A 5 14.27 -3.79 4.06
C GLN A 5 14.43 -3.53 2.56
N PRO A 6 14.89 -2.31 2.19
CA PRO A 6 15.08 -1.95 0.79
C PRO A 6 16.28 -2.65 0.17
N LYS A 7 16.61 -2.28 -1.07
CA LYS A 7 17.74 -2.88 -1.77
C LYS A 7 17.54 -4.37 -1.94
N LYS A 8 16.31 -4.77 -2.24
CA LYS A 8 16.00 -6.18 -2.43
C LYS A 8 15.01 -6.37 -3.59
N PRO A 9 14.91 -7.59 -4.12
CA PRO A 9 14.00 -7.91 -5.23
C PRO A 9 12.54 -7.85 -4.81
N VAL A 10 11.65 -8.12 -5.77
CA VAL A 10 10.21 -8.10 -5.51
C VAL A 10 9.56 -9.40 -5.95
N PRO A 11 8.39 -9.73 -5.37
CA PRO A 11 7.66 -10.96 -5.72
C PRO A 11 6.96 -10.85 -7.08
N ALA A 12 6.08 -11.81 -7.36
CA ALA A 12 5.35 -11.81 -8.61
C ALA A 12 4.25 -10.76 -8.62
N ALA A 13 3.38 -10.83 -9.63
CA ALA A 13 2.28 -9.88 -9.74
C ALA A 13 1.03 -10.40 -9.05
N GLU A 14 0.02 -9.54 -8.94
CA GLU A 14 -1.24 -9.92 -8.30
C GLU A 14 -2.41 -9.16 -8.91
N GLU A 15 -3.60 -9.37 -8.35
CA GLU A 15 -4.81 -8.71 -8.84
C GLU A 15 -5.85 -8.60 -7.74
N ALA A 16 -7.04 -8.12 -8.10
CA ALA A 16 -8.12 -7.97 -7.14
C ALA A 16 -8.89 -9.28 -6.97
N PRO A 17 -9.54 -9.46 -5.81
CA PRO A 17 -10.31 -10.68 -5.52
C PRO A 17 -11.58 -10.78 -6.36
N ALA A 18 -12.27 -11.91 -6.25
CA ALA A 18 -13.50 -12.13 -7.00
C ALA A 18 -14.73 -12.05 -6.09
N ALA A 19 -15.18 -10.84 -5.82
CA ALA A 19 -16.34 -10.64 -4.97
C ALA A 19 -17.16 -9.43 -5.44
N GLU A 20 -16.55 -8.26 -5.42
CA GLU A 20 -17.23 -7.04 -5.84
C GLU A 20 -18.46 -6.77 -4.98
N ALA A 21 -19.09 -5.62 -5.19
CA ALA A 21 -20.27 -5.23 -4.43
C ALA A 21 -19.97 -5.15 -2.95
N GLU A 22 -19.97 -3.94 -2.40
CA GLU A 22 -19.69 -3.74 -1.00
C GLU A 22 -18.30 -4.24 -0.62
N ALA A 23 -17.37 -3.31 -0.46
CA ALA A 23 -15.99 -3.65 -0.12
C ALA A 23 -15.33 -2.55 0.69
N GLU A 24 -16.11 -1.91 1.55
CA GLU A 24 -15.60 -0.82 2.39
C GLU A 24 -16.01 -1.02 3.85
N GLU A 25 -15.19 -0.51 4.75
CA GLU A 25 -15.46 -0.63 6.18
C GLU A 25 -15.30 0.73 6.88
N GLU A 26 -14.10 1.30 6.78
CA GLU A 26 -13.82 2.59 7.39
C GLU A 26 -14.47 3.73 6.61
N GLU A 27 -14.59 3.54 5.30
CA GLU A 27 -15.19 4.55 4.44
C GLU A 27 -14.41 5.86 4.50
N GLY A 28 -13.78 6.21 3.38
CA GLY A 28 -13.00 7.43 3.32
C GLY A 28 -13.33 8.28 2.11
N LEU A 29 -12.99 7.77 0.93
CA LEU A 29 -13.26 8.49 -0.31
C LEU A 29 -13.89 7.57 -1.35
N HIS A 30 -14.15 8.10 -2.54
CA HIS A 30 -14.76 7.32 -3.62
C HIS A 30 -13.79 6.26 -4.12
N LEU A 31 -14.14 5.00 -3.92
CA LEU A 31 -13.31 3.88 -4.35
C LEU A 31 -14.15 2.82 -5.05
N GLU A 32 -13.51 1.71 -5.41
CA GLU A 32 -14.19 0.61 -6.09
C GLU A 32 -14.76 1.07 -7.42
N ASP A 33 -13.88 1.14 -8.43
CA ASP A 33 -14.29 1.57 -9.76
C ASP A 33 -13.15 1.40 -10.76
N ASP A 34 -11.95 1.77 -10.33
CA ASP A 34 -10.77 1.66 -11.19
C ASP A 34 -9.70 0.78 -10.54
N GLN A 35 -10.15 -0.21 -9.76
CA GLN A 35 -9.23 -1.12 -9.08
C GLN A 35 -8.31 -0.36 -8.15
N GLU A 36 -8.85 0.65 -7.47
CA GLU A 36 -8.07 1.45 -6.54
C GLU A 36 -6.91 2.14 -7.24
N PRO A 37 -7.15 3.35 -7.81
CA PRO A 37 -6.12 4.10 -8.52
C PRO A 37 -5.05 4.66 -7.57
N ARG A 38 -4.00 5.22 -8.15
CA ARG A 38 -2.91 5.78 -7.37
C ARG A 38 -1.86 6.44 -8.26
N GLU A 39 -1.03 7.28 -7.67
CA GLU A 39 0.01 7.97 -8.43
C GLU A 39 1.39 7.40 -8.09
N HIS A 40 2.43 8.06 -8.59
CA HIS A 40 3.81 7.62 -8.35
C HIS A 40 4.50 8.53 -7.34
N PRO A 41 5.38 7.97 -6.50
CA PRO A 41 6.12 8.74 -5.49
C PRO A 41 7.22 9.59 -6.10
N ILE A 42 8.06 10.17 -5.24
CA ILE A 42 9.17 11.01 -5.69
C ILE A 42 10.51 10.39 -5.32
N MET A 43 11.56 10.78 -6.04
CA MET A 43 12.90 10.27 -5.78
C MET A 43 13.32 10.54 -4.34
N GLY A 44 14.15 9.65 -3.80
CA GLY A 44 14.62 9.82 -2.43
C GLY A 44 15.21 8.54 -1.87
N GLY A 45 15.90 8.65 -0.74
CA GLY A 45 16.50 7.50 -0.11
C GLY A 45 15.58 6.85 0.92
N ILE A 46 16.18 6.15 1.88
CA ILE A 46 15.41 5.49 2.92
C ILE A 46 15.32 6.36 4.17
N TYR A 47 14.47 7.38 4.11
CA TYR A 47 14.29 8.29 5.23
C TYR A 47 13.22 9.33 4.93
N ASP A 48 13.21 9.83 3.70
CA ASP A 48 12.24 10.83 3.28
C ASP A 48 10.82 10.30 3.43
N ALA A 49 9.99 11.08 4.12
CA ALA A 49 8.59 10.69 4.34
C ALA A 49 7.66 11.90 4.27
N PRO A 50 7.75 12.69 3.19
CA PRO A 50 6.92 13.89 3.02
C PRO A 50 5.50 13.54 2.59
N LEU A 51 5.36 12.47 1.81
CA LEU A 51 4.06 12.04 1.33
C LEU A 51 3.35 13.15 0.56
N ASN A 52 3.79 13.38 -0.68
CA ASN A 52 3.21 14.42 -1.52
C ASN A 52 1.71 14.19 -1.71
N ASN A 53 1.36 13.01 -2.22
CA ASN A 53 -0.03 12.66 -2.47
C ASN A 53 -0.77 12.45 -1.15
N GLU A 54 -0.95 13.54 -0.39
CA GLU A 54 -1.64 13.48 0.88
C GLU A 54 -3.04 14.08 0.78
N ASN A 55 -3.54 14.23 -0.44
CA ASN A 55 -4.86 14.80 -0.67
C ASN A 55 -5.93 13.97 0.04
N GLY A 56 -5.69 12.66 0.17
CA GLY A 56 -6.64 11.80 0.82
C GLY A 56 -7.08 10.64 -0.07
N PHE A 57 -7.48 10.96 -1.29
CA PHE A 57 -7.93 9.95 -2.24
C PHE A 57 -6.78 9.01 -2.61
N ASP A 58 -5.59 9.58 -2.73
CA ASP A 58 -4.41 8.80 -3.08
C ASP A 58 -3.99 7.87 -1.93
N LYS A 59 -3.88 8.45 -0.74
CA LYS A 59 -3.49 7.69 0.44
C LYS A 59 -4.50 6.58 0.72
N GLU A 60 -5.79 6.88 0.51
CA GLU A 60 -6.85 5.91 0.74
C GLU A 60 -6.77 4.77 -0.28
N ASP A 61 -6.80 5.12 -1.55
CA ASP A 61 -6.74 4.13 -2.62
C ASP A 61 -5.46 3.30 -2.53
N LEU A 62 -4.35 3.97 -2.24
CA LEU A 62 -3.06 3.30 -2.11
C LEU A 62 -3.09 2.28 -0.98
N ALA A 63 -3.48 2.73 0.22
CA ALA A 63 -3.55 1.87 1.38
C ALA A 63 -4.45 0.66 1.12
N ARG A 64 -5.67 0.92 0.69
CA ARG A 64 -6.62 -0.15 0.40
C ARG A 64 -6.11 -1.05 -0.73
N PHE A 65 -5.45 -0.42 -1.70
CA PHE A 65 -4.90 -1.16 -2.85
C PHE A 65 -3.92 -2.22 -2.37
N ALA A 66 -2.87 -1.78 -1.68
CA ALA A 66 -1.84 -2.71 -1.18
C ALA A 66 -2.45 -3.75 -0.25
N VAL A 67 -3.19 -3.28 0.76
CA VAL A 67 -3.83 -4.18 1.71
C VAL A 67 -4.65 -5.25 0.99
N ARG A 68 -5.51 -4.81 0.07
CA ARG A 68 -6.34 -5.72 -0.69
C ARG A 68 -5.48 -6.57 -1.63
N GLU A 69 -4.35 -6.02 -2.06
CA GLU A 69 -3.45 -6.74 -2.95
C GLU A 69 -2.87 -7.97 -2.27
N TYR A 70 -2.51 -7.83 -1.00
CA TYR A 70 -1.95 -8.93 -0.23
C TYR A 70 -3.05 -9.72 0.48
N ASN A 71 -4.20 -9.10 0.66
CA ASN A 71 -5.33 -9.74 1.34
C ASN A 71 -6.15 -10.60 0.38
N ASN A 72 -6.09 -10.29 -0.92
CA ASN A 72 -6.84 -11.03 -1.91
C ASN A 72 -6.10 -12.31 -2.34
N LYS A 73 -4.78 -12.21 -2.40
CA LYS A 73 -3.95 -13.36 -2.81
C LYS A 73 -4.31 -14.61 -2.01
N ASN A 74 -4.44 -14.46 -0.70
CA ASN A 74 -4.77 -15.59 0.16
C ASN A 74 -4.95 -15.16 1.62
N ASN A 75 -4.21 -14.13 2.03
CA ASN A 75 -4.29 -13.63 3.39
C ASN A 75 -5.73 -13.39 3.82
N ALA A 76 -5.93 -13.06 5.09
CA ALA A 76 -7.27 -12.80 5.61
C ALA A 76 -7.96 -11.68 4.86
N LEU A 77 -9.15 -11.29 5.33
CA LEU A 77 -9.91 -10.22 4.70
C LEU A 77 -10.19 -9.09 5.69
N LEU A 78 -9.20 -8.23 5.88
CA LEU A 78 -9.34 -7.10 6.80
C LEU A 78 -9.57 -5.80 6.02
N GLU A 79 -9.66 -4.69 6.75
CA GLU A 79 -9.88 -3.39 6.12
C GLU A 79 -9.01 -2.32 6.77
N PHE A 80 -8.48 -1.41 5.94
CA PHE A 80 -7.64 -0.33 6.43
C PHE A 80 -8.49 0.86 6.87
N VAL A 81 -8.00 1.59 7.86
CA VAL A 81 -8.71 2.75 8.37
C VAL A 81 -8.09 4.05 7.86
N ARG A 82 -6.76 4.07 7.79
CA ARG A 82 -6.03 5.24 7.31
C ARG A 82 -4.53 5.01 7.36
N VAL A 83 -3.77 5.86 6.69
CA VAL A 83 -2.32 5.74 6.67
C VAL A 83 -1.69 6.54 7.81
N VAL A 84 -0.61 5.99 8.36
CA VAL A 84 0.10 6.65 9.46
C VAL A 84 1.53 7.01 9.07
N LYS A 85 2.04 6.38 8.01
CA LYS A 85 3.41 6.64 7.55
C LYS A 85 3.50 6.54 6.04
N ALA A 86 4.51 7.21 5.48
CA ALA A 86 4.73 7.19 4.04
C ALA A 86 6.18 7.52 3.70
N LYS A 87 6.81 6.64 2.93
CA LYS A 87 8.20 6.84 2.54
C LYS A 87 8.37 6.66 1.03
N GLU A 88 9.33 7.40 0.46
CA GLU A 88 9.60 7.32 -0.97
C GLU A 88 11.01 6.79 -1.23
N GLN A 89 11.10 5.76 -2.06
CA GLN A 89 12.39 5.16 -2.39
C GLN A 89 12.49 4.87 -3.89
N VAL A 90 13.71 4.86 -4.40
CA VAL A 90 13.95 4.60 -5.82
C VAL A 90 14.67 3.27 -6.02
N VAL A 91 14.05 2.39 -6.80
CA VAL A 91 14.63 1.08 -7.08
C VAL A 91 14.00 0.46 -8.33
N SER A 92 14.70 0.56 -9.45
CA SER A 92 14.20 0.02 -10.71
C SER A 92 12.88 0.67 -11.10
N GLY A 93 12.66 1.89 -10.62
CA GLY A 93 11.44 2.60 -10.91
C GLY A 93 11.02 3.52 -9.78
N MET A 94 9.91 3.19 -9.13
CA MET A 94 9.40 4.00 -8.03
C MET A 94 8.75 3.12 -6.96
N MET A 95 9.36 3.08 -5.78
CA MET A 95 8.84 2.27 -4.68
C MET A 95 8.45 3.16 -3.50
N HIS A 96 7.23 2.98 -2.99
CA HIS A 96 6.74 3.77 -1.88
C HIS A 96 6.43 2.88 -0.67
N TYR A 97 7.12 3.15 0.44
CA TYR A 97 6.93 2.40 1.67
C TYR A 97 6.00 3.15 2.62
N LEU A 98 4.72 2.84 2.56
CA LEU A 98 3.73 3.50 3.41
C LEU A 98 3.13 2.53 4.42
N THR A 99 2.89 3.02 5.63
CA THR A 99 2.30 2.20 6.69
C THR A 99 0.91 2.72 7.04
N VAL A 100 -0.04 1.81 7.18
CA VAL A 100 -1.41 2.19 7.52
C VAL A 100 -1.99 1.29 8.59
N GLU A 101 -3.06 1.76 9.24
CA GLU A 101 -3.72 0.99 10.28
C GLU A 101 -4.81 0.11 9.68
N VAL A 102 -4.84 -1.15 10.10
CA VAL A 102 -5.83 -2.09 9.60
C VAL A 102 -6.65 -2.70 10.74
N ASN A 103 -7.87 -3.13 10.41
CA ASN A 103 -8.75 -3.74 11.40
C ASN A 103 -9.32 -5.05 10.87
N ASP A 104 -9.54 -6.01 11.78
CA ASP A 104 -10.08 -7.30 11.41
C ASP A 104 -10.98 -7.86 12.51
N ALA A 105 -12.28 -7.84 12.25
CA ALA A 105 -13.26 -8.34 13.22
C ALA A 105 -13.11 -7.64 14.57
N GLY A 106 -12.66 -6.39 14.54
CA GLY A 106 -12.49 -5.63 15.76
C GLY A 106 -11.02 -5.46 16.13
N LYS A 107 -10.20 -6.41 15.72
CA LYS A 107 -8.77 -6.36 16.01
C LYS A 107 -8.09 -5.24 15.23
N LYS A 108 -7.68 -4.20 15.95
CA LYS A 108 -7.02 -3.06 15.32
C LYS A 108 -5.50 -3.15 15.48
N LYS A 109 -4.77 -2.79 14.42
CA LYS A 109 -3.32 -2.83 14.45
C LYS A 109 -2.72 -1.97 13.35
N LEU A 110 -1.40 -1.84 13.35
CA LEU A 110 -0.71 -1.04 12.35
C LEU A 110 0.19 -1.94 11.48
N TYR A 111 -0.08 -1.96 10.19
CA TYR A 111 0.70 -2.77 9.27
C TYR A 111 1.37 -1.90 8.19
N GLU A 112 2.59 -2.28 7.81
CA GLU A 112 3.34 -1.55 6.81
C GLU A 112 3.13 -2.15 5.42
N ALA A 113 3.09 -1.30 4.40
CA ALA A 113 2.90 -1.76 3.03
C ALA A 113 3.84 -1.03 2.07
N LYS A 114 4.53 -1.80 1.24
CA LYS A 114 5.46 -1.22 0.27
C LYS A 114 5.04 -1.57 -1.16
N VAL A 115 4.73 -0.54 -1.94
CA VAL A 115 4.31 -0.74 -3.33
C VAL A 115 5.40 -0.33 -4.30
N TRP A 116 5.44 -0.99 -5.46
CA TRP A 116 6.44 -0.69 -6.48
C TRP A 116 5.78 -0.37 -7.81
N GLU A 117 6.36 0.57 -8.55
CA GLU A 117 5.83 0.97 -9.85
C GLU A 117 6.94 1.53 -10.73
N GLN A 118 7.10 0.93 -11.92
CA GLN A 118 8.12 1.37 -12.85
C GLN A 118 7.53 2.25 -13.95
N VAL A 119 8.40 2.79 -14.79
CA VAL A 119 7.95 3.66 -15.88
C VAL A 119 8.27 3.02 -17.24
N TRP A 120 9.42 2.37 -17.33
CA TRP A 120 9.83 1.72 -18.56
C TRP A 120 9.19 0.34 -18.71
N MET A 121 8.75 -0.22 -17.58
CA MET A 121 8.10 -1.53 -17.58
C MET A 121 6.58 -1.39 -17.58
N ASN A 122 6.10 -0.26 -17.08
CA ASN A 122 4.67 0.00 -17.00
C ASN A 122 3.98 -1.02 -16.12
N PHE A 123 4.56 -1.29 -14.97
CA PHE A 123 3.99 -2.26 -14.02
C PHE A 123 3.96 -1.68 -12.62
N ARG A 124 2.88 -1.95 -11.88
CA ARG A 124 2.73 -1.47 -10.52
C ARG A 124 1.96 -2.47 -9.67
N GLN A 125 2.54 -2.84 -8.53
CA GLN A 125 1.91 -3.80 -7.63
C GLN A 125 2.53 -3.74 -6.24
N LEU A 126 1.93 -4.48 -5.31
CA LEU A 126 2.43 -4.52 -3.93
C LEU A 126 3.65 -5.42 -3.82
N GLN A 127 4.63 -4.97 -3.03
CA GLN A 127 5.86 -5.73 -2.85
C GLN A 127 5.78 -6.59 -1.58
N GLU A 128 5.62 -5.94 -0.44
CA GLU A 128 5.53 -6.65 0.83
C GLU A 128 4.59 -5.95 1.80
N PHE A 129 4.07 -6.70 2.76
CA PHE A 129 3.16 -6.18 3.76
C PHE A 129 3.52 -6.73 5.14
N THR A 130 4.04 -5.86 6.01
CA THR A 130 4.42 -6.28 7.35
C THR A 130 3.34 -5.92 8.37
N TYR A 131 3.25 -6.71 9.44
CA TYR A 131 2.27 -6.46 10.48
C TYR A 131 2.93 -5.98 11.75
N LEU A 132 2.79 -4.69 12.04
CA LEU A 132 3.37 -4.10 13.24
C LEU A 132 2.42 -4.21 14.43
N GLY A 133 2.89 -3.79 15.59
CA GLY A 133 2.07 -3.85 16.79
C GLY A 133 0.80 -3.03 16.66
N ASP A 134 0.93 -1.71 16.74
CA ASP A 134 -0.21 -0.82 16.63
C ASP A 134 0.24 0.64 16.60
N ALA A 135 -0.62 1.51 16.07
CA ALA A 135 -0.31 2.94 15.99
C ALA A 135 -1.05 3.72 17.06
N MET A 1 19.64 -0.82 3.46
CA MET A 1 19.94 -0.13 4.75
C MET A 1 19.98 -1.12 5.90
N ALA A 2 20.48 -0.67 7.05
CA ALA A 2 20.57 -1.51 8.23
C ALA A 2 19.19 -2.02 8.65
N ASP A 3 18.16 -1.22 8.40
CA ASP A 3 16.80 -1.59 8.74
C ASP A 3 16.38 -2.89 8.06
N GLU A 4 17.05 -3.22 6.96
CA GLU A 4 16.76 -4.43 6.21
C GLU A 4 15.33 -4.39 5.65
N GLN A 5 15.21 -3.98 4.40
CA GLN A 5 13.90 -3.89 3.76
C GLN A 5 14.04 -3.43 2.30
N PRO A 6 14.56 -2.20 2.10
CA PRO A 6 14.74 -1.64 0.75
C PRO A 6 15.84 -2.35 -0.02
N LYS A 7 15.82 -2.20 -1.35
CA LYS A 7 16.81 -2.82 -2.21
C LYS A 7 16.76 -4.34 -2.09
N LYS A 8 15.89 -4.95 -2.89
CA LYS A 8 15.73 -6.40 -2.88
C LYS A 8 14.72 -6.85 -3.94
N PRO A 9 14.79 -8.12 -4.37
CA PRO A 9 13.88 -8.67 -5.37
C PRO A 9 12.41 -8.42 -5.03
N VAL A 10 11.52 -8.88 -5.90
CA VAL A 10 10.09 -8.72 -5.68
C VAL A 10 9.32 -9.96 -6.12
N PRO A 11 8.11 -10.17 -5.56
CA PRO A 11 7.27 -11.32 -5.89
C PRO A 11 6.61 -11.19 -7.27
N ALA A 12 5.65 -12.06 -7.55
CA ALA A 12 4.95 -12.03 -8.82
C ALA A 12 3.44 -12.06 -8.62
N ALA A 13 2.75 -11.03 -9.09
CA ALA A 13 1.31 -10.95 -8.95
C ALA A 13 0.76 -9.71 -9.65
N GLU A 14 -0.52 -9.76 -10.02
CA GLU A 14 -1.16 -8.64 -10.70
C GLU A 14 -2.65 -8.93 -10.94
N GLU A 15 -3.46 -8.67 -9.91
CA GLU A 15 -4.90 -8.89 -10.00
C GLU A 15 -5.61 -8.44 -8.74
N ALA A 16 -6.84 -7.97 -8.89
CA ALA A 16 -7.62 -7.51 -7.75
C ALA A 16 -8.78 -8.46 -7.46
N PRO A 17 -9.32 -8.42 -6.22
CA PRO A 17 -10.42 -9.28 -5.82
C PRO A 17 -11.75 -8.86 -6.46
N ALA A 18 -12.54 -9.84 -6.87
CA ALA A 18 -13.82 -9.57 -7.50
C ALA A 18 -14.94 -9.52 -6.46
N ALA A 19 -16.17 -9.35 -6.93
CA ALA A 19 -17.33 -9.27 -6.05
C ALA A 19 -17.20 -8.11 -5.08
N GLU A 20 -18.20 -7.94 -4.22
CA GLU A 20 -18.20 -6.86 -3.24
C GLU A 20 -18.56 -7.38 -1.86
N ALA A 21 -18.52 -6.50 -0.86
CA ALA A 21 -18.85 -6.86 0.51
C ALA A 21 -19.22 -5.64 1.33
N GLU A 22 -20.50 -5.52 1.68
CA GLU A 22 -20.98 -4.39 2.46
C GLU A 22 -20.31 -4.35 3.83
N ALA A 23 -19.43 -3.38 4.03
CA ALA A 23 -18.72 -3.22 5.28
C ALA A 23 -18.61 -1.76 5.68
N GLU A 24 -18.33 -1.52 6.96
CA GLU A 24 -18.20 -0.16 7.47
C GLU A 24 -16.97 -0.03 8.37
N GLU A 25 -15.83 0.22 7.76
CA GLU A 25 -14.58 0.37 8.51
C GLU A 25 -14.16 1.83 8.58
N GLU A 26 -14.20 2.52 7.44
CA GLU A 26 -13.83 3.92 7.38
C GLU A 26 -14.41 4.59 6.14
N GLU A 27 -15.63 5.11 6.27
CA GLU A 27 -16.30 5.77 5.16
C GLU A 27 -15.97 7.26 5.14
N GLY A 28 -16.18 7.89 3.98
CA GLY A 28 -15.91 9.31 3.85
C GLY A 28 -15.21 9.64 2.55
N LEU A 29 -14.32 8.75 2.12
CA LEU A 29 -13.58 8.95 0.87
C LEU A 29 -14.27 8.27 -0.30
N HIS A 30 -14.40 9.00 -1.40
CA HIS A 30 -15.05 8.47 -2.60
C HIS A 30 -14.11 7.56 -3.37
N LEU A 31 -14.56 7.07 -4.52
CA LEU A 31 -13.76 6.18 -5.35
C LEU A 31 -13.41 4.90 -4.60
N GLU A 32 -12.49 4.12 -5.15
CA GLU A 32 -12.07 2.86 -4.54
C GLU A 32 -13.25 1.90 -4.44
N ASP A 33 -13.56 1.23 -5.55
CA ASP A 33 -14.65 0.28 -5.58
C ASP A 33 -14.27 -0.97 -6.38
N ASP A 34 -14.10 -0.80 -7.68
CA ASP A 34 -13.72 -1.91 -8.56
C ASP A 34 -12.22 -2.12 -8.54
N GLN A 35 -11.47 -1.05 -8.34
CA GLN A 35 -10.01 -1.12 -8.31
C GLN A 35 -9.41 0.20 -7.81
N GLU A 36 -8.31 0.09 -7.08
CA GLU A 36 -7.64 1.27 -6.54
C GLU A 36 -6.36 1.57 -7.31
N PRO A 37 -6.47 2.35 -8.40
CA PRO A 37 -5.31 2.71 -9.23
C PRO A 37 -4.36 3.67 -8.52
N ARG A 38 -3.20 3.89 -9.12
CA ARG A 38 -2.20 4.79 -8.53
C ARG A 38 -0.99 4.93 -9.46
N GLU A 39 -0.31 6.06 -9.36
CA GLU A 39 0.87 6.32 -10.18
C GLU A 39 2.15 6.05 -9.40
N HIS A 40 3.29 6.41 -10.00
CA HIS A 40 4.58 6.21 -9.34
C HIS A 40 4.94 7.40 -8.47
N PRO A 41 5.70 7.17 -7.38
CA PRO A 41 6.12 8.23 -6.48
C PRO A 41 7.16 9.16 -7.10
N ILE A 42 7.77 10.00 -6.27
CA ILE A 42 8.78 10.94 -6.74
C ILE A 42 10.11 10.71 -6.03
N MET A 43 11.20 10.68 -6.81
CA MET A 43 12.54 10.48 -6.26
C MET A 43 12.55 9.32 -5.26
N GLY A 44 13.66 9.19 -4.54
CA GLY A 44 13.78 8.12 -3.56
C GLY A 44 14.58 8.55 -2.33
N GLY A 45 14.52 7.75 -1.28
CA GLY A 45 15.24 8.06 -0.07
C GLY A 45 14.55 7.53 1.18
N ILE A 46 15.30 6.85 2.04
CA ILE A 46 14.75 6.31 3.27
C ILE A 46 14.98 7.25 4.44
N TYR A 47 14.81 8.54 4.21
CA TYR A 47 15.00 9.54 5.24
C TYR A 47 14.32 10.86 4.86
N ASP A 48 13.23 10.77 4.11
CA ASP A 48 12.50 11.95 3.68
C ASP A 48 11.04 11.87 4.13
N ALA A 49 10.30 10.94 3.55
CA ALA A 49 8.90 10.76 3.88
C ALA A 49 8.11 12.04 3.66
N PRO A 50 8.21 12.64 2.45
CA PRO A 50 7.50 13.88 2.13
C PRO A 50 6.02 13.64 1.84
N LEU A 51 5.74 12.61 1.06
CA LEU A 51 4.37 12.27 0.70
C LEU A 51 3.63 13.48 0.14
N ASN A 52 3.98 13.86 -1.08
CA ASN A 52 3.34 15.01 -1.73
C ASN A 52 1.84 14.80 -1.88
N ASN A 53 1.45 13.68 -2.49
CA ASN A 53 0.05 13.36 -2.69
C ASN A 53 -0.64 13.07 -1.35
N GLU A 54 -0.87 14.11 -0.56
CA GLU A 54 -1.52 13.96 0.73
C GLU A 54 -2.97 14.44 0.69
N ASN A 55 -3.52 14.58 -0.52
CA ASN A 55 -4.89 15.03 -0.69
C ASN A 55 -5.87 14.10 0.03
N GLY A 56 -5.51 12.82 0.11
CA GLY A 56 -6.36 11.85 0.77
C GLY A 56 -6.76 10.72 -0.15
N PHE A 57 -7.20 11.06 -1.36
CA PHE A 57 -7.61 10.07 -2.34
C PHE A 57 -6.44 9.21 -2.78
N ASP A 58 -5.26 9.84 -2.87
CA ASP A 58 -4.05 9.13 -3.28
C ASP A 58 -3.56 8.20 -2.18
N LYS A 59 -3.44 8.74 -0.97
CA LYS A 59 -2.98 7.95 0.17
C LYS A 59 -3.91 6.77 0.42
N GLU A 60 -5.21 7.03 0.33
CA GLU A 60 -6.22 5.99 0.56
C GLU A 60 -6.20 4.96 -0.57
N ASP A 61 -6.13 5.44 -1.81
CA ASP A 61 -6.10 4.56 -2.97
C ASP A 61 -4.93 3.61 -2.90
N LEU A 62 -3.75 4.14 -2.56
CA LEU A 62 -2.55 3.32 -2.46
C LEU A 62 -2.64 2.36 -1.28
N ALA A 63 -2.94 2.89 -0.10
CA ALA A 63 -3.07 2.06 1.10
C ALA A 63 -4.01 0.88 0.85
N ARG A 64 -5.22 1.16 0.39
CA ARG A 64 -6.20 0.13 0.12
C ARG A 64 -5.72 -0.78 -1.01
N PHE A 65 -5.07 -0.19 -2.01
CA PHE A 65 -4.55 -0.95 -3.14
C PHE A 65 -3.56 -2.01 -2.67
N ALA A 66 -2.56 -1.58 -1.92
CA ALA A 66 -1.54 -2.50 -1.41
C ALA A 66 -2.17 -3.56 -0.50
N VAL A 67 -2.91 -3.10 0.51
CA VAL A 67 -3.57 -4.00 1.45
C VAL A 67 -4.41 -5.03 0.71
N ARG A 68 -5.28 -4.56 -0.17
CA ARG A 68 -6.14 -5.44 -0.94
C ARG A 68 -5.32 -6.29 -1.91
N GLU A 69 -4.19 -5.76 -2.34
CA GLU A 69 -3.31 -6.47 -3.27
C GLU A 69 -2.73 -7.72 -2.62
N TYR A 70 -2.33 -7.61 -1.37
CA TYR A 70 -1.77 -8.73 -0.63
C TYR A 70 -2.87 -9.52 0.08
N ASN A 71 -4.02 -8.90 0.27
CA ASN A 71 -5.15 -9.53 0.95
C ASN A 71 -5.98 -10.37 -0.01
N ASN A 72 -5.97 -10.00 -1.29
CA ASN A 72 -6.74 -10.73 -2.29
C ASN A 72 -6.01 -11.98 -2.75
N LYS A 73 -4.68 -11.89 -2.83
CA LYS A 73 -3.86 -13.03 -3.28
C LYS A 73 -4.21 -14.29 -2.50
N ASN A 74 -4.39 -14.15 -1.18
CA ASN A 74 -4.72 -15.30 -0.34
C ASN A 74 -4.98 -14.88 1.10
N ASN A 75 -4.21 -13.91 1.57
CA ASN A 75 -4.34 -13.41 2.94
C ASN A 75 -5.81 -13.13 3.29
N ALA A 76 -6.07 -12.87 4.56
CA ALA A 76 -7.42 -12.59 5.02
C ALA A 76 -8.02 -11.39 4.31
N LEU A 77 -9.19 -10.96 4.76
CA LEU A 77 -9.87 -9.82 4.16
C LEU A 77 -10.12 -8.73 5.20
N LEU A 78 -9.15 -7.83 5.35
CA LEU A 78 -9.27 -6.74 6.32
C LEU A 78 -9.51 -5.42 5.60
N GLU A 79 -9.55 -4.33 6.37
CA GLU A 79 -9.78 -3.01 5.79
C GLU A 79 -8.88 -1.96 6.45
N PHE A 80 -8.25 -1.13 5.63
CA PHE A 80 -7.36 -0.09 6.13
C PHE A 80 -8.17 1.13 6.57
N VAL A 81 -7.66 1.86 7.55
CA VAL A 81 -8.33 3.05 8.06
C VAL A 81 -7.66 4.31 7.56
N ARG A 82 -6.32 4.27 7.47
CA ARG A 82 -5.55 5.41 7.00
C ARG A 82 -4.06 5.13 7.09
N VAL A 83 -3.26 5.96 6.42
CA VAL A 83 -1.81 5.79 6.42
C VAL A 83 -1.18 6.57 7.57
N VAL A 84 -0.15 5.99 8.19
CA VAL A 84 0.54 6.62 9.30
C VAL A 84 2.01 6.92 8.95
N LYS A 85 2.50 6.30 7.86
CA LYS A 85 3.87 6.51 7.44
C LYS A 85 3.99 6.42 5.92
N ALA A 86 5.04 7.06 5.38
CA ALA A 86 5.27 7.05 3.94
C ALA A 86 6.74 7.32 3.63
N LYS A 87 7.33 6.44 2.83
CA LYS A 87 8.73 6.57 2.45
C LYS A 87 8.92 6.33 0.96
N GLU A 88 10.02 6.83 0.42
CA GLU A 88 10.32 6.67 -1.01
C GLU A 88 11.67 6.00 -1.21
N GLN A 89 11.80 5.26 -2.31
CA GLN A 89 13.04 4.56 -2.62
C GLN A 89 13.16 4.29 -4.12
N VAL A 90 14.39 4.25 -4.62
CA VAL A 90 14.63 4.02 -6.03
C VAL A 90 15.28 2.65 -6.25
N VAL A 91 14.62 1.81 -7.05
CA VAL A 91 15.13 0.49 -7.36
C VAL A 91 14.50 -0.06 -8.63
N SER A 92 15.21 0.06 -9.74
CA SER A 92 14.71 -0.42 -11.02
C SER A 92 13.41 0.29 -11.40
N GLY A 93 13.24 1.50 -10.90
CA GLY A 93 12.04 2.27 -11.19
C GLY A 93 11.67 3.20 -10.06
N MET A 94 10.55 2.91 -9.39
CA MET A 94 10.09 3.73 -8.29
C MET A 94 9.36 2.88 -7.24
N MET A 95 9.94 2.79 -6.05
CA MET A 95 9.35 2.02 -4.97
C MET A 95 8.93 2.93 -3.81
N HIS A 96 7.79 2.62 -3.20
CA HIS A 96 7.30 3.42 -2.09
C HIS A 96 6.97 2.54 -0.88
N TYR A 97 7.52 2.90 0.27
CA TYR A 97 7.28 2.16 1.50
C TYR A 97 6.39 2.95 2.45
N LEU A 98 5.09 2.67 2.40
CA LEU A 98 4.13 3.37 3.25
C LEU A 98 3.50 2.43 4.26
N THR A 99 3.27 2.94 5.47
CA THR A 99 2.66 2.15 6.53
C THR A 99 1.28 2.69 6.86
N VAL A 100 0.31 1.80 7.00
CA VAL A 100 -1.06 2.20 7.31
C VAL A 100 -1.69 1.30 8.36
N GLU A 101 -2.71 1.80 9.04
CA GLU A 101 -3.40 1.03 10.07
C GLU A 101 -4.54 0.22 9.46
N VAL A 102 -4.61 -1.05 9.82
CA VAL A 102 -5.64 -1.94 9.29
C VAL A 102 -6.53 -2.48 10.42
N ASN A 103 -7.78 -2.79 10.07
CA ASN A 103 -8.73 -3.33 11.03
C ASN A 103 -9.33 -4.63 10.51
N ASP A 104 -9.64 -5.55 11.43
CA ASP A 104 -10.22 -6.83 11.05
C ASP A 104 -11.35 -7.22 12.01
N ALA A 105 -12.56 -6.75 11.72
CA ALA A 105 -13.72 -7.05 12.56
C ALA A 105 -13.45 -6.74 14.03
N GLY A 106 -12.62 -5.74 14.27
CA GLY A 106 -12.30 -5.37 15.63
C GLY A 106 -10.80 -5.30 15.88
N LYS A 107 -10.07 -6.24 15.30
CA LYS A 107 -8.61 -6.29 15.46
C LYS A 107 -7.95 -5.14 14.70
N LYS A 108 -7.43 -4.18 15.45
CA LYS A 108 -6.76 -3.01 14.86
C LYS A 108 -5.25 -3.09 15.04
N LYS A 109 -4.52 -2.70 14.02
CA LYS A 109 -3.06 -2.71 14.07
C LYS A 109 -2.45 -1.90 12.94
N LEU A 110 -1.12 -1.78 12.94
CA LEU A 110 -0.42 -1.03 11.92
C LEU A 110 0.48 -1.95 11.11
N TYR A 111 0.25 -1.97 9.79
CA TYR A 111 1.06 -2.82 8.90
C TYR A 111 1.73 -1.98 7.82
N GLU A 112 2.96 -2.35 7.48
CA GLU A 112 3.72 -1.64 6.46
C GLU A 112 3.52 -2.27 5.09
N ALA A 113 3.43 -1.44 4.06
CA ALA A 113 3.24 -1.90 2.69
C ALA A 113 4.20 -1.20 1.74
N LYS A 114 4.90 -1.99 0.92
CA LYS A 114 5.84 -1.44 -0.03
C LYS A 114 5.43 -1.78 -1.46
N VAL A 115 5.15 -0.74 -2.25
CA VAL A 115 4.74 -0.91 -3.64
C VAL A 115 5.86 -0.52 -4.59
N TRP A 116 5.89 -1.17 -5.76
CA TRP A 116 6.92 -0.89 -6.76
C TRP A 116 6.28 -0.56 -8.10
N GLU A 117 6.88 0.39 -8.81
CA GLU A 117 6.37 0.80 -10.13
C GLU A 117 7.51 1.33 -10.99
N GLN A 118 7.65 0.76 -12.19
CA GLN A 118 8.69 1.17 -13.12
C GLN A 118 8.13 2.11 -14.18
N VAL A 119 9.02 2.63 -15.02
CA VAL A 119 8.63 3.54 -16.09
C VAL A 119 8.91 2.94 -17.46
N TRP A 120 10.02 2.21 -17.57
CA TRP A 120 10.39 1.57 -18.82
C TRP A 120 9.70 0.23 -18.99
N MET A 121 9.24 -0.35 -17.88
CA MET A 121 8.55 -1.63 -17.89
C MET A 121 7.05 -1.43 -17.87
N ASN A 122 6.61 -0.30 -17.32
CA ASN A 122 5.19 0.02 -17.24
C ASN A 122 4.46 -1.00 -16.37
N PHE A 123 5.09 -1.38 -15.27
CA PHE A 123 4.49 -2.35 -14.35
C PHE A 123 4.48 -1.81 -12.92
N ARG A 124 3.40 -2.09 -12.20
CA ARG A 124 3.26 -1.63 -10.82
C ARG A 124 2.47 -2.64 -9.99
N GLN A 125 3.01 -3.00 -8.84
CA GLN A 125 2.35 -3.96 -7.95
C GLN A 125 2.92 -3.89 -6.54
N LEU A 126 2.30 -4.64 -5.63
CA LEU A 126 2.74 -4.68 -4.23
C LEU A 126 3.93 -5.62 -4.07
N GLN A 127 4.95 -5.16 -3.36
CA GLN A 127 6.14 -5.96 -3.13
C GLN A 127 5.98 -6.83 -1.89
N GLU A 128 5.84 -6.19 -0.73
CA GLU A 128 5.70 -6.92 0.53
C GLU A 128 4.79 -6.16 1.50
N PHE A 129 4.21 -6.91 2.44
CA PHE A 129 3.32 -6.33 3.44
C PHE A 129 3.65 -6.90 4.82
N THR A 130 4.26 -6.08 5.67
CA THR A 130 4.63 -6.51 7.01
C THR A 130 3.60 -6.05 8.04
N TYR A 131 3.44 -6.82 9.11
CA TYR A 131 2.50 -6.49 10.16
C TYR A 131 3.22 -5.99 11.41
N LEU A 132 3.06 -4.70 11.71
CA LEU A 132 3.69 -4.10 12.87
C LEU A 132 2.78 -4.17 14.09
N GLY A 133 3.16 -3.48 15.15
CA GLY A 133 2.36 -3.48 16.36
C GLY A 133 1.57 -2.20 16.54
N ASP A 134 0.40 -2.14 15.90
CA ASP A 134 -0.47 -0.97 15.97
C ASP A 134 0.30 0.32 15.75
N ALA A 135 -0.38 1.45 15.87
CA ALA A 135 0.24 2.76 15.69
C ALA A 135 -0.03 3.67 16.88
N MET A 1 21.12 4.27 5.42
CA MET A 1 20.41 3.21 6.17
C MET A 1 20.96 1.83 5.84
N ALA A 2 20.57 0.84 6.64
CA ALA A 2 21.02 -0.53 6.43
C ALA A 2 20.61 -1.03 5.05
N ASP A 3 19.49 -0.53 4.54
CA ASP A 3 18.99 -0.93 3.24
C ASP A 3 18.65 -2.41 3.21
N GLU A 4 18.27 -2.96 4.37
CA GLU A 4 17.93 -4.36 4.46
C GLU A 4 16.59 -4.65 3.78
N GLN A 5 15.59 -3.83 4.09
CA GLN A 5 14.26 -3.99 3.50
C GLN A 5 14.26 -3.55 2.04
N PRO A 6 14.59 -2.27 1.77
CA PRO A 6 14.62 -1.74 0.41
C PRO A 6 15.80 -2.27 -0.40
N LYS A 7 15.80 -1.99 -1.70
CA LYS A 7 16.87 -2.44 -2.58
C LYS A 7 16.96 -3.97 -2.59
N LYS A 8 16.06 -4.60 -3.37
CA LYS A 8 16.04 -6.05 -3.47
C LYS A 8 14.98 -6.51 -4.48
N PRO A 9 15.22 -7.65 -5.15
CA PRO A 9 14.27 -8.18 -6.13
C PRO A 9 12.86 -8.31 -5.58
N VAL A 10 11.94 -8.79 -6.41
CA VAL A 10 10.55 -8.95 -5.99
C VAL A 10 9.90 -10.14 -6.71
N PRO A 11 8.83 -10.70 -6.13
CA PRO A 11 8.13 -11.84 -6.72
C PRO A 11 7.25 -11.44 -7.90
N ALA A 12 6.40 -12.35 -8.35
CA ALA A 12 5.52 -12.09 -9.47
C ALA A 12 4.06 -12.30 -9.08
N ALA A 13 3.26 -11.24 -9.20
CA ALA A 13 1.85 -11.30 -8.86
C ALA A 13 1.12 -10.04 -9.30
N GLU A 14 -0.17 -10.19 -9.63
CA GLU A 14 -0.98 -9.05 -10.06
C GLU A 14 -2.43 -9.48 -10.28
N GLU A 15 -3.29 -9.13 -9.33
CA GLU A 15 -4.71 -9.48 -9.43
C GLU A 15 -5.48 -8.90 -8.25
N ALA A 16 -6.81 -8.93 -8.34
CA ALA A 16 -7.67 -8.41 -7.28
C ALA A 16 -8.78 -9.40 -6.95
N PRO A 17 -9.30 -9.33 -5.70
CA PRO A 17 -10.37 -10.23 -5.26
C PRO A 17 -11.71 -9.90 -5.91
N ALA A 18 -12.20 -10.82 -6.73
CA ALA A 18 -13.47 -10.64 -7.42
C ALA A 18 -13.44 -9.41 -8.32
N ALA A 19 -14.59 -9.04 -8.86
CA ALA A 19 -14.69 -7.88 -9.74
C ALA A 19 -14.94 -6.61 -8.93
N GLU A 20 -16.18 -6.45 -8.46
CA GLU A 20 -16.55 -5.27 -7.68
C GLU A 20 -16.71 -5.63 -6.21
N ALA A 21 -16.19 -4.77 -5.34
CA ALA A 21 -16.27 -5.00 -3.91
C ALA A 21 -15.70 -3.81 -3.13
N GLU A 22 -16.55 -3.14 -2.37
CA GLU A 22 -16.13 -1.99 -1.58
C GLU A 22 -16.05 -2.35 -0.09
N ALA A 23 -16.99 -3.16 0.36
CA ALA A 23 -17.04 -3.59 1.75
C ALA A 23 -17.19 -2.38 2.68
N GLU A 24 -18.41 -2.13 3.13
CA GLU A 24 -18.69 -1.01 4.02
C GLU A 24 -18.29 -1.35 5.46
N GLU A 25 -17.34 -0.60 6.00
CA GLU A 25 -16.88 -0.83 7.36
C GLU A 25 -16.26 0.45 7.94
N GLU A 26 -15.12 0.85 7.38
CA GLU A 26 -14.43 2.05 7.84
C GLU A 26 -15.18 3.31 7.42
N GLU A 27 -14.63 4.46 7.76
CA GLU A 27 -15.25 5.74 7.42
C GLU A 27 -14.19 6.79 7.09
N GLY A 28 -14.17 7.22 5.83
CA GLY A 28 -13.21 8.22 5.41
C GLY A 28 -13.59 8.87 4.09
N LEU A 29 -13.00 8.39 3.00
CA LEU A 29 -13.28 8.93 1.67
C LEU A 29 -14.17 7.98 0.88
N HIS A 30 -14.63 8.44 -0.29
CA HIS A 30 -15.49 7.63 -1.14
C HIS A 30 -15.15 7.85 -2.61
N LEU A 31 -15.51 6.88 -3.45
CA LEU A 31 -15.24 6.97 -4.87
C LEU A 31 -15.84 5.78 -5.62
N GLU A 32 -16.08 5.95 -6.91
CA GLU A 32 -16.64 4.88 -7.74
C GLU A 32 -15.74 3.67 -7.74
N ASP A 33 -14.43 3.90 -7.64
CA ASP A 33 -13.45 2.81 -7.64
C ASP A 33 -13.53 2.00 -8.93
N ASP A 34 -12.70 0.98 -9.03
CA ASP A 34 -12.67 0.13 -10.22
C ASP A 34 -11.70 -1.04 -10.03
N GLN A 35 -10.56 -0.75 -9.43
CA GLN A 35 -9.55 -1.78 -9.19
C GLN A 35 -8.43 -1.24 -8.29
N GLU A 36 -8.79 -0.39 -7.36
CA GLU A 36 -7.81 0.21 -6.43
C GLU A 36 -6.76 1.00 -7.20
N PRO A 37 -7.06 2.26 -7.54
CA PRO A 37 -6.13 3.12 -8.27
C PRO A 37 -4.75 3.18 -7.62
N ARG A 38 -3.87 3.99 -8.18
CA ARG A 38 -2.51 4.14 -7.65
C ARG A 38 -2.07 5.60 -7.66
N GLU A 39 -0.81 5.83 -7.31
CA GLU A 39 -0.27 7.19 -7.29
C GLU A 39 1.14 7.23 -7.87
N HIS A 40 1.74 8.41 -7.88
CA HIS A 40 3.08 8.59 -8.42
C HIS A 40 3.97 9.32 -7.41
N PRO A 41 4.63 8.57 -6.51
CA PRO A 41 5.51 9.17 -5.50
C PRO A 41 6.80 9.72 -6.12
N ILE A 42 7.46 10.61 -5.37
CA ILE A 42 8.69 11.22 -5.84
C ILE A 42 9.91 10.44 -5.37
N MET A 43 11.01 10.55 -6.10
CA MET A 43 12.24 9.85 -5.76
C MET A 43 12.68 10.19 -4.34
N GLY A 44 13.82 9.66 -3.93
CA GLY A 44 14.34 9.91 -2.61
C GLY A 44 14.99 8.69 -1.98
N GLY A 45 15.45 8.82 -0.74
CA GLY A 45 16.08 7.72 -0.06
C GLY A 45 15.21 7.15 1.05
N ILE A 46 15.78 6.24 1.83
CA ILE A 46 15.05 5.61 2.93
C ILE A 46 15.05 6.51 4.17
N TYR A 47 14.20 7.52 4.15
CA TYR A 47 14.10 8.45 5.27
C TYR A 47 13.00 9.48 5.02
N ASP A 48 12.90 9.96 3.79
CA ASP A 48 11.89 10.95 3.42
C ASP A 48 10.49 10.39 3.64
N ALA A 49 9.57 11.27 4.01
CA ALA A 49 8.18 10.87 4.24
C ALA A 49 7.26 12.08 4.26
N PRO A 50 7.31 12.93 3.21
CA PRO A 50 6.49 14.12 3.11
C PRO A 50 5.05 13.80 2.69
N LEU A 51 4.90 12.75 1.89
CA LEU A 51 3.58 12.33 1.42
C LEU A 51 2.88 13.46 0.69
N ASN A 52 3.10 13.54 -0.63
CA ASN A 52 2.49 14.58 -1.44
C ASN A 52 1.05 14.23 -1.77
N ASN A 53 0.77 12.93 -1.89
CA ASN A 53 -0.57 12.47 -2.21
C ASN A 53 -1.42 12.32 -0.95
N GLU A 54 -1.70 13.43 -0.29
CA GLU A 54 -2.49 13.43 0.93
C GLU A 54 -3.92 13.93 0.66
N ASN A 55 -4.32 13.95 -0.60
CA ASN A 55 -5.65 14.40 -0.98
C ASN A 55 -6.72 13.51 -0.37
N GLY A 56 -6.39 12.23 -0.19
CA GLY A 56 -7.33 11.29 0.39
C GLY A 56 -7.63 10.13 -0.53
N PHE A 57 -7.95 10.43 -1.78
CA PHE A 57 -8.26 9.40 -2.77
C PHE A 57 -7.01 8.59 -3.11
N ASP A 58 -5.86 9.27 -3.17
CA ASP A 58 -4.60 8.62 -3.49
C ASP A 58 -4.12 7.76 -2.32
N LYS A 59 -4.17 8.34 -1.12
CA LYS A 59 -3.74 7.63 0.08
C LYS A 59 -4.62 6.41 0.34
N GLU A 60 -5.93 6.58 0.15
CA GLU A 60 -6.87 5.49 0.36
C GLU A 60 -6.72 4.41 -0.70
N ASP A 61 -6.68 4.82 -1.97
CA ASP A 61 -6.52 3.89 -3.06
C ASP A 61 -5.24 3.06 -2.91
N LEU A 62 -4.16 3.72 -2.53
CA LEU A 62 -2.88 3.06 -2.33
C LEU A 62 -2.95 2.07 -1.17
N ALA A 63 -3.39 2.56 -0.02
CA ALA A 63 -3.51 1.73 1.18
C ALA A 63 -4.33 0.48 0.90
N ARG A 64 -5.55 0.69 0.39
CA ARG A 64 -6.43 -0.43 0.08
C ARG A 64 -5.83 -1.32 -0.99
N PHE A 65 -5.13 -0.71 -1.94
CA PHE A 65 -4.50 -1.46 -3.03
C PHE A 65 -3.51 -2.47 -2.48
N ALA A 66 -2.53 -1.99 -1.72
CA ALA A 66 -1.53 -2.86 -1.13
C ALA A 66 -2.15 -3.90 -0.20
N VAL A 67 -2.94 -3.41 0.77
CA VAL A 67 -3.60 -4.29 1.72
C VAL A 67 -4.38 -5.40 1.00
N ARG A 68 -5.23 -5.00 0.07
CA ARG A 68 -6.02 -5.96 -0.70
C ARG A 68 -5.13 -6.80 -1.60
N GLU A 69 -4.01 -6.23 -2.03
CA GLU A 69 -3.08 -6.93 -2.90
C GLU A 69 -2.48 -8.14 -2.18
N TYR A 70 -2.15 -7.96 -0.90
CA TYR A 70 -1.58 -9.04 -0.11
C TYR A 70 -2.66 -9.84 0.61
N ASN A 71 -3.84 -9.25 0.75
CA ASN A 71 -4.95 -9.90 1.43
C ASN A 71 -5.75 -10.79 0.48
N ASN A 72 -5.66 -10.51 -0.82
CA ASN A 72 -6.38 -11.30 -1.83
C ASN A 72 -5.60 -12.56 -2.21
N LYS A 73 -4.28 -12.44 -2.25
CA LYS A 73 -3.42 -13.57 -2.62
C LYS A 73 -3.76 -14.81 -1.81
N ASN A 74 -3.91 -14.64 -0.50
CA ASN A 74 -4.23 -15.75 0.37
C ASN A 74 -4.43 -15.29 1.81
N ASN A 75 -3.71 -14.25 2.22
CA ASN A 75 -3.82 -13.72 3.57
C ASN A 75 -5.27 -13.50 3.97
N ALA A 76 -5.49 -13.16 5.24
CA ALA A 76 -6.83 -12.93 5.75
C ALA A 76 -7.55 -11.83 4.96
N LEU A 77 -8.75 -11.48 5.41
CA LEU A 77 -9.54 -10.44 4.74
C LEU A 77 -9.87 -9.31 5.72
N LEU A 78 -8.97 -8.35 5.83
CA LEU A 78 -9.17 -7.21 6.73
C LEU A 78 -9.48 -5.95 5.93
N GLU A 79 -9.63 -4.83 6.63
CA GLU A 79 -9.93 -3.56 5.98
C GLU A 79 -9.13 -2.42 6.61
N PHE A 80 -8.52 -1.60 5.76
CA PHE A 80 -7.73 -0.46 6.24
C PHE A 80 -8.62 0.71 6.60
N VAL A 81 -8.19 1.51 7.56
CA VAL A 81 -8.96 2.67 8.00
C VAL A 81 -8.36 3.96 7.45
N ARG A 82 -7.03 4.01 7.39
CA ARG A 82 -6.32 5.18 6.89
C ARG A 82 -4.82 4.99 7.01
N VAL A 83 -4.06 5.84 6.30
CA VAL A 83 -2.61 5.76 6.33
C VAL A 83 -2.03 6.66 7.41
N VAL A 84 -0.97 6.19 8.07
CA VAL A 84 -0.32 6.94 9.13
C VAL A 84 1.11 7.31 8.74
N LYS A 85 1.66 6.62 7.75
CA LYS A 85 3.03 6.87 7.30
C LYS A 85 3.18 6.64 5.80
N ALA A 86 4.18 7.28 5.21
CA ALA A 86 4.43 7.14 3.78
C ALA A 86 5.85 7.59 3.43
N LYS A 87 6.61 6.69 2.82
CA LYS A 87 7.98 6.98 2.42
C LYS A 87 8.22 6.59 0.97
N GLU A 88 9.19 7.24 0.34
CA GLU A 88 9.52 6.97 -1.05
C GLU A 88 11.00 6.64 -1.21
N GLN A 89 11.31 5.81 -2.20
CA GLN A 89 12.69 5.40 -2.46
C GLN A 89 12.85 4.95 -3.91
N VAL A 90 14.09 4.95 -4.40
CA VAL A 90 14.37 4.54 -5.76
C VAL A 90 15.08 3.19 -5.80
N VAL A 91 14.50 2.23 -6.51
CA VAL A 91 15.07 0.91 -6.64
C VAL A 91 14.51 0.20 -7.88
N SER A 92 15.25 0.26 -8.98
CA SER A 92 14.83 -0.36 -10.23
C SER A 92 13.52 0.25 -10.70
N GLY A 93 13.27 1.49 -10.32
CA GLY A 93 12.05 2.16 -10.71
C GLY A 93 11.57 3.15 -9.65
N MET A 94 10.45 2.84 -9.02
CA MET A 94 9.90 3.70 -7.98
C MET A 94 9.21 2.87 -6.89
N MET A 95 9.77 2.90 -5.68
CA MET A 95 9.20 2.16 -4.57
C MET A 95 8.62 3.10 -3.52
N HIS A 96 7.54 2.68 -2.86
CA HIS A 96 6.91 3.49 -1.84
C HIS A 96 6.50 2.66 -0.64
N TYR A 97 7.07 2.97 0.52
CA TYR A 97 6.77 2.26 1.75
C TYR A 97 5.82 3.07 2.62
N LEU A 98 4.56 2.68 2.63
CA LEU A 98 3.55 3.40 3.42
C LEU A 98 2.96 2.50 4.50
N THR A 99 2.70 3.09 5.67
CA THR A 99 2.12 2.37 6.79
C THR A 99 0.71 2.86 7.06
N VAL A 100 -0.23 1.93 7.16
CA VAL A 100 -1.63 2.29 7.41
C VAL A 100 -2.23 1.42 8.52
N GLU A 101 -3.33 1.91 9.10
CA GLU A 101 -4.00 1.18 10.16
C GLU A 101 -5.05 0.23 9.57
N VAL A 102 -5.02 -1.03 10.01
CA VAL A 102 -5.95 -2.03 9.51
C VAL A 102 -6.79 -2.62 10.64
N ASN A 103 -8.01 -3.01 10.31
CA ASN A 103 -8.92 -3.60 11.29
C ASN A 103 -9.46 -4.94 10.79
N ASP A 104 -9.67 -5.87 11.71
CA ASP A 104 -10.18 -7.18 11.37
C ASP A 104 -11.03 -7.76 12.49
N ALA A 105 -12.34 -7.84 12.26
CA ALA A 105 -13.25 -8.38 13.27
C ALA A 105 -13.11 -7.66 14.60
N GLY A 106 -12.71 -6.39 14.54
CA GLY A 106 -12.54 -5.62 15.76
C GLY A 106 -11.09 -5.39 16.09
N LYS A 107 -10.23 -6.31 15.67
CA LYS A 107 -8.79 -6.21 15.94
C LYS A 107 -8.20 -5.04 15.18
N LYS A 108 -7.81 -3.99 15.91
CA LYS A 108 -7.22 -2.81 15.30
C LYS A 108 -5.70 -2.81 15.49
N LYS A 109 -4.97 -2.55 14.40
CA LYS A 109 -3.52 -2.52 14.45
C LYS A 109 -2.95 -1.70 13.29
N LEU A 110 -1.64 -1.50 13.32
CA LEU A 110 -0.96 -0.74 12.27
C LEU A 110 -0.01 -1.64 11.49
N TYR A 111 -0.22 -1.74 10.18
CA TYR A 111 0.63 -2.56 9.33
C TYR A 111 1.29 -1.74 8.24
N GLU A 112 2.50 -2.13 7.85
CA GLU A 112 3.25 -1.43 6.82
C GLU A 112 3.17 -2.17 5.49
N ALA A 113 3.14 -1.41 4.40
CA ALA A 113 3.06 -2.00 3.07
C ALA A 113 4.06 -1.33 2.12
N LYS A 114 4.83 -2.15 1.39
CA LYS A 114 5.80 -1.63 0.45
C LYS A 114 5.44 -2.00 -0.99
N VAL A 115 5.13 -0.98 -1.79
CA VAL A 115 4.75 -1.20 -3.18
C VAL A 115 5.87 -0.78 -4.13
N TRP A 116 5.94 -1.44 -5.27
CA TRP A 116 6.96 -1.14 -6.28
C TRP A 116 6.33 -0.85 -7.62
N GLU A 117 6.91 0.11 -8.35
CA GLU A 117 6.40 0.49 -9.67
C GLU A 117 7.53 1.02 -10.54
N GLN A 118 7.73 0.36 -11.69
CA GLN A 118 8.78 0.76 -12.62
C GLN A 118 8.21 1.61 -13.75
N VAL A 119 9.10 2.13 -14.60
CA VAL A 119 8.67 2.95 -15.72
C VAL A 119 9.03 2.29 -17.05
N TRP A 120 10.20 1.64 -17.09
CA TRP A 120 10.66 0.96 -18.30
C TRP A 120 10.03 -0.43 -18.41
N MET A 121 9.58 -0.96 -17.27
CA MET A 121 8.96 -2.29 -17.25
C MET A 121 7.44 -2.17 -17.29
N ASN A 122 6.93 -1.04 -16.82
CA ASN A 122 5.49 -0.80 -16.79
C ASN A 122 4.79 -1.81 -15.90
N PHE A 123 5.34 -2.02 -14.71
CA PHE A 123 4.77 -2.95 -13.74
C PHE A 123 4.67 -2.32 -12.37
N ARG A 124 3.55 -2.56 -11.69
CA ARG A 124 3.33 -2.02 -10.36
C ARG A 124 2.55 -3.01 -9.49
N GLN A 125 3.10 -3.35 -8.33
CA GLN A 125 2.45 -4.29 -7.42
C GLN A 125 3.04 -4.19 -6.01
N LEU A 126 2.45 -4.93 -5.08
CA LEU A 126 2.91 -4.94 -3.70
C LEU A 126 4.01 -5.99 -3.50
N GLN A 127 5.05 -5.62 -2.77
CA GLN A 127 6.16 -6.52 -2.52
C GLN A 127 5.98 -7.26 -1.20
N GLU A 128 5.89 -6.51 -0.10
CA GLU A 128 5.72 -7.11 1.21
C GLU A 128 4.77 -6.30 2.08
N PHE A 129 4.20 -6.97 3.08
CA PHE A 129 3.26 -6.35 4.01
C PHE A 129 3.56 -6.81 5.44
N THR A 130 4.10 -5.90 6.25
CA THR A 130 4.44 -6.22 7.63
C THR A 130 3.35 -5.74 8.59
N TYR A 131 3.22 -6.44 9.71
CA TYR A 131 2.21 -6.08 10.71
C TYR A 131 2.87 -5.54 11.98
N LEU A 132 2.68 -4.26 12.22
CA LEU A 132 3.26 -3.61 13.40
C LEU A 132 2.33 -3.74 14.60
N GLY A 133 2.65 -3.03 15.67
CA GLY A 133 1.84 -3.07 16.87
C GLY A 133 0.54 -2.29 16.72
N ASP A 134 0.67 -0.97 16.63
CA ASP A 134 -0.50 -0.10 16.49
C ASP A 134 -0.08 1.36 16.31
N ALA A 135 -0.99 2.17 15.79
CA ALA A 135 -0.71 3.58 15.57
C ALA A 135 -1.44 4.45 16.59
N MET A 1 20.50 6.08 7.43
CA MET A 1 19.07 6.40 7.17
C MET A 1 18.15 5.38 7.84
N ALA A 2 16.88 5.39 7.45
CA ALA A 2 15.91 4.47 8.03
C ALA A 2 16.31 3.02 7.78
N ASP A 3 16.71 2.72 6.55
CA ASP A 3 17.12 1.37 6.18
C ASP A 3 15.99 0.38 6.41
N GLU A 4 15.39 -0.08 5.31
CA GLU A 4 14.29 -1.04 5.38
C GLU A 4 14.10 -1.76 4.04
N GLN A 5 15.08 -2.60 3.68
CA GLN A 5 15.01 -3.34 2.44
C GLN A 5 14.94 -2.39 1.24
N PRO A 6 15.89 -1.45 1.15
CA PRO A 6 15.94 -0.48 0.05
C PRO A 6 16.34 -1.12 -1.28
N LYS A 7 17.38 -1.95 -1.23
CA LYS A 7 17.88 -2.63 -2.42
C LYS A 7 17.73 -4.15 -2.29
N LYS A 8 16.76 -4.70 -3.01
CA LYS A 8 16.52 -6.14 -2.97
C LYS A 8 15.44 -6.53 -3.99
N PRO A 9 15.51 -7.77 -4.51
CA PRO A 9 14.54 -8.27 -5.49
C PRO A 9 13.10 -8.08 -5.02
N VAL A 10 12.15 -8.51 -5.85
CA VAL A 10 10.74 -8.40 -5.52
C VAL A 10 9.97 -9.64 -5.97
N PRO A 11 8.82 -9.91 -5.33
CA PRO A 11 7.99 -11.07 -5.67
C PRO A 11 7.19 -10.86 -6.94
N ALA A 12 6.23 -11.75 -7.19
CA ALA A 12 5.40 -11.66 -8.38
C ALA A 12 3.95 -12.03 -8.07
N ALA A 13 3.04 -11.08 -8.29
CA ALA A 13 1.62 -11.32 -8.04
C ALA A 13 0.75 -10.32 -8.79
N GLU A 14 -0.52 -10.65 -8.94
CA GLU A 14 -1.46 -9.79 -9.65
C GLU A 14 -2.86 -10.38 -9.63
N GLU A 15 -3.82 -9.64 -10.19
CA GLU A 15 -5.22 -10.08 -10.23
C GLU A 15 -5.86 -10.00 -8.86
N ALA A 16 -6.38 -8.82 -8.53
CA ALA A 16 -7.03 -8.60 -7.24
C ALA A 16 -8.15 -9.61 -7.01
N PRO A 17 -8.67 -9.69 -5.77
CA PRO A 17 -9.76 -10.61 -5.43
C PRO A 17 -11.09 -10.18 -6.02
N ALA A 18 -12.09 -11.05 -5.92
CA ALA A 18 -13.42 -10.75 -6.45
C ALA A 18 -14.40 -10.48 -5.32
N ALA A 19 -14.67 -9.20 -5.06
CA ALA A 19 -15.59 -8.81 -4.00
C ALA A 19 -16.99 -8.62 -4.55
N GLU A 20 -17.90 -9.53 -4.21
CA GLU A 20 -19.28 -9.45 -4.67
C GLU A 20 -19.99 -8.24 -4.08
N ALA A 21 -19.68 -7.94 -2.81
CA ALA A 21 -20.28 -6.80 -2.13
C ALA A 21 -19.28 -6.12 -1.21
N GLU A 22 -19.26 -4.79 -1.23
CA GLU A 22 -18.35 -4.02 -0.39
C GLU A 22 -19.05 -2.79 0.18
N ALA A 23 -18.55 -2.32 1.31
CA ALA A 23 -19.13 -1.14 1.96
C ALA A 23 -18.03 -0.20 2.46
N GLU A 24 -18.43 0.80 3.24
CA GLU A 24 -17.48 1.77 3.79
C GLU A 24 -17.79 2.06 5.25
N GLU A 25 -16.75 2.05 6.09
CA GLU A 25 -16.91 2.31 7.51
C GLU A 25 -15.67 3.00 8.07
N GLU A 26 -14.52 2.36 7.91
CA GLU A 26 -13.26 2.91 8.39
C GLU A 26 -12.97 4.26 7.76
N GLU A 27 -12.57 5.22 8.58
CA GLU A 27 -12.26 6.56 8.09
C GLU A 27 -13.47 7.20 7.43
N GLY A 28 -13.37 8.48 7.12
CA GLY A 28 -14.46 9.19 6.47
C GLY A 28 -14.29 9.30 4.98
N LEU A 29 -13.58 8.34 4.39
CA LEU A 29 -13.33 8.34 2.95
C LEU A 29 -14.19 7.29 2.26
N HIS A 30 -13.95 7.10 0.97
CA HIS A 30 -14.70 6.13 0.18
C HIS A 30 -14.04 5.89 -1.18
N LEU A 31 -14.69 5.10 -2.02
CA LEU A 31 -14.18 4.80 -3.35
C LEU A 31 -15.30 4.34 -4.28
N GLU A 32 -15.16 4.66 -5.56
CA GLU A 32 -16.16 4.29 -6.55
C GLU A 32 -16.16 2.78 -6.77
N ASP A 33 -17.28 2.27 -7.27
CA ASP A 33 -17.42 0.83 -7.53
C ASP A 33 -16.45 0.39 -8.63
N ASP A 34 -15.19 0.21 -8.27
CA ASP A 34 -14.18 -0.21 -9.23
C ASP A 34 -12.95 -0.78 -8.51
N GLN A 35 -11.93 -1.12 -9.28
CA GLN A 35 -10.70 -1.67 -8.72
C GLN A 35 -9.96 -0.62 -7.87
N GLU A 36 -8.79 -1.00 -7.37
CA GLU A 36 -8.00 -0.10 -6.55
C GLU A 36 -6.84 0.48 -7.36
N PRO A 37 -7.03 1.65 -7.99
CA PRO A 37 -6.00 2.31 -8.79
C PRO A 37 -4.83 2.80 -7.94
N ARG A 38 -3.67 2.94 -8.56
CA ARG A 38 -2.48 3.40 -7.86
C ARG A 38 -2.18 4.86 -8.19
N GLU A 39 -1.05 5.36 -7.70
CA GLU A 39 -0.65 6.74 -7.94
C GLU A 39 0.75 6.81 -8.53
N HIS A 40 1.21 8.02 -8.82
CA HIS A 40 2.54 8.21 -9.38
C HIS A 40 3.46 8.95 -8.39
N PRO A 41 4.15 8.20 -7.52
CA PRO A 41 5.04 8.78 -6.53
C PRO A 41 6.30 9.39 -7.16
N ILE A 42 7.08 10.10 -6.36
CA ILE A 42 8.29 10.74 -6.84
C ILE A 42 9.53 10.13 -6.18
N MET A 43 10.68 10.29 -6.82
CA MET A 43 11.93 9.76 -6.30
C MET A 43 12.23 10.34 -4.92
N GLY A 44 13.39 9.99 -4.38
CA GLY A 44 13.78 10.47 -3.06
C GLY A 44 14.39 9.40 -2.19
N GLY A 45 15.45 9.74 -1.47
CA GLY A 45 16.10 8.79 -0.61
C GLY A 45 15.18 8.23 0.46
N ILE A 46 15.75 7.62 1.48
CA ILE A 46 14.97 7.04 2.57
C ILE A 46 14.70 8.08 3.66
N TYR A 47 14.15 9.22 3.26
CA TYR A 47 13.85 10.28 4.20
C TYR A 47 13.09 11.42 3.52
N ASP A 48 12.25 11.07 2.56
CA ASP A 48 11.47 12.06 1.82
C ASP A 48 10.16 11.46 1.30
N ALA A 49 9.05 12.01 1.75
CA ALA A 49 7.74 11.52 1.32
C ALA A 49 6.64 12.52 1.69
N PRO A 50 6.69 13.73 1.11
CA PRO A 50 5.69 14.77 1.37
C PRO A 50 4.27 14.27 1.15
N LEU A 51 4.12 13.29 0.25
CA LEU A 51 2.81 12.72 -0.05
C LEU A 51 1.85 13.80 -0.54
N ASN A 52 2.12 14.31 -1.74
CA ASN A 52 1.28 15.36 -2.33
C ASN A 52 -0.16 14.88 -2.48
N ASN A 53 -0.32 13.57 -2.71
CA ASN A 53 -1.65 12.99 -2.86
C ASN A 53 -2.20 12.52 -1.51
N GLU A 54 -2.20 13.42 -0.54
CA GLU A 54 -2.69 13.11 0.80
C GLU A 54 -4.15 13.50 0.95
N ASN A 55 -4.84 13.73 -0.17
CA ASN A 55 -6.25 14.11 -0.15
C ASN A 55 -7.08 13.05 0.57
N GLY A 56 -6.65 11.81 0.49
CA GLY A 56 -7.37 10.72 1.14
C GLY A 56 -7.72 9.59 0.18
N PHE A 57 -8.20 9.96 -1.00
CA PHE A 57 -8.57 8.97 -2.01
C PHE A 57 -7.34 8.21 -2.50
N ASP A 58 -6.26 8.93 -2.75
CA ASP A 58 -5.02 8.32 -3.21
C ASP A 58 -4.40 7.43 -2.14
N LYS A 59 -4.22 7.99 -0.95
CA LYS A 59 -3.64 7.26 0.17
C LYS A 59 -4.44 6.00 0.47
N GLU A 60 -5.77 6.14 0.44
CA GLU A 60 -6.65 5.01 0.72
C GLU A 60 -6.56 3.96 -0.38
N ASP A 61 -6.55 4.41 -1.62
CA ASP A 61 -6.47 3.51 -2.77
C ASP A 61 -5.20 2.66 -2.69
N LEU A 62 -4.08 3.31 -2.40
CA LEU A 62 -2.80 2.60 -2.30
C LEU A 62 -2.79 1.64 -1.12
N ALA A 63 -3.12 2.15 0.06
CA ALA A 63 -3.15 1.34 1.27
C ALA A 63 -4.00 0.08 1.07
N ARG A 64 -5.25 0.29 0.64
CA ARG A 64 -6.16 -0.83 0.39
C ARG A 64 -5.62 -1.74 -0.71
N PHE A 65 -5.03 -1.13 -1.73
CA PHE A 65 -4.47 -1.87 -2.84
C PHE A 65 -3.40 -2.86 -2.37
N ALA A 66 -2.38 -2.33 -1.69
CA ALA A 66 -1.30 -3.17 -1.18
C ALA A 66 -1.84 -4.23 -0.23
N VAL A 67 -2.58 -3.80 0.78
CA VAL A 67 -3.16 -4.72 1.75
C VAL A 67 -3.91 -5.85 1.05
N ARG A 68 -4.81 -5.49 0.14
CA ARG A 68 -5.59 -6.46 -0.60
C ARG A 68 -4.70 -7.27 -1.53
N GLU A 69 -3.59 -6.68 -1.96
CA GLU A 69 -2.65 -7.35 -2.85
C GLU A 69 -1.99 -8.53 -2.15
N TYR A 70 -1.61 -8.32 -0.90
CA TYR A 70 -0.97 -9.37 -0.12
C TYR A 70 -2.00 -10.22 0.62
N ASN A 71 -3.20 -9.68 0.78
CA ASN A 71 -4.28 -10.38 1.47
C ASN A 71 -5.04 -11.33 0.55
N ASN A 72 -5.03 -11.02 -0.75
CA ASN A 72 -5.73 -11.84 -1.73
C ASN A 72 -4.88 -13.04 -2.14
N LYS A 73 -3.57 -12.84 -2.21
CA LYS A 73 -2.65 -13.91 -2.60
C LYS A 73 -2.88 -15.18 -1.77
N ASN A 74 -3.06 -15.01 -0.46
CA ASN A 74 -3.29 -16.14 0.42
C ASN A 74 -3.55 -15.67 1.86
N ASN A 75 -2.85 -14.64 2.28
CA ASN A 75 -3.00 -14.10 3.63
C ASN A 75 -4.47 -13.94 4.01
N ALA A 76 -4.72 -13.68 5.29
CA ALA A 76 -6.08 -13.52 5.79
C ALA A 76 -6.80 -12.39 5.05
N LEU A 77 -7.98 -12.02 5.56
CA LEU A 77 -8.77 -10.95 4.95
C LEU A 77 -9.09 -9.86 5.97
N LEU A 78 -8.21 -8.86 6.05
CA LEU A 78 -8.40 -7.75 6.98
C LEU A 78 -8.80 -6.48 6.24
N GLU A 79 -8.92 -5.38 6.97
CA GLU A 79 -9.29 -4.11 6.36
C GLU A 79 -8.50 -2.95 6.95
N PHE A 80 -7.96 -2.10 6.08
CA PHE A 80 -7.17 -0.95 6.52
C PHE A 80 -8.09 0.22 6.89
N VAL A 81 -7.63 1.03 7.84
CA VAL A 81 -8.41 2.18 8.29
C VAL A 81 -7.84 3.48 7.73
N ARG A 82 -6.52 3.55 7.61
CA ARG A 82 -5.84 4.73 7.08
C ARG A 82 -4.34 4.59 7.19
N VAL A 83 -3.61 5.44 6.45
CA VAL A 83 -2.15 5.39 6.45
C VAL A 83 -1.59 6.27 7.56
N VAL A 84 -0.52 5.80 8.20
CA VAL A 84 0.12 6.55 9.28
C VAL A 84 1.55 6.95 8.91
N LYS A 85 2.09 6.35 7.85
CA LYS A 85 3.45 6.65 7.41
C LYS A 85 3.58 6.53 5.90
N ALA A 86 4.58 7.22 5.34
CA ALA A 86 4.83 7.18 3.91
C ALA A 86 6.27 7.56 3.58
N LYS A 87 6.92 6.74 2.76
CA LYS A 87 8.30 6.99 2.37
C LYS A 87 8.50 6.74 0.89
N GLU A 88 9.44 7.46 0.29
CA GLU A 88 9.73 7.31 -1.14
C GLU A 88 11.12 6.72 -1.35
N GLN A 89 11.20 5.73 -2.24
CA GLN A 89 12.46 5.07 -2.54
C GLN A 89 12.65 4.91 -4.05
N VAL A 90 13.90 4.77 -4.47
CA VAL A 90 14.21 4.61 -5.89
C VAL A 90 15.00 3.33 -6.14
N VAL A 91 14.42 2.43 -6.92
CA VAL A 91 15.06 1.16 -7.25
C VAL A 91 14.46 0.54 -8.51
N SER A 92 15.17 0.67 -9.63
CA SER A 92 14.70 0.13 -10.89
C SER A 92 13.34 0.73 -11.27
N GLY A 93 13.05 1.90 -10.74
CA GLY A 93 11.78 2.55 -11.04
C GLY A 93 11.35 3.50 -9.93
N MET A 94 10.25 3.17 -9.28
CA MET A 94 9.73 4.00 -8.20
C MET A 94 9.07 3.13 -7.12
N MET A 95 9.68 3.13 -5.93
CA MET A 95 9.16 2.35 -4.81
C MET A 95 8.62 3.27 -3.72
N HIS A 96 7.54 2.86 -3.07
CA HIS A 96 6.93 3.65 -2.01
C HIS A 96 6.67 2.79 -0.77
N TYR A 97 7.32 3.14 0.33
CA TYR A 97 7.15 2.41 1.59
C TYR A 97 6.20 3.18 2.50
N LEU A 98 4.93 2.77 2.50
CA LEU A 98 3.92 3.42 3.33
C LEU A 98 3.37 2.46 4.38
N THR A 99 3.13 2.98 5.57
CA THR A 99 2.58 2.17 6.67
C THR A 99 1.15 2.60 6.98
N VAL A 100 0.28 1.63 7.22
CA VAL A 100 -1.11 1.92 7.52
C VAL A 100 -1.64 1.01 8.63
N GLU A 101 -2.68 1.47 9.31
CA GLU A 101 -3.29 0.70 10.40
C GLU A 101 -4.38 -0.23 9.86
N VAL A 102 -4.25 -1.51 10.14
CA VAL A 102 -5.20 -2.50 9.68
C VAL A 102 -5.97 -3.13 10.83
N ASN A 103 -7.19 -3.58 10.55
CA ASN A 103 -8.03 -4.20 11.55
C ASN A 103 -8.50 -5.58 11.10
N ASP A 104 -8.61 -6.51 12.04
CA ASP A 104 -9.05 -7.87 11.72
C ASP A 104 -10.16 -8.32 12.65
N ALA A 105 -11.40 -8.00 12.29
CA ALA A 105 -12.56 -8.38 13.09
C ALA A 105 -12.41 -7.91 14.53
N GLY A 106 -11.70 -6.81 14.72
CA GLY A 106 -11.50 -6.27 16.06
C GLY A 106 -10.04 -6.03 16.37
N LYS A 107 -9.17 -6.93 15.91
CA LYS A 107 -7.74 -6.81 16.15
C LYS A 107 -7.16 -5.64 15.35
N LYS A 108 -6.78 -4.58 16.05
CA LYS A 108 -6.21 -3.40 15.42
C LYS A 108 -4.68 -3.40 15.53
N LYS A 109 -4.02 -3.01 14.45
CA LYS A 109 -2.56 -2.96 14.44
C LYS A 109 -2.05 -2.12 13.27
N LEU A 110 -0.73 -1.92 13.24
CA LEU A 110 -0.11 -1.13 12.18
C LEU A 110 0.85 -1.99 11.37
N TYR A 111 0.60 -2.09 10.07
CA TYR A 111 1.44 -2.87 9.18
C TYR A 111 2.06 -2.01 8.08
N GLU A 112 3.30 -2.32 7.71
CA GLU A 112 3.99 -1.57 6.68
C GLU A 112 3.84 -2.23 5.32
N ALA A 113 3.59 -1.42 4.29
CA ALA A 113 3.42 -1.93 2.93
C ALA A 113 4.33 -1.19 1.95
N LYS A 114 5.11 -1.94 1.20
CA LYS A 114 6.01 -1.34 0.22
C LYS A 114 5.62 -1.74 -1.20
N VAL A 115 5.24 -0.74 -1.99
CA VAL A 115 4.83 -0.97 -3.38
C VAL A 115 5.89 -0.50 -4.36
N TRP A 116 5.97 -1.15 -5.50
CA TRP A 116 6.95 -0.80 -6.53
C TRP A 116 6.26 -0.55 -7.87
N GLU A 117 6.76 0.44 -8.60
CA GLU A 117 6.20 0.79 -9.91
C GLU A 117 7.25 1.47 -10.78
N GLN A 118 7.40 0.96 -12.00
CA GLN A 118 8.37 1.52 -12.93
C GLN A 118 7.68 2.33 -14.02
N VAL A 119 8.48 2.94 -14.90
CA VAL A 119 7.95 3.75 -15.98
C VAL A 119 8.32 3.15 -17.34
N TRP A 120 9.52 2.59 -17.42
CA TRP A 120 10.01 1.98 -18.66
C TRP A 120 9.51 0.54 -18.79
N MET A 121 9.16 -0.07 -17.66
CA MET A 121 8.67 -1.43 -17.66
C MET A 121 7.15 -1.47 -17.64
N ASN A 122 6.55 -0.40 -17.12
CA ASN A 122 5.10 -0.30 -17.05
C ASN A 122 4.53 -1.38 -16.14
N PHE A 123 5.19 -1.62 -15.01
CA PHE A 123 4.75 -2.64 -14.07
C PHE A 123 4.65 -2.05 -12.66
N ARG A 124 3.59 -2.41 -11.95
CA ARG A 124 3.38 -1.93 -10.59
C ARG A 124 2.67 -2.98 -9.74
N GLN A 125 3.25 -3.29 -8.59
CA GLN A 125 2.68 -4.28 -7.68
C GLN A 125 3.26 -4.14 -6.28
N LEU A 126 2.69 -4.89 -5.34
CA LEU A 126 3.16 -4.86 -3.95
C LEU A 126 4.41 -5.72 -3.79
N GLN A 127 5.39 -5.18 -3.06
CA GLN A 127 6.65 -5.89 -2.84
C GLN A 127 6.58 -6.74 -1.57
N GLU A 128 6.39 -6.08 -0.43
CA GLU A 128 6.32 -6.77 0.85
C GLU A 128 5.35 -6.08 1.81
N PHE A 129 4.86 -6.85 2.78
CA PHE A 129 3.92 -6.33 3.78
C PHE A 129 4.28 -6.86 5.16
N THR A 130 4.85 -6.00 5.99
CA THR A 130 5.26 -6.38 7.34
C THR A 130 4.21 -5.95 8.36
N TYR A 131 4.12 -6.70 9.45
CA TYR A 131 3.15 -6.40 10.51
C TYR A 131 3.86 -5.82 11.73
N LEU A 132 3.62 -4.54 11.99
CA LEU A 132 4.23 -3.86 13.13
C LEU A 132 3.34 -3.97 14.36
N GLY A 133 3.70 -3.23 15.41
CA GLY A 133 2.94 -3.25 16.64
C GLY A 133 2.05 -2.03 16.79
N ASP A 134 0.88 -2.07 16.16
CA ASP A 134 -0.08 -0.97 16.22
C ASP A 134 0.59 0.38 15.95
N ALA A 135 -0.18 1.45 16.07
CA ALA A 135 0.34 2.80 15.85
C ALA A 135 -0.01 3.73 17.00
N MET A 1 19.47 -1.19 5.49
CA MET A 1 18.95 -0.39 6.62
C MET A 1 18.68 -1.27 7.83
N ALA A 2 17.98 -0.71 8.81
CA ALA A 2 17.64 -1.45 10.03
C ALA A 2 16.83 -2.69 9.72
N ASP A 3 15.71 -2.50 9.02
CA ASP A 3 14.84 -3.61 8.66
C ASP A 3 15.46 -4.46 7.56
N GLU A 4 16.35 -3.86 6.78
CA GLU A 4 17.02 -4.56 5.69
C GLU A 4 16.01 -5.10 4.68
N GLN A 5 14.90 -4.40 4.53
CA GLN A 5 13.85 -4.82 3.61
C GLN A 5 14.11 -4.25 2.21
N PRO A 6 14.31 -2.92 2.11
CA PRO A 6 14.58 -2.26 0.81
C PRO A 6 15.71 -2.94 0.04
N LYS A 7 15.79 -2.63 -1.25
CA LYS A 7 16.82 -3.21 -2.10
C LYS A 7 16.71 -4.73 -2.14
N LYS A 8 15.85 -5.23 -3.03
CA LYS A 8 15.64 -6.67 -3.17
C LYS A 8 14.66 -6.97 -4.31
N PRO A 9 14.83 -8.11 -4.98
CA PRO A 9 13.96 -8.52 -6.09
C PRO A 9 12.48 -8.46 -5.71
N VAL A 10 11.62 -8.76 -6.67
CA VAL A 10 10.17 -8.74 -6.44
C VAL A 10 9.46 -9.78 -7.31
N PRO A 11 8.27 -10.23 -6.89
CA PRO A 11 7.49 -11.22 -7.64
C PRO A 11 6.85 -10.64 -8.89
N ALA A 12 5.93 -11.39 -9.48
CA ALA A 12 5.24 -10.95 -10.69
C ALA A 12 3.75 -11.27 -10.61
N ALA A 13 2.92 -10.23 -10.68
CA ALA A 13 1.48 -10.39 -10.62
C ALA A 13 0.77 -9.06 -10.82
N GLU A 14 -0.54 -9.13 -11.05
CA GLU A 14 -1.34 -7.93 -11.26
C GLU A 14 -2.82 -8.28 -11.42
N GLU A 15 -3.59 -8.09 -10.35
CA GLU A 15 -5.01 -8.39 -10.37
C GLU A 15 -5.67 -8.00 -9.05
N ALA A 16 -6.99 -7.97 -9.03
CA ALA A 16 -7.74 -7.62 -7.83
C ALA A 16 -8.91 -8.57 -7.61
N PRO A 17 -9.43 -8.63 -6.38
CA PRO A 17 -10.56 -9.51 -6.03
C PRO A 17 -11.86 -9.04 -6.65
N ALA A 18 -12.49 -9.91 -7.44
CA ALA A 18 -13.76 -9.58 -8.08
C ALA A 18 -14.83 -9.23 -7.05
N ALA A 19 -14.89 -10.02 -5.98
CA ALA A 19 -15.87 -9.79 -4.92
C ALA A 19 -15.46 -10.49 -3.64
N GLU A 20 -15.09 -9.70 -2.62
CA GLU A 20 -14.68 -10.25 -1.34
C GLU A 20 -14.75 -9.17 -0.25
N ALA A 21 -15.56 -9.44 0.77
CA ALA A 21 -15.72 -8.50 1.88
C ALA A 21 -16.08 -9.23 3.17
N GLU A 22 -15.83 -8.58 4.30
CA GLU A 22 -16.13 -9.16 5.60
C GLU A 22 -16.52 -8.09 6.61
N ALA A 23 -15.56 -7.21 6.93
CA ALA A 23 -15.80 -6.14 7.89
C ALA A 23 -15.89 -4.79 7.18
N GLU A 24 -16.66 -3.88 7.75
CA GLU A 24 -16.82 -2.55 7.18
C GLU A 24 -16.77 -1.48 8.26
N GLU A 25 -16.00 -0.43 8.00
CA GLU A 25 -15.85 0.67 8.95
C GLU A 25 -15.59 1.99 8.23
N GLU A 26 -14.41 2.11 7.64
CA GLU A 26 -14.04 3.32 6.92
C GLU A 26 -14.11 3.11 5.41
N GLU A 27 -14.86 3.96 4.72
CA GLU A 27 -15.01 3.86 3.28
C GLU A 27 -14.19 4.94 2.57
N GLY A 28 -14.26 4.94 1.24
CA GLY A 28 -13.52 5.92 0.47
C GLY A 28 -14.12 7.31 0.57
N LEU A 29 -13.43 8.29 0.01
CA LEU A 29 -13.90 9.68 0.04
C LEU A 29 -14.93 9.92 -1.07
N HIS A 30 -14.56 9.56 -2.30
CA HIS A 30 -15.45 9.74 -3.44
C HIS A 30 -14.84 9.14 -4.70
N LEU A 31 -15.01 7.83 -4.88
CA LEU A 31 -14.48 7.14 -6.03
C LEU A 31 -15.49 6.14 -6.59
N GLU A 32 -15.54 6.02 -7.91
CA GLU A 32 -16.47 5.10 -8.56
C GLU A 32 -16.00 3.66 -8.42
N ASP A 33 -16.80 2.73 -8.92
CA ASP A 33 -16.46 1.31 -8.85
C ASP A 33 -15.36 0.96 -9.85
N ASP A 34 -14.13 1.23 -9.48
CA ASP A 34 -12.99 0.94 -10.34
C ASP A 34 -11.78 0.48 -9.53
N GLN A 35 -10.67 0.25 -10.21
CA GLN A 35 -9.45 -0.20 -9.55
C GLN A 35 -8.92 0.87 -8.60
N GLU A 36 -7.78 0.58 -7.97
CA GLU A 36 -7.17 1.52 -7.03
C GLU A 36 -5.92 2.15 -7.64
N PRO A 37 -6.11 3.18 -8.49
CA PRO A 37 -4.99 3.87 -9.13
C PRO A 37 -4.18 4.72 -8.15
N ARG A 38 -3.06 5.25 -8.62
CA ARG A 38 -2.20 6.08 -7.79
C ARG A 38 -1.03 6.65 -8.58
N GLU A 39 -0.37 7.64 -8.02
CA GLU A 39 0.78 8.26 -8.69
C GLU A 39 2.09 7.62 -8.24
N HIS A 40 3.20 8.17 -8.71
CA HIS A 40 4.52 7.65 -8.36
C HIS A 40 5.18 8.51 -7.29
N PRO A 41 6.01 7.90 -6.43
CA PRO A 41 6.70 8.62 -5.36
C PRO A 41 7.81 9.53 -5.90
N ILE A 42 8.56 10.14 -4.99
CA ILE A 42 9.65 11.03 -5.36
C ILE A 42 10.99 10.48 -4.94
N MET A 43 12.06 10.94 -5.59
CA MET A 43 13.41 10.49 -5.26
C MET A 43 13.75 10.76 -3.80
N GLY A 44 14.22 9.72 -3.11
CA GLY A 44 14.57 9.87 -1.71
C GLY A 44 15.09 8.58 -1.10
N GLY A 45 15.08 8.50 0.22
CA GLY A 45 15.55 7.31 0.90
C GLY A 45 14.64 6.88 2.04
N ILE A 46 15.04 5.84 2.76
CA ILE A 46 14.25 5.35 3.88
C ILE A 46 14.37 6.27 5.09
N TYR A 47 13.63 7.36 5.07
CA TYR A 47 13.65 8.32 6.17
C TYR A 47 12.65 9.45 5.93
N ASP A 48 12.74 10.07 4.75
CA ASP A 48 11.84 11.16 4.41
C ASP A 48 10.39 10.70 4.41
N ALA A 49 9.49 11.60 4.04
CA ALA A 49 8.06 11.28 4.00
C ALA A 49 7.26 12.42 3.39
N PRO A 50 7.49 12.72 2.10
CA PRO A 50 6.78 13.79 1.39
C PRO A 50 5.28 13.55 1.32
N LEU A 51 4.89 12.50 0.61
CA LEU A 51 3.48 12.15 0.46
C LEU A 51 2.68 13.33 -0.08
N ASN A 52 3.13 13.88 -1.21
CA ASN A 52 2.45 15.01 -1.83
C ASN A 52 1.00 14.67 -2.15
N ASN A 53 0.75 13.41 -2.44
CA ASN A 53 -0.60 12.95 -2.77
C ASN A 53 -1.40 12.65 -1.50
N GLU A 54 -1.54 13.66 -0.66
CA GLU A 54 -2.28 13.52 0.60
C GLU A 54 -3.71 14.04 0.45
N ASN A 55 -4.17 14.19 -0.79
CA ASN A 55 -5.52 14.67 -1.05
C ASN A 55 -6.56 13.76 -0.40
N GLY A 56 -6.23 12.48 -0.30
CA GLY A 56 -7.15 11.52 0.30
C GLY A 56 -7.48 10.37 -0.63
N PHE A 57 -7.85 10.70 -1.87
CA PHE A 57 -8.20 9.69 -2.86
C PHE A 57 -6.98 8.86 -3.24
N ASP A 58 -5.84 9.53 -3.38
CA ASP A 58 -4.59 8.86 -3.74
C ASP A 58 -4.10 7.98 -2.59
N LYS A 59 -4.05 8.54 -1.39
CA LYS A 59 -3.59 7.81 -0.22
C LYS A 59 -4.49 6.60 0.04
N GLU A 60 -5.80 6.79 -0.13
CA GLU A 60 -6.77 5.72 0.09
C GLU A 60 -6.58 4.61 -0.94
N ASP A 61 -6.53 5.00 -2.21
CA ASP A 61 -6.36 4.03 -3.29
C ASP A 61 -5.07 3.23 -3.11
N LEU A 62 -4.00 3.93 -2.76
CA LEU A 62 -2.70 3.30 -2.55
C LEU A 62 -2.77 2.28 -1.42
N ALA A 63 -3.25 2.72 -0.26
CA ALA A 63 -3.37 1.84 0.91
C ALA A 63 -4.22 0.62 0.58
N ARG A 64 -5.42 0.85 0.08
CA ARG A 64 -6.33 -0.24 -0.27
C ARG A 64 -5.72 -1.11 -1.35
N PHE A 65 -4.99 -0.48 -2.27
CA PHE A 65 -4.35 -1.20 -3.37
C PHE A 65 -3.38 -2.25 -2.83
N ALA A 66 -2.40 -1.80 -2.05
CA ALA A 66 -1.41 -2.70 -1.48
C ALA A 66 -2.07 -3.76 -0.60
N VAL A 67 -2.87 -3.31 0.37
CA VAL A 67 -3.56 -4.21 1.28
C VAL A 67 -4.34 -5.26 0.50
N ARG A 68 -5.23 -4.81 -0.39
CA ARG A 68 -6.04 -5.71 -1.19
C ARG A 68 -5.16 -6.56 -2.11
N GLU A 69 -4.02 -6.02 -2.51
CA GLU A 69 -3.10 -6.72 -3.38
C GLU A 69 -2.53 -7.96 -2.69
N TYR A 70 -2.17 -7.81 -1.43
CA TYR A 70 -1.61 -8.92 -0.65
C TYR A 70 -2.72 -9.70 0.05
N ASN A 71 -3.90 -9.11 0.13
CA ASN A 71 -5.04 -9.75 0.78
C ASN A 71 -5.80 -10.66 -0.19
N ASN A 72 -5.84 -10.26 -1.45
CA ASN A 72 -6.56 -11.03 -2.47
C ASN A 72 -5.78 -12.30 -2.85
N LYS A 73 -4.46 -12.20 -2.86
CA LYS A 73 -3.60 -13.32 -3.21
C LYS A 73 -3.96 -14.57 -2.39
N ASN A 74 -4.19 -14.38 -1.10
CA ASN A 74 -4.53 -15.50 -0.22
C ASN A 74 -4.81 -15.02 1.20
N ASN A 75 -4.04 -14.04 1.66
CA ASN A 75 -4.20 -13.50 3.01
C ASN A 75 -5.66 -13.21 3.33
N ALA A 76 -5.93 -12.88 4.58
CA ALA A 76 -7.30 -12.59 5.03
C ALA A 76 -7.92 -11.46 4.20
N LEU A 77 -9.06 -10.97 4.66
CA LEU A 77 -9.75 -9.89 3.96
C LEU A 77 -9.87 -8.65 4.84
N LEU A 78 -8.81 -8.34 5.56
CA LEU A 78 -8.80 -7.18 6.45
C LEU A 78 -9.16 -5.91 5.67
N GLU A 79 -9.36 -4.80 6.40
CA GLU A 79 -9.70 -3.54 5.76
C GLU A 79 -8.92 -2.38 6.37
N PHE A 80 -8.35 -1.54 5.51
CA PHE A 80 -7.58 -0.39 5.97
C PHE A 80 -8.50 0.80 6.27
N VAL A 81 -8.10 1.62 7.23
CA VAL A 81 -8.88 2.79 7.61
C VAL A 81 -8.27 4.07 7.04
N ARG A 82 -6.95 4.13 7.03
CA ARG A 82 -6.23 5.30 6.52
C ARG A 82 -4.72 5.13 6.70
N VAL A 83 -3.96 5.96 6.01
CA VAL A 83 -2.50 5.90 6.09
C VAL A 83 -1.97 6.78 7.21
N VAL A 84 -0.93 6.29 7.89
CA VAL A 84 -0.33 7.04 8.99
C VAL A 84 1.13 7.39 8.70
N LYS A 85 1.72 6.75 7.70
CA LYS A 85 3.11 7.01 7.34
C LYS A 85 3.33 6.83 5.84
N ALA A 86 4.37 7.49 5.32
CA ALA A 86 4.70 7.41 3.91
C ALA A 86 6.17 7.69 3.67
N LYS A 87 6.83 6.82 2.91
CA LYS A 87 8.25 6.97 2.62
C LYS A 87 8.54 6.64 1.16
N GLU A 88 9.59 7.25 0.62
CA GLU A 88 9.97 7.01 -0.77
C GLU A 88 11.30 6.26 -0.85
N GLN A 89 11.55 5.63 -1.99
CA GLN A 89 12.78 4.88 -2.20
C GLN A 89 12.99 4.58 -3.69
N VAL A 90 14.24 4.63 -4.12
CA VAL A 90 14.57 4.38 -5.52
C VAL A 90 15.24 3.02 -5.69
N VAL A 91 14.63 2.16 -6.48
CA VAL A 91 15.17 0.82 -6.75
C VAL A 91 14.60 0.24 -8.03
N SER A 92 15.36 0.35 -9.11
CA SER A 92 14.92 -0.16 -10.41
C SER A 92 13.63 0.51 -10.86
N GLY A 93 13.42 1.74 -10.38
CA GLY A 93 12.22 2.48 -10.74
C GLY A 93 11.79 3.44 -9.65
N MET A 94 10.65 3.16 -9.04
CA MET A 94 10.12 4.02 -7.99
C MET A 94 9.41 3.18 -6.93
N MET A 95 9.97 3.16 -5.71
CA MET A 95 9.39 2.42 -4.61
C MET A 95 8.86 3.36 -3.53
N HIS A 96 7.76 2.97 -2.89
CA HIS A 96 7.16 3.78 -1.86
C HIS A 96 6.71 2.93 -0.67
N TYR A 97 7.31 3.16 0.48
CA TYR A 97 6.97 2.42 1.70
C TYR A 97 6.03 3.24 2.57
N LEU A 98 4.74 2.91 2.54
CA LEU A 98 3.75 3.63 3.32
C LEU A 98 3.11 2.73 4.37
N THR A 99 2.86 3.30 5.55
CA THR A 99 2.23 2.56 6.63
C THR A 99 0.81 3.05 6.87
N VAL A 100 -0.12 2.12 7.02
CA VAL A 100 -1.52 2.47 7.24
C VAL A 100 -2.14 1.62 8.34
N GLU A 101 -3.26 2.10 8.89
CA GLU A 101 -3.96 1.38 9.95
C GLU A 101 -4.97 0.41 9.34
N VAL A 102 -4.94 -0.83 9.82
CA VAL A 102 -5.85 -1.86 9.31
C VAL A 102 -6.66 -2.50 10.43
N ASN A 103 -7.91 -2.80 10.15
CA ASN A 103 -8.80 -3.43 11.11
C ASN A 103 -9.30 -4.77 10.59
N ASP A 104 -9.54 -5.70 11.51
CA ASP A 104 -10.01 -7.03 11.15
C ASP A 104 -10.92 -7.60 12.23
N ALA A 105 -12.23 -7.61 11.96
CA ALA A 105 -13.20 -8.14 12.91
C ALA A 105 -13.11 -7.41 14.25
N GLY A 106 -12.72 -6.14 14.21
CA GLY A 106 -12.59 -5.35 15.42
C GLY A 106 -11.15 -5.14 15.82
N LYS A 107 -10.27 -6.06 15.45
CA LYS A 107 -8.86 -5.96 15.77
C LYS A 107 -8.21 -4.81 15.01
N LYS A 108 -7.86 -3.76 15.73
CA LYS A 108 -7.22 -2.59 15.13
C LYS A 108 -5.70 -2.66 15.29
N LYS A 109 -4.98 -2.42 14.19
CA LYS A 109 -3.54 -2.45 14.21
C LYS A 109 -2.95 -1.62 13.07
N LEU A 110 -1.63 -1.45 13.09
CA LEU A 110 -0.95 -0.68 12.05
C LEU A 110 -0.01 -1.58 11.25
N TYR A 111 -0.23 -1.65 9.94
CA TYR A 111 0.59 -2.47 9.06
C TYR A 111 1.26 -1.64 7.99
N GLU A 112 2.49 -2.00 7.65
CA GLU A 112 3.26 -1.28 6.63
C GLU A 112 3.17 -1.99 5.29
N ALA A 113 3.20 -1.21 4.21
CA ALA A 113 3.12 -1.75 2.86
C ALA A 113 4.13 -1.07 1.93
N LYS A 114 4.87 -1.87 1.17
CA LYS A 114 5.85 -1.34 0.23
C LYS A 114 5.45 -1.64 -1.21
N VAL A 115 5.20 -0.58 -1.97
CA VAL A 115 4.81 -0.72 -3.37
C VAL A 115 5.95 -0.33 -4.31
N TRP A 116 5.98 -0.96 -5.47
CA TRP A 116 7.02 -0.68 -6.46
C TRP A 116 6.41 -0.34 -7.82
N GLU A 117 7.01 0.61 -8.52
CA GLU A 117 6.53 1.03 -9.83
C GLU A 117 7.69 1.54 -10.69
N GLN A 118 7.87 0.91 -11.85
CA GLN A 118 8.93 1.29 -12.77
C GLN A 118 8.41 2.21 -13.86
N VAL A 119 9.31 2.74 -14.68
CA VAL A 119 8.93 3.63 -15.77
C VAL A 119 9.28 3.01 -17.12
N TRP A 120 10.42 2.34 -17.19
CA TRP A 120 10.87 1.70 -18.42
C TRP A 120 10.20 0.34 -18.61
N MET A 121 9.72 -0.24 -17.51
CA MET A 121 9.06 -1.54 -17.56
C MET A 121 7.55 -1.37 -17.58
N ASN A 122 7.07 -0.25 -17.06
CA ASN A 122 5.63 0.03 -17.02
C ASN A 122 4.90 -1.01 -16.18
N PHE A 123 5.36 -1.20 -14.95
CA PHE A 123 4.75 -2.17 -14.04
C PHE A 123 4.69 -1.61 -12.62
N ARG A 124 3.58 -1.86 -11.95
CA ARG A 124 3.39 -1.40 -10.57
C ARG A 124 2.62 -2.41 -9.75
N GLN A 125 3.18 -2.80 -8.61
CA GLN A 125 2.53 -3.78 -7.73
C GLN A 125 3.13 -3.75 -6.34
N LEU A 126 2.53 -4.50 -5.42
CA LEU A 126 2.99 -4.56 -4.05
C LEU A 126 4.08 -5.62 -3.89
N GLN A 127 5.10 -5.31 -3.10
CA GLN A 127 6.20 -6.25 -2.88
C GLN A 127 6.03 -6.99 -1.56
N GLU A 128 5.87 -6.25 -0.47
CA GLU A 128 5.69 -6.87 0.84
C GLU A 128 4.75 -6.06 1.72
N PHE A 129 4.15 -6.74 2.69
CA PHE A 129 3.23 -6.13 3.64
C PHE A 129 3.52 -6.61 5.05
N THR A 130 4.04 -5.73 5.89
CA THR A 130 4.37 -6.08 7.26
C THR A 130 3.28 -5.64 8.23
N TYR A 131 3.15 -6.36 9.33
CA TYR A 131 2.14 -6.04 10.33
C TYR A 131 2.79 -5.55 11.63
N LEU A 132 2.64 -4.26 11.91
CA LEU A 132 3.21 -3.67 13.11
C LEU A 132 2.25 -3.81 14.30
N GLY A 133 2.58 -3.13 15.39
CA GLY A 133 1.74 -3.19 16.57
C GLY A 133 0.45 -2.41 16.41
N ASP A 134 0.55 -1.09 16.39
CA ASP A 134 -0.62 -0.23 16.23
C ASP A 134 -0.21 1.24 16.15
N ALA A 135 -1.09 2.06 15.58
CA ALA A 135 -0.81 3.49 15.44
C ALA A 135 -1.62 4.30 16.44
N MET A 1 21.17 5.19 4.89
CA MET A 1 20.39 4.18 5.65
C MET A 1 21.05 2.81 5.59
N ALA A 2 20.59 1.89 6.44
CA ALA A 2 21.14 0.54 6.47
C ALA A 2 21.00 -0.14 5.12
N ASP A 3 19.99 0.26 4.36
CA ASP A 3 19.75 -0.32 3.04
C ASP A 3 19.45 -1.81 3.14
N GLU A 4 18.86 -2.22 4.26
CA GLU A 4 18.52 -3.60 4.48
C GLU A 4 17.18 -3.94 3.83
N GLN A 5 16.20 -3.07 4.03
CA GLN A 5 14.87 -3.25 3.46
C GLN A 5 14.87 -2.98 1.95
N PRO A 6 15.34 -1.78 1.55
CA PRO A 6 15.40 -1.40 0.13
C PRO A 6 16.55 -2.07 -0.61
N LYS A 7 16.62 -1.84 -1.92
CA LYS A 7 17.68 -2.42 -2.74
C LYS A 7 17.61 -3.94 -2.72
N LYS A 8 16.64 -4.50 -3.43
CA LYS A 8 16.47 -5.94 -3.49
C LYS A 8 15.32 -6.32 -4.43
N PRO A 9 15.39 -7.52 -5.04
CA PRO A 9 14.35 -8.00 -5.96
C PRO A 9 12.95 -7.91 -5.36
N VAL A 10 11.95 -8.32 -6.13
CA VAL A 10 10.57 -8.29 -5.67
C VAL A 10 9.86 -9.61 -6.00
N PRO A 11 8.79 -9.93 -5.25
CA PRO A 11 8.03 -11.16 -5.45
C PRO A 11 7.14 -11.08 -6.69
N ALA A 12 6.23 -12.04 -6.83
CA ALA A 12 5.31 -12.08 -7.96
C ALA A 12 3.86 -12.15 -7.50
N ALA A 13 3.09 -11.13 -7.88
CA ALA A 13 1.68 -11.07 -7.51
C ALA A 13 0.98 -9.89 -8.18
N GLU A 14 -0.27 -10.09 -8.57
CA GLU A 14 -1.04 -9.04 -9.22
C GLU A 14 -2.46 -9.51 -9.51
N GLU A 15 -3.31 -9.48 -8.48
CA GLU A 15 -4.70 -9.91 -8.62
C GLU A 15 -5.51 -9.55 -7.37
N ALA A 16 -6.83 -9.54 -7.51
CA ALA A 16 -7.71 -9.21 -6.41
C ALA A 16 -8.47 -10.45 -5.93
N PRO A 17 -9.07 -10.38 -4.72
CA PRO A 17 -9.83 -11.50 -4.16
C PRO A 17 -11.16 -11.71 -4.87
N ALA A 18 -11.40 -12.95 -5.30
CA ALA A 18 -12.63 -13.29 -5.99
C ALA A 18 -12.78 -12.47 -7.28
N ALA A 19 -13.91 -12.65 -7.95
CA ALA A 19 -14.17 -11.93 -9.20
C ALA A 19 -14.16 -10.43 -8.98
N GLU A 20 -15.06 -9.95 -8.13
CA GLU A 20 -15.15 -8.52 -7.83
C GLU A 20 -15.98 -8.28 -6.58
N ALA A 21 -15.86 -7.09 -6.01
CA ALA A 21 -16.60 -6.74 -4.81
C ALA A 21 -16.37 -5.28 -4.43
N GLU A 22 -17.09 -4.80 -3.42
CA GLU A 22 -16.97 -3.42 -2.97
C GLU A 22 -17.71 -3.22 -1.66
N ALA A 23 -16.98 -2.76 -0.64
CA ALA A 23 -17.58 -2.52 0.67
C ALA A 23 -16.57 -1.88 1.63
N GLU A 24 -17.01 -0.87 2.37
CA GLU A 24 -16.14 -0.18 3.30
C GLU A 24 -16.91 0.89 4.08
N GLU A 25 -16.46 1.18 5.30
CA GLU A 25 -17.11 2.18 6.14
C GLU A 25 -16.18 2.63 7.26
N GLU A 26 -14.89 2.71 6.95
CA GLU A 26 -13.90 3.13 7.93
C GLU A 26 -13.98 4.64 8.17
N GLU A 27 -13.99 5.41 7.10
CA GLU A 27 -14.07 6.86 7.20
C GLU A 27 -14.98 7.43 6.11
N GLY A 28 -15.16 8.75 6.13
CA GLY A 28 -16.01 9.39 5.15
C GLY A 28 -15.26 9.71 3.86
N LEU A 29 -15.02 8.69 3.06
CA LEU A 29 -14.31 8.87 1.79
C LEU A 29 -14.61 7.72 0.83
N HIS A 30 -15.24 8.06 -0.30
CA HIS A 30 -15.58 7.06 -1.31
C HIS A 30 -14.32 6.42 -1.90
N LEU A 31 -14.51 5.27 -2.53
CA LEU A 31 -13.39 4.56 -3.14
C LEU A 31 -13.87 3.30 -3.87
N GLU A 32 -12.94 2.44 -4.25
CA GLU A 32 -13.27 1.21 -4.96
C GLU A 32 -13.96 1.53 -6.29
N ASP A 33 -13.17 1.68 -7.34
CA ASP A 33 -13.71 1.97 -8.66
C ASP A 33 -13.17 1.00 -9.70
N ASP A 34 -11.85 0.81 -9.71
CA ASP A 34 -11.21 -0.10 -10.66
C ASP A 34 -10.03 -0.81 -10.01
N GLN A 35 -10.33 -1.79 -9.16
CA GLN A 35 -9.29 -2.55 -8.48
C GLN A 35 -8.43 -1.64 -7.61
N GLU A 36 -9.06 -0.65 -6.98
CA GLU A 36 -8.34 0.29 -6.14
C GLU A 36 -7.29 1.06 -6.93
N PRO A 37 -7.68 2.19 -7.54
CA PRO A 37 -6.76 3.01 -8.33
C PRO A 37 -5.49 3.37 -7.57
N ARG A 38 -4.64 4.18 -8.19
CA ARG A 38 -3.39 4.61 -7.56
C ARG A 38 -2.92 5.93 -8.14
N GLU A 39 -1.78 6.42 -7.64
CA GLU A 39 -1.22 7.68 -8.10
C GLU A 39 0.27 7.52 -8.42
N HIS A 40 0.91 8.63 -8.79
CA HIS A 40 2.32 8.62 -9.13
C HIS A 40 3.06 9.74 -8.40
N PRO A 41 3.54 9.47 -7.17
CA PRO A 41 4.27 10.46 -6.37
C PRO A 41 5.64 10.77 -6.94
N ILE A 42 6.32 11.75 -6.36
CA ILE A 42 7.64 12.14 -6.81
C ILE A 42 8.72 11.22 -6.26
N MET A 43 9.87 11.19 -6.91
CA MET A 43 10.98 10.33 -6.49
C MET A 43 11.40 10.67 -5.06
N GLY A 44 12.44 9.99 -4.59
CA GLY A 44 12.93 10.24 -3.24
C GLY A 44 13.68 9.04 -2.68
N GLY A 45 14.50 9.30 -1.66
CA GLY A 45 15.27 8.22 -1.04
C GLY A 45 14.63 7.72 0.24
N ILE A 46 15.39 6.95 1.00
CA ILE A 46 14.90 6.40 2.26
C ILE A 46 15.05 7.42 3.39
N TYR A 47 14.13 8.37 3.44
CA TYR A 47 14.15 9.41 4.47
C TYR A 47 12.94 10.33 4.35
N ASP A 48 12.70 10.82 3.14
CA ASP A 48 11.57 11.72 2.89
C ASP A 48 10.25 11.04 3.25
N ALA A 49 9.26 11.84 3.60
CA ALA A 49 7.95 11.32 3.97
C ALA A 49 6.91 12.43 4.02
N PRO A 50 6.78 13.21 2.92
CA PRO A 50 5.82 14.32 2.85
C PRO A 50 4.39 13.83 2.63
N LEU A 51 4.26 12.76 1.85
CA LEU A 51 2.96 12.18 1.55
C LEU A 51 2.03 13.23 0.94
N ASN A 52 2.41 13.74 -0.22
CA ASN A 52 1.61 14.76 -0.91
C ASN A 52 0.22 14.22 -1.23
N ASN A 53 0.13 12.92 -1.50
CA ASN A 53 -1.14 12.29 -1.83
C ASN A 53 -1.92 11.93 -0.57
N GLU A 54 -2.20 12.95 0.26
CA GLU A 54 -2.93 12.74 1.49
C GLU A 54 -4.36 13.25 1.38
N ASN A 55 -4.83 13.45 0.15
CA ASN A 55 -6.18 13.94 -0.09
C ASN A 55 -7.21 13.00 0.52
N GLY A 56 -6.87 11.71 0.56
CA GLY A 56 -7.78 10.72 1.12
C GLY A 56 -8.06 9.58 0.16
N PHE A 57 -8.49 9.92 -1.04
CA PHE A 57 -8.79 8.91 -2.06
C PHE A 57 -7.53 8.18 -2.49
N ASP A 58 -6.43 8.93 -2.63
CA ASP A 58 -5.16 8.33 -3.03
C ASP A 58 -4.56 7.50 -1.90
N LYS A 59 -4.51 8.08 -0.71
CA LYS A 59 -3.95 7.40 0.45
C LYS A 59 -4.74 6.12 0.75
N GLU A 60 -6.07 6.22 0.70
CA GLU A 60 -6.92 5.06 0.96
C GLU A 60 -6.79 4.03 -0.15
N ASP A 61 -6.77 4.49 -1.39
CA ASP A 61 -6.65 3.59 -2.53
C ASP A 61 -5.36 2.78 -2.45
N LEU A 62 -4.26 3.46 -2.13
CA LEU A 62 -2.96 2.80 -2.02
C LEU A 62 -2.96 1.82 -0.85
N ALA A 63 -3.32 2.31 0.33
CA ALA A 63 -3.34 1.48 1.54
C ALA A 63 -4.22 0.25 1.32
N ARG A 64 -5.45 0.47 0.90
CA ARG A 64 -6.38 -0.63 0.66
C ARG A 64 -5.87 -1.55 -0.44
N PHE A 65 -5.26 -0.96 -1.46
CA PHE A 65 -4.71 -1.72 -2.58
C PHE A 65 -3.65 -2.70 -2.09
N ALA A 66 -2.63 -2.18 -1.41
CA ALA A 66 -1.55 -3.00 -0.90
C ALA A 66 -2.07 -4.05 0.08
N VAL A 67 -2.78 -3.57 1.11
CA VAL A 67 -3.34 -4.46 2.13
C VAL A 67 -4.14 -5.59 1.49
N ARG A 68 -5.06 -5.23 0.59
CA ARG A 68 -5.88 -6.21 -0.09
C ARG A 68 -5.04 -7.06 -1.04
N GLU A 69 -3.96 -6.46 -1.56
CA GLU A 69 -3.07 -7.16 -2.48
C GLU A 69 -2.39 -8.33 -1.80
N TYR A 70 -1.98 -8.13 -0.55
CA TYR A 70 -1.31 -9.18 0.21
C TYR A 70 -2.32 -10.00 1.02
N ASN A 71 -3.51 -9.43 1.24
CA ASN A 71 -4.55 -10.11 2.00
C ASN A 71 -5.37 -11.04 1.12
N ASN A 72 -5.40 -10.77 -0.18
CA ASN A 72 -6.16 -11.59 -1.12
C ASN A 72 -5.37 -12.83 -1.54
N LYS A 73 -4.05 -12.68 -1.68
CA LYS A 73 -3.20 -13.79 -2.10
C LYS A 73 -3.44 -15.03 -1.25
N ASN A 74 -3.53 -14.84 0.06
CA ASN A 74 -3.75 -15.95 0.97
C ASN A 74 -3.89 -15.48 2.42
N ASN A 75 -3.18 -14.40 2.76
CA ASN A 75 -3.22 -13.85 4.12
C ASN A 75 -4.66 -13.59 4.55
N ALA A 76 -4.81 -13.12 5.78
CA ALA A 76 -6.14 -12.83 6.32
C ALA A 76 -6.86 -11.79 5.47
N LEU A 77 -8.05 -11.39 5.92
CA LEU A 77 -8.85 -10.41 5.20
C LEU A 77 -9.15 -9.20 6.08
N LEU A 78 -8.14 -8.71 6.78
CA LEU A 78 -8.29 -7.56 7.67
C LEU A 78 -8.75 -6.34 6.88
N GLU A 79 -8.96 -5.23 7.57
CA GLU A 79 -9.41 -4.00 6.94
C GLU A 79 -8.64 -2.79 7.47
N PHE A 80 -7.93 -2.11 6.59
CA PHE A 80 -7.15 -0.93 6.98
C PHE A 80 -8.07 0.22 7.35
N VAL A 81 -7.61 1.07 8.26
CA VAL A 81 -8.39 2.22 8.70
C VAL A 81 -7.87 3.50 8.08
N ARG A 82 -6.55 3.60 7.92
CA ARG A 82 -5.92 4.78 7.34
C ARG A 82 -4.40 4.66 7.40
N VAL A 83 -3.72 5.52 6.65
CA VAL A 83 -2.26 5.52 6.62
C VAL A 83 -1.68 6.42 7.71
N VAL A 84 -0.60 5.97 8.33
CA VAL A 84 0.05 6.72 9.39
C VAL A 84 1.45 7.17 8.97
N LYS A 85 2.00 6.55 7.93
CA LYS A 85 3.33 6.89 7.44
C LYS A 85 3.41 6.73 5.93
N ALA A 86 4.31 7.49 5.31
CA ALA A 86 4.48 7.43 3.86
C ALA A 86 5.89 7.87 3.46
N LYS A 87 6.53 7.08 2.61
CA LYS A 87 7.88 7.38 2.14
C LYS A 87 8.02 7.06 0.66
N GLU A 88 8.96 7.74 0.00
CA GLU A 88 9.20 7.53 -1.42
C GLU A 88 10.57 6.89 -1.65
N GLN A 89 10.63 5.99 -2.63
CA GLN A 89 11.87 5.30 -2.96
C GLN A 89 12.01 5.13 -4.47
N VAL A 90 13.25 5.02 -4.94
CA VAL A 90 13.52 4.84 -6.36
C VAL A 90 14.35 3.59 -6.62
N VAL A 91 13.77 2.65 -7.37
CA VAL A 91 14.45 1.41 -7.69
C VAL A 91 13.82 0.74 -8.92
N SER A 92 14.43 0.92 -10.08
CA SER A 92 13.92 0.34 -11.31
C SER A 92 12.53 0.88 -11.62
N GLY A 93 12.23 2.08 -11.12
CA GLY A 93 10.94 2.68 -11.33
C GLY A 93 10.52 3.58 -10.19
N MET A 94 9.48 3.18 -9.48
CA MET A 94 8.98 3.96 -8.34
C MET A 94 8.45 3.05 -7.24
N MET A 95 9.12 3.06 -6.10
CA MET A 95 8.70 2.24 -4.97
C MET A 95 8.21 3.11 -3.81
N HIS A 96 6.99 2.86 -3.36
CA HIS A 96 6.41 3.64 -2.27
C HIS A 96 6.32 2.81 -1.00
N TYR A 97 6.88 3.36 0.09
CA TYR A 97 6.86 2.68 1.39
C TYR A 97 5.99 3.45 2.36
N LEU A 98 4.75 3.02 2.53
CA LEU A 98 3.82 3.69 3.43
C LEU A 98 3.26 2.72 4.47
N THR A 99 3.10 3.20 5.69
CA THR A 99 2.57 2.39 6.78
C THR A 99 1.14 2.81 7.10
N VAL A 100 0.27 1.84 7.36
CA VAL A 100 -1.11 2.13 7.68
C VAL A 100 -1.60 1.27 8.84
N GLU A 101 -2.69 1.71 9.47
CA GLU A 101 -3.28 0.98 10.59
C GLU A 101 -4.30 -0.03 10.09
N VAL A 102 -4.33 -1.20 10.71
CA VAL A 102 -5.25 -2.25 10.31
C VAL A 102 -6.26 -2.55 11.41
N ASN A 103 -7.44 -3.00 11.02
CA ASN A 103 -8.51 -3.33 11.96
C ASN A 103 -9.16 -4.67 11.61
N ASP A 104 -9.39 -5.49 12.62
CA ASP A 104 -10.00 -6.81 12.41
C ASP A 104 -11.05 -7.10 13.47
N ALA A 105 -12.27 -6.65 13.23
CA ALA A 105 -13.37 -6.87 14.16
C ALA A 105 -12.99 -6.42 15.57
N GLY A 106 -12.13 -5.42 15.67
CA GLY A 106 -11.70 -4.92 16.95
C GLY A 106 -10.20 -4.87 17.09
N LYS A 107 -9.52 -5.88 16.55
CA LYS A 107 -8.06 -5.95 16.60
C LYS A 107 -7.44 -4.80 15.82
N LYS A 108 -6.84 -3.85 16.54
CA LYS A 108 -6.22 -2.70 15.90
C LYS A 108 -4.69 -2.81 15.95
N LYS A 109 -4.05 -2.55 14.82
CA LYS A 109 -2.60 -2.63 14.73
C LYS A 109 -2.05 -1.72 13.64
N LEU A 110 -0.74 -1.73 13.46
CA LEU A 110 -0.09 -0.91 12.45
C LEU A 110 0.86 -1.75 11.60
N TYR A 111 0.54 -1.90 10.32
CA TYR A 111 1.37 -2.68 9.41
C TYR A 111 1.92 -1.81 8.29
N GLU A 112 3.18 -2.06 7.92
CA GLU A 112 3.83 -1.30 6.86
C GLU A 112 3.63 -1.99 5.51
N ALA A 113 3.45 -1.18 4.47
CA ALA A 113 3.25 -1.71 3.13
C ALA A 113 4.12 -1.00 2.11
N LYS A 114 4.80 -1.77 1.26
CA LYS A 114 5.67 -1.20 0.23
C LYS A 114 5.26 -1.69 -1.15
N VAL A 115 4.83 -0.75 -1.99
CA VAL A 115 4.39 -1.06 -3.35
C VAL A 115 5.41 -0.57 -4.38
N TRP A 116 5.49 -1.27 -5.50
CA TRP A 116 6.41 -0.90 -6.58
C TRP A 116 5.67 -0.67 -7.89
N GLU A 117 6.12 0.33 -8.65
CA GLU A 117 5.51 0.66 -9.93
C GLU A 117 6.51 1.32 -10.86
N GLN A 118 6.64 0.78 -12.07
CA GLN A 118 7.57 1.32 -13.04
C GLN A 118 6.85 2.19 -14.07
N VAL A 119 7.63 2.81 -14.96
CA VAL A 119 7.06 3.68 -15.99
C VAL A 119 7.31 3.09 -17.38
N TRP A 120 8.48 2.49 -17.55
CA TRP A 120 8.85 1.89 -18.84
C TRP A 120 8.26 0.48 -18.96
N MET A 121 7.95 -0.14 -17.83
CA MET A 121 7.40 -1.48 -17.81
C MET A 121 5.88 -1.43 -17.70
N ASN A 122 5.37 -0.35 -17.13
CA ASN A 122 3.93 -0.16 -16.94
C ASN A 122 3.36 -1.25 -16.04
N PHE A 123 4.11 -1.61 -15.01
CA PHE A 123 3.67 -2.63 -14.07
C PHE A 123 3.71 -2.10 -12.64
N ARG A 124 2.73 -2.50 -11.83
CA ARG A 124 2.64 -2.06 -10.44
C ARG A 124 2.01 -3.14 -9.58
N GLN A 125 2.62 -3.43 -8.44
CA GLN A 125 2.11 -4.45 -7.53
C GLN A 125 2.72 -4.30 -6.14
N LEU A 126 2.19 -5.06 -5.19
CA LEU A 126 2.68 -5.01 -3.81
C LEU A 126 3.98 -5.80 -3.68
N GLN A 127 4.96 -5.20 -3.03
CA GLN A 127 6.25 -5.85 -2.83
C GLN A 127 6.27 -6.65 -1.54
N GLU A 128 6.12 -5.95 -0.42
CA GLU A 128 6.12 -6.61 0.89
C GLU A 128 5.19 -5.90 1.87
N PHE A 129 4.74 -6.65 2.87
CA PHE A 129 3.85 -6.12 3.89
C PHE A 129 4.28 -6.59 5.28
N THR A 130 4.81 -5.68 6.08
CA THR A 130 5.27 -6.00 7.42
C THR A 130 4.23 -5.63 8.46
N TYR A 131 4.22 -6.35 9.57
CA TYR A 131 3.26 -6.09 10.64
C TYR A 131 3.96 -5.54 11.88
N LEU A 132 3.71 -4.27 12.18
CA LEU A 132 4.31 -3.64 13.34
C LEU A 132 3.43 -3.80 14.57
N GLY A 133 3.78 -3.09 15.65
CA GLY A 133 3.00 -3.16 16.87
C GLY A 133 1.65 -2.48 16.75
N ASP A 134 1.67 -1.15 16.67
CA ASP A 134 0.45 -0.37 16.56
C ASP A 134 0.76 1.11 16.42
N ALA A 135 -0.25 1.89 16.04
CA ALA A 135 -0.08 3.32 15.87
C ALA A 135 -1.00 4.10 16.80
N MET A 1 21.03 3.49 7.24
CA MET A 1 19.64 4.01 7.36
C MET A 1 18.77 3.06 8.16
N ALA A 2 17.45 3.27 8.11
CA ALA A 2 16.51 2.43 8.83
C ALA A 2 16.62 0.98 8.41
N ASP A 3 17.01 0.76 7.16
CA ASP A 3 17.16 -0.59 6.62
C ASP A 3 15.82 -1.33 6.65
N GLU A 4 14.95 -1.02 5.70
CA GLU A 4 13.65 -1.67 5.61
C GLU A 4 13.56 -2.55 4.36
N GLN A 5 14.48 -3.50 4.24
CA GLN A 5 14.50 -4.40 3.10
C GLN A 5 14.70 -3.63 1.80
N PRO A 6 15.74 -2.79 1.72
CA PRO A 6 16.03 -2.00 0.53
C PRO A 6 16.64 -2.84 -0.59
N LYS A 7 16.02 -2.76 -1.78
CA LYS A 7 16.49 -3.51 -2.93
C LYS A 7 16.42 -5.01 -2.67
N LYS A 8 15.61 -5.71 -3.45
CA LYS A 8 15.44 -7.15 -3.31
C LYS A 8 14.50 -7.70 -4.37
N PRO A 9 14.47 -9.03 -4.55
CA PRO A 9 13.60 -9.68 -5.54
C PRO A 9 12.13 -9.55 -5.19
N VAL A 10 11.35 -9.05 -6.13
CA VAL A 10 9.92 -8.86 -5.91
C VAL A 10 9.13 -10.07 -6.44
N PRO A 11 7.92 -10.29 -5.90
CA PRO A 11 7.06 -11.41 -6.30
C PRO A 11 6.41 -11.17 -7.66
N ALA A 12 5.43 -12.01 -7.99
CA ALA A 12 4.72 -11.90 -9.25
C ALA A 12 3.22 -12.00 -9.05
N ALA A 13 2.50 -10.95 -9.43
CA ALA A 13 1.05 -10.91 -9.29
C ALA A 13 0.47 -9.65 -9.90
N GLU A 14 -0.82 -9.69 -10.22
CA GLU A 14 -1.50 -8.55 -10.81
C GLU A 14 -2.99 -8.84 -11.01
N GLU A 15 -3.78 -8.57 -9.98
CA GLU A 15 -5.21 -8.79 -10.03
C GLU A 15 -5.90 -8.32 -8.75
N ALA A 16 -7.22 -8.43 -8.71
CA ALA A 16 -7.99 -8.02 -7.55
C ALA A 16 -9.01 -9.08 -7.15
N PRO A 17 -9.54 -9.00 -5.92
CA PRO A 17 -10.53 -9.97 -5.43
C PRO A 17 -11.90 -9.79 -6.10
N ALA A 18 -12.74 -10.82 -6.00
CA ALA A 18 -14.07 -10.77 -6.60
C ALA A 18 -15.10 -10.29 -5.59
N ALA A 19 -14.99 -10.75 -4.36
CA ALA A 19 -15.91 -10.36 -3.30
C ALA A 19 -15.51 -9.02 -2.68
N GLU A 20 -16.39 -8.47 -1.85
CA GLU A 20 -16.13 -7.19 -1.20
C GLU A 20 -16.86 -7.10 0.15
N ALA A 21 -16.33 -6.29 1.04
CA ALA A 21 -16.93 -6.11 2.36
C ALA A 21 -16.59 -4.74 2.94
N GLU A 22 -17.37 -3.74 2.53
CA GLU A 22 -17.15 -2.37 3.01
C GLU A 22 -17.61 -2.22 4.46
N ALA A 23 -17.13 -1.18 5.12
CA ALA A 23 -17.49 -0.92 6.51
C ALA A 23 -17.76 0.56 6.75
N GLU A 24 -18.02 0.91 8.00
CA GLU A 24 -18.29 2.29 8.37
C GLU A 24 -17.46 2.72 9.57
N GLU A 25 -17.48 4.01 9.87
CA GLU A 25 -16.73 4.55 11.00
C GLU A 25 -15.24 4.29 10.83
N GLU A 26 -14.78 4.28 9.59
CA GLU A 26 -13.38 4.04 9.29
C GLU A 26 -13.01 4.58 7.91
N GLU A 27 -13.45 3.87 6.88
CA GLU A 27 -13.16 4.27 5.50
C GLU A 27 -14.06 5.43 5.08
N GLY A 28 -13.55 6.29 4.21
CA GLY A 28 -14.33 7.42 3.74
C GLY A 28 -13.80 7.98 2.43
N LEU A 29 -13.45 7.09 1.51
CA LEU A 29 -12.93 7.50 0.21
C LEU A 29 -13.63 6.75 -0.91
N HIS A 30 -14.16 7.50 -1.89
CA HIS A 30 -14.86 6.89 -3.01
C HIS A 30 -14.04 7.03 -4.29
N LEU A 31 -14.62 6.61 -5.41
CA LEU A 31 -13.94 6.68 -6.70
C LEU A 31 -14.86 6.23 -7.83
N GLU A 32 -15.17 4.93 -7.84
CA GLU A 32 -16.05 4.36 -8.86
C GLU A 32 -15.44 4.54 -10.25
N ASP A 33 -14.12 4.43 -10.33
CA ASP A 33 -13.41 4.58 -11.60
C ASP A 33 -12.54 3.36 -11.88
N ASP A 34 -11.42 3.26 -11.17
CA ASP A 34 -10.50 2.15 -11.34
C ASP A 34 -10.30 1.40 -10.03
N GLN A 35 -9.79 0.18 -10.13
CA GLN A 35 -9.55 -0.64 -8.95
C GLN A 35 -8.41 -0.06 -8.09
N GLU A 36 -8.69 1.05 -7.43
CA GLU A 36 -7.70 1.71 -6.59
C GLU A 36 -6.46 2.10 -7.40
N PRO A 37 -6.52 3.25 -8.09
CA PRO A 37 -5.40 3.73 -8.91
C PRO A 37 -4.12 3.88 -8.10
N ARG A 38 -3.17 4.65 -8.64
CA ARG A 38 -1.89 4.89 -7.96
C ARG A 38 -1.17 6.09 -8.56
N GLU A 39 0.11 6.23 -8.22
CA GLU A 39 0.91 7.34 -8.73
C GLU A 39 2.40 7.01 -8.67
N HIS A 40 3.23 7.97 -9.05
CA HIS A 40 4.67 7.80 -9.02
C HIS A 40 5.36 8.98 -8.36
N PRO A 41 5.59 8.92 -7.04
CA PRO A 41 6.23 10.00 -6.29
C PRO A 41 7.71 10.13 -6.65
N ILE A 42 8.33 11.21 -6.18
CA ILE A 42 9.74 11.47 -6.45
C ILE A 42 10.63 10.43 -5.79
N MET A 43 11.84 10.28 -6.28
CA MET A 43 12.78 9.31 -5.73
C MET A 43 13.05 9.60 -4.26
N GLY A 44 13.79 8.69 -3.61
CA GLY A 44 14.10 8.87 -2.20
C GLY A 44 14.81 7.66 -1.62
N GLY A 45 15.02 7.68 -0.30
CA GLY A 45 15.69 6.58 0.36
C GLY A 45 14.92 6.06 1.56
N ILE A 46 15.59 5.30 2.41
CA ILE A 46 14.96 4.75 3.60
C ILE A 46 14.95 5.76 4.74
N TYR A 47 14.24 6.86 4.53
CA TYR A 47 14.14 7.91 5.54
C TYR A 47 13.21 9.03 5.08
N ASP A 48 13.29 9.37 3.80
CA ASP A 48 12.45 10.43 3.23
C ASP A 48 10.98 10.03 3.28
N ALA A 49 10.14 10.94 3.73
CA ALA A 49 8.71 10.70 3.82
C ALA A 49 7.91 11.91 3.36
N PRO A 50 8.02 12.26 2.06
CA PRO A 50 7.30 13.41 1.49
C PRO A 50 5.79 13.20 1.49
N LEU A 51 5.35 12.24 0.69
CA LEU A 51 3.92 11.93 0.59
C LEU A 51 3.13 13.16 0.17
N ASN A 52 3.53 13.78 -0.94
CA ASN A 52 2.86 14.97 -1.44
C ASN A 52 1.39 14.68 -1.72
N ASN A 53 1.09 13.45 -2.09
CA ASN A 53 -0.29 13.05 -2.39
C ASN A 53 -1.03 12.68 -1.10
N GLU A 54 -1.11 13.64 -0.18
CA GLU A 54 -1.79 13.43 1.09
C GLU A 54 -3.23 13.92 1.03
N ASN A 55 -3.74 14.12 -0.19
CA ASN A 55 -5.10 14.59 -0.37
C ASN A 55 -6.11 13.63 0.28
N GLY A 56 -5.89 12.34 0.10
CA GLY A 56 -6.78 11.35 0.67
C GLY A 56 -7.13 10.25 -0.31
N PHE A 57 -7.51 10.64 -1.52
CA PHE A 57 -7.88 9.67 -2.55
C PHE A 57 -6.67 8.84 -2.97
N ASP A 58 -5.52 9.48 -3.06
CA ASP A 58 -4.29 8.79 -3.46
C ASP A 58 -3.80 7.87 -2.36
N LYS A 59 -3.72 8.40 -1.13
CA LYS A 59 -3.27 7.60 0.00
C LYS A 59 -4.18 6.40 0.23
N GLU A 60 -5.49 6.62 0.10
CA GLU A 60 -6.47 5.55 0.29
C GLU A 60 -6.37 4.53 -0.83
N ASP A 61 -6.28 5.01 -2.07
CA ASP A 61 -6.20 4.13 -3.23
C ASP A 61 -4.97 3.22 -3.12
N LEU A 62 -3.83 3.81 -2.81
CA LEU A 62 -2.59 3.05 -2.67
C LEU A 62 -2.68 2.06 -1.52
N ALA A 63 -3.05 2.56 -0.34
CA ALA A 63 -3.17 1.71 0.84
C ALA A 63 -4.09 0.52 0.57
N ARG A 64 -5.30 0.81 0.11
CA ARG A 64 -6.28 -0.23 -0.19
C ARG A 64 -5.77 -1.14 -1.30
N PHE A 65 -5.05 -0.56 -2.25
CA PHE A 65 -4.50 -1.32 -3.37
C PHE A 65 -3.55 -2.40 -2.87
N ALA A 66 -2.51 -1.99 -2.16
CA ALA A 66 -1.52 -2.92 -1.64
C ALA A 66 -2.18 -3.93 -0.70
N VAL A 67 -2.90 -3.43 0.29
CA VAL A 67 -3.59 -4.29 1.26
C VAL A 67 -4.44 -5.33 0.55
N ARG A 68 -5.30 -4.88 -0.36
CA ARG A 68 -6.16 -5.78 -1.12
C ARG A 68 -5.34 -6.68 -2.03
N GLU A 69 -4.21 -6.17 -2.50
CA GLU A 69 -3.33 -6.93 -3.39
C GLU A 69 -2.80 -8.18 -2.68
N TYR A 70 -2.43 -8.01 -1.41
CA TYR A 70 -1.91 -9.12 -0.62
C TYR A 70 -3.02 -9.84 0.15
N ASN A 71 -4.16 -9.17 0.28
CA ASN A 71 -5.30 -9.74 0.99
C ASN A 71 -6.18 -10.57 0.07
N ASN A 72 -6.08 -10.33 -1.23
CA ASN A 72 -6.88 -11.06 -2.21
C ASN A 72 -6.22 -12.39 -2.59
N LYS A 73 -4.88 -12.38 -2.65
CA LYS A 73 -4.13 -13.58 -3.01
C LYS A 73 -4.64 -14.81 -2.27
N ASN A 74 -4.15 -15.03 -1.06
CA ASN A 74 -4.56 -16.17 -0.25
C ASN A 74 -4.55 -15.84 1.24
N ASN A 75 -4.45 -14.54 1.57
CA ASN A 75 -4.43 -14.12 2.96
C ASN A 75 -5.84 -13.96 3.51
N ALA A 76 -5.96 -13.29 4.65
CA ALA A 76 -7.25 -13.08 5.29
C ALA A 76 -8.03 -11.98 4.56
N LEU A 77 -9.07 -11.47 5.21
CA LEU A 77 -9.89 -10.42 4.63
C LEU A 77 -10.11 -9.27 5.62
N LEU A 78 -9.18 -8.32 5.60
CA LEU A 78 -9.26 -7.17 6.50
C LEU A 78 -9.54 -5.89 5.71
N GLU A 79 -9.59 -4.76 6.41
CA GLU A 79 -9.86 -3.48 5.77
C GLU A 79 -9.00 -2.37 6.38
N PHE A 80 -8.29 -1.64 5.53
CA PHE A 80 -7.43 -0.56 5.98
C PHE A 80 -8.27 0.67 6.38
N VAL A 81 -7.76 1.43 7.34
CA VAL A 81 -8.47 2.61 7.80
C VAL A 81 -7.83 3.89 7.26
N ARG A 82 -6.50 3.88 7.17
CA ARG A 82 -5.75 5.03 6.66
C ARG A 82 -4.26 4.80 6.78
N VAL A 83 -3.48 5.64 6.11
CA VAL A 83 -2.03 5.53 6.14
C VAL A 83 -1.44 6.35 7.29
N VAL A 84 -0.41 5.81 7.92
CA VAL A 84 0.25 6.48 9.04
C VAL A 84 1.70 6.82 8.71
N LYS A 85 2.25 6.20 7.66
CA LYS A 85 3.63 6.44 7.26
C LYS A 85 3.79 6.33 5.75
N ALA A 86 4.82 6.99 5.23
CA ALA A 86 5.09 6.97 3.80
C ALA A 86 6.57 7.24 3.52
N LYS A 87 7.20 6.36 2.75
CA LYS A 87 8.61 6.51 2.41
C LYS A 87 8.84 6.21 0.93
N GLU A 88 9.96 6.68 0.40
CA GLU A 88 10.30 6.46 -1.00
C GLU A 88 11.57 5.64 -1.15
N GLN A 89 11.74 5.02 -2.31
CA GLN A 89 12.90 4.19 -2.57
C GLN A 89 13.08 3.96 -4.08
N VAL A 90 14.32 3.97 -4.54
CA VAL A 90 14.61 3.76 -5.96
C VAL A 90 15.24 2.40 -6.19
N VAL A 91 14.60 1.58 -7.02
CA VAL A 91 15.10 0.25 -7.34
C VAL A 91 14.47 -0.27 -8.63
N SER A 92 15.19 -0.09 -9.74
CA SER A 92 14.71 -0.54 -11.04
C SER A 92 13.41 0.17 -11.40
N GLY A 93 13.22 1.36 -10.85
CA GLY A 93 12.01 2.12 -11.14
C GLY A 93 11.65 3.06 -10.00
N MET A 94 10.51 2.80 -9.35
CA MET A 94 10.07 3.63 -8.25
C MET A 94 9.34 2.78 -7.20
N MET A 95 9.93 2.70 -6.01
CA MET A 95 9.35 1.94 -4.91
C MET A 95 8.91 2.85 -3.78
N HIS A 96 7.74 2.57 -3.20
CA HIS A 96 7.22 3.38 -2.11
C HIS A 96 6.89 2.52 -0.90
N TYR A 97 7.52 2.83 0.23
CA TYR A 97 7.28 2.09 1.47
C TYR A 97 6.36 2.86 2.40
N LEU A 98 5.07 2.58 2.31
CA LEU A 98 4.08 3.27 3.13
C LEU A 98 3.43 2.32 4.13
N THR A 99 3.18 2.82 5.33
CA THR A 99 2.55 2.03 6.38
C THR A 99 1.14 2.54 6.67
N VAL A 100 0.19 1.63 6.83
CA VAL A 100 -1.19 2.01 7.10
C VAL A 100 -1.80 1.13 8.18
N GLU A 101 -2.88 1.63 8.79
CA GLU A 101 -3.57 0.88 9.84
C GLU A 101 -4.65 -0.01 9.25
N VAL A 102 -4.70 -1.25 9.73
CA VAL A 102 -5.69 -2.20 9.24
C VAL A 102 -6.54 -2.77 10.37
N ASN A 103 -7.77 -3.13 10.05
CA ASN A 103 -8.69 -3.68 11.04
C ASN A 103 -9.29 -4.99 10.55
N ASP A 104 -9.54 -5.91 11.48
CA ASP A 104 -10.11 -7.21 11.13
C ASP A 104 -11.00 -7.73 12.26
N ALA A 105 -12.31 -7.69 12.04
CA ALA A 105 -13.27 -8.15 13.04
C ALA A 105 -13.08 -7.44 14.37
N GLY A 106 -12.61 -6.20 14.30
CA GLY A 106 -12.39 -5.42 15.52
C GLY A 106 -10.92 -5.29 15.87
N LYS A 107 -10.12 -6.27 15.44
CA LYS A 107 -8.69 -6.25 15.70
C LYS A 107 -8.00 -5.14 14.92
N LYS A 108 -7.56 -4.11 15.62
CA LYS A 108 -6.88 -2.98 14.99
C LYS A 108 -5.36 -3.10 15.13
N LYS A 109 -4.64 -2.81 14.06
CA LYS A 109 -3.19 -2.89 14.07
C LYS A 109 -2.59 -2.07 12.93
N LEU A 110 -1.27 -1.94 12.95
CA LEU A 110 -0.57 -1.17 11.91
C LEU A 110 0.33 -2.09 11.09
N TYR A 111 0.08 -2.14 9.78
CA TYR A 111 0.88 -2.97 8.88
C TYR A 111 1.56 -2.13 7.81
N GLU A 112 2.79 -2.49 7.49
CA GLU A 112 3.57 -1.77 6.48
C GLU A 112 3.37 -2.38 5.10
N ALA A 113 3.31 -1.52 4.09
CA ALA A 113 3.12 -1.97 2.71
C ALA A 113 4.08 -1.26 1.77
N LYS A 114 4.79 -2.04 0.95
CA LYS A 114 5.74 -1.47 -0.01
C LYS A 114 5.34 -1.82 -1.44
N VAL A 115 5.06 -0.78 -2.23
CA VAL A 115 4.65 -0.98 -3.62
C VAL A 115 5.78 -0.58 -4.57
N TRP A 116 5.83 -1.23 -5.73
CA TRP A 116 6.85 -0.95 -6.73
C TRP A 116 6.22 -0.61 -8.08
N GLU A 117 6.83 0.34 -8.79
CA GLU A 117 6.32 0.75 -10.09
C GLU A 117 7.47 1.28 -10.96
N GLN A 118 7.61 0.72 -12.16
CA GLN A 118 8.65 1.14 -13.09
C GLN A 118 8.10 2.09 -14.14
N VAL A 119 8.98 2.62 -14.98
CA VAL A 119 8.58 3.54 -16.03
C VAL A 119 8.85 2.95 -17.41
N TRP A 120 9.95 2.22 -17.53
CA TRP A 120 10.31 1.60 -18.80
C TRP A 120 9.62 0.25 -18.97
N MET A 121 9.18 -0.34 -17.87
CA MET A 121 8.49 -1.62 -17.89
C MET A 121 6.98 -1.43 -17.86
N ASN A 122 6.55 -0.30 -17.29
CA ASN A 122 5.13 0.00 -17.19
C ASN A 122 4.41 -1.02 -16.33
N PHE A 123 5.05 -1.41 -15.23
CA PHE A 123 4.48 -2.40 -14.32
C PHE A 123 4.45 -1.85 -12.90
N ARG A 124 3.35 -2.12 -12.19
CA ARG A 124 3.20 -1.65 -10.82
C ARG A 124 2.41 -2.68 -9.99
N GLN A 125 2.96 -3.05 -8.84
CA GLN A 125 2.31 -4.01 -7.96
C GLN A 125 2.90 -3.97 -6.56
N LEU A 126 2.27 -4.70 -5.64
CA LEU A 126 2.73 -4.75 -4.26
C LEU A 126 3.96 -5.65 -4.12
N GLN A 127 4.92 -5.22 -3.33
CA GLN A 127 6.14 -5.99 -3.12
C GLN A 127 6.04 -6.85 -1.86
N GLU A 128 5.86 -6.20 -0.71
CA GLU A 128 5.75 -6.90 0.56
C GLU A 128 4.80 -6.18 1.50
N PHE A 129 4.26 -6.94 2.46
CA PHE A 129 3.34 -6.40 3.45
C PHE A 129 3.65 -6.97 4.83
N THR A 130 4.20 -6.12 5.71
CA THR A 130 4.55 -6.55 7.05
C THR A 130 3.47 -6.14 8.06
N TYR A 131 3.35 -6.92 9.12
CA TYR A 131 2.35 -6.65 10.16
C TYR A 131 3.01 -6.16 11.44
N LEU A 132 2.89 -4.87 11.72
CA LEU A 132 3.48 -4.28 12.91
C LEU A 132 2.52 -4.38 14.09
N GLY A 133 2.98 -3.96 15.27
CA GLY A 133 2.16 -4.00 16.45
C GLY A 133 0.87 -3.20 16.31
N ASP A 134 0.96 -1.89 16.55
CA ASP A 134 -0.19 -1.02 16.44
C ASP A 134 0.24 0.44 16.31
N ALA A 135 -0.62 1.25 15.69
CA ALA A 135 -0.32 2.67 15.50
C ALA A 135 -1.02 3.52 16.56
N MET A 1 21.83 5.34 6.66
CA MET A 1 20.35 5.34 6.85
C MET A 1 19.88 4.05 7.51
N ALA A 2 18.65 4.06 8.01
CA ALA A 2 18.07 2.89 8.66
C ALA A 2 18.04 1.70 7.71
N ASP A 3 17.46 1.91 6.53
CA ASP A 3 17.35 0.85 5.53
C ASP A 3 16.57 -0.33 6.07
N GLU A 4 15.24 -0.20 6.07
CA GLU A 4 14.36 -1.26 6.55
C GLU A 4 14.49 -2.51 5.67
N GLN A 5 14.02 -2.40 4.43
CA GLN A 5 14.09 -3.52 3.50
C GLN A 5 14.40 -3.02 2.09
N PRO A 6 15.49 -2.25 1.93
CA PRO A 6 15.90 -1.72 0.64
C PRO A 6 16.53 -2.77 -0.26
N LYS A 7 16.17 -2.78 -1.54
CA LYS A 7 16.71 -3.74 -2.49
C LYS A 7 16.36 -5.16 -2.08
N LYS A 8 15.51 -5.81 -2.87
CA LYS A 8 15.11 -7.19 -2.58
C LYS A 8 14.29 -7.75 -3.74
N PRO A 9 14.29 -9.09 -3.90
CA PRO A 9 13.55 -9.76 -4.97
C PRO A 9 12.04 -9.67 -4.77
N VAL A 10 11.34 -9.21 -5.80
CA VAL A 10 9.89 -9.07 -5.73
C VAL A 10 9.19 -10.24 -6.44
N PRO A 11 7.93 -10.53 -6.06
CA PRO A 11 7.16 -11.61 -6.66
C PRO A 11 6.65 -11.28 -8.06
N ALA A 12 5.74 -12.10 -8.57
CA ALA A 12 5.18 -11.88 -9.90
C ALA A 12 3.69 -12.15 -9.91
N ALA A 13 2.90 -11.14 -10.25
CA ALA A 13 1.46 -11.27 -10.31
C ALA A 13 0.81 -9.99 -10.82
N GLU A 14 -0.51 -10.03 -11.01
CA GLU A 14 -1.25 -8.88 -11.50
C GLU A 14 -2.74 -9.17 -11.55
N GLU A 15 -3.42 -8.99 -10.41
CA GLU A 15 -4.85 -9.23 -10.32
C GLU A 15 -5.41 -8.69 -9.02
N ALA A 16 -6.71 -8.91 -8.80
CA ALA A 16 -7.37 -8.45 -7.58
C ALA A 16 -8.57 -9.33 -7.24
N PRO A 17 -9.04 -9.26 -5.98
CA PRO A 17 -10.18 -10.05 -5.53
C PRO A 17 -11.50 -9.58 -6.14
N ALA A 18 -11.78 -10.06 -7.35
CA ALA A 18 -13.01 -9.69 -8.05
C ALA A 18 -13.08 -8.18 -8.26
N ALA A 19 -14.06 -7.74 -9.05
CA ALA A 19 -14.23 -6.32 -9.34
C ALA A 19 -15.46 -5.76 -8.61
N GLU A 20 -16.46 -6.62 -8.41
CA GLU A 20 -17.68 -6.20 -7.73
C GLU A 20 -17.44 -6.02 -6.25
N ALA A 21 -18.52 -5.80 -5.49
CA ALA A 21 -18.42 -5.61 -4.05
C ALA A 21 -17.55 -4.41 -3.71
N GLU A 22 -18.18 -3.33 -3.24
CA GLU A 22 -17.48 -2.12 -2.87
C GLU A 22 -17.92 -1.62 -1.50
N ALA A 23 -17.41 -0.44 -1.12
CA ALA A 23 -17.75 0.14 0.17
C ALA A 23 -17.34 -0.77 1.32
N GLU A 24 -16.21 -1.45 1.15
CA GLU A 24 -15.70 -2.35 2.17
C GLU A 24 -14.50 -1.74 2.89
N GLU A 25 -14.49 -0.42 3.00
CA GLU A 25 -13.39 0.28 3.66
C GLU A 25 -13.83 0.81 5.03
N GLU A 26 -12.85 1.16 5.86
CA GLU A 26 -13.13 1.68 7.19
C GLU A 26 -12.90 3.18 7.25
N GLU A 27 -13.97 3.95 7.10
CA GLU A 27 -13.89 5.40 7.14
C GLU A 27 -12.97 5.92 6.04
N GLY A 28 -12.76 7.24 6.03
CA GLY A 28 -11.90 7.85 5.02
C GLY A 28 -12.69 8.56 3.95
N LEU A 29 -12.76 7.96 2.76
CA LEU A 29 -13.48 8.56 1.65
C LEU A 29 -14.15 7.48 0.80
N HIS A 30 -14.86 7.90 -0.25
CA HIS A 30 -15.54 6.97 -1.14
C HIS A 30 -14.81 6.85 -2.47
N LEU A 31 -15.37 6.07 -3.38
CA LEU A 31 -14.77 5.87 -4.69
C LEU A 31 -15.72 5.11 -5.61
N GLU A 32 -15.63 5.39 -6.91
CA GLU A 32 -16.49 4.74 -7.89
C GLU A 32 -16.26 3.23 -7.89
N ASP A 33 -17.22 2.49 -8.45
CA ASP A 33 -17.12 1.04 -8.51
C ASP A 33 -15.93 0.60 -9.35
N ASP A 34 -14.77 0.48 -8.71
CA ASP A 34 -13.56 0.06 -9.39
C ASP A 34 -12.42 -0.16 -8.40
N GLN A 35 -11.30 -0.67 -8.91
CA GLN A 35 -10.14 -0.93 -8.06
C GLN A 35 -9.63 0.36 -7.42
N GLU A 36 -8.56 0.24 -6.64
CA GLU A 36 -7.98 1.40 -5.96
C GLU A 36 -6.67 1.81 -6.63
N PRO A 37 -6.75 2.65 -7.68
CA PRO A 37 -5.56 3.12 -8.40
C PRO A 37 -4.72 4.09 -7.57
N ARG A 38 -3.63 4.56 -8.15
CA ARG A 38 -2.74 5.48 -7.46
C ARG A 38 -1.60 5.93 -8.38
N GLU A 39 -0.80 6.87 -7.90
CA GLU A 39 0.32 7.38 -8.68
C GLU A 39 1.65 6.81 -8.16
N HIS A 40 2.75 7.32 -8.68
CA HIS A 40 4.08 6.86 -8.28
C HIS A 40 4.75 7.87 -7.36
N PRO A 41 5.60 7.39 -6.43
CA PRO A 41 6.31 8.26 -5.50
C PRO A 41 7.40 9.09 -6.17
N ILE A 42 8.19 9.79 -5.37
CA ILE A 42 9.27 10.62 -5.89
C ILE A 42 10.63 10.09 -5.45
N MET A 43 11.67 10.46 -6.19
CA MET A 43 13.02 10.03 -5.88
C MET A 43 13.42 10.46 -4.47
N GLY A 44 14.20 9.62 -3.80
CA GLY A 44 14.65 9.93 -2.45
C GLY A 44 15.33 8.75 -1.77
N GLY A 45 15.67 8.93 -0.51
CA GLY A 45 16.34 7.86 0.23
C GLY A 45 15.42 7.20 1.24
N ILE A 46 16.01 6.48 2.19
CA ILE A 46 15.24 5.81 3.22
C ILE A 46 14.96 6.72 4.41
N TYR A 47 14.13 7.74 4.18
CA TYR A 47 13.79 8.69 5.24
C TYR A 47 12.76 9.70 4.74
N ASP A 48 12.92 10.14 3.50
CA ASP A 48 12.01 11.11 2.90
C ASP A 48 10.57 10.60 2.96
N ALA A 49 9.65 11.52 3.25
CA ALA A 49 8.23 11.17 3.33
C ALA A 49 7.36 12.27 2.73
N PRO A 50 7.64 12.69 1.50
CA PRO A 50 6.88 13.74 0.82
C PRO A 50 5.41 13.40 0.67
N LEU A 51 5.10 12.50 -0.26
CA LEU A 51 3.74 12.06 -0.50
C LEU A 51 2.85 13.25 -0.87
N ASN A 52 3.05 13.79 -2.07
CA ASN A 52 2.28 14.92 -2.54
C ASN A 52 0.79 14.59 -2.60
N ASN A 53 0.49 13.32 -2.86
CA ASN A 53 -0.89 12.87 -2.93
C ASN A 53 -1.43 12.51 -1.55
N GLU A 54 -1.52 13.53 -0.68
CA GLU A 54 -2.02 13.32 0.67
C GLU A 54 -3.44 13.87 0.83
N ASN A 55 -4.11 14.09 -0.28
CA ASN A 55 -5.48 14.62 -0.26
C ASN A 55 -6.40 13.70 0.53
N GLY A 56 -6.18 12.39 0.39
CA GLY A 56 -7.00 11.43 1.10
C GLY A 56 -7.43 10.27 0.21
N PHE A 57 -7.93 10.59 -0.97
CA PHE A 57 -8.38 9.57 -1.91
C PHE A 57 -7.21 8.71 -2.37
N ASP A 58 -6.06 9.34 -2.58
CA ASP A 58 -4.86 8.63 -3.03
C ASP A 58 -4.34 7.72 -1.93
N LYS A 59 -4.15 8.28 -0.73
CA LYS A 59 -3.65 7.52 0.39
C LYS A 59 -4.58 6.35 0.72
N GLU A 60 -5.88 6.59 0.61
CA GLU A 60 -6.88 5.56 0.89
C GLU A 60 -6.80 4.44 -0.14
N ASP A 61 -6.84 4.80 -1.42
CA ASP A 61 -6.78 3.82 -2.49
C ASP A 61 -5.50 3.00 -2.41
N LEU A 62 -4.38 3.68 -2.15
CA LEU A 62 -3.08 3.01 -2.04
C LEU A 62 -3.09 2.02 -0.88
N ALA A 63 -3.46 2.48 0.30
CA ALA A 63 -3.51 1.63 1.48
C ALA A 63 -4.37 0.40 1.25
N ARG A 64 -5.61 0.63 0.82
CA ARG A 64 -6.54 -0.46 0.55
C ARG A 64 -6.01 -1.35 -0.57
N PHE A 65 -5.40 -0.73 -1.57
CA PHE A 65 -4.85 -1.46 -2.70
C PHE A 65 -3.82 -2.48 -2.23
N ALA A 66 -2.78 -2.01 -1.56
CA ALA A 66 -1.72 -2.88 -1.06
C ALA A 66 -2.29 -3.95 -0.13
N VAL A 67 -3.02 -3.50 0.89
CA VAL A 67 -3.63 -4.41 1.85
C VAL A 67 -4.42 -5.51 1.15
N ARG A 68 -5.28 -5.10 0.23
CA ARG A 68 -6.10 -6.03 -0.52
C ARG A 68 -5.24 -6.88 -1.45
N GLU A 69 -4.12 -6.30 -1.90
CA GLU A 69 -3.21 -7.00 -2.79
C GLU A 69 -2.60 -8.21 -2.11
N TYR A 70 -2.23 -8.04 -0.85
CA TYR A 70 -1.63 -9.13 -0.08
C TYR A 70 -2.69 -9.94 0.64
N ASN A 71 -3.87 -9.35 0.83
CA ASN A 71 -4.97 -10.01 1.52
C ASN A 71 -5.77 -10.91 0.57
N ASN A 72 -5.73 -10.60 -0.73
CA ASN A 72 -6.46 -11.38 -1.72
C ASN A 72 -5.69 -12.63 -2.14
N LYS A 73 -4.37 -12.50 -2.22
CA LYS A 73 -3.51 -13.61 -2.62
C LYS A 73 -3.83 -14.88 -1.82
N ASN A 74 -3.97 -14.72 -0.52
CA ASN A 74 -4.27 -15.85 0.35
C ASN A 74 -4.47 -15.42 1.80
N ASN A 75 -3.76 -14.38 2.21
CA ASN A 75 -3.86 -13.86 3.58
C ASN A 75 -5.32 -13.66 3.98
N ALA A 76 -5.53 -13.34 5.25
CA ALA A 76 -6.88 -13.12 5.77
C ALA A 76 -7.58 -11.98 5.03
N LEU A 77 -8.75 -11.59 5.53
CA LEU A 77 -9.52 -10.51 4.91
C LEU A 77 -9.81 -9.41 5.93
N LEU A 78 -8.90 -8.46 6.04
CA LEU A 78 -9.05 -7.35 6.98
C LEU A 78 -9.37 -6.06 6.23
N GLU A 79 -9.47 -4.95 6.98
CA GLU A 79 -9.78 -3.66 6.38
C GLU A 79 -8.93 -2.55 7.01
N PHE A 80 -8.36 -1.70 6.17
CA PHE A 80 -7.54 -0.60 6.64
C PHE A 80 -8.41 0.58 7.07
N VAL A 81 -7.92 1.35 8.04
CA VAL A 81 -8.66 2.51 8.53
C VAL A 81 -8.06 3.81 8.01
N ARG A 82 -6.73 3.83 7.89
CA ARG A 82 -6.03 5.01 7.39
C ARG A 82 -4.52 4.81 7.45
N VAL A 83 -3.78 5.66 6.75
CA VAL A 83 -2.32 5.58 6.72
C VAL A 83 -1.70 6.41 7.84
N VAL A 84 -0.63 5.89 8.43
CA VAL A 84 0.06 6.59 9.50
C VAL A 84 1.49 6.95 9.11
N LYS A 85 1.99 6.34 8.03
CA LYS A 85 3.35 6.60 7.57
C LYS A 85 3.44 6.48 6.05
N ALA A 86 4.43 7.15 5.47
CA ALA A 86 4.63 7.11 4.02
C ALA A 86 6.05 7.54 3.66
N LYS A 87 6.77 6.65 2.98
CA LYS A 87 8.14 6.94 2.57
C LYS A 87 8.35 6.60 1.09
N GLU A 88 9.28 7.29 0.45
CA GLU A 88 9.58 7.06 -0.96
C GLU A 88 10.96 6.43 -1.13
N GLN A 89 11.03 5.40 -1.95
CA GLN A 89 12.29 4.71 -2.20
C GLN A 89 12.53 4.53 -3.70
N VAL A 90 13.79 4.40 -4.09
CA VAL A 90 14.14 4.22 -5.50
C VAL A 90 14.91 2.92 -5.71
N VAL A 91 14.32 2.02 -6.49
CA VAL A 91 14.95 0.74 -6.79
C VAL A 91 14.36 0.11 -8.05
N SER A 92 15.07 0.21 -9.16
CA SER A 92 14.61 -0.34 -10.43
C SER A 92 13.28 0.29 -10.84
N GLY A 93 13.06 1.52 -10.38
CA GLY A 93 11.83 2.22 -10.71
C GLY A 93 11.38 3.15 -9.60
N MET A 94 10.26 2.81 -8.97
CA MET A 94 9.73 3.63 -7.87
C MET A 94 9.03 2.76 -6.84
N MET A 95 9.58 2.71 -5.64
CA MET A 95 9.00 1.92 -4.56
C MET A 95 8.48 2.82 -3.45
N HIS A 96 7.22 2.60 -3.05
CA HIS A 96 6.60 3.41 -2.01
C HIS A 96 6.34 2.57 -0.75
N TYR A 97 7.00 2.96 0.34
CA TYR A 97 6.84 2.25 1.61
C TYR A 97 5.93 3.05 2.55
N LEU A 98 4.66 2.67 2.60
CA LEU A 98 3.69 3.35 3.45
C LEU A 98 3.11 2.42 4.50
N THR A 99 2.90 2.94 5.70
CA THR A 99 2.35 2.16 6.80
C THR A 99 0.94 2.65 7.14
N VAL A 100 0.02 1.71 7.33
CA VAL A 100 -1.35 2.06 7.65
C VAL A 100 -1.91 1.14 8.74
N GLU A 101 -2.96 1.61 9.41
CA GLU A 101 -3.60 0.83 10.47
C GLU A 101 -4.68 -0.06 9.90
N VAL A 102 -4.66 -1.34 10.27
CA VAL A 102 -5.64 -2.29 9.78
C VAL A 102 -6.45 -2.90 10.93
N ASN A 103 -7.70 -3.26 10.64
CA ASN A 103 -8.58 -3.86 11.64
C ASN A 103 -9.14 -5.18 11.13
N ASP A 104 -9.33 -6.13 12.04
CA ASP A 104 -9.87 -7.44 11.68
C ASP A 104 -10.64 -8.06 12.84
N ALA A 105 -11.95 -8.17 12.68
CA ALA A 105 -12.81 -8.75 13.72
C ALA A 105 -12.59 -8.07 15.07
N GLY A 106 -12.21 -6.80 15.03
CA GLY A 106 -11.97 -6.06 16.25
C GLY A 106 -10.49 -5.83 16.51
N LYS A 107 -9.65 -6.74 16.01
CA LYS A 107 -8.21 -6.63 16.20
C LYS A 107 -7.65 -5.43 15.42
N LYS A 108 -7.24 -4.40 16.15
CA LYS A 108 -6.69 -3.20 15.53
C LYS A 108 -5.18 -3.15 15.69
N LYS A 109 -4.47 -2.88 14.60
CA LYS A 109 -3.01 -2.81 14.64
C LYS A 109 -2.48 -1.98 13.47
N LEU A 110 -1.16 -1.81 13.43
CA LEU A 110 -0.51 -1.05 12.36
C LEU A 110 0.41 -1.95 11.54
N TYR A 111 0.15 -2.03 10.24
CA TYR A 111 0.96 -2.84 9.34
C TYR A 111 1.59 -1.99 8.25
N GLU A 112 2.81 -2.36 7.86
CA GLU A 112 3.52 -1.63 6.82
C GLU A 112 3.35 -2.31 5.46
N ALA A 113 3.20 -1.49 4.42
CA ALA A 113 3.01 -1.99 3.06
C ALA A 113 3.95 -1.29 2.09
N LYS A 114 4.71 -2.08 1.33
CA LYS A 114 5.65 -1.52 0.35
C LYS A 114 5.25 -1.92 -1.06
N VAL A 115 4.93 -0.92 -1.88
CA VAL A 115 4.54 -1.15 -3.26
C VAL A 115 5.64 -0.74 -4.23
N TRP A 116 5.72 -1.42 -5.37
CA TRP A 116 6.75 -1.11 -6.36
C TRP A 116 6.10 -0.79 -7.71
N GLU A 117 6.70 0.16 -8.42
CA GLU A 117 6.20 0.57 -9.74
C GLU A 117 7.33 1.11 -10.60
N GLN A 118 7.51 0.52 -11.77
CA GLN A 118 8.56 0.94 -12.69
C GLN A 118 7.98 1.83 -13.80
N VAL A 119 8.87 2.37 -14.63
CA VAL A 119 8.45 3.24 -15.73
C VAL A 119 8.80 2.61 -17.07
N TRP A 120 9.95 1.94 -17.14
CA TRP A 120 10.39 1.29 -18.37
C TRP A 120 9.75 -0.08 -18.52
N MET A 121 9.30 -0.65 -17.40
CA MET A 121 8.67 -1.97 -17.41
C MET A 121 7.15 -1.83 -17.43
N ASN A 122 6.65 -0.71 -16.92
CA ASN A 122 5.22 -0.46 -16.87
C ASN A 122 4.52 -1.49 -15.99
N PHE A 123 5.10 -1.77 -14.84
CA PHE A 123 4.53 -2.74 -13.91
C PHE A 123 4.44 -2.15 -12.50
N ARG A 124 3.33 -2.41 -11.83
CA ARG A 124 3.11 -1.91 -10.48
C ARG A 124 2.33 -2.92 -9.64
N GLN A 125 2.88 -3.27 -8.48
CA GLN A 125 2.24 -4.23 -7.60
C GLN A 125 2.82 -4.16 -6.19
N LEU A 126 2.20 -4.87 -5.26
CA LEU A 126 2.65 -4.89 -3.88
C LEU A 126 3.88 -5.80 -3.73
N GLN A 127 4.84 -5.35 -2.93
CA GLN A 127 6.06 -6.10 -2.71
C GLN A 127 5.97 -6.94 -1.45
N GLU A 128 5.82 -6.28 -0.30
CA GLU A 128 5.72 -6.98 0.98
C GLU A 128 4.80 -6.24 1.94
N PHE A 129 4.27 -6.98 2.90
CA PHE A 129 3.36 -6.42 3.91
C PHE A 129 3.74 -6.93 5.29
N THR A 130 4.30 -6.05 6.12
CA THR A 130 4.71 -6.42 7.47
C THR A 130 3.66 -5.99 8.49
N TYR A 131 3.58 -6.72 9.59
CA TYR A 131 2.62 -6.41 10.64
C TYR A 131 3.33 -5.85 11.88
N LEU A 132 3.12 -4.57 12.15
CA LEU A 132 3.74 -3.93 13.30
C LEU A 132 2.84 -4.01 14.52
N GLY A 133 3.23 -3.31 15.59
CA GLY A 133 2.44 -3.31 16.81
C GLY A 133 1.61 -2.06 16.97
N ASP A 134 0.43 -2.06 16.34
CA ASP A 134 -0.48 -0.91 16.40
C ASP A 134 0.24 0.41 16.12
N ALA A 135 -0.49 1.50 16.19
CA ALA A 135 0.08 2.82 15.95
C ALA A 135 -0.13 3.75 17.15
N MET A 1 19.88 3.30 8.80
CA MET A 1 18.55 3.57 8.22
C MET A 1 17.50 2.62 8.78
N ALA A 2 16.30 2.65 8.21
CA ALA A 2 15.22 1.79 8.66
C ALA A 2 15.59 0.32 8.54
N ASP A 3 16.43 0.00 7.56
CA ASP A 3 16.86 -1.37 7.34
C ASP A 3 15.68 -2.28 7.04
N GLU A 4 14.65 -1.72 6.40
CA GLU A 4 13.46 -2.48 6.06
C GLU A 4 13.58 -3.07 4.66
N GLN A 5 14.69 -3.73 4.39
CA GLN A 5 14.93 -4.35 3.09
C GLN A 5 14.93 -3.30 1.98
N PRO A 6 15.89 -2.35 2.02
CA PRO A 6 15.99 -1.29 1.03
C PRO A 6 16.04 -1.83 -0.40
N LYS A 7 17.07 -2.62 -0.69
CA LYS A 7 17.23 -3.21 -2.01
C LYS A 7 17.12 -4.73 -1.95
N LYS A 8 16.26 -5.29 -2.80
CA LYS A 8 16.05 -6.73 -2.84
C LYS A 8 15.06 -7.11 -3.96
N PRO A 9 15.22 -8.31 -4.53
CA PRO A 9 14.35 -8.79 -5.61
C PRO A 9 12.86 -8.68 -5.24
N VAL A 10 12.00 -8.87 -6.23
CA VAL A 10 10.56 -8.79 -6.00
C VAL A 10 9.85 -10.00 -6.59
N PRO A 11 8.65 -10.32 -6.07
CA PRO A 11 7.86 -11.47 -6.54
C PRO A 11 7.20 -11.20 -7.90
N ALA A 12 6.27 -12.06 -8.28
CA ALA A 12 5.57 -11.91 -9.54
C ALA A 12 4.06 -12.06 -9.35
N ALA A 13 3.32 -11.01 -9.69
CA ALA A 13 1.87 -11.02 -9.55
C ALA A 13 1.26 -9.75 -10.11
N GLU A 14 -0.04 -9.79 -10.40
CA GLU A 14 -0.74 -8.64 -10.94
C GLU A 14 -2.24 -8.94 -11.10
N GLU A 15 -3.01 -8.66 -10.05
CA GLU A 15 -4.45 -8.89 -10.08
C GLU A 15 -5.09 -8.40 -8.79
N ALA A 16 -6.42 -8.28 -8.81
CA ALA A 16 -7.17 -7.82 -7.65
C ALA A 16 -8.41 -8.68 -7.42
N PRO A 17 -8.97 -8.65 -6.19
CA PRO A 17 -10.17 -9.42 -5.85
C PRO A 17 -11.42 -8.86 -6.51
N ALA A 18 -12.49 -9.65 -6.50
CA ALA A 18 -13.75 -9.23 -7.09
C ALA A 18 -14.79 -8.93 -6.01
N ALA A 19 -14.88 -7.66 -5.62
CA ALA A 19 -15.82 -7.25 -4.60
C ALA A 19 -17.20 -6.95 -5.20
N GLU A 20 -18.16 -6.65 -4.34
CA GLU A 20 -19.52 -6.35 -4.79
C GLU A 20 -20.28 -5.56 -3.73
N ALA A 21 -20.28 -4.24 -3.87
CA ALA A 21 -20.97 -3.37 -2.92
C ALA A 21 -20.42 -3.54 -1.51
N GLU A 22 -19.74 -2.51 -1.02
CA GLU A 22 -19.16 -2.54 0.32
C GLU A 22 -19.01 -1.13 0.88
N ALA A 23 -19.66 -0.87 2.01
CA ALA A 23 -19.60 0.43 2.66
C ALA A 23 -19.30 0.30 4.14
N GLU A 24 -18.03 0.50 4.51
CA GLU A 24 -17.61 0.40 5.90
C GLU A 24 -17.34 1.78 6.48
N GLU A 25 -16.88 2.69 5.63
CA GLU A 25 -16.58 4.05 6.07
C GLU A 25 -15.50 4.05 7.14
N GLU A 26 -14.28 4.39 6.75
CA GLU A 26 -13.15 4.42 7.68
C GLU A 26 -12.77 5.86 8.01
N GLU A 27 -12.90 6.75 7.03
CA GLU A 27 -12.57 8.15 7.21
C GLU A 27 -13.64 9.05 6.60
N GLY A 28 -13.76 9.02 5.28
CA GLY A 28 -14.75 9.84 4.60
C GLY A 28 -14.45 10.03 3.13
N LEU A 29 -14.05 8.95 2.47
CA LEU A 29 -13.73 9.00 1.05
C LEU A 29 -14.83 8.33 0.22
N HIS A 30 -14.80 8.58 -1.09
CA HIS A 30 -15.80 8.02 -1.99
C HIS A 30 -15.13 7.37 -3.20
N LEU A 31 -15.83 6.42 -3.81
CA LEU A 31 -15.31 5.72 -4.98
C LEU A 31 -16.34 5.68 -6.10
N GLU A 32 -15.92 5.23 -7.28
CA GLU A 32 -16.80 5.14 -8.44
C GLU A 32 -17.14 3.69 -8.76
N ASP A 33 -16.14 2.83 -8.65
CA ASP A 33 -16.31 1.41 -8.94
C ASP A 33 -15.74 0.55 -7.81
N ASP A 34 -15.82 -0.77 -7.98
CA ASP A 34 -15.31 -1.70 -6.98
C ASP A 34 -13.79 -1.64 -6.91
N GLN A 35 -13.15 -1.72 -8.07
CA GLN A 35 -11.69 -1.69 -8.14
C GLN A 35 -11.16 -0.32 -7.68
N GLU A 36 -9.95 -0.31 -7.15
CA GLU A 36 -9.33 0.92 -6.67
C GLU A 36 -8.29 1.42 -7.66
N PRO A 37 -8.14 2.74 -7.80
CA PRO A 37 -7.17 3.35 -8.73
C PRO A 37 -5.73 3.17 -8.23
N ARG A 38 -4.81 3.90 -8.87
CA ARG A 38 -3.40 3.82 -8.49
C ARG A 38 -2.60 4.94 -9.15
N GLU A 39 -1.57 5.40 -8.46
CA GLU A 39 -0.71 6.48 -8.98
C GLU A 39 0.76 6.12 -8.83
N HIS A 40 1.63 6.94 -9.41
CA HIS A 40 3.06 6.72 -9.34
C HIS A 40 3.67 7.46 -8.15
N PRO A 41 4.62 6.81 -7.45
CA PRO A 41 5.28 7.42 -6.28
C PRO A 41 6.31 8.47 -6.69
N ILE A 42 6.91 9.11 -5.69
CA ILE A 42 7.92 10.13 -5.94
C ILE A 42 9.28 9.72 -5.38
N MET A 43 10.35 10.32 -5.90
CA MET A 43 11.69 10.02 -5.45
C MET A 43 11.85 10.29 -3.96
N GLY A 44 13.02 9.97 -3.42
CA GLY A 44 13.28 10.19 -2.02
C GLY A 44 14.35 9.28 -1.47
N GLY A 45 13.98 8.45 -0.49
CA GLY A 45 14.93 7.53 0.10
C GLY A 45 14.37 6.82 1.32
N ILE A 46 15.23 6.09 2.03
CA ILE A 46 14.81 5.37 3.22
C ILE A 46 14.49 6.33 4.38
N TYR A 47 14.84 7.59 4.20
CA TYR A 47 14.58 8.60 5.23
C TYR A 47 13.50 9.57 4.79
N ASP A 48 13.41 9.79 3.48
CA ASP A 48 12.42 10.70 2.93
C ASP A 48 11.00 10.26 3.30
N ALA A 49 10.11 11.22 3.48
CA ALA A 49 8.73 10.93 3.84
C ALA A 49 7.84 12.15 3.64
N PRO A 50 7.89 12.76 2.44
CA PRO A 50 7.08 13.94 2.13
C PRO A 50 5.61 13.60 1.89
N LEU A 51 5.38 12.48 1.21
CA LEU A 51 4.03 12.02 0.91
C LEU A 51 3.23 13.11 0.19
N ASN A 52 3.71 13.53 -0.97
CA ASN A 52 3.04 14.55 -1.76
C ASN A 52 1.60 14.17 -2.05
N ASN A 53 1.33 12.87 -2.12
CA ASN A 53 -0.01 12.38 -2.39
C ASN A 53 -0.75 12.06 -1.10
N GLU A 54 -0.66 12.98 -0.14
CA GLU A 54 -1.32 12.81 1.14
C GLU A 54 -2.70 13.48 1.16
N ASN A 55 -3.22 13.80 -0.02
CA ASN A 55 -4.51 14.45 -0.13
C ASN A 55 -5.60 13.60 0.52
N GLY A 56 -5.41 12.29 0.52
CA GLY A 56 -6.39 11.40 1.11
C GLY A 56 -6.82 10.29 0.17
N PHE A 57 -7.28 10.68 -1.02
CA PHE A 57 -7.72 9.71 -2.02
C PHE A 57 -6.56 8.86 -2.51
N ASP A 58 -5.41 9.50 -2.70
CA ASP A 58 -4.21 8.80 -3.17
C ASP A 58 -3.65 7.90 -2.07
N LYS A 59 -3.49 8.46 -0.88
CA LYS A 59 -2.95 7.70 0.24
C LYS A 59 -3.84 6.50 0.56
N GLU A 60 -5.15 6.73 0.53
CA GLU A 60 -6.12 5.67 0.82
C GLU A 60 -6.09 4.59 -0.28
N ASP A 61 -6.14 5.04 -1.53
CA ASP A 61 -6.12 4.12 -2.66
C ASP A 61 -4.87 3.26 -2.64
N LEU A 62 -3.73 3.89 -2.31
CA LEU A 62 -2.46 3.18 -2.25
C LEU A 62 -2.47 2.13 -1.13
N ALA A 63 -2.81 2.57 0.08
CA ALA A 63 -2.87 1.68 1.23
C ALA A 63 -3.79 0.49 0.97
N ARG A 64 -5.03 0.78 0.58
CA ARG A 64 -6.01 -0.26 0.30
C ARG A 64 -5.53 -1.15 -0.85
N PHE A 65 -4.88 -0.54 -1.84
CA PHE A 65 -4.37 -1.27 -2.99
C PHE A 65 -3.40 -2.37 -2.54
N ALA A 66 -2.32 -1.97 -1.89
CA ALA A 66 -1.32 -2.92 -1.41
C ALA A 66 -1.93 -3.94 -0.48
N VAL A 67 -2.62 -3.47 0.55
CA VAL A 67 -3.26 -4.35 1.52
C VAL A 67 -4.13 -5.39 0.83
N ARG A 68 -5.01 -4.92 -0.06
CA ARG A 68 -5.90 -5.80 -0.81
C ARG A 68 -5.10 -6.68 -1.77
N GLU A 69 -3.97 -6.16 -2.24
CA GLU A 69 -3.12 -6.89 -3.17
C GLU A 69 -2.56 -8.14 -2.51
N TYR A 70 -2.14 -8.01 -1.25
CA TYR A 70 -1.59 -9.13 -0.52
C TYR A 70 -2.68 -9.90 0.23
N ASN A 71 -3.81 -9.25 0.45
CA ASN A 71 -4.93 -9.87 1.16
C ASN A 71 -5.81 -10.70 0.23
N ASN A 72 -5.77 -10.38 -1.07
CA ASN A 72 -6.57 -11.10 -2.05
C ASN A 72 -5.88 -12.38 -2.50
N LYS A 73 -4.56 -12.32 -2.62
CA LYS A 73 -3.78 -13.48 -3.06
C LYS A 73 -4.14 -14.73 -2.27
N ASN A 74 -4.24 -14.60 -0.95
CA ASN A 74 -4.57 -15.72 -0.10
C ASN A 74 -4.71 -15.30 1.36
N ASN A 75 -3.93 -14.30 1.77
CA ASN A 75 -3.97 -13.81 3.14
C ASN A 75 -5.41 -13.53 3.59
N ALA A 76 -5.57 -13.22 4.86
CA ALA A 76 -6.89 -12.93 5.42
C ALA A 76 -7.55 -11.75 4.70
N LEU A 77 -8.71 -11.34 5.20
CA LEU A 77 -9.44 -10.23 4.61
C LEU A 77 -9.67 -9.13 5.63
N LEU A 78 -8.70 -8.21 5.74
CA LEU A 78 -8.79 -7.11 6.68
C LEU A 78 -9.06 -5.80 5.95
N GLU A 79 -9.10 -4.70 6.70
CA GLU A 79 -9.35 -3.38 6.11
C GLU A 79 -8.47 -2.32 6.74
N PHE A 80 -7.82 -1.51 5.90
CA PHE A 80 -6.95 -0.45 6.38
C PHE A 80 -7.77 0.76 6.83
N VAL A 81 -7.24 1.49 7.80
CA VAL A 81 -7.93 2.67 8.31
C VAL A 81 -7.29 3.95 7.79
N ARG A 82 -5.96 3.94 7.65
CA ARG A 82 -5.22 5.09 7.16
C ARG A 82 -3.72 4.84 7.22
N VAL A 83 -2.95 5.69 6.53
CA VAL A 83 -1.51 5.55 6.51
C VAL A 83 -0.86 6.33 7.65
N VAL A 84 0.20 5.77 8.23
CA VAL A 84 0.90 6.40 9.33
C VAL A 84 2.36 6.72 8.96
N LYS A 85 2.84 6.13 7.87
CA LYS A 85 4.21 6.37 7.43
C LYS A 85 4.31 6.30 5.91
N ALA A 86 5.32 6.98 5.36
CA ALA A 86 5.54 7.00 3.92
C ALA A 86 7.01 7.27 3.60
N LYS A 87 7.59 6.41 2.77
CA LYS A 87 8.99 6.55 2.38
C LYS A 87 9.16 6.23 0.89
N GLU A 88 10.28 6.67 0.32
CA GLU A 88 10.56 6.42 -1.08
C GLU A 88 11.83 5.59 -1.25
N GLN A 89 11.97 4.95 -2.42
CA GLN A 89 13.13 4.13 -2.70
C GLN A 89 13.29 3.92 -4.20
N VAL A 90 14.54 3.91 -4.66
CA VAL A 90 14.83 3.72 -6.07
C VAL A 90 15.50 2.38 -6.33
N VAL A 91 14.85 1.54 -7.13
CA VAL A 91 15.39 0.21 -7.45
C VAL A 91 14.73 -0.35 -8.70
N SER A 92 15.43 -0.25 -9.83
CA SER A 92 14.91 -0.75 -11.10
C SER A 92 13.61 -0.04 -11.47
N GLY A 93 13.45 1.18 -10.95
CA GLY A 93 12.25 1.95 -11.24
C GLY A 93 11.90 2.89 -10.12
N MET A 94 10.78 2.62 -9.47
CA MET A 94 10.32 3.45 -8.35
C MET A 94 9.61 2.62 -7.30
N MET A 95 10.21 2.55 -6.11
CA MET A 95 9.63 1.77 -5.01
C MET A 95 9.19 2.70 -3.88
N HIS A 96 8.04 2.42 -3.30
CA HIS A 96 7.50 3.23 -2.21
C HIS A 96 7.23 2.39 -0.97
N TYR A 97 7.81 2.79 0.16
CA TYR A 97 7.62 2.07 1.41
C TYR A 97 6.73 2.86 2.35
N LEU A 98 5.43 2.55 2.35
CA LEU A 98 4.47 3.24 3.20
C LEU A 98 3.84 2.29 4.21
N THR A 99 3.62 2.78 5.43
CA THR A 99 3.02 1.98 6.49
C THR A 99 1.63 2.51 6.83
N VAL A 100 0.69 1.59 7.04
CA VAL A 100 -0.67 1.98 7.37
C VAL A 100 -1.26 1.07 8.45
N GLU A 101 -2.29 1.56 9.13
CA GLU A 101 -2.93 0.79 10.19
C GLU A 101 -4.07 -0.06 9.60
N VAL A 102 -4.12 -1.33 9.99
CA VAL A 102 -5.14 -2.23 9.51
C VAL A 102 -5.95 -2.83 10.65
N ASN A 103 -7.21 -3.16 10.37
CA ASN A 103 -8.10 -3.74 11.37
C ASN A 103 -8.73 -5.02 10.83
N ASP A 104 -9.01 -5.96 11.73
CA ASP A 104 -9.62 -7.23 11.35
C ASP A 104 -10.46 -7.81 12.50
N ALA A 105 -11.77 -7.78 12.33
CA ALA A 105 -12.68 -8.30 13.35
C ALA A 105 -12.41 -7.66 14.71
N GLY A 106 -11.94 -6.42 14.69
CA GLY A 106 -11.66 -5.71 15.92
C GLY A 106 -10.17 -5.60 16.20
N LYS A 107 -9.40 -6.55 15.69
CA LYS A 107 -7.96 -6.55 15.88
C LYS A 107 -7.31 -5.43 15.09
N LYS A 108 -6.82 -4.41 15.80
CA LYS A 108 -6.17 -3.28 15.16
C LYS A 108 -4.65 -3.36 15.28
N LYS A 109 -3.96 -2.95 14.23
CA LYS A 109 -2.49 -2.99 14.22
C LYS A 109 -1.93 -2.16 13.09
N LEU A 110 -0.61 -2.05 13.03
CA LEU A 110 0.06 -1.28 12.00
C LEU A 110 0.96 -2.18 11.15
N TYR A 111 0.69 -2.21 9.85
CA TYR A 111 1.48 -3.04 8.94
C TYR A 111 2.13 -2.19 7.85
N GLU A 112 3.36 -2.54 7.49
CA GLU A 112 4.09 -1.80 6.47
C GLU A 112 3.88 -2.43 5.08
N ALA A 113 3.74 -1.58 4.07
CA ALA A 113 3.53 -2.04 2.71
C ALA A 113 4.51 -1.36 1.75
N LYS A 114 5.15 -2.16 0.90
CA LYS A 114 6.11 -1.62 -0.07
C LYS A 114 5.69 -1.98 -1.49
N VAL A 115 5.40 -0.94 -2.28
CA VAL A 115 4.98 -1.15 -3.67
C VAL A 115 6.08 -0.76 -4.64
N TRP A 116 6.10 -1.42 -5.79
CA TRP A 116 7.11 -1.15 -6.81
C TRP A 116 6.46 -0.77 -8.13
N GLU A 117 7.08 0.16 -8.85
CA GLU A 117 6.57 0.61 -10.14
C GLU A 117 7.70 1.10 -11.03
N GLN A 118 7.83 0.50 -12.21
CA GLN A 118 8.87 0.87 -13.16
C GLN A 118 8.33 1.82 -14.22
N VAL A 119 9.22 2.33 -15.07
CA VAL A 119 8.83 3.24 -16.13
C VAL A 119 9.07 2.63 -17.50
N TRP A 120 10.17 1.89 -17.63
CA TRP A 120 10.52 1.23 -18.88
C TRP A 120 9.79 -0.09 -19.04
N MET A 121 9.32 -0.65 -17.92
CA MET A 121 8.61 -1.91 -17.94
C MET A 121 7.10 -1.67 -17.90
N ASN A 122 6.70 -0.54 -17.36
CA ASN A 122 5.29 -0.19 -17.27
C ASN A 122 4.54 -1.19 -16.39
N PHE A 123 5.14 -1.53 -15.24
CA PHE A 123 4.54 -2.48 -14.32
C PHE A 123 4.55 -1.92 -12.89
N ARG A 124 3.44 -2.13 -12.18
CA ARG A 124 3.32 -1.65 -10.81
C ARG A 124 2.51 -2.64 -9.97
N GLN A 125 3.07 -3.04 -8.83
CA GLN A 125 2.40 -3.98 -7.95
C GLN A 125 3.02 -3.98 -6.56
N LEU A 126 2.40 -4.70 -5.63
CA LEU A 126 2.90 -4.78 -4.26
C LEU A 126 4.10 -5.72 -4.18
N GLN A 127 5.10 -5.33 -3.40
CA GLN A 127 6.31 -6.13 -3.25
C GLN A 127 6.25 -6.97 -1.98
N GLU A 128 6.09 -6.31 -0.83
CA GLU A 128 6.04 -7.01 0.45
C GLU A 128 5.11 -6.29 1.42
N PHE A 129 4.62 -7.03 2.41
CA PHE A 129 3.73 -6.49 3.42
C PHE A 129 4.07 -7.07 4.79
N THR A 130 4.68 -6.24 5.63
CA THR A 130 5.06 -6.69 6.98
C THR A 130 4.04 -6.24 8.01
N TYR A 131 3.91 -7.02 9.08
CA TYR A 131 2.97 -6.70 10.15
C TYR A 131 3.70 -6.22 11.39
N LEU A 132 3.56 -4.92 11.70
CA LEU A 132 4.20 -4.34 12.87
C LEU A 132 3.30 -4.41 14.09
N GLY A 133 3.71 -3.75 15.17
CA GLY A 133 2.93 -3.76 16.38
C GLY A 133 2.15 -2.47 16.58
N ASP A 134 0.97 -2.40 15.94
CA ASP A 134 0.11 -1.23 16.03
C ASP A 134 0.89 0.07 15.79
N ALA A 135 0.19 1.19 15.90
CA ALA A 135 0.82 2.50 15.69
C ALA A 135 0.59 3.41 16.89
N MET A 1 19.79 3.49 8.10
CA MET A 1 18.70 2.54 8.42
C MET A 1 19.21 1.10 8.42
N ALA A 2 18.39 0.19 8.93
CA ALA A 2 18.75 -1.22 8.99
C ALA A 2 19.06 -1.77 7.61
N ASP A 3 18.47 -1.16 6.58
CA ASP A 3 18.68 -1.58 5.21
C ASP A 3 18.14 -3.00 4.98
N GLU A 4 17.11 -3.35 5.74
CA GLU A 4 16.50 -4.67 5.63
C GLU A 4 15.33 -4.64 4.65
N GLN A 5 14.55 -3.57 4.70
CA GLN A 5 13.41 -3.40 3.81
C GLN A 5 13.85 -3.06 2.39
N PRO A 6 14.68 -2.00 2.25
CA PRO A 6 15.18 -1.57 0.93
C PRO A 6 16.30 -2.45 0.42
N LYS A 7 16.90 -2.05 -0.71
CA LYS A 7 18.00 -2.79 -1.31
C LYS A 7 17.70 -4.29 -1.35
N LYS A 8 16.45 -4.64 -1.64
CA LYS A 8 16.04 -6.03 -1.71
C LYS A 8 15.22 -6.30 -2.98
N PRO A 9 15.17 -7.56 -3.43
CA PRO A 9 14.43 -7.95 -4.62
C PRO A 9 12.92 -7.85 -4.43
N VAL A 10 12.17 -8.18 -5.47
CA VAL A 10 10.71 -8.12 -5.41
C VAL A 10 10.09 -9.45 -5.88
N PRO A 11 8.86 -9.74 -5.44
CA PRO A 11 8.15 -10.97 -5.81
C PRO A 11 7.63 -10.93 -7.24
N ALA A 12 6.79 -11.89 -7.58
CA ALA A 12 6.21 -11.97 -8.92
C ALA A 12 5.08 -10.97 -9.08
N ALA A 13 4.34 -11.09 -10.18
CA ALA A 13 3.22 -10.20 -10.46
C ALA A 13 1.92 -10.74 -9.88
N GLU A 14 0.96 -9.86 -9.67
CA GLU A 14 -0.33 -10.26 -9.11
C GLU A 14 -1.44 -9.30 -9.57
N GLU A 15 -2.64 -9.50 -9.03
CA GLU A 15 -3.78 -8.66 -9.39
C GLU A 15 -4.74 -8.52 -8.21
N ALA A 16 -5.84 -7.81 -8.43
CA ALA A 16 -6.84 -7.60 -7.39
C ALA A 16 -7.93 -8.68 -7.46
N PRO A 17 -8.61 -8.92 -6.33
CA PRO A 17 -9.68 -9.93 -6.26
C PRO A 17 -10.92 -9.51 -7.04
N ALA A 18 -11.53 -10.46 -7.73
CA ALA A 18 -12.72 -10.19 -8.52
C ALA A 18 -13.92 -9.91 -7.62
N ALA A 19 -14.02 -10.63 -6.52
CA ALA A 19 -15.12 -10.46 -5.58
C ALA A 19 -14.99 -9.14 -4.83
N GLU A 20 -16.08 -8.40 -4.77
CA GLU A 20 -16.09 -7.11 -4.07
C GLU A 20 -16.84 -7.21 -2.75
N ALA A 21 -16.24 -6.65 -1.70
CA ALA A 21 -16.84 -6.68 -0.37
C ALA A 21 -17.38 -5.31 0.01
N GLU A 22 -18.27 -5.28 1.00
CA GLU A 22 -18.86 -4.03 1.47
C GLU A 22 -18.15 -3.53 2.72
N ALA A 23 -18.61 -2.40 3.24
CA ALA A 23 -18.01 -1.81 4.43
C ALA A 23 -19.09 -1.34 5.41
N GLU A 24 -18.79 -1.43 6.70
CA GLU A 24 -19.74 -1.02 7.73
C GLU A 24 -19.29 0.30 8.36
N GLU A 25 -18.01 0.39 8.71
CA GLU A 25 -17.46 1.59 9.33
C GLU A 25 -16.05 1.85 8.85
N GLU A 26 -15.60 3.09 8.97
CA GLU A 26 -14.26 3.47 8.55
C GLU A 26 -14.04 3.19 7.07
N GLU A 27 -14.54 4.10 6.23
CA GLU A 27 -14.40 3.95 4.78
C GLU A 27 -13.37 4.92 4.22
N GLY A 28 -13.74 6.20 4.16
CA GLY A 28 -12.82 7.21 3.65
C GLY A 28 -13.51 8.18 2.71
N LEU A 29 -12.89 8.42 1.56
CA LEU A 29 -13.44 9.34 0.57
C LEU A 29 -14.38 8.61 -0.38
N HIS A 30 -14.92 9.34 -1.36
CA HIS A 30 -15.83 8.76 -2.33
C HIS A 30 -15.43 9.14 -3.75
N LEU A 31 -14.58 8.34 -4.36
CA LEU A 31 -14.12 8.60 -5.72
C LEU A 31 -14.78 7.64 -6.71
N GLU A 32 -15.13 8.16 -7.88
CA GLU A 32 -15.77 7.36 -8.91
C GLU A 32 -14.79 6.34 -9.49
N ASP A 33 -14.60 5.23 -8.79
CA ASP A 33 -13.68 4.20 -9.24
C ASP A 33 -13.71 3.00 -8.29
N ASP A 34 -14.28 1.90 -8.76
CA ASP A 34 -14.38 0.68 -7.95
C ASP A 34 -12.99 0.18 -7.56
N GLN A 35 -12.11 0.08 -8.54
CA GLN A 35 -10.74 -0.39 -8.29
C GLN A 35 -9.98 0.61 -7.43
N GLU A 36 -8.70 0.30 -7.18
CA GLU A 36 -7.85 1.18 -6.37
C GLU A 36 -6.74 1.79 -7.21
N PRO A 37 -6.99 2.97 -7.81
CA PRO A 37 -6.00 3.65 -8.64
C PRO A 37 -4.65 3.80 -7.94
N ARG A 38 -3.71 4.46 -8.61
CA ARG A 38 -2.38 4.67 -8.06
C ARG A 38 -1.75 5.95 -8.61
N GLU A 39 -0.46 6.14 -8.35
CA GLU A 39 0.25 7.31 -8.82
C GLU A 39 1.76 7.11 -8.77
N HIS A 40 2.50 8.00 -9.40
CA HIS A 40 3.95 7.91 -9.43
C HIS A 40 4.58 9.07 -8.65
N PRO A 41 4.83 8.87 -7.34
CA PRO A 41 5.44 9.90 -6.50
C PRO A 41 6.89 10.19 -6.87
N ILE A 42 7.50 11.14 -6.17
CA ILE A 42 8.89 11.51 -6.42
C ILE A 42 9.84 10.61 -5.66
N MET A 43 11.08 10.53 -6.12
CA MET A 43 12.10 9.71 -5.47
C MET A 43 12.30 10.13 -4.02
N GLY A 44 13.24 9.48 -3.34
CA GLY A 44 13.51 9.79 -1.95
C GLY A 44 14.09 8.61 -1.20
N GLY A 45 14.84 8.91 -0.13
CA GLY A 45 15.43 7.85 0.67
C GLY A 45 14.47 7.27 1.67
N ILE A 46 14.98 6.39 2.54
CA ILE A 46 14.15 5.75 3.55
C ILE A 46 13.82 6.72 4.68
N TYR A 47 13.10 7.79 4.36
CA TYR A 47 12.71 8.79 5.35
C TYR A 47 11.89 9.89 4.70
N ASP A 48 12.42 10.47 3.63
CA ASP A 48 11.73 11.55 2.93
C ASP A 48 10.50 11.02 2.19
N ALA A 49 9.39 11.73 2.34
CA ALA A 49 8.15 11.33 1.69
C ALA A 49 7.07 12.40 1.86
N PRO A 50 7.27 13.58 1.23
CA PRO A 50 6.30 14.67 1.31
C PRO A 50 4.89 14.24 0.93
N LEU A 51 4.81 13.25 0.05
CA LEU A 51 3.52 12.72 -0.40
C LEU A 51 2.62 13.85 -0.90
N ASN A 52 2.92 14.35 -2.09
CA ASN A 52 2.14 15.43 -2.68
C ASN A 52 0.67 15.04 -2.82
N ASN A 53 0.43 13.76 -3.12
CA ASN A 53 -0.93 13.24 -3.28
C ASN A 53 -1.44 12.69 -1.96
N GLU A 54 -1.29 13.45 -0.88
CA GLU A 54 -1.75 13.03 0.43
C GLU A 54 -3.16 13.55 0.73
N ASN A 55 -3.87 13.96 -0.32
CA ASN A 55 -5.23 14.47 -0.17
C ASN A 55 -6.13 13.43 0.48
N GLY A 56 -5.82 12.16 0.25
CA GLY A 56 -6.60 11.09 0.82
C GLY A 56 -6.96 10.02 -0.20
N PHE A 57 -7.29 10.45 -1.41
CA PHE A 57 -7.64 9.54 -2.48
C PHE A 57 -6.47 8.62 -2.85
N ASP A 58 -5.34 9.24 -3.19
CA ASP A 58 -4.15 8.50 -3.56
C ASP A 58 -3.74 7.53 -2.45
N LYS A 59 -3.59 8.06 -1.23
CA LYS A 59 -3.21 7.25 -0.09
C LYS A 59 -4.21 6.13 0.16
N GLU A 60 -5.49 6.43 -0.08
CA GLU A 60 -6.55 5.46 0.13
C GLU A 60 -6.41 4.27 -0.82
N ASP A 61 -6.46 4.55 -2.12
CA ASP A 61 -6.34 3.51 -3.13
C ASP A 61 -5.04 2.71 -2.96
N LEU A 62 -3.96 3.41 -2.66
CA LEU A 62 -2.66 2.77 -2.47
C LEU A 62 -2.71 1.77 -1.31
N ALA A 63 -3.14 2.26 -0.15
CA ALA A 63 -3.23 1.41 1.03
C ALA A 63 -4.10 0.18 0.78
N ARG A 64 -5.33 0.42 0.32
CA ARG A 64 -6.26 -0.66 0.03
C ARG A 64 -5.70 -1.58 -1.05
N PHE A 65 -5.06 -0.98 -2.04
CA PHE A 65 -4.47 -1.74 -3.15
C PHE A 65 -3.48 -2.77 -2.63
N ALA A 66 -2.46 -2.31 -1.91
CA ALA A 66 -1.44 -3.19 -1.37
C ALA A 66 -2.08 -4.23 -0.44
N VAL A 67 -2.83 -3.76 0.54
CA VAL A 67 -3.49 -4.65 1.49
C VAL A 67 -4.28 -5.74 0.76
N ARG A 68 -5.12 -5.32 -0.17
CA ARG A 68 -5.93 -6.26 -0.94
C ARG A 68 -5.05 -7.11 -1.85
N GLU A 69 -3.91 -6.57 -2.25
CA GLU A 69 -2.97 -7.29 -3.11
C GLU A 69 -2.42 -8.52 -2.39
N TYR A 70 -2.05 -8.34 -1.13
CA TYR A 70 -1.51 -9.43 -0.34
C TYR A 70 -2.62 -10.22 0.36
N ASN A 71 -3.79 -9.61 0.47
CA ASN A 71 -4.92 -10.25 1.13
C ASN A 71 -5.71 -11.13 0.16
N ASN A 72 -5.64 -10.81 -1.13
CA ASN A 72 -6.35 -11.58 -2.14
C ASN A 72 -5.57 -12.83 -2.54
N LYS A 73 -4.25 -12.71 -2.56
CA LYS A 73 -3.38 -13.83 -2.92
C LYS A 73 -3.73 -15.09 -2.12
N ASN A 74 -3.95 -14.92 -0.82
CA ASN A 74 -4.28 -16.04 0.05
C ASN A 74 -4.58 -15.57 1.47
N ASN A 75 -3.84 -14.58 1.93
CA ASN A 75 -4.02 -14.05 3.28
C ASN A 75 -5.50 -13.80 3.59
N ALA A 76 -5.79 -13.52 4.85
CA ALA A 76 -7.16 -13.27 5.28
C ALA A 76 -7.78 -12.10 4.51
N LEU A 77 -8.96 -11.67 4.94
CA LEU A 77 -9.66 -10.58 4.30
C LEU A 77 -9.97 -9.46 5.28
N LEU A 78 -9.03 -8.53 5.42
CA LEU A 78 -9.21 -7.41 6.34
C LEU A 78 -9.46 -6.12 5.57
N GLU A 79 -9.56 -5.00 6.29
CA GLU A 79 -9.80 -3.71 5.67
C GLU A 79 -8.97 -2.61 6.32
N PHE A 80 -8.35 -1.78 5.49
CA PHE A 80 -7.53 -0.68 5.98
C PHE A 80 -8.39 0.51 6.37
N VAL A 81 -7.94 1.28 7.35
CA VAL A 81 -8.67 2.45 7.81
C VAL A 81 -8.04 3.73 7.29
N ARG A 82 -6.71 3.75 7.24
CA ARG A 82 -5.97 4.91 6.77
C ARG A 82 -4.47 4.71 6.92
N VAL A 83 -3.69 5.56 6.25
CA VAL A 83 -2.23 5.47 6.31
C VAL A 83 -1.68 6.26 7.50
N VAL A 84 -0.60 5.75 8.09
CA VAL A 84 0.02 6.41 9.24
C VAL A 84 1.49 6.75 8.96
N LYS A 85 2.04 6.21 7.88
CA LYS A 85 3.43 6.47 7.53
C LYS A 85 3.64 6.44 6.02
N ALA A 86 4.59 7.23 5.55
CA ALA A 86 4.90 7.29 4.12
C ALA A 86 6.39 7.50 3.89
N LYS A 87 6.96 6.73 2.97
CA LYS A 87 8.39 6.84 2.65
C LYS A 87 8.63 6.56 1.18
N GLU A 88 9.56 7.30 0.58
CA GLU A 88 9.90 7.12 -0.83
C GLU A 88 11.17 6.31 -0.99
N GLN A 89 11.23 5.51 -2.06
CA GLN A 89 12.40 4.68 -2.32
C GLN A 89 12.63 4.55 -3.83
N VAL A 90 13.89 4.40 -4.22
CA VAL A 90 14.24 4.25 -5.63
C VAL A 90 15.02 2.97 -5.87
N VAL A 91 14.44 2.08 -6.67
CA VAL A 91 15.06 0.80 -6.99
C VAL A 91 14.45 0.19 -8.25
N SER A 92 15.19 0.22 -9.35
CA SER A 92 14.71 -0.33 -10.60
C SER A 92 13.43 0.37 -11.06
N GLY A 93 13.26 1.61 -10.63
CA GLY A 93 12.07 2.36 -11.00
C GLY A 93 11.64 3.32 -9.90
N MET A 94 10.50 3.03 -9.29
CA MET A 94 9.96 3.86 -8.22
C MET A 94 9.19 3.02 -7.21
N MET A 95 9.72 2.95 -5.99
CA MET A 95 9.07 2.18 -4.93
C MET A 95 8.59 3.10 -3.81
N HIS A 96 7.38 2.84 -3.32
CA HIS A 96 6.81 3.64 -2.25
C HIS A 96 6.48 2.79 -1.03
N TYR A 97 7.17 3.05 0.08
CA TYR A 97 6.96 2.31 1.32
C TYR A 97 6.06 3.11 2.26
N LEU A 98 4.81 2.68 2.40
CA LEU A 98 3.87 3.37 3.27
C LEU A 98 3.21 2.40 4.24
N THR A 99 3.01 2.86 5.48
CA THR A 99 2.38 2.04 6.51
C THR A 99 0.96 2.53 6.78
N VAL A 100 0.05 1.58 6.99
CA VAL A 100 -1.35 1.94 7.25
C VAL A 100 -1.95 1.03 8.32
N GLU A 101 -3.03 1.49 8.94
CA GLU A 101 -3.72 0.72 9.97
C GLU A 101 -4.79 -0.16 9.34
N VAL A 102 -4.82 -1.42 9.75
CA VAL A 102 -5.79 -2.38 9.23
C VAL A 102 -6.64 -2.98 10.34
N ASN A 103 -7.89 -3.31 10.00
CA ASN A 103 -8.81 -3.90 10.96
C ASN A 103 -9.34 -5.24 10.44
N ASP A 104 -9.61 -6.16 11.36
CA ASP A 104 -10.11 -7.48 11.01
C ASP A 104 -11.30 -7.87 11.87
N ALA A 105 -12.49 -7.46 11.46
CA ALA A 105 -13.72 -7.77 12.19
C ALA A 105 -13.59 -7.38 13.66
N GLY A 106 -12.83 -6.34 13.92
CA GLY A 106 -12.65 -5.88 15.29
C GLY A 106 -11.18 -5.74 15.67
N LYS A 107 -10.36 -6.67 15.20
CA LYS A 107 -8.93 -6.65 15.49
C LYS A 107 -8.26 -5.48 14.78
N LYS A 108 -7.84 -4.48 15.55
CA LYS A 108 -7.18 -3.31 14.98
C LYS A 108 -5.68 -3.39 15.18
N LYS A 109 -4.93 -3.10 14.12
CA LYS A 109 -3.47 -3.14 14.17
C LYS A 109 -2.86 -2.27 13.08
N LEU A 110 -1.54 -2.13 13.12
CA LEU A 110 -0.83 -1.33 12.12
C LEU A 110 0.12 -2.20 11.31
N TYR A 111 -0.09 -2.22 9.99
CA TYR A 111 0.75 -3.02 9.10
C TYR A 111 1.42 -2.14 8.05
N GLU A 112 2.66 -2.50 7.69
CA GLU A 112 3.42 -1.76 6.70
C GLU A 112 3.31 -2.40 5.33
N ALA A 113 3.27 -1.59 4.29
CA ALA A 113 3.17 -2.07 2.92
C ALA A 113 4.13 -1.34 1.99
N LYS A 114 4.80 -2.09 1.12
CA LYS A 114 5.75 -1.50 0.18
C LYS A 114 5.33 -1.81 -1.26
N VAL A 115 5.06 -0.76 -2.03
CA VAL A 115 4.66 -0.91 -3.42
C VAL A 115 5.78 -0.52 -4.37
N TRP A 116 5.81 -1.15 -5.55
CA TRP A 116 6.83 -0.86 -6.55
C TRP A 116 6.20 -0.55 -7.89
N GLU A 117 6.80 0.39 -8.62
CA GLU A 117 6.31 0.80 -9.93
C GLU A 117 7.44 1.33 -10.79
N GLN A 118 7.61 0.75 -11.98
CA GLN A 118 8.66 1.17 -12.90
C GLN A 118 8.10 2.07 -14.00
N VAL A 119 8.99 2.60 -14.83
CA VAL A 119 8.58 3.47 -15.93
C VAL A 119 8.92 2.83 -17.28
N TRP A 120 10.06 2.16 -17.34
CA TRP A 120 10.50 1.50 -18.56
C TRP A 120 9.85 0.12 -18.71
N MET A 121 9.39 -0.44 -17.59
CA MET A 121 8.75 -1.74 -17.60
C MET A 121 7.23 -1.60 -17.62
N ASN A 122 6.75 -0.48 -17.12
CA ASN A 122 5.32 -0.21 -17.08
C ASN A 122 4.59 -1.23 -16.21
N PHE A 123 5.18 -1.52 -15.05
CA PHE A 123 4.59 -2.48 -14.11
C PHE A 123 4.51 -1.89 -12.70
N ARG A 124 3.42 -2.19 -12.01
CA ARG A 124 3.22 -1.68 -10.66
C ARG A 124 2.45 -2.70 -9.82
N GLN A 125 3.01 -3.07 -8.67
CA GLN A 125 2.37 -4.04 -7.78
C GLN A 125 2.97 -3.97 -6.38
N LEU A 126 2.39 -4.74 -5.47
CA LEU A 126 2.86 -4.79 -4.08
C LEU A 126 4.08 -5.69 -3.95
N GLN A 127 5.05 -5.26 -3.15
CA GLN A 127 6.27 -6.03 -2.94
C GLN A 127 6.16 -6.89 -1.68
N GLU A 128 5.95 -6.24 -0.54
CA GLU A 128 5.81 -6.95 0.72
C GLU A 128 4.84 -6.24 1.66
N PHE A 129 4.29 -7.01 2.60
CA PHE A 129 3.34 -6.47 3.57
C PHE A 129 3.64 -7.03 4.96
N THR A 130 4.18 -6.19 5.83
CA THR A 130 4.51 -6.61 7.19
C THR A 130 3.43 -6.16 8.17
N TYR A 131 3.27 -6.92 9.25
CA TYR A 131 2.27 -6.60 10.26
C TYR A 131 2.94 -6.15 11.56
N LEU A 132 2.77 -4.88 11.90
CA LEU A 132 3.36 -4.33 13.11
C LEU A 132 2.42 -4.53 14.30
N GLY A 133 2.75 -3.87 15.41
CA GLY A 133 1.93 -3.99 16.60
C GLY A 133 0.65 -3.18 16.51
N ASP A 134 0.78 -1.86 16.48
CA ASP A 134 -0.38 -0.97 16.38
C ASP A 134 0.06 0.48 16.30
N ALA A 135 -0.84 1.34 15.83
CA ALA A 135 -0.54 2.76 15.70
C ALA A 135 -1.30 3.57 16.75
N MET A 1 19.41 2.62 9.12
CA MET A 1 17.94 2.67 8.89
C MET A 1 17.30 1.30 9.04
N ALA A 2 16.05 1.18 8.60
CA ALA A 2 15.33 -0.09 8.68
C ALA A 2 16.06 -1.19 7.91
N ASP A 3 16.31 -0.93 6.64
CA ASP A 3 17.00 -1.90 5.79
C ASP A 3 16.21 -3.20 5.70
N GLU A 4 14.89 -3.09 5.77
CA GLU A 4 14.02 -4.26 5.69
C GLU A 4 14.12 -4.92 4.32
N GLN A 5 13.64 -4.23 3.30
CA GLN A 5 13.67 -4.75 1.95
C GLN A 5 13.73 -3.61 0.93
N PRO A 6 14.72 -2.70 1.07
CA PRO A 6 14.88 -1.57 0.16
C PRO A 6 15.39 -1.98 -1.21
N LYS A 7 16.29 -2.96 -1.23
CA LYS A 7 16.86 -3.46 -2.48
C LYS A 7 16.83 -4.98 -2.51
N LYS A 8 15.95 -5.54 -3.35
CA LYS A 8 15.83 -6.98 -3.47
C LYS A 8 14.85 -7.34 -4.59
N PRO A 9 14.86 -8.61 -5.04
CA PRO A 9 13.98 -9.08 -6.11
C PRO A 9 12.52 -9.10 -5.67
N VAL A 10 11.62 -8.74 -6.58
CA VAL A 10 10.19 -8.71 -6.29
C VAL A 10 9.46 -9.83 -7.02
N PRO A 11 8.29 -10.25 -6.51
CA PRO A 11 7.50 -11.32 -7.12
C PRO A 11 6.78 -10.86 -8.39
N ALA A 12 5.85 -11.67 -8.87
CA ALA A 12 5.10 -11.35 -10.06
C ALA A 12 3.60 -11.58 -9.85
N ALA A 13 2.82 -10.51 -9.99
CA ALA A 13 1.38 -10.59 -9.81
C ALA A 13 0.71 -9.27 -10.15
N GLU A 14 -0.59 -9.32 -10.43
CA GLU A 14 -1.35 -8.12 -10.76
C GLU A 14 -2.83 -8.45 -10.96
N GLU A 15 -3.60 -8.35 -9.89
CA GLU A 15 -5.04 -8.63 -9.94
C GLU A 15 -5.73 -8.18 -8.66
N ALA A 16 -7.07 -8.21 -8.68
CA ALA A 16 -7.85 -7.80 -7.52
C ALA A 16 -8.93 -8.83 -7.19
N PRO A 17 -9.45 -8.81 -5.95
CA PRO A 17 -10.48 -9.75 -5.52
C PRO A 17 -11.83 -9.45 -6.17
N ALA A 18 -12.83 -10.28 -5.86
CA ALA A 18 -14.17 -10.11 -6.41
C ALA A 18 -15.17 -10.97 -5.67
N ALA A 19 -15.58 -10.51 -4.48
CA ALA A 19 -16.56 -11.24 -3.67
C ALA A 19 -17.94 -10.62 -3.79
N GLU A 20 -18.96 -11.34 -3.31
CA GLU A 20 -20.33 -10.86 -3.36
C GLU A 20 -20.80 -10.43 -1.98
N ALA A 21 -21.13 -9.15 -1.85
CA ALA A 21 -21.60 -8.60 -0.57
C ALA A 21 -20.55 -8.77 0.52
N GLU A 22 -19.96 -7.66 0.96
CA GLU A 22 -18.95 -7.68 1.99
C GLU A 22 -18.90 -6.35 2.74
N ALA A 23 -19.16 -6.40 4.04
CA ALA A 23 -19.16 -5.20 4.87
C ALA A 23 -17.76 -4.60 4.95
N GLU A 24 -17.60 -3.39 4.41
CA GLU A 24 -16.31 -2.72 4.43
C GLU A 24 -16.14 -1.88 5.70
N GLU A 25 -14.90 -1.71 6.12
CA GLU A 25 -14.60 -0.94 7.33
C GLU A 25 -14.02 0.44 6.96
N GLU A 26 -14.48 1.46 7.67
CA GLU A 26 -14.00 2.82 7.42
C GLU A 26 -14.31 3.25 5.99
N GLU A 27 -15.52 3.77 5.77
CA GLU A 27 -15.93 4.22 4.45
C GLU A 27 -15.41 5.62 4.17
N GLY A 28 -14.43 5.72 3.27
CA GLY A 28 -13.87 7.02 2.92
C GLY A 28 -13.67 7.18 1.43
N LEU A 29 -14.06 8.34 0.90
CA LEU A 29 -13.92 8.62 -0.51
C LEU A 29 -14.71 7.61 -1.35
N HIS A 30 -14.71 7.81 -2.66
CA HIS A 30 -15.42 6.92 -3.57
C HIS A 30 -14.54 6.50 -4.74
N LEU A 31 -15.11 5.75 -5.67
CA LEU A 31 -14.36 5.30 -6.85
C LEU A 31 -15.16 5.54 -8.13
N GLU A 32 -14.49 5.41 -9.26
CA GLU A 32 -15.14 5.61 -10.55
C GLU A 32 -15.35 4.29 -11.27
N ASP A 33 -14.31 3.46 -11.31
CA ASP A 33 -14.39 2.16 -11.97
C ASP A 33 -13.16 1.32 -11.64
N ASP A 34 -11.98 1.92 -11.79
CA ASP A 34 -10.73 1.22 -11.52
C ASP A 34 -10.67 0.76 -10.06
N GLN A 35 -9.72 -0.11 -9.76
CA GLN A 35 -9.55 -0.63 -8.40
C GLN A 35 -9.14 0.49 -7.44
N GLU A 36 -7.88 0.90 -7.53
CA GLU A 36 -7.37 1.96 -6.66
C GLU A 36 -6.19 2.67 -7.31
N PRO A 37 -6.44 3.42 -8.40
CA PRO A 37 -5.39 4.15 -9.11
C PRO A 37 -4.56 5.04 -8.19
N ARG A 38 -3.45 5.54 -8.70
CA ARG A 38 -2.57 6.40 -7.92
C ARG A 38 -1.42 6.93 -8.78
N GLU A 39 -0.69 7.91 -8.24
CA GLU A 39 0.43 8.50 -8.96
C GLU A 39 1.75 7.86 -8.54
N HIS A 40 2.85 8.45 -8.96
CA HIS A 40 4.17 7.94 -8.63
C HIS A 40 4.83 8.80 -7.54
N PRO A 41 5.68 8.18 -6.69
CA PRO A 41 6.37 8.88 -5.61
C PRO A 41 7.46 9.81 -6.14
N ILE A 42 8.29 10.31 -5.23
CA ILE A 42 9.38 11.21 -5.60
C ILE A 42 10.73 10.62 -5.21
N MET A 43 11.78 11.04 -5.92
CA MET A 43 13.13 10.56 -5.66
C MET A 43 13.51 10.78 -4.20
N GLY A 44 14.31 9.86 -3.65
CA GLY A 44 14.73 9.97 -2.28
C GLY A 44 15.25 8.65 -1.71
N GLY A 45 15.34 8.57 -0.40
CA GLY A 45 15.81 7.36 0.24
C GLY A 45 15.07 7.05 1.53
N ILE A 46 15.65 6.16 2.35
CA ILE A 46 15.03 5.78 3.61
C ILE A 46 15.19 6.88 4.66
N TYR A 47 14.38 7.92 4.54
CA TYR A 47 14.43 9.04 5.49
C TYR A 47 13.35 10.07 5.17
N ASP A 48 13.18 10.36 3.88
CA ASP A 48 12.18 11.33 3.44
C ASP A 48 10.77 10.78 3.64
N ALA A 49 9.95 11.53 4.37
CA ALA A 49 8.58 11.11 4.63
C ALA A 49 7.61 12.31 4.56
N PRO A 50 7.66 13.07 3.47
CA PRO A 50 6.80 14.25 3.28
C PRO A 50 5.38 13.86 2.89
N LEU A 51 5.27 12.90 1.98
CA LEU A 51 3.97 12.44 1.52
C LEU A 51 3.14 13.59 0.95
N ASN A 52 3.51 14.05 -0.23
CA ASN A 52 2.81 15.14 -0.88
C ASN A 52 1.37 14.77 -1.21
N ASN A 53 1.20 13.60 -1.83
CA ASN A 53 -0.12 13.11 -2.20
C ASN A 53 -0.90 12.69 -0.96
N GLU A 54 -1.22 13.66 -0.11
CA GLU A 54 -1.98 13.39 1.12
C GLU A 54 -3.42 13.87 0.99
N ASN A 55 -3.87 14.11 -0.24
CA ASN A 55 -5.24 14.56 -0.48
C ASN A 55 -6.25 13.57 0.08
N GLY A 56 -5.88 12.29 0.10
CA GLY A 56 -6.76 11.27 0.60
C GLY A 56 -7.00 10.15 -0.38
N PHE A 57 -7.32 10.51 -1.62
CA PHE A 57 -7.57 9.53 -2.67
C PHE A 57 -6.30 8.73 -2.96
N ASP A 58 -5.17 9.42 -3.00
CA ASP A 58 -3.89 8.77 -3.27
C ASP A 58 -3.47 7.87 -2.11
N LYS A 59 -3.46 8.44 -0.91
CA LYS A 59 -3.08 7.67 0.28
C LYS A 59 -4.00 6.46 0.47
N GLU A 60 -5.29 6.68 0.33
CA GLU A 60 -6.27 5.60 0.47
C GLU A 60 -6.10 4.57 -0.63
N ASP A 61 -5.85 5.04 -1.84
CA ASP A 61 -5.68 4.16 -2.99
C ASP A 61 -4.49 3.22 -2.76
N LEU A 62 -3.36 3.78 -2.33
CA LEU A 62 -2.17 3.00 -2.06
C LEU A 62 -2.40 2.00 -0.94
N ALA A 63 -2.86 2.49 0.20
CA ALA A 63 -3.13 1.64 1.35
C ALA A 63 -4.10 0.52 1.00
N ARG A 64 -5.24 0.90 0.45
CA ARG A 64 -6.27 -0.07 0.08
C ARG A 64 -5.75 -1.01 -1.02
N PHE A 65 -4.99 -0.46 -1.96
CA PHE A 65 -4.45 -1.25 -3.06
C PHE A 65 -3.48 -2.31 -2.55
N ALA A 66 -2.47 -1.86 -1.80
CA ALA A 66 -1.47 -2.77 -1.26
C ALA A 66 -2.11 -3.83 -0.36
N VAL A 67 -2.84 -3.38 0.64
CA VAL A 67 -3.51 -4.29 1.58
C VAL A 67 -4.36 -5.32 0.83
N ARG A 68 -5.26 -4.82 -0.03
CA ARG A 68 -6.13 -5.70 -0.81
C ARG A 68 -5.31 -6.56 -1.76
N GLU A 69 -4.17 -6.04 -2.20
CA GLU A 69 -3.30 -6.77 -3.13
C GLU A 69 -2.74 -8.02 -2.46
N TYR A 70 -2.30 -7.88 -1.21
CA TYR A 70 -1.74 -9.01 -0.47
C TYR A 70 -2.83 -9.77 0.28
N ASN A 71 -4.01 -9.17 0.39
CA ASN A 71 -5.13 -9.79 1.09
C ASN A 71 -5.94 -10.68 0.15
N ASN A 72 -6.04 -10.26 -1.11
CA ASN A 72 -6.80 -11.02 -2.09
C ASN A 72 -6.06 -12.30 -2.52
N LYS A 73 -4.74 -12.21 -2.60
CA LYS A 73 -3.91 -13.35 -2.99
C LYS A 73 -4.27 -14.60 -2.18
N ASN A 74 -4.45 -14.43 -0.87
CA ASN A 74 -4.79 -15.54 0.00
C ASN A 74 -5.01 -15.08 1.44
N ASN A 75 -4.21 -14.11 1.87
CA ASN A 75 -4.32 -13.58 3.23
C ASN A 75 -5.76 -13.25 3.59
N ALA A 76 -5.99 -12.93 4.86
CA ALA A 76 -7.33 -12.59 5.34
C ALA A 76 -7.93 -11.45 4.53
N LEU A 77 -9.07 -10.93 5.01
CA LEU A 77 -9.75 -9.84 4.33
C LEU A 77 -9.83 -8.60 5.21
N LEU A 78 -8.75 -8.32 5.94
CA LEU A 78 -8.70 -7.16 6.83
C LEU A 78 -9.04 -5.88 6.07
N GLU A 79 -9.12 -4.77 6.79
CA GLU A 79 -9.46 -3.49 6.18
C GLU A 79 -8.65 -2.35 6.81
N PHE A 80 -8.08 -1.50 5.96
CA PHE A 80 -7.29 -0.37 6.43
C PHE A 80 -8.19 0.82 6.75
N VAL A 81 -7.77 1.63 7.72
CA VAL A 81 -8.54 2.81 8.12
C VAL A 81 -7.91 4.08 7.58
N ARG A 82 -6.57 4.11 7.54
CA ARG A 82 -5.84 5.27 7.04
C ARG A 82 -4.33 5.06 7.19
N VAL A 83 -3.56 5.89 6.49
CA VAL A 83 -2.11 5.80 6.54
C VAL A 83 -1.55 6.61 7.70
N VAL A 84 -0.49 6.09 8.33
CA VAL A 84 0.14 6.76 9.46
C VAL A 84 1.59 7.14 9.14
N LYS A 85 2.15 6.53 8.09
CA LYS A 85 3.53 6.82 7.70
C LYS A 85 3.70 6.71 6.19
N ALA A 86 4.69 7.41 5.65
CA ALA A 86 4.96 7.41 4.23
C ALA A 86 6.41 7.78 3.94
N LYS A 87 7.03 7.04 3.02
CA LYS A 87 8.41 7.28 2.65
C LYS A 87 8.65 6.95 1.17
N GLU A 88 9.69 7.54 0.60
CA GLU A 88 10.02 7.30 -0.80
C GLU A 88 11.31 6.51 -0.95
N GLN A 89 11.38 5.69 -1.98
CA GLN A 89 12.57 4.87 -2.24
C GLN A 89 12.80 4.70 -3.74
N VAL A 90 14.07 4.71 -4.13
CA VAL A 90 14.43 4.55 -5.54
C VAL A 90 15.19 3.25 -5.77
N VAL A 91 14.60 2.35 -6.57
CA VAL A 91 15.22 1.08 -6.87
C VAL A 91 14.63 0.46 -8.14
N SER A 92 15.37 0.55 -9.24
CA SER A 92 14.91 0.00 -10.50
C SER A 92 13.60 0.67 -10.95
N GLY A 93 13.40 1.90 -10.50
CA GLY A 93 12.19 2.63 -10.85
C GLY A 93 11.72 3.53 -9.73
N MET A 94 10.59 3.19 -9.13
CA MET A 94 10.05 3.99 -8.04
C MET A 94 9.37 3.09 -7.00
N MET A 95 9.93 3.06 -5.80
CA MET A 95 9.38 2.25 -4.72
C MET A 95 8.88 3.12 -3.58
N HIS A 96 7.63 2.90 -3.19
CA HIS A 96 7.03 3.68 -2.10
C HIS A 96 6.80 2.82 -0.86
N TYR A 97 7.22 3.33 0.29
CA TYR A 97 7.06 2.62 1.55
C TYR A 97 6.20 3.42 2.52
N LEU A 98 4.94 3.05 2.65
CA LEU A 98 4.02 3.75 3.54
C LEU A 98 3.36 2.79 4.51
N THR A 99 3.18 3.24 5.75
CA THR A 99 2.55 2.42 6.78
C THR A 99 1.14 2.92 7.07
N VAL A 100 0.22 1.99 7.32
CA VAL A 100 -1.16 2.34 7.60
C VAL A 100 -1.74 1.47 8.71
N GLU A 101 -2.80 1.96 9.35
CA GLU A 101 -3.45 1.21 10.43
C GLU A 101 -4.53 0.31 9.86
N VAL A 102 -4.44 -0.98 10.16
CA VAL A 102 -5.40 -1.95 9.66
C VAL A 102 -6.22 -2.56 10.80
N ASN A 103 -7.49 -2.84 10.51
CA ASN A 103 -8.39 -3.42 11.49
C ASN A 103 -8.95 -4.75 10.98
N ASP A 104 -9.26 -5.65 11.90
CA ASP A 104 -9.80 -6.95 11.54
C ASP A 104 -10.72 -7.49 12.63
N ALA A 105 -12.02 -7.45 12.38
CA ALA A 105 -13.01 -7.93 13.34
C ALA A 105 -12.87 -7.21 14.68
N GLY A 106 -12.41 -5.96 14.63
CA GLY A 106 -12.26 -5.18 15.84
C GLY A 106 -10.79 -5.02 16.23
N LYS A 107 -9.97 -5.99 15.84
CA LYS A 107 -8.54 -5.95 16.15
C LYS A 107 -7.84 -4.84 15.36
N LYS A 108 -7.43 -3.79 16.06
CA LYS A 108 -6.75 -2.67 15.42
C LYS A 108 -5.23 -2.84 15.50
N LYS A 109 -4.54 -2.47 14.43
CA LYS A 109 -3.09 -2.58 14.38
C LYS A 109 -2.50 -1.68 13.31
N LEU A 110 -1.17 -1.73 13.17
CA LEU A 110 -0.47 -0.92 12.18
C LEU A 110 0.45 -1.79 11.34
N TYR A 111 0.17 -1.87 10.05
CA TYR A 111 0.97 -2.68 9.14
C TYR A 111 1.62 -1.81 8.07
N GLU A 112 2.87 -2.11 7.74
CA GLU A 112 3.61 -1.37 6.73
C GLU A 112 3.45 -2.01 5.36
N ALA A 113 3.41 -1.17 4.33
CA ALA A 113 3.26 -1.66 2.95
C ALA A 113 4.24 -0.96 2.01
N LYS A 114 4.89 -1.75 1.17
CA LYS A 114 5.85 -1.21 0.22
C LYS A 114 5.48 -1.58 -1.22
N VAL A 115 5.17 -0.58 -2.03
CA VAL A 115 4.78 -0.80 -3.42
C VAL A 115 5.90 -0.38 -4.37
N TRP A 116 5.97 -1.05 -5.52
CA TRP A 116 6.99 -0.75 -6.52
C TRP A 116 6.36 -0.39 -7.86
N GLU A 117 7.00 0.51 -8.58
CA GLU A 117 6.51 0.94 -9.88
C GLU A 117 7.66 1.48 -10.74
N GLN A 118 7.85 0.87 -11.91
CA GLN A 118 8.91 1.29 -12.82
C GLN A 118 8.34 2.13 -13.97
N VAL A 119 9.23 2.63 -14.82
CA VAL A 119 8.81 3.44 -15.95
C VAL A 119 9.21 2.78 -17.28
N TRP A 120 10.38 2.14 -17.28
CA TRP A 120 10.88 1.47 -18.48
C TRP A 120 10.30 0.07 -18.60
N MET A 121 9.83 -0.48 -17.48
CA MET A 121 9.25 -1.82 -17.47
C MET A 121 7.73 -1.74 -17.56
N ASN A 122 7.17 -0.62 -17.15
CA ASN A 122 5.73 -0.42 -17.17
C ASN A 122 5.03 -1.41 -16.25
N PHE A 123 5.49 -1.48 -15.01
CA PHE A 123 4.90 -2.39 -14.03
C PHE A 123 4.74 -1.69 -12.69
N ARG A 124 3.66 -2.01 -11.99
CA ARG A 124 3.39 -1.41 -10.68
C ARG A 124 2.53 -2.34 -9.83
N GLN A 125 3.07 -2.75 -8.68
CA GLN A 125 2.34 -3.63 -7.78
C GLN A 125 2.96 -3.62 -6.38
N LEU A 126 2.30 -4.32 -5.45
CA LEU A 126 2.78 -4.39 -4.08
C LEU A 126 3.99 -5.32 -3.98
N GLN A 127 4.98 -4.92 -3.18
CA GLN A 127 6.19 -5.72 -3.00
C GLN A 127 6.09 -6.58 -1.74
N GLU A 128 5.93 -5.93 -0.59
CA GLU A 128 5.83 -6.65 0.67
C GLU A 128 4.90 -5.91 1.64
N PHE A 129 4.36 -6.66 2.61
CA PHE A 129 3.47 -6.11 3.60
C PHE A 129 3.81 -6.64 4.99
N THR A 130 4.35 -5.77 5.84
CA THR A 130 4.74 -6.16 7.19
C THR A 130 3.67 -5.76 8.20
N TYR A 131 3.58 -6.52 9.29
CA TYR A 131 2.60 -6.25 10.34
C TYR A 131 3.28 -5.76 11.61
N LEU A 132 3.08 -4.49 11.94
CA LEU A 132 3.68 -3.90 13.13
C LEU A 132 2.73 -4.00 14.32
N GLY A 133 3.06 -3.31 15.41
CA GLY A 133 2.23 -3.33 16.60
C GLY A 133 1.44 -2.05 16.77
N ASP A 134 0.29 -1.98 16.10
CA ASP A 134 -0.58 -0.81 16.17
C ASP A 134 0.20 0.49 15.98
N ALA A 135 -0.51 1.61 16.06
CA ALA A 135 0.10 2.92 15.89
C ALA A 135 -0.21 3.82 17.07
N MET A 1 20.75 3.29 7.69
CA MET A 1 19.32 3.36 8.09
C MET A 1 18.87 2.07 8.76
N ALA A 2 17.57 1.90 8.92
CA ALA A 2 17.01 0.71 9.56
C ALA A 2 17.41 -0.55 8.80
N ASP A 3 17.58 -0.42 7.49
CA ASP A 3 17.95 -1.54 6.64
C ASP A 3 16.90 -2.65 6.72
N GLU A 4 15.81 -2.47 5.97
CA GLU A 4 14.73 -3.45 5.94
C GLU A 4 14.80 -4.31 4.67
N GLN A 5 14.40 -3.72 3.56
CA GLN A 5 14.41 -4.42 2.28
C GLN A 5 14.58 -3.44 1.12
N PRO A 6 15.63 -2.60 1.17
CA PRO A 6 15.90 -1.61 0.11
C PRO A 6 16.40 -2.26 -1.17
N LYS A 7 17.06 -3.41 -1.05
CA LYS A 7 17.59 -4.13 -2.19
C LYS A 7 17.18 -5.60 -2.15
N LYS A 8 16.25 -5.98 -3.02
CA LYS A 8 15.78 -7.35 -3.09
C LYS A 8 14.77 -7.53 -4.21
N PRO A 9 14.59 -8.77 -4.71
CA PRO A 9 13.64 -9.06 -5.78
C PRO A 9 12.19 -8.83 -5.36
N VAL A 10 11.27 -9.06 -6.28
CA VAL A 10 9.85 -8.89 -6.00
C VAL A 10 9.03 -10.10 -6.47
N PRO A 11 7.85 -10.31 -5.86
CA PRO A 11 6.97 -11.43 -6.23
C PRO A 11 6.25 -11.20 -7.55
N ALA A 12 5.26 -12.04 -7.83
CA ALA A 12 4.49 -11.92 -9.06
C ALA A 12 2.99 -12.08 -8.79
N ALA A 13 2.23 -11.05 -9.11
CA ALA A 13 0.77 -11.08 -8.90
C ALA A 13 0.11 -9.84 -9.47
N GLU A 14 -1.18 -9.94 -9.76
CA GLU A 14 -1.93 -8.82 -10.32
C GLU A 14 -3.40 -9.18 -10.49
N GLU A 15 -4.14 -9.20 -9.38
CA GLU A 15 -5.56 -9.54 -9.41
C GLU A 15 -6.28 -8.97 -8.20
N ALA A 16 -7.59 -9.16 -8.15
CA ALA A 16 -8.40 -8.67 -7.03
C ALA A 16 -9.32 -9.77 -6.48
N PRO A 17 -9.94 -9.53 -5.33
CA PRO A 17 -10.85 -10.50 -4.70
C PRO A 17 -12.19 -10.58 -5.42
N ALA A 18 -13.02 -11.54 -5.00
CA ALA A 18 -14.34 -11.72 -5.59
C ALA A 18 -15.43 -11.19 -4.68
N ALA A 19 -16.10 -10.13 -5.10
CA ALA A 19 -17.18 -9.55 -4.32
C ALA A 19 -16.68 -9.06 -2.97
N GLU A 20 -17.60 -8.69 -2.09
CA GLU A 20 -17.25 -8.22 -0.76
C GLU A 20 -16.38 -6.96 -0.84
N ALA A 21 -17.04 -5.81 -0.88
CA ALA A 21 -16.33 -4.53 -0.96
C ALA A 21 -17.26 -3.36 -0.70
N GLU A 22 -18.24 -3.57 0.18
CA GLU A 22 -19.20 -2.53 0.52
C GLU A 22 -18.92 -1.97 1.91
N ALA A 23 -19.26 -0.69 2.10
CA ALA A 23 -19.04 -0.04 3.38
C ALA A 23 -17.56 -0.01 3.74
N GLU A 24 -16.97 1.18 3.72
CA GLU A 24 -15.56 1.34 4.04
C GLU A 24 -15.38 1.73 5.51
N GLU A 25 -14.22 1.41 6.06
CA GLU A 25 -13.91 1.71 7.46
C GLU A 25 -12.94 2.88 7.55
N GLU A 26 -13.33 3.92 8.29
CA GLU A 26 -12.49 5.09 8.46
C GLU A 26 -12.19 5.75 7.12
N GLU A 27 -12.77 6.93 6.90
CA GLU A 27 -12.56 7.66 5.65
C GLU A 27 -13.04 6.85 4.46
N GLY A 28 -14.33 6.90 4.19
CA GLY A 28 -14.90 6.17 3.07
C GLY A 28 -14.96 7.00 1.81
N LEU A 29 -13.83 7.14 1.13
CA LEU A 29 -13.76 7.91 -0.10
C LEU A 29 -14.63 7.29 -1.19
N HIS A 30 -15.50 8.11 -1.77
CA HIS A 30 -16.39 7.63 -2.84
C HIS A 30 -15.71 7.70 -4.20
N LEU A 31 -14.92 6.67 -4.51
CA LEU A 31 -14.22 6.61 -5.78
C LEU A 31 -14.42 5.26 -6.45
N GLU A 32 -14.83 5.29 -7.72
CA GLU A 32 -15.05 4.06 -8.48
C GLU A 32 -14.44 4.16 -9.87
N ASP A 33 -13.18 3.75 -9.98
CA ASP A 33 -12.47 3.80 -11.25
C ASP A 33 -11.78 2.46 -11.54
N ASP A 34 -12.42 1.37 -11.14
CA ASP A 34 -11.88 0.03 -11.35
C ASP A 34 -10.54 -0.12 -10.63
N GLN A 35 -10.51 -0.98 -9.61
CA GLN A 35 -9.30 -1.22 -8.84
C GLN A 35 -8.82 0.08 -8.18
N GLU A 36 -7.68 -0.02 -7.48
CA GLU A 36 -7.11 1.13 -6.79
C GLU A 36 -5.78 1.53 -7.42
N PRO A 37 -5.81 2.38 -8.46
CA PRO A 37 -4.59 2.84 -9.14
C PRO A 37 -3.56 3.39 -8.16
N ARG A 38 -2.45 3.89 -8.71
CA ARG A 38 -1.38 4.46 -7.89
C ARG A 38 -0.90 5.77 -8.47
N GLU A 39 0.00 6.44 -7.74
CA GLU A 39 0.54 7.72 -8.18
C GLU A 39 2.00 7.56 -8.64
N HIS A 40 2.63 8.68 -8.96
CA HIS A 40 4.02 8.67 -9.41
C HIS A 40 4.95 9.24 -8.33
N PRO A 41 5.42 8.37 -7.42
CA PRO A 41 6.32 8.78 -6.33
C PRO A 41 7.71 9.16 -6.84
N ILE A 42 8.29 10.20 -6.27
CA ILE A 42 9.61 10.66 -6.66
C ILE A 42 10.70 9.87 -5.94
N MET A 43 11.90 9.88 -6.51
CA MET A 43 13.03 9.17 -5.91
C MET A 43 13.32 9.67 -4.51
N GLY A 44 14.36 9.13 -3.89
CA GLY A 44 14.73 9.54 -2.55
C GLY A 44 15.48 8.46 -1.80
N GLY A 45 15.27 8.39 -0.48
CA GLY A 45 15.93 7.40 0.32
C GLY A 45 14.99 6.73 1.31
N ILE A 46 15.56 6.19 2.38
CA ILE A 46 14.76 5.51 3.40
C ILE A 46 14.46 6.45 4.58
N TYR A 47 14.24 7.72 4.27
CA TYR A 47 13.94 8.71 5.29
C TYR A 47 13.40 10.00 4.67
N ASP A 48 12.12 10.25 4.85
CA ASP A 48 11.48 11.44 4.31
C ASP A 48 10.13 11.69 4.97
N ALA A 49 9.19 10.78 4.72
CA ALA A 49 7.85 10.90 5.28
C ALA A 49 7.19 12.21 4.89
N PRO A 50 7.14 12.51 3.57
CA PRO A 50 6.53 13.74 3.08
C PRO A 50 5.01 13.68 3.06
N LEU A 51 4.49 12.56 2.59
CA LEU A 51 3.04 12.35 2.51
C LEU A 51 2.35 13.54 1.86
N ASN A 52 2.92 14.02 0.76
CA ASN A 52 2.36 15.16 0.05
C ASN A 52 0.92 14.88 -0.39
N ASN A 53 0.63 13.60 -0.65
CA ASN A 53 -0.71 13.20 -1.08
C ASN A 53 -1.53 12.72 0.12
N GLU A 54 -1.88 13.64 0.99
CA GLU A 54 -2.68 13.31 2.17
C GLU A 54 -4.12 13.79 2.02
N ASN A 55 -4.53 14.07 0.79
CA ASN A 55 -5.89 14.53 0.52
C ASN A 55 -6.90 13.44 0.86
N GLY A 56 -6.49 12.18 0.70
CA GLY A 56 -7.39 11.07 0.98
C GLY A 56 -7.53 10.12 -0.19
N PHE A 57 -7.72 10.70 -1.38
CA PHE A 57 -7.89 9.89 -2.59
C PHE A 57 -6.65 9.04 -2.84
N ASP A 58 -5.48 9.67 -2.80
CA ASP A 58 -4.22 8.96 -3.02
C ASP A 58 -3.87 8.11 -1.82
N LYS A 59 -4.17 8.61 -0.62
CA LYS A 59 -3.88 7.90 0.61
C LYS A 59 -4.64 6.58 0.67
N GLU A 60 -5.93 6.64 0.39
CA GLU A 60 -6.78 5.44 0.40
C GLU A 60 -6.53 4.57 -0.82
N ASP A 61 -6.31 5.22 -1.96
CA ASP A 61 -6.06 4.49 -3.20
C ASP A 61 -4.81 3.62 -3.06
N LEU A 62 -3.73 4.24 -2.58
CA LEU A 62 -2.47 3.53 -2.39
C LEU A 62 -2.58 2.51 -1.26
N ALA A 63 -3.01 2.96 -0.09
CA ALA A 63 -3.14 2.08 1.06
C ALA A 63 -4.06 0.90 0.76
N ARG A 64 -5.26 1.20 0.26
CA ARG A 64 -6.22 0.16 -0.08
C ARG A 64 -5.67 -0.75 -1.18
N PHE A 65 -5.03 -0.15 -2.18
CA PHE A 65 -4.46 -0.91 -3.29
C PHE A 65 -3.50 -1.99 -2.78
N ALA A 66 -2.50 -1.56 -2.00
CA ALA A 66 -1.52 -2.50 -1.46
C ALA A 66 -2.19 -3.53 -0.56
N VAL A 67 -2.93 -3.04 0.43
CA VAL A 67 -3.62 -3.93 1.37
C VAL A 67 -4.45 -4.97 0.63
N ARG A 68 -5.32 -4.51 -0.26
CA ARG A 68 -6.17 -5.40 -1.04
C ARG A 68 -5.34 -6.27 -1.98
N GLU A 69 -4.21 -5.73 -2.43
CA GLU A 69 -3.33 -6.46 -3.34
C GLU A 69 -2.77 -7.71 -2.66
N TYR A 70 -2.41 -7.58 -1.39
CA TYR A 70 -1.85 -8.70 -0.64
C TYR A 70 -2.96 -9.43 0.13
N ASN A 71 -4.11 -8.79 0.28
CA ASN A 71 -5.23 -9.40 1.00
C ASN A 71 -6.10 -10.23 0.07
N ASN A 72 -6.03 -9.96 -1.23
CA ASN A 72 -6.82 -10.69 -2.21
C ASN A 72 -6.14 -11.99 -2.61
N LYS A 73 -4.81 -11.98 -2.68
CA LYS A 73 -4.05 -13.17 -3.05
C LYS A 73 -4.54 -14.41 -2.31
N ASN A 74 -4.04 -14.63 -1.11
CA ASN A 74 -4.43 -15.78 -0.31
C ASN A 74 -4.37 -15.47 1.19
N ASN A 75 -4.29 -14.18 1.53
CA ASN A 75 -4.22 -13.77 2.93
C ASN A 75 -5.62 -13.68 3.54
N ALA A 76 -5.70 -13.05 4.70
CA ALA A 76 -6.98 -12.89 5.40
C ALA A 76 -7.82 -11.79 4.75
N LEU A 77 -8.84 -11.33 5.47
CA LEU A 77 -9.71 -10.28 4.97
C LEU A 77 -9.88 -9.16 6.01
N LEU A 78 -8.99 -8.18 5.95
CA LEU A 78 -9.04 -7.05 6.88
C LEU A 78 -9.37 -5.76 6.15
N GLU A 79 -9.37 -4.65 6.88
CA GLU A 79 -9.68 -3.35 6.29
C GLU A 79 -8.78 -2.25 6.85
N PHE A 80 -8.17 -1.48 5.95
CA PHE A 80 -7.28 -0.39 6.35
C PHE A 80 -8.09 0.82 6.78
N VAL A 81 -7.54 1.61 7.70
CA VAL A 81 -8.21 2.79 8.19
C VAL A 81 -7.57 4.06 7.63
N ARG A 82 -6.25 4.05 7.52
CA ARG A 82 -5.50 5.19 6.99
C ARG A 82 -4.00 4.93 7.05
N VAL A 83 -3.23 5.77 6.34
CA VAL A 83 -1.78 5.62 6.33
C VAL A 83 -1.13 6.43 7.46
N VAL A 84 -0.10 5.85 8.06
CA VAL A 84 0.61 6.52 9.14
C VAL A 84 2.05 6.86 8.75
N LYS A 85 2.55 6.21 7.70
CA LYS A 85 3.92 6.45 7.24
C LYS A 85 4.00 6.32 5.73
N ALA A 86 5.00 6.98 5.15
CA ALA A 86 5.21 6.94 3.70
C ALA A 86 6.68 7.17 3.35
N LYS A 87 7.26 6.23 2.63
CA LYS A 87 8.66 6.33 2.23
C LYS A 87 8.83 6.06 0.74
N GLU A 88 9.93 6.53 0.17
CA GLU A 88 10.21 6.34 -1.25
C GLU A 88 11.50 5.56 -1.45
N GLN A 89 11.66 4.95 -2.63
CA GLN A 89 12.85 4.17 -2.95
C GLN A 89 12.96 3.95 -4.44
N VAL A 90 14.19 3.98 -4.95
CA VAL A 90 14.44 3.78 -6.37
C VAL A 90 15.11 2.44 -6.64
N VAL A 91 14.44 1.58 -7.40
CA VAL A 91 14.96 0.27 -7.74
C VAL A 91 14.28 -0.29 -8.98
N SER A 92 14.96 -0.18 -10.11
CA SER A 92 14.41 -0.68 -11.38
C SER A 92 13.10 0.02 -11.71
N GLY A 93 12.91 1.22 -11.17
CA GLY A 93 11.70 1.98 -11.43
C GLY A 93 11.37 2.92 -10.29
N MET A 94 10.26 2.65 -9.61
CA MET A 94 9.83 3.49 -8.50
C MET A 94 9.16 2.65 -7.42
N MET A 95 9.78 2.59 -6.24
CA MET A 95 9.25 1.83 -5.13
C MET A 95 8.82 2.75 -3.99
N HIS A 96 7.74 2.40 -3.32
CA HIS A 96 7.23 3.21 -2.22
C HIS A 96 6.92 2.36 -1.00
N TYR A 97 7.55 2.68 0.12
CA TYR A 97 7.34 1.94 1.37
C TYR A 97 6.46 2.75 2.32
N LEU A 98 5.16 2.50 2.27
CA LEU A 98 4.21 3.21 3.12
C LEU A 98 3.58 2.28 4.15
N THR A 99 3.38 2.80 5.35
CA THR A 99 2.77 2.03 6.43
C THR A 99 1.39 2.58 6.77
N VAL A 100 0.41 1.68 6.91
CA VAL A 100 -0.95 2.10 7.23
C VAL A 100 -1.54 1.23 8.33
N GLU A 101 -2.60 1.74 8.97
CA GLU A 101 -3.26 1.01 10.04
C GLU A 101 -4.36 0.12 9.48
N VAL A 102 -4.42 -1.12 9.95
CA VAL A 102 -5.42 -2.06 9.50
C VAL A 102 -6.22 -2.64 10.66
N ASN A 103 -7.48 -2.96 10.41
CA ASN A 103 -8.35 -3.52 11.43
C ASN A 103 -8.92 -4.86 10.98
N ASP A 104 -9.09 -5.77 11.94
CA ASP A 104 -9.62 -7.09 11.64
C ASP A 104 -10.75 -7.47 12.60
N ALA A 105 -11.96 -7.06 12.27
CA ALA A 105 -13.13 -7.36 13.11
C ALA A 105 -12.90 -6.90 14.55
N GLY A 106 -12.09 -5.86 14.72
CA GLY A 106 -11.81 -5.35 16.05
C GLY A 106 -10.32 -5.22 16.32
N LYS A 107 -9.56 -6.18 15.83
CA LYS A 107 -8.10 -6.18 16.02
C LYS A 107 -7.47 -5.03 15.25
N LYS A 108 -6.99 -4.03 15.99
CA LYS A 108 -6.35 -2.87 15.37
C LYS A 108 -4.83 -2.98 15.44
N LYS A 109 -4.18 -2.77 14.30
CA LYS A 109 -2.72 -2.85 14.24
C LYS A 109 -2.18 -2.04 13.07
N LEU A 110 -0.86 -1.85 13.05
CA LEU A 110 -0.20 -1.10 11.98
C LEU A 110 0.67 -2.02 11.13
N TYR A 111 0.39 -2.07 9.84
CA TYR A 111 1.14 -2.91 8.93
C TYR A 111 1.82 -2.08 7.84
N GLU A 112 3.03 -2.50 7.46
CA GLU A 112 3.78 -1.80 6.43
C GLU A 112 3.56 -2.42 5.06
N ALA A 113 3.43 -1.57 4.05
CA ALA A 113 3.22 -2.04 2.69
C ALA A 113 4.16 -1.35 1.71
N LYS A 114 4.82 -2.14 0.86
CA LYS A 114 5.74 -1.59 -0.13
C LYS A 114 5.30 -1.93 -1.54
N VAL A 115 5.01 -0.89 -2.32
CA VAL A 115 4.56 -1.06 -3.70
C VAL A 115 5.66 -0.68 -4.69
N TRP A 116 5.66 -1.33 -5.85
CA TRP A 116 6.66 -1.06 -6.87
C TRP A 116 6.00 -0.74 -8.21
N GLU A 117 6.58 0.20 -8.94
CA GLU A 117 6.05 0.61 -10.24
C GLU A 117 7.17 1.14 -11.13
N GLN A 118 7.27 0.57 -12.34
CA GLN A 118 8.30 0.99 -13.29
C GLN A 118 7.72 1.93 -14.33
N VAL A 119 8.59 2.46 -15.19
CA VAL A 119 8.17 3.38 -16.24
C VAL A 119 8.40 2.78 -17.62
N TRP A 120 9.50 2.04 -17.77
CA TRP A 120 9.83 1.41 -19.04
C TRP A 120 9.12 0.06 -19.19
N MET A 121 8.70 -0.52 -18.06
CA MET A 121 8.02 -1.79 -18.07
C MET A 121 6.51 -1.59 -17.99
N ASN A 122 6.10 -0.47 -17.44
CA ASN A 122 4.67 -0.15 -17.30
C ASN A 122 3.98 -1.18 -16.41
N PHE A 123 4.65 -1.58 -15.34
CA PHE A 123 4.09 -2.55 -14.41
C PHE A 123 4.11 -2.01 -12.99
N ARG A 124 3.02 -2.27 -12.25
CA ARG A 124 2.91 -1.81 -10.87
C ARG A 124 2.14 -2.81 -10.02
N GLN A 125 2.71 -3.17 -8.88
CA GLN A 125 2.07 -4.13 -7.98
C GLN A 125 2.68 -4.07 -6.58
N LEU A 126 2.09 -4.81 -5.65
CA LEU A 126 2.57 -4.84 -4.28
C LEU A 126 3.77 -5.77 -4.15
N GLN A 127 4.78 -5.33 -3.40
CA GLN A 127 5.99 -6.13 -3.21
C GLN A 127 5.89 -6.98 -1.95
N GLU A 128 5.74 -6.32 -0.81
CA GLU A 128 5.64 -7.02 0.47
C GLU A 128 4.72 -6.28 1.44
N PHE A 129 4.19 -7.02 2.40
CA PHE A 129 3.30 -6.46 3.41
C PHE A 129 3.62 -7.05 4.79
N THR A 130 4.25 -6.25 5.64
CA THR A 130 4.61 -6.70 6.98
C THR A 130 3.62 -6.21 8.01
N TYR A 131 3.46 -6.96 9.09
CA TYR A 131 2.52 -6.61 10.15
C TYR A 131 3.27 -6.14 11.39
N LEU A 132 3.17 -4.85 11.68
CA LEU A 132 3.84 -4.28 12.85
C LEU A 132 2.94 -4.33 14.07
N GLY A 133 3.36 -3.69 15.16
CA GLY A 133 2.59 -3.68 16.38
C GLY A 133 1.34 -2.83 16.26
N ASP A 134 1.50 -1.52 16.39
CA ASP A 134 0.38 -0.58 16.29
C ASP A 134 0.88 0.84 16.11
N ALA A 135 -0.01 1.71 15.64
CA ALA A 135 0.33 3.11 15.42
C ALA A 135 -0.27 4.00 16.50
N MET A 1 21.57 4.63 4.57
CA MET A 1 20.65 3.76 5.35
C MET A 1 21.00 2.30 5.20
N ALA A 2 20.38 1.44 6.01
CA ALA A 2 20.63 0.01 5.97
C ALA A 2 20.33 -0.56 4.59
N ASP A 3 19.44 0.10 3.86
CA ASP A 3 19.05 -0.33 2.51
C ASP A 3 18.83 -1.84 2.45
N GLU A 4 18.38 -2.41 3.57
CA GLU A 4 18.12 -3.84 3.64
C GLU A 4 16.79 -4.18 2.97
N GLN A 5 15.75 -3.44 3.32
CA GLN A 5 14.43 -3.66 2.75
C GLN A 5 14.36 -3.16 1.31
N PRO A 6 14.67 -1.87 1.08
CA PRO A 6 14.64 -1.27 -0.26
C PRO A 6 15.84 -1.70 -1.11
N LYS A 7 15.80 -1.36 -2.39
CA LYS A 7 16.88 -1.71 -3.31
C LYS A 7 17.04 -3.23 -3.41
N LYS A 8 16.15 -3.86 -4.15
CA LYS A 8 16.19 -5.31 -4.33
C LYS A 8 15.09 -5.76 -5.29
N PRO A 9 15.17 -7.02 -5.76
CA PRO A 9 14.19 -7.58 -6.69
C PRO A 9 12.83 -7.79 -6.04
N VAL A 10 11.79 -7.97 -6.85
CA VAL A 10 10.44 -8.18 -6.36
C VAL A 10 9.75 -9.31 -7.11
N PRO A 11 8.74 -9.94 -6.48
CA PRO A 11 8.00 -11.04 -7.09
C PRO A 11 7.04 -10.57 -8.18
N ALA A 12 6.15 -11.46 -8.61
CA ALA A 12 5.18 -11.13 -9.64
C ALA A 12 3.76 -11.48 -9.20
N ALA A 13 2.89 -10.48 -9.14
CA ALA A 13 1.52 -10.69 -8.73
C ALA A 13 0.64 -9.48 -9.09
N GLU A 14 -0.63 -9.73 -9.34
CA GLU A 14 -1.56 -8.67 -9.70
C GLU A 14 -2.98 -9.23 -9.87
N GLU A 15 -3.82 -8.99 -8.88
CA GLU A 15 -5.20 -9.46 -8.92
C GLU A 15 -5.98 -8.99 -7.69
N ALA A 16 -7.25 -9.35 -7.63
CA ALA A 16 -8.11 -8.96 -6.52
C ALA A 16 -8.87 -10.16 -5.96
N PRO A 17 -9.42 -10.04 -4.75
CA PRO A 17 -10.19 -11.11 -4.11
C PRO A 17 -11.53 -11.36 -4.79
N ALA A 18 -12.25 -12.37 -4.32
CA ALA A 18 -13.55 -12.71 -4.89
C ALA A 18 -14.68 -12.00 -4.14
N ALA A 19 -14.58 -11.97 -2.81
CA ALA A 19 -15.59 -11.33 -1.99
C ALA A 19 -16.95 -11.97 -2.19
N GLU A 20 -17.16 -13.12 -1.53
CA GLU A 20 -18.42 -13.84 -1.64
C GLU A 20 -19.34 -13.48 -0.47
N ALA A 21 -18.75 -13.20 0.68
CA ALA A 21 -19.52 -12.85 1.86
C ALA A 21 -19.43 -11.36 2.15
N GLU A 22 -20.52 -10.80 2.68
CA GLU A 22 -20.57 -9.38 3.00
C GLU A 22 -19.96 -9.11 4.38
N ALA A 23 -19.21 -8.01 4.47
CA ALA A 23 -18.56 -7.65 5.72
C ALA A 23 -18.43 -6.13 5.85
N GLU A 24 -18.14 -5.66 7.05
CA GLU A 24 -18.00 -4.23 7.30
C GLU A 24 -16.65 -3.73 6.79
N GLU A 25 -16.44 -2.41 6.88
CA GLU A 25 -15.19 -1.80 6.42
C GLU A 25 -15.15 -0.32 6.79
N GLU A 26 -13.95 0.20 6.96
CA GLU A 26 -13.77 1.60 7.30
C GLU A 26 -13.27 2.40 6.10
N GLU A 27 -14.15 3.22 5.53
CA GLU A 27 -13.81 4.04 4.38
C GLU A 27 -14.69 5.28 4.30
N GLY A 28 -14.52 6.05 3.23
CA GLY A 28 -15.32 7.25 3.05
C GLY A 28 -15.13 7.88 1.68
N LEU A 29 -13.87 8.07 1.30
CA LEU A 29 -13.56 8.66 0.00
C LEU A 29 -12.38 7.95 -0.66
N HIS A 30 -12.37 7.93 -1.98
CA HIS A 30 -11.29 7.29 -2.72
C HIS A 30 -11.46 7.50 -4.23
N LEU A 31 -10.34 7.50 -4.95
CA LEU A 31 -10.37 7.70 -6.39
C LEU A 31 -10.94 6.48 -7.10
N GLU A 32 -10.81 6.45 -8.42
CA GLU A 32 -11.31 5.33 -9.22
C GLU A 32 -10.66 5.31 -10.59
N ASP A 33 -10.34 4.11 -11.07
CA ASP A 33 -9.72 3.95 -12.37
C ASP A 33 -9.68 2.48 -12.79
N ASP A 34 -8.92 1.69 -12.05
CA ASP A 34 -8.79 0.25 -12.33
C ASP A 34 -8.50 -0.53 -11.06
N GLN A 35 -9.54 -0.75 -10.26
CA GLN A 35 -9.40 -1.50 -9.01
C GLN A 35 -8.42 -0.80 -8.08
N GLU A 36 -8.88 0.27 -7.44
CA GLU A 36 -8.05 1.03 -6.52
C GLU A 36 -6.80 1.57 -7.23
N PRO A 37 -6.90 2.77 -7.83
CA PRO A 37 -5.78 3.39 -8.55
C PRO A 37 -4.52 3.46 -7.69
N ARG A 38 -3.48 4.08 -8.23
CA ARG A 38 -2.21 4.22 -7.52
C ARG A 38 -1.79 5.67 -7.43
N GLU A 39 -0.61 5.92 -6.87
CA GLU A 39 -0.10 7.27 -6.73
C GLU A 39 1.33 7.37 -7.27
N HIS A 40 1.66 8.52 -7.86
CA HIS A 40 2.98 8.73 -8.43
C HIS A 40 3.79 9.70 -7.56
N PRO A 41 4.48 9.18 -6.55
CA PRO A 41 5.30 10.00 -5.65
C PRO A 41 6.54 10.56 -6.33
N ILE A 42 7.45 11.13 -5.54
CA ILE A 42 8.68 11.71 -6.08
C ILE A 42 9.90 10.93 -5.59
N MET A 43 11.00 11.07 -6.33
CA MET A 43 12.24 10.38 -5.96
C MET A 43 12.70 10.78 -4.57
N GLY A 44 13.86 10.27 -4.16
CA GLY A 44 14.39 10.57 -2.85
C GLY A 44 15.19 9.43 -2.26
N GLY A 45 15.18 9.32 -0.93
CA GLY A 45 15.90 8.27 -0.26
C GLY A 45 15.11 7.63 0.85
N ILE A 46 15.67 6.60 1.48
CA ILE A 46 14.99 5.90 2.56
C ILE A 46 15.03 6.72 3.84
N TYR A 47 14.18 7.75 3.89
CA TYR A 47 14.11 8.63 5.06
C TYR A 47 13.03 9.68 4.88
N ASP A 48 12.94 10.23 3.66
CA ASP A 48 11.95 11.25 3.37
C ASP A 48 10.53 10.72 3.58
N ALA A 49 9.60 11.62 3.88
CA ALA A 49 8.21 11.25 4.10
C ALA A 49 7.29 12.47 4.03
N PRO A 50 7.38 13.26 2.95
CA PRO A 50 6.56 14.46 2.78
C PRO A 50 5.13 14.12 2.36
N LEU A 51 5.00 13.18 1.43
CA LEU A 51 3.70 12.77 0.92
C LEU A 51 2.92 13.96 0.36
N ASN A 52 2.87 14.04 -0.97
CA ASN A 52 2.17 15.13 -1.63
C ASN A 52 0.68 14.81 -1.78
N ASN A 53 0.39 13.62 -2.29
CA ASN A 53 -0.99 13.19 -2.49
C ASN A 53 -1.64 12.84 -1.16
N GLU A 54 -1.79 13.83 -0.29
CA GLU A 54 -2.41 13.62 1.01
C GLU A 54 -3.85 14.12 1.03
N ASN A 55 -4.43 14.32 -0.15
CA ASN A 55 -5.80 14.79 -0.26
C ASN A 55 -6.76 13.83 0.42
N GLY A 56 -6.41 12.55 0.42
CA GLY A 56 -7.25 11.55 1.04
C GLY A 56 -7.63 10.43 0.09
N PHE A 57 -8.05 10.81 -1.12
CA PHE A 57 -8.45 9.84 -2.13
C PHE A 57 -7.27 8.95 -2.52
N ASP A 58 -6.15 9.59 -2.87
CA ASP A 58 -4.95 8.86 -3.26
C ASP A 58 -4.48 7.94 -2.15
N LYS A 59 -4.33 8.48 -0.94
CA LYS A 59 -3.89 7.71 0.20
C LYS A 59 -4.86 6.56 0.50
N GLU A 60 -6.14 6.81 0.26
CA GLU A 60 -7.17 5.80 0.50
C GLU A 60 -7.02 4.61 -0.44
N ASP A 61 -7.10 4.86 -1.74
CA ASP A 61 -6.96 3.80 -2.73
C ASP A 61 -5.63 3.07 -2.59
N LEU A 62 -4.57 3.83 -2.32
CA LEU A 62 -3.24 3.25 -2.16
C LEU A 62 -3.22 2.29 -0.98
N ALA A 63 -3.64 2.76 0.19
CA ALA A 63 -3.66 1.93 1.39
C ALA A 63 -4.49 0.66 1.17
N ARG A 64 -5.73 0.85 0.74
CA ARG A 64 -6.63 -0.28 0.50
C ARG A 64 -6.07 -1.19 -0.59
N PHE A 65 -5.45 -0.60 -1.61
CA PHE A 65 -4.87 -1.35 -2.71
C PHE A 65 -3.83 -2.35 -2.19
N ALA A 66 -2.80 -1.82 -1.53
CA ALA A 66 -1.74 -2.66 -0.99
C ALA A 66 -2.30 -3.69 -0.01
N VAL A 67 -3.03 -3.21 0.99
CA VAL A 67 -3.63 -4.09 1.98
C VAL A 67 -4.42 -5.22 1.32
N ARG A 68 -5.31 -4.84 0.40
CA ARG A 68 -6.12 -5.82 -0.31
C ARG A 68 -5.25 -6.70 -1.20
N GLU A 69 -4.15 -6.14 -1.70
CA GLU A 69 -3.25 -6.87 -2.57
C GLU A 69 -2.62 -8.06 -1.83
N TYR A 70 -2.20 -7.82 -0.59
CA TYR A 70 -1.58 -8.87 0.21
C TYR A 70 -2.64 -9.60 1.05
N ASN A 71 -3.82 -9.01 1.16
CA ASN A 71 -4.90 -9.60 1.93
C ASN A 71 -5.75 -10.54 1.09
N ASN A 72 -5.72 -10.36 -0.23
CA ASN A 72 -6.50 -11.20 -1.13
C ASN A 72 -5.76 -12.49 -1.48
N LYS A 73 -4.44 -12.39 -1.58
CA LYS A 73 -3.61 -13.55 -1.93
C LYS A 73 -4.00 -14.79 -1.13
N ASN A 74 -4.24 -14.62 0.17
CA ASN A 74 -4.62 -15.74 1.03
C ASN A 74 -4.93 -15.28 2.45
N ASN A 75 -4.17 -14.29 2.92
CA ASN A 75 -4.34 -13.75 4.27
C ASN A 75 -5.82 -13.53 4.59
N ALA A 76 -6.11 -13.32 5.88
CA ALA A 76 -7.48 -13.09 6.33
C ALA A 76 -8.14 -11.94 5.57
N LEU A 77 -9.26 -11.46 6.10
CA LEU A 77 -9.99 -10.35 5.47
C LEU A 77 -10.16 -9.19 6.44
N LEU A 78 -9.28 -8.20 6.34
CA LEU A 78 -9.34 -7.03 7.21
C LEU A 78 -9.60 -5.77 6.39
N GLU A 79 -9.62 -4.62 7.07
CA GLU A 79 -9.86 -3.35 6.39
C GLU A 79 -9.04 -2.23 7.00
N PHE A 80 -8.43 -1.41 6.14
CA PHE A 80 -7.62 -0.29 6.60
C PHE A 80 -8.49 0.88 7.03
N VAL A 81 -8.01 1.65 7.99
CA VAL A 81 -8.75 2.81 8.47
C VAL A 81 -8.18 4.11 7.93
N ARG A 82 -6.86 4.16 7.80
CA ARG A 82 -6.17 5.34 7.29
C ARG A 82 -4.66 5.16 7.33
N VAL A 83 -3.94 6.01 6.60
CA VAL A 83 -2.49 5.95 6.56
C VAL A 83 -1.87 6.80 7.67
N VAL A 84 -0.78 6.32 8.23
CA VAL A 84 -0.08 7.03 9.30
C VAL A 84 1.35 7.39 8.91
N LYS A 85 1.84 6.79 7.82
CA LYS A 85 3.20 7.06 7.35
C LYS A 85 3.29 6.94 5.84
N ALA A 86 4.28 7.61 5.26
CA ALA A 86 4.49 7.58 3.82
C ALA A 86 5.93 7.94 3.46
N LYS A 87 6.57 7.08 2.68
CA LYS A 87 7.95 7.31 2.27
C LYS A 87 8.10 7.06 0.76
N GLU A 88 9.13 7.66 0.17
CA GLU A 88 9.39 7.51 -1.25
C GLU A 88 10.86 7.17 -1.51
N GLN A 89 11.09 6.32 -2.51
CA GLN A 89 12.44 5.91 -2.86
C GLN A 89 12.52 5.48 -4.33
N VAL A 90 13.70 5.59 -4.92
CA VAL A 90 13.90 5.22 -6.31
C VAL A 90 14.65 3.89 -6.44
N VAL A 91 14.05 2.95 -7.14
CA VAL A 91 14.66 1.64 -7.35
C VAL A 91 14.03 0.95 -8.56
N SER A 92 14.69 1.07 -9.71
CA SER A 92 14.19 0.45 -10.94
C SER A 92 12.82 1.02 -11.30
N GLY A 93 12.56 2.25 -10.86
CA GLY A 93 11.30 2.89 -11.14
C GLY A 93 10.87 3.83 -10.03
N MET A 94 9.80 3.47 -9.33
CA MET A 94 9.30 4.29 -8.22
C MET A 94 8.70 3.41 -7.14
N MET A 95 9.32 3.42 -5.96
CA MET A 95 8.84 2.63 -4.84
C MET A 95 8.35 3.53 -3.71
N HIS A 96 7.18 3.21 -3.17
CA HIS A 96 6.59 3.99 -2.09
C HIS A 96 6.34 3.14 -0.86
N TYR A 97 6.92 3.54 0.27
CA TYR A 97 6.75 2.81 1.52
C TYR A 97 5.82 3.56 2.45
N LEU A 98 4.54 3.20 2.42
CA LEU A 98 3.54 3.85 3.27
C LEU A 98 2.99 2.89 4.31
N THR A 99 2.76 3.42 5.51
CA THR A 99 2.23 2.61 6.61
C THR A 99 0.81 3.07 6.97
N VAL A 100 -0.07 2.11 7.20
CA VAL A 100 -1.46 2.43 7.54
C VAL A 100 -1.98 1.50 8.63
N GLU A 101 -3.01 1.95 9.34
CA GLU A 101 -3.60 1.15 10.41
C GLU A 101 -4.72 0.27 9.85
N VAL A 102 -4.70 -1.01 10.23
CA VAL A 102 -5.70 -1.96 9.75
C VAL A 102 -6.48 -2.55 10.91
N ASN A 103 -7.73 -2.94 10.62
CA ASN A 103 -8.59 -3.53 11.63
C ASN A 103 -9.10 -4.89 11.17
N ASP A 104 -9.25 -5.83 12.10
CA ASP A 104 -9.72 -7.17 11.79
C ASP A 104 -10.82 -7.60 12.74
N ALA A 105 -12.07 -7.25 12.42
CA ALA A 105 -13.22 -7.60 13.25
C ALA A 105 -13.00 -7.19 14.70
N GLY A 106 -12.25 -6.11 14.90
CA GLY A 106 -11.98 -5.64 16.24
C GLY A 106 -10.50 -5.43 16.50
N LYS A 107 -9.68 -6.35 15.98
CA LYS A 107 -8.24 -6.26 16.17
C LYS A 107 -7.66 -5.09 15.37
N LYS A 108 -7.23 -4.05 16.07
CA LYS A 108 -6.65 -2.88 15.43
C LYS A 108 -5.14 -2.86 15.59
N LYS A 109 -4.44 -2.51 14.51
CA LYS A 109 -2.98 -2.46 14.54
C LYS A 109 -2.45 -1.61 13.38
N LEU A 110 -1.13 -1.41 13.36
CA LEU A 110 -0.49 -0.63 12.32
C LEU A 110 0.45 -1.51 11.49
N TYR A 111 0.21 -1.57 10.19
CA TYR A 111 1.04 -2.38 9.30
C TYR A 111 1.64 -1.51 8.19
N GLU A 112 2.88 -1.80 7.82
CA GLU A 112 3.57 -1.07 6.78
C GLU A 112 3.40 -1.75 5.42
N ALA A 113 3.21 -0.94 4.38
CA ALA A 113 3.04 -1.46 3.04
C ALA A 113 3.95 -0.74 2.05
N LYS A 114 4.70 -1.51 1.27
CA LYS A 114 5.61 -0.94 0.28
C LYS A 114 5.19 -1.35 -1.13
N VAL A 115 4.82 -0.35 -1.94
CA VAL A 115 4.40 -0.61 -3.31
C VAL A 115 5.46 -0.15 -4.30
N TRP A 116 5.52 -0.83 -5.45
CA TRP A 116 6.48 -0.50 -6.49
C TRP A 116 5.80 -0.25 -7.82
N GLU A 117 6.33 0.72 -8.57
CA GLU A 117 5.76 1.08 -9.87
C GLU A 117 6.84 1.63 -10.79
N GLN A 118 6.98 1.03 -11.96
CA GLN A 118 7.97 1.47 -12.93
C GLN A 118 7.34 2.33 -14.02
N VAL A 119 8.17 2.88 -14.91
CA VAL A 119 7.68 3.72 -15.99
C VAL A 119 7.96 3.08 -17.35
N TRP A 120 9.12 2.44 -17.46
CA TRP A 120 9.51 1.78 -18.70
C TRP A 120 8.90 0.38 -18.79
N MET A 121 8.52 -0.18 -17.65
CA MET A 121 7.91 -1.51 -17.61
C MET A 121 6.39 -1.41 -17.56
N ASN A 122 5.90 -0.28 -17.05
CA ASN A 122 4.46 -0.06 -16.94
C ASN A 122 3.82 -1.09 -16.02
N PHE A 123 4.48 -1.36 -14.90
CA PHE A 123 3.98 -2.34 -13.92
C PHE A 123 3.95 -1.73 -12.53
N ARG A 124 2.89 -2.04 -11.78
CA ARG A 124 2.74 -1.52 -10.42
C ARG A 124 2.02 -2.53 -9.54
N GLN A 125 2.62 -2.85 -8.40
CA GLN A 125 2.04 -3.82 -7.47
C GLN A 125 2.66 -3.69 -6.09
N LEU A 126 2.10 -4.42 -5.13
CA LEU A 126 2.60 -4.41 -3.76
C LEU A 126 3.83 -5.29 -3.63
N GLN A 127 4.85 -4.78 -2.94
CA GLN A 127 6.09 -5.52 -2.76
C GLN A 127 6.05 -6.34 -1.47
N GLU A 128 5.89 -5.68 -0.34
CA GLU A 128 5.83 -6.36 0.95
C GLU A 128 4.89 -5.66 1.91
N PHE A 129 4.40 -6.40 2.90
CA PHE A 129 3.49 -5.87 3.89
C PHE A 129 3.87 -6.38 5.28
N THR A 130 4.42 -5.49 6.10
CA THR A 130 4.83 -5.86 7.46
C THR A 130 3.79 -5.45 8.48
N TYR A 131 3.68 -6.22 9.55
CA TYR A 131 2.72 -5.94 10.61
C TYR A 131 3.42 -5.38 11.85
N LEU A 132 3.20 -4.09 12.11
CA LEU A 132 3.81 -3.43 13.26
C LEU A 132 2.91 -3.54 14.49
N GLY A 133 3.27 -2.82 15.55
CA GLY A 133 2.49 -2.85 16.76
C GLY A 133 1.63 -1.61 16.93
N ASP A 134 0.45 -1.64 16.29
CA ASP A 134 -0.49 -0.52 16.36
C ASP A 134 0.20 0.82 16.11
N ALA A 135 -0.55 1.91 16.24
CA ALA A 135 -0.01 3.24 16.03
C ALA A 135 -0.35 4.17 17.19
N MET A 1 17.79 4.67 6.96
CA MET A 1 17.12 3.94 8.06
C MET A 1 18.00 2.81 8.60
N ALA A 2 17.51 2.12 9.62
CA ALA A 2 18.26 1.02 10.21
C ALA A 2 18.23 -0.22 9.32
N ASP A 3 17.02 -0.66 8.98
CA ASP A 3 16.85 -1.84 8.14
C ASP A 3 15.37 -2.14 7.92
N GLU A 4 15.06 -2.82 6.82
CA GLU A 4 13.69 -3.17 6.49
C GLU A 4 13.64 -4.15 5.33
N GLN A 5 13.79 -3.63 4.11
CA GLN A 5 13.76 -4.45 2.91
C GLN A 5 14.27 -3.66 1.70
N PRO A 6 15.47 -3.07 1.81
CA PRO A 6 16.06 -2.28 0.72
C PRO A 6 16.66 -3.16 -0.38
N LYS A 7 16.38 -2.81 -1.63
CA LYS A 7 16.89 -3.56 -2.79
C LYS A 7 16.78 -5.07 -2.56
N LYS A 8 15.68 -5.64 -3.03
CA LYS A 8 15.44 -7.07 -2.88
C LYS A 8 14.48 -7.58 -3.94
N PRO A 9 14.40 -8.91 -4.14
CA PRO A 9 13.51 -9.51 -5.13
C PRO A 9 12.04 -9.31 -4.79
N VAL A 10 11.23 -9.04 -5.81
CA VAL A 10 9.80 -8.83 -5.61
C VAL A 10 9.00 -10.08 -5.97
N PRO A 11 7.79 -10.23 -5.39
CA PRO A 11 6.92 -11.38 -5.66
C PRO A 11 6.23 -11.28 -7.01
N ALA A 12 5.24 -12.14 -7.24
CA ALA A 12 4.50 -12.15 -8.48
C ALA A 12 3.01 -11.86 -8.24
N ALA A 13 2.52 -10.79 -8.84
CA ALA A 13 1.12 -10.39 -8.69
C ALA A 13 0.29 -10.86 -9.87
N GLU A 14 -1.01 -10.59 -9.83
CA GLU A 14 -1.91 -10.99 -10.89
C GLU A 14 -3.03 -9.96 -11.07
N GLU A 15 -3.72 -9.65 -9.99
CA GLU A 15 -4.81 -8.68 -10.03
C GLU A 15 -5.40 -8.46 -8.64
N ALA A 16 -6.51 -7.74 -8.58
CA ALA A 16 -7.16 -7.45 -7.31
C ALA A 16 -8.46 -8.26 -7.17
N PRO A 17 -9.04 -8.29 -5.96
CA PRO A 17 -10.27 -9.04 -5.69
C PRO A 17 -11.49 -8.36 -6.31
N ALA A 18 -12.41 -9.18 -6.82
CA ALA A 18 -13.63 -8.66 -7.45
C ALA A 18 -14.82 -9.57 -7.17
N ALA A 19 -15.85 -9.02 -6.54
CA ALA A 19 -17.04 -9.78 -6.22
C ALA A 19 -18.28 -8.90 -6.20
N GLU A 20 -19.45 -9.51 -6.16
CA GLU A 20 -20.71 -8.77 -6.12
C GLU A 20 -20.92 -8.11 -4.77
N ALA A 21 -21.78 -7.10 -4.74
CA ALA A 21 -22.07 -6.38 -3.51
C ALA A 21 -20.80 -5.74 -2.93
N GLU A 22 -20.94 -5.11 -1.77
CA GLU A 22 -19.81 -4.45 -1.11
C GLU A 22 -19.82 -4.73 0.39
N ALA A 23 -18.65 -4.70 0.99
CA ALA A 23 -18.52 -4.94 2.43
C ALA A 23 -17.14 -4.53 2.93
N GLU A 24 -17.08 -3.36 3.57
CA GLU A 24 -15.82 -2.85 4.10
C GLU A 24 -16.07 -1.69 5.06
N GLU A 25 -15.34 -1.68 6.16
CA GLU A 25 -15.47 -0.62 7.17
C GLU A 25 -14.30 0.35 7.10
N GLU A 26 -14.37 1.41 7.89
CA GLU A 26 -13.32 2.42 7.92
C GLU A 26 -13.12 3.06 6.56
N GLU A 27 -13.99 4.01 6.23
CA GLU A 27 -13.92 4.70 4.94
C GLU A 27 -14.02 6.20 5.13
N GLY A 28 -12.91 6.90 4.89
CA GLY A 28 -12.91 8.35 5.04
C GLY A 28 -13.38 9.07 3.79
N LEU A 29 -12.60 8.95 2.72
CA LEU A 29 -12.94 9.59 1.45
C LEU A 29 -13.74 8.65 0.57
N HIS A 30 -14.72 9.19 -0.16
CA HIS A 30 -15.55 8.40 -1.04
C HIS A 30 -15.20 8.65 -2.50
N LEU A 31 -15.46 7.68 -3.35
CA LEU A 31 -15.17 7.80 -4.78
C LEU A 31 -15.87 6.70 -5.58
N GLU A 32 -15.50 6.58 -6.85
CA GLU A 32 -16.09 5.57 -7.72
C GLU A 32 -15.46 4.20 -7.48
N ASP A 33 -16.29 3.18 -7.36
CA ASP A 33 -15.81 1.82 -7.13
C ASP A 33 -15.17 1.25 -8.39
N ASP A 34 -13.92 1.62 -8.64
CA ASP A 34 -13.20 1.15 -9.82
C ASP A 34 -11.70 1.03 -9.52
N GLN A 35 -11.33 -0.06 -8.86
CA GLN A 35 -9.93 -0.29 -8.52
C GLN A 35 -9.39 0.82 -7.62
N GLU A 36 -8.11 0.73 -7.28
CA GLU A 36 -7.48 1.73 -6.43
C GLU A 36 -6.30 2.39 -7.14
N PRO A 37 -6.60 3.35 -8.04
CA PRO A 37 -5.57 4.06 -8.81
C PRO A 37 -4.50 4.66 -7.90
N ARG A 38 -3.38 5.07 -8.50
CA ARG A 38 -2.27 5.65 -7.75
C ARG A 38 -1.17 6.13 -8.68
N GLU A 39 -0.02 6.46 -8.11
CA GLU A 39 1.11 6.94 -8.90
C GLU A 39 2.44 6.54 -8.25
N HIS A 40 3.53 6.67 -8.99
CA HIS A 40 4.85 6.33 -8.48
C HIS A 40 5.49 7.53 -7.78
N PRO A 41 6.24 7.28 -6.69
CA PRO A 41 6.91 8.34 -5.93
C PRO A 41 8.14 8.88 -6.65
N ILE A 42 8.93 9.67 -5.94
CA ILE A 42 10.14 10.25 -6.50
C ILE A 42 11.39 9.64 -5.87
N MET A 43 12.55 9.88 -6.48
CA MET A 43 13.81 9.36 -5.98
C MET A 43 13.95 9.60 -4.48
N GLY A 44 14.63 8.67 -3.80
CA GLY A 44 14.82 8.80 -2.36
C GLY A 44 15.24 7.50 -1.72
N GLY A 45 15.79 7.59 -0.51
CA GLY A 45 16.23 6.40 0.20
C GLY A 45 15.20 5.91 1.20
N ILE A 46 15.69 5.42 2.34
CA ILE A 46 14.80 4.91 3.39
C ILE A 46 14.59 5.97 4.47
N TYR A 47 14.58 7.24 4.06
CA TYR A 47 14.39 8.33 5.01
C TYR A 47 13.39 9.35 4.46
N ASP A 48 13.56 9.71 3.19
CA ASP A 48 12.68 10.68 2.54
C ASP A 48 11.22 10.25 2.64
N ALA A 49 10.38 11.14 3.16
CA ALA A 49 8.96 10.86 3.32
C ALA A 49 8.11 12.06 2.91
N PRO A 50 8.35 12.62 1.72
CA PRO A 50 7.60 13.78 1.21
C PRO A 50 6.11 13.49 1.08
N LEU A 51 5.76 12.71 0.06
CA LEU A 51 4.37 12.35 -0.19
C LEU A 51 3.53 13.60 -0.45
N ASN A 52 3.61 14.11 -1.67
CA ASN A 52 2.85 15.30 -2.05
C ASN A 52 1.36 14.99 -2.15
N ASN A 53 1.04 13.76 -2.54
CA ASN A 53 -0.35 13.33 -2.67
C ASN A 53 -0.95 13.02 -1.31
N GLU A 54 -1.01 14.02 -0.44
CA GLU A 54 -1.57 13.84 0.90
C GLU A 54 -3.02 14.34 0.97
N ASN A 55 -3.65 14.50 -0.20
CA ASN A 55 -5.02 14.97 -0.27
C ASN A 55 -5.95 14.03 0.50
N GLY A 56 -5.72 12.73 0.36
CA GLY A 56 -6.54 11.75 1.05
C GLY A 56 -6.99 10.62 0.13
N PHE A 57 -7.44 10.98 -1.06
CA PHE A 57 -7.89 9.98 -2.04
C PHE A 57 -6.72 9.13 -2.53
N ASP A 58 -5.58 9.77 -2.75
CA ASP A 58 -4.39 9.06 -3.21
C ASP A 58 -3.84 8.14 -2.14
N LYS A 59 -3.70 8.66 -0.92
CA LYS A 59 -3.18 7.89 0.20
C LYS A 59 -4.11 6.72 0.51
N GLU A 60 -5.42 6.97 0.46
CA GLU A 60 -6.41 5.93 0.74
C GLU A 60 -6.35 4.83 -0.31
N ASP A 61 -6.39 5.22 -1.59
CA ASP A 61 -6.35 4.26 -2.68
C ASP A 61 -5.09 3.40 -2.60
N LEU A 62 -3.96 4.04 -2.36
CA LEU A 62 -2.68 3.34 -2.26
C LEU A 62 -2.70 2.34 -1.11
N ALA A 63 -3.05 2.82 0.08
CA ALA A 63 -3.11 1.97 1.27
C ALA A 63 -4.03 0.78 1.04
N ARG A 64 -5.27 1.05 0.63
CA ARG A 64 -6.24 -0.01 0.39
C ARG A 64 -5.77 -0.91 -0.74
N PHE A 65 -5.12 -0.32 -1.74
CA PHE A 65 -4.62 -1.07 -2.88
C PHE A 65 -3.62 -2.14 -2.43
N ALA A 66 -2.57 -1.71 -1.74
CA ALA A 66 -1.55 -2.63 -1.26
C ALA A 66 -2.15 -3.66 -0.30
N VAL A 67 -2.84 -3.18 0.73
CA VAL A 67 -3.47 -4.06 1.71
C VAL A 67 -4.32 -5.12 1.03
N ARG A 68 -5.26 -4.67 0.18
CA ARG A 68 -6.13 -5.58 -0.54
C ARG A 68 -5.34 -6.44 -1.52
N GLU A 69 -4.24 -5.89 -2.03
CA GLU A 69 -3.40 -6.61 -2.97
C GLU A 69 -2.78 -7.84 -2.33
N TYR A 70 -2.36 -7.70 -1.08
CA TYR A 70 -1.75 -8.82 -0.36
C TYR A 70 -2.81 -9.61 0.43
N ASN A 71 -3.95 -8.96 0.68
CA ASN A 71 -5.04 -9.61 1.42
C ASN A 71 -5.92 -10.47 0.51
N ASN A 72 -5.92 -10.15 -0.78
CA ASN A 72 -6.74 -10.89 -1.74
C ASN A 72 -6.02 -12.16 -2.20
N LYS A 73 -4.71 -12.09 -2.36
CA LYS A 73 -3.91 -13.23 -2.81
C LYS A 73 -4.23 -14.48 -2.00
N ASN A 74 -4.29 -14.34 -0.68
CA ASN A 74 -4.57 -15.47 0.19
C ASN A 74 -4.67 -15.03 1.65
N ASN A 75 -3.91 -14.01 2.03
CA ASN A 75 -3.91 -13.50 3.40
C ASN A 75 -5.33 -13.26 3.88
N ALA A 76 -5.46 -12.91 5.16
CA ALA A 76 -6.77 -12.64 5.75
C ALA A 76 -7.46 -11.47 5.05
N LEU A 77 -8.60 -11.06 5.60
CA LEU A 77 -9.37 -9.96 5.02
C LEU A 77 -9.58 -8.86 6.06
N LEU A 78 -8.63 -7.92 6.12
CA LEU A 78 -8.71 -6.82 7.07
C LEU A 78 -9.05 -5.52 6.35
N GLU A 79 -9.11 -4.42 7.09
CA GLU A 79 -9.43 -3.12 6.52
C GLU A 79 -8.53 -2.03 7.09
N PHE A 80 -7.94 -1.23 6.20
CA PHE A 80 -7.06 -0.14 6.63
C PHE A 80 -7.88 1.08 7.05
N VAL A 81 -7.34 1.85 8.00
CA VAL A 81 -8.03 3.04 8.48
C VAL A 81 -7.40 4.30 7.90
N ARG A 82 -6.09 4.29 7.75
CA ARG A 82 -5.37 5.44 7.20
C ARG A 82 -3.86 5.19 7.23
N VAL A 83 -3.12 6.01 6.49
CA VAL A 83 -1.67 5.88 6.44
C VAL A 83 -1.00 6.70 7.54
N VAL A 84 0.06 6.15 8.12
CA VAL A 84 0.80 6.82 9.18
C VAL A 84 2.22 7.17 8.74
N LYS A 85 2.68 6.54 7.66
CA LYS A 85 4.02 6.79 7.15
C LYS A 85 4.07 6.63 5.64
N ALA A 86 5.03 7.30 5.01
CA ALA A 86 5.18 7.24 3.56
C ALA A 86 6.61 7.56 3.14
N LYS A 87 7.24 6.62 2.45
CA LYS A 87 8.61 6.80 1.98
C LYS A 87 8.75 6.36 0.53
N GLU A 88 9.82 6.82 -0.12
CA GLU A 88 10.06 6.47 -1.52
C GLU A 88 11.39 5.73 -1.68
N GLN A 89 11.52 5.00 -2.77
CA GLN A 89 12.73 4.24 -3.06
C GLN A 89 12.92 4.07 -4.56
N VAL A 90 14.15 3.77 -4.97
CA VAL A 90 14.46 3.58 -6.39
C VAL A 90 15.10 2.22 -6.63
N VAL A 91 14.42 1.39 -7.42
CA VAL A 91 14.93 0.06 -7.75
C VAL A 91 14.26 -0.48 -9.00
N SER A 92 14.93 -0.33 -10.14
CA SER A 92 14.39 -0.80 -11.41
C SER A 92 13.09 -0.09 -11.75
N GLY A 93 12.90 1.11 -11.19
CA GLY A 93 11.70 1.88 -11.44
C GLY A 93 11.40 2.86 -10.33
N MET A 94 10.28 2.66 -9.65
CA MET A 94 9.89 3.54 -8.55
C MET A 94 9.15 2.75 -7.47
N MET A 95 9.76 2.68 -6.29
CA MET A 95 9.17 1.96 -5.17
C MET A 95 8.70 2.94 -4.09
N HIS A 96 7.64 2.57 -3.38
CA HIS A 96 7.09 3.42 -2.34
C HIS A 96 6.82 2.61 -1.06
N TYR A 97 7.54 2.95 0.01
CA TYR A 97 7.39 2.27 1.29
C TYR A 97 6.51 3.09 2.23
N LEU A 98 5.21 2.77 2.23
CA LEU A 98 4.26 3.48 3.08
C LEU A 98 3.67 2.57 4.14
N THR A 99 3.47 3.11 5.34
CA THR A 99 2.90 2.34 6.44
C THR A 99 1.53 2.87 6.80
N VAL A 100 0.58 1.97 7.03
CA VAL A 100 -0.77 2.37 7.38
C VAL A 100 -1.33 1.50 8.52
N GLU A 101 -2.36 2.01 9.19
CA GLU A 101 -2.99 1.29 10.29
C GLU A 101 -4.11 0.40 9.76
N VAL A 102 -4.09 -0.87 10.16
CA VAL A 102 -5.10 -1.82 9.72
C VAL A 102 -5.90 -2.37 10.90
N ASN A 103 -7.16 -2.70 10.65
CA ASN A 103 -8.04 -3.23 11.67
C ASN A 103 -8.63 -4.57 11.23
N ASP A 104 -8.84 -5.46 12.19
CA ASP A 104 -9.40 -6.77 11.90
C ASP A 104 -10.55 -7.12 12.85
N ALA A 105 -11.76 -6.69 12.50
CA ALA A 105 -12.93 -6.96 13.31
C ALA A 105 -12.71 -6.52 14.76
N GLY A 106 -11.90 -5.49 14.95
CA GLY A 106 -11.62 -4.99 16.29
C GLY A 106 -10.14 -4.87 16.57
N LYS A 107 -9.37 -5.85 16.08
CA LYS A 107 -7.92 -5.85 16.29
C LYS A 107 -7.27 -4.72 15.51
N LYS A 108 -6.79 -3.71 16.22
CA LYS A 108 -6.14 -2.57 15.60
C LYS A 108 -4.62 -2.69 15.67
N LYS A 109 -3.95 -2.41 14.55
CA LYS A 109 -2.50 -2.49 14.50
C LYS A 109 -1.95 -1.68 13.33
N LEU A 110 -0.62 -1.55 13.27
CA LEU A 110 0.03 -0.80 12.22
C LEU A 110 0.88 -1.72 11.36
N TYR A 111 0.58 -1.77 10.06
CA TYR A 111 1.32 -2.62 9.13
C TYR A 111 1.96 -1.78 8.03
N GLU A 112 3.15 -2.19 7.61
CA GLU A 112 3.88 -1.48 6.56
C GLU A 112 3.63 -2.13 5.20
N ALA A 113 3.53 -1.30 4.17
CA ALA A 113 3.29 -1.78 2.82
C ALA A 113 4.20 -1.09 1.82
N LYS A 114 4.84 -1.88 0.96
CA LYS A 114 5.75 -1.33 -0.05
C LYS A 114 5.31 -1.73 -1.45
N VAL A 115 4.99 -0.74 -2.27
CA VAL A 115 4.56 -0.98 -3.64
C VAL A 115 5.64 -0.60 -4.64
N TRP A 116 5.66 -1.28 -5.78
CA TRP A 116 6.65 -1.01 -6.82
C TRP A 116 5.98 -0.67 -8.14
N GLU A 117 6.55 0.29 -8.86
CA GLU A 117 6.00 0.71 -10.15
C GLU A 117 7.10 1.27 -11.05
N GLN A 118 7.19 0.74 -12.26
CA GLN A 118 8.19 1.17 -13.22
C GLN A 118 7.56 2.04 -14.31
N VAL A 119 8.40 2.56 -15.20
CA VAL A 119 7.92 3.41 -16.29
C VAL A 119 8.24 2.79 -17.64
N TRP A 120 9.38 2.14 -17.74
CA TRP A 120 9.81 1.51 -18.99
C TRP A 120 9.23 0.09 -19.11
N MET A 121 8.85 -0.48 -17.99
CA MET A 121 8.28 -1.83 -17.98
C MET A 121 6.75 -1.77 -17.94
N ASN A 122 6.22 -0.66 -17.43
CA ASN A 122 4.79 -0.47 -17.34
C ASN A 122 4.15 -1.51 -16.43
N PHE A 123 4.72 -1.67 -15.23
CA PHE A 123 4.20 -2.63 -14.26
C PHE A 123 4.14 -2.01 -12.87
N ARG A 124 3.05 -2.28 -12.16
CA ARG A 124 2.88 -1.76 -10.81
C ARG A 124 2.11 -2.75 -9.93
N GLN A 125 2.69 -3.10 -8.79
CA GLN A 125 2.06 -4.04 -7.87
C GLN A 125 2.70 -3.96 -6.49
N LEU A 126 2.09 -4.66 -5.53
CA LEU A 126 2.60 -4.67 -4.16
C LEU A 126 3.82 -5.59 -4.04
N GLN A 127 4.81 -5.14 -3.28
CA GLN A 127 6.03 -5.92 -3.09
C GLN A 127 5.96 -6.74 -1.80
N GLU A 128 5.85 -6.07 -0.67
CA GLU A 128 5.79 -6.76 0.61
C GLU A 128 4.88 -6.02 1.60
N PHE A 129 4.38 -6.76 2.58
CA PHE A 129 3.51 -6.20 3.60
C PHE A 129 3.88 -6.74 4.97
N THR A 130 4.48 -5.88 5.79
CA THR A 130 4.90 -6.30 7.13
C THR A 130 3.88 -5.84 8.18
N TYR A 131 3.80 -6.60 9.27
CA TYR A 131 2.86 -6.28 10.35
C TYR A 131 3.60 -5.78 11.58
N LEU A 132 3.48 -4.49 11.86
CA LEU A 132 4.13 -3.88 13.01
C LEU A 132 3.24 -3.96 14.25
N GLY A 133 3.77 -3.51 15.37
CA GLY A 133 3.00 -3.53 16.61
C GLY A 133 1.73 -2.70 16.52
N ASP A 134 1.88 -1.38 16.66
CA ASP A 134 0.74 -0.48 16.60
C ASP A 134 1.21 0.97 16.50
N ALA A 135 0.36 1.82 15.93
CA ALA A 135 0.68 3.24 15.77
C ALA A 135 0.14 4.06 16.93
N MET A 1 20.18 5.71 7.52
CA MET A 1 18.72 5.52 7.47
C MET A 1 18.31 4.18 8.08
N ALA A 2 17.04 3.82 7.91
CA ALA A 2 16.54 2.56 8.44
C ALA A 2 17.28 1.37 7.85
N ASP A 3 17.30 1.29 6.53
CA ASP A 3 17.99 0.20 5.83
C ASP A 3 17.40 -1.15 6.23
N GLU A 4 16.27 -1.50 5.61
CA GLU A 4 15.61 -2.75 5.90
C GLU A 4 15.32 -3.53 4.61
N GLN A 5 14.76 -2.82 3.64
CA GLN A 5 14.43 -3.44 2.35
C GLN A 5 14.33 -2.38 1.26
N PRO A 6 15.38 -1.56 1.09
CA PRO A 6 15.41 -0.50 0.07
C PRO A 6 15.53 -1.06 -1.34
N LYS A 7 16.43 -2.02 -1.52
CA LYS A 7 16.65 -2.63 -2.82
C LYS A 7 16.74 -4.16 -2.70
N LYS A 8 15.89 -4.86 -3.43
CA LYS A 8 15.87 -6.32 -3.40
C LYS A 8 14.84 -6.88 -4.39
N PRO A 9 14.99 -8.15 -4.78
CA PRO A 9 14.07 -8.80 -5.72
C PRO A 9 12.62 -8.65 -5.31
N VAL A 10 11.70 -8.77 -6.27
CA VAL A 10 10.28 -8.65 -6.00
C VAL A 10 9.50 -9.82 -6.60
N PRO A 11 8.31 -10.12 -6.06
CA PRO A 11 7.47 -11.21 -6.54
C PRO A 11 6.79 -10.88 -7.86
N ALA A 12 5.83 -11.72 -8.25
CA ALA A 12 5.10 -11.51 -9.49
C ALA A 12 3.65 -11.96 -9.36
N ALA A 13 2.73 -11.02 -9.57
CA ALA A 13 1.30 -11.30 -9.46
C ALA A 13 0.47 -10.09 -9.85
N GLU A 14 -0.81 -10.32 -10.15
CA GLU A 14 -1.72 -9.25 -10.53
C GLU A 14 -3.16 -9.75 -10.56
N GLU A 15 -3.91 -9.39 -9.52
CA GLU A 15 -5.32 -9.80 -9.43
C GLU A 15 -5.97 -9.20 -8.20
N ALA A 16 -7.25 -9.51 -8.00
CA ALA A 16 -8.00 -9.00 -6.86
C ALA A 16 -8.94 -10.08 -6.31
N PRO A 17 -9.44 -9.88 -5.07
CA PRO A 17 -10.34 -10.83 -4.43
C PRO A 17 -11.73 -10.83 -5.07
N ALA A 18 -12.34 -12.01 -5.12
CA ALA A 18 -13.67 -12.15 -5.71
C ALA A 18 -14.75 -12.09 -4.65
N ALA A 19 -15.32 -10.90 -4.47
CA ALA A 19 -16.38 -10.71 -3.48
C ALA A 19 -17.45 -9.77 -4.00
N GLU A 20 -18.42 -9.45 -3.15
CA GLU A 20 -19.51 -8.55 -3.52
C GLU A 20 -20.05 -7.80 -2.31
N ALA A 21 -19.92 -6.48 -2.33
CA ALA A 21 -20.39 -5.65 -1.23
C ALA A 21 -19.68 -6.01 0.08
N GLU A 22 -20.05 -5.33 1.15
CA GLU A 22 -19.44 -5.58 2.46
C GLU A 22 -20.38 -5.13 3.57
N ALA A 23 -20.24 -5.76 4.74
CA ALA A 23 -21.07 -5.42 5.89
C ALA A 23 -20.53 -4.19 6.61
N GLU A 24 -19.34 -4.31 7.18
CA GLU A 24 -18.71 -3.21 7.90
C GLU A 24 -17.26 -3.02 7.45
N GLU A 25 -16.94 -1.80 7.01
CA GLU A 25 -15.60 -1.49 6.56
C GLU A 25 -15.26 -0.02 6.81
N GLU A 26 -14.08 0.23 7.36
CA GLU A 26 -13.64 1.59 7.65
C GLU A 26 -13.41 2.37 6.36
N GLU A 27 -14.46 3.00 5.85
CA GLU A 27 -14.37 3.79 4.62
C GLU A 27 -14.30 5.27 4.93
N GLY A 28 -14.25 6.09 3.88
CA GLY A 28 -14.19 7.53 4.06
C GLY A 28 -14.54 8.29 2.80
N LEU A 29 -13.99 7.85 1.67
CA LEU A 29 -14.25 8.49 0.39
C LEU A 29 -15.18 7.64 -0.46
N HIS A 30 -15.46 8.11 -1.68
CA HIS A 30 -16.34 7.40 -2.59
C HIS A 30 -15.75 7.35 -4.00
N LEU A 31 -14.88 6.37 -4.23
CA LEU A 31 -14.24 6.22 -5.53
C LEU A 31 -13.61 4.84 -5.67
N GLU A 32 -13.84 4.20 -6.82
CA GLU A 32 -13.28 2.87 -7.07
C GLU A 32 -12.59 2.82 -8.43
N ASP A 33 -13.38 2.94 -9.49
CA ASP A 33 -12.84 2.91 -10.85
C ASP A 33 -12.13 1.59 -11.12
N ASP A 34 -12.67 0.51 -10.58
CA ASP A 34 -12.08 -0.83 -10.75
C ASP A 34 -10.68 -0.89 -10.16
N GLN A 35 -10.50 -1.76 -9.17
CA GLN A 35 -9.21 -1.91 -8.51
C GLN A 35 -8.77 -0.61 -7.85
N GLU A 36 -7.58 -0.62 -7.26
CA GLU A 36 -7.05 0.55 -6.59
C GLU A 36 -5.80 1.07 -7.30
N PRO A 37 -5.99 1.94 -8.32
CA PRO A 37 -4.87 2.50 -9.08
C PRO A 37 -3.81 3.13 -8.18
N ARG A 38 -2.80 3.73 -8.80
CA ARG A 38 -1.71 4.36 -8.05
C ARG A 38 -1.39 5.73 -8.63
N GLU A 39 -0.39 6.40 -8.05
CA GLU A 39 0.02 7.71 -8.51
C GLU A 39 1.51 7.74 -8.82
N HIS A 40 2.01 8.90 -9.25
CA HIS A 40 3.41 9.05 -9.59
C HIS A 40 4.14 9.85 -8.52
N PRO A 41 4.65 9.18 -7.48
CA PRO A 41 5.37 9.83 -6.38
C PRO A 41 6.73 10.37 -6.82
N ILE A 42 7.21 11.38 -6.10
CA ILE A 42 8.50 11.98 -6.42
C ILE A 42 9.65 11.09 -5.95
N MET A 43 10.83 11.29 -6.55
CA MET A 43 12.01 10.51 -6.19
C MET A 43 12.34 10.66 -4.72
N GLY A 44 13.45 10.05 -4.30
CA GLY A 44 13.85 10.13 -2.91
C GLY A 44 14.43 8.82 -2.40
N GLY A 45 14.46 8.66 -1.08
CA GLY A 45 14.98 7.45 -0.49
C GLY A 45 14.20 7.01 0.74
N ILE A 46 14.92 6.65 1.80
CA ILE A 46 14.29 6.21 3.03
C ILE A 46 14.21 7.35 4.04
N TYR A 47 14.09 8.57 3.54
CA TYR A 47 14.00 9.74 4.41
C TYR A 47 12.83 10.63 4.00
N ASP A 48 12.68 10.87 2.70
CA ASP A 48 11.59 11.70 2.19
C ASP A 48 10.24 11.12 2.58
N ALA A 49 9.55 11.81 3.48
CA ALA A 49 8.24 11.38 3.94
C ALA A 49 7.28 12.56 4.10
N PRO A 50 7.15 13.40 3.05
CA PRO A 50 6.26 14.57 3.09
C PRO A 50 4.79 14.19 2.93
N LEU A 51 4.54 13.15 2.14
CA LEU A 51 3.18 12.68 1.91
C LEU A 51 2.30 13.81 1.37
N ASN A 52 2.77 14.46 0.32
CA ASN A 52 2.03 15.56 -0.30
C ASN A 52 0.65 15.10 -0.76
N ASN A 53 0.56 13.83 -1.15
CA ASN A 53 -0.71 13.27 -1.61
C ASN A 53 -1.59 12.88 -0.43
N GLU A 54 -1.94 13.85 0.40
CA GLU A 54 -2.78 13.62 1.56
C GLU A 54 -4.24 13.97 1.28
N ASN A 55 -4.58 14.08 0.00
CA ASN A 55 -5.95 14.42 -0.40
C ASN A 55 -6.94 13.38 0.13
N GLY A 56 -6.48 12.14 0.26
CA GLY A 56 -7.33 11.08 0.74
C GLY A 56 -7.49 9.96 -0.26
N PHE A 57 -7.74 10.32 -1.52
CA PHE A 57 -7.91 9.33 -2.57
C PHE A 57 -6.60 8.60 -2.86
N ASP A 58 -5.50 9.33 -2.81
CA ASP A 58 -4.18 8.76 -3.05
C ASP A 58 -3.75 7.85 -1.89
N LYS A 59 -3.86 8.37 -0.68
CA LYS A 59 -3.48 7.60 0.51
C LYS A 59 -4.33 6.33 0.63
N GLU A 60 -5.63 6.48 0.42
CA GLU A 60 -6.55 5.34 0.51
C GLU A 60 -6.32 4.38 -0.65
N ASP A 61 -6.07 4.92 -1.83
CA ASP A 61 -5.83 4.11 -3.02
C ASP A 61 -4.61 3.20 -2.81
N LEU A 62 -3.51 3.79 -2.37
CA LEU A 62 -2.28 3.04 -2.14
C LEU A 62 -2.46 2.04 -1.00
N ALA A 63 -2.92 2.53 0.15
CA ALA A 63 -3.13 1.68 1.31
C ALA A 63 -4.04 0.50 0.98
N ARG A 64 -5.21 0.79 0.43
CA ARG A 64 -6.17 -0.24 0.07
C ARG A 64 -5.59 -1.16 -1.01
N PHE A 65 -4.81 -0.58 -1.92
CA PHE A 65 -4.19 -1.35 -3.00
C PHE A 65 -3.20 -2.36 -2.45
N ALA A 66 -2.20 -1.87 -1.72
CA ALA A 66 -1.18 -2.74 -1.14
C ALA A 66 -1.80 -3.79 -0.23
N VAL A 67 -2.58 -3.33 0.75
CA VAL A 67 -3.24 -4.23 1.68
C VAL A 67 -4.02 -5.32 0.93
N ARG A 68 -4.96 -4.89 0.09
CA ARG A 68 -5.76 -5.82 -0.69
C ARG A 68 -4.89 -6.69 -1.59
N GLU A 69 -3.77 -6.14 -2.04
CA GLU A 69 -2.85 -6.86 -2.91
C GLU A 69 -2.29 -8.09 -2.19
N TYR A 70 -1.87 -7.89 -0.95
CA TYR A 70 -1.30 -8.98 -0.16
C TYR A 70 -2.39 -9.71 0.65
N ASN A 71 -3.60 -9.14 0.67
CA ASN A 71 -4.70 -9.75 1.40
C ASN A 71 -5.52 -10.68 0.51
N ASN A 72 -5.49 -10.42 -0.79
CA ASN A 72 -6.23 -11.24 -1.74
C ASN A 72 -5.52 -12.57 -1.99
N LYS A 73 -4.19 -12.55 -1.93
CA LYS A 73 -3.40 -13.75 -2.16
C LYS A 73 -3.90 -14.92 -1.32
N ASN A 74 -3.48 -14.98 -0.06
CA ASN A 74 -3.88 -16.05 0.84
C ASN A 74 -3.70 -15.64 2.30
N ASN A 75 -3.70 -14.33 2.56
CA ASN A 75 -3.51 -13.83 3.91
C ASN A 75 -4.77 -14.00 4.75
N ALA A 76 -4.79 -13.33 5.90
CA ALA A 76 -5.93 -13.41 6.81
C ALA A 76 -7.12 -12.60 6.28
N LEU A 77 -6.81 -11.57 5.50
CA LEU A 77 -7.85 -10.70 4.92
C LEU A 77 -8.36 -9.70 5.96
N LEU A 78 -7.63 -8.61 6.13
CA LEU A 78 -8.01 -7.57 7.09
C LEU A 78 -8.47 -6.32 6.36
N GLU A 79 -8.69 -5.24 7.11
CA GLU A 79 -9.15 -3.98 6.52
C GLU A 79 -8.35 -2.80 7.06
N PHE A 80 -7.88 -1.94 6.16
CA PHE A 80 -7.11 -0.77 6.54
C PHE A 80 -8.03 0.38 6.93
N VAL A 81 -7.58 1.23 7.84
CA VAL A 81 -8.36 2.37 8.29
C VAL A 81 -7.82 3.67 7.72
N ARG A 82 -6.50 3.77 7.63
CA ARG A 82 -5.85 4.96 7.10
C ARG A 82 -4.33 4.83 7.18
N VAL A 83 -3.63 5.70 6.45
CA VAL A 83 -2.17 5.68 6.45
C VAL A 83 -1.60 6.60 7.54
N VAL A 84 -0.50 6.16 8.15
CA VAL A 84 0.15 6.93 9.20
C VAL A 84 1.53 7.39 8.77
N LYS A 85 2.10 6.73 7.77
CA LYS A 85 3.43 7.07 7.27
C LYS A 85 3.53 6.86 5.77
N ALA A 86 4.41 7.60 5.12
CA ALA A 86 4.59 7.51 3.67
C ALA A 86 5.97 8.00 3.25
N LYS A 87 6.62 7.26 2.36
CA LYS A 87 7.94 7.62 1.86
C LYS A 87 8.09 7.22 0.40
N GLU A 88 9.05 7.83 -0.29
CA GLU A 88 9.29 7.52 -1.69
C GLU A 88 10.77 7.21 -1.93
N GLN A 89 11.03 6.20 -2.77
CA GLN A 89 12.39 5.80 -3.09
C GLN A 89 12.50 5.34 -4.53
N VAL A 90 13.67 5.53 -5.14
CA VAL A 90 13.88 5.13 -6.52
C VAL A 90 14.66 3.82 -6.61
N VAL A 91 14.10 2.86 -7.34
CA VAL A 91 14.72 1.56 -7.52
C VAL A 91 14.11 0.84 -8.71
N SER A 92 14.78 0.91 -9.85
CA SER A 92 14.30 0.27 -11.07
C SER A 92 12.94 0.84 -11.47
N GLY A 93 12.68 2.08 -11.06
CA GLY A 93 11.43 2.73 -11.38
C GLY A 93 10.97 3.65 -10.27
N MET A 94 9.91 3.26 -9.57
CA MET A 94 9.37 4.07 -8.48
C MET A 94 8.76 3.18 -7.41
N MET A 95 9.35 3.18 -6.22
CA MET A 95 8.86 2.37 -5.11
C MET A 95 8.35 3.27 -3.98
N HIS A 96 7.14 3.00 -3.51
CA HIS A 96 6.54 3.77 -2.44
C HIS A 96 6.43 2.95 -1.16
N TYR A 97 7.00 3.48 -0.07
CA TYR A 97 6.96 2.81 1.22
C TYR A 97 6.10 3.59 2.21
N LEU A 98 4.87 3.14 2.43
CA LEU A 98 3.97 3.82 3.35
C LEU A 98 3.38 2.85 4.37
N THR A 99 3.24 3.32 5.60
CA THR A 99 2.68 2.52 6.68
C THR A 99 1.24 2.95 6.98
N VAL A 100 0.36 1.98 7.20
CA VAL A 100 -1.03 2.28 7.49
C VAL A 100 -1.57 1.41 8.62
N GLU A 101 -2.67 1.84 9.23
CA GLU A 101 -3.30 1.10 10.31
C GLU A 101 -4.31 0.10 9.77
N VAL A 102 -4.25 -1.14 10.26
CA VAL A 102 -5.15 -2.18 9.81
C VAL A 102 -5.86 -2.87 10.97
N ASN A 103 -7.12 -3.21 10.76
CA ASN A 103 -7.92 -3.88 11.79
C ASN A 103 -8.38 -5.25 11.30
N ASP A 104 -8.57 -6.18 12.23
CA ASP A 104 -9.01 -7.52 11.88
C ASP A 104 -9.83 -8.14 13.02
N ALA A 105 -11.14 -8.24 12.82
CA ALA A 105 -12.02 -8.81 13.83
C ALA A 105 -11.88 -8.08 15.16
N GLY A 106 -11.54 -6.80 15.10
CA GLY A 106 -11.38 -6.01 16.31
C GLY A 106 -9.93 -5.73 16.62
N LYS A 107 -9.04 -6.61 16.19
CA LYS A 107 -7.61 -6.43 16.42
C LYS A 107 -7.05 -5.29 15.58
N LYS A 108 -6.71 -4.20 16.23
CA LYS A 108 -6.15 -3.03 15.54
C LYS A 108 -4.64 -2.97 15.69
N LYS A 109 -3.95 -2.66 14.60
CA LYS A 109 -2.50 -2.57 14.61
C LYS A 109 -1.98 -1.73 13.45
N LEU A 110 -0.68 -1.50 13.43
CA LEU A 110 -0.05 -0.71 12.37
C LEU A 110 0.88 -1.59 11.53
N TYR A 111 0.60 -1.69 10.23
CA TYR A 111 1.42 -2.50 9.34
C TYR A 111 2.00 -1.65 8.21
N GLU A 112 3.24 -1.94 7.85
CA GLU A 112 3.92 -1.20 6.78
C GLU A 112 3.75 -1.90 5.44
N ALA A 113 3.63 -1.12 4.37
CA ALA A 113 3.47 -1.67 3.04
C ALA A 113 4.33 -0.93 2.01
N LYS A 114 4.99 -1.70 1.14
CA LYS A 114 5.85 -1.12 0.13
C LYS A 114 5.42 -1.58 -1.27
N VAL A 115 5.08 -0.62 -2.12
CA VAL A 115 4.66 -0.93 -3.49
C VAL A 115 5.69 -0.47 -4.51
N TRP A 116 5.77 -1.17 -5.63
CA TRP A 116 6.72 -0.83 -6.68
C TRP A 116 6.01 -0.59 -8.01
N GLU A 117 6.52 0.38 -8.77
CA GLU A 117 5.94 0.70 -10.08
C GLU A 117 7.00 1.31 -11.00
N GLN A 118 7.16 0.71 -12.17
CA GLN A 118 8.14 1.18 -13.14
C GLN A 118 7.47 2.01 -14.22
N VAL A 119 8.29 2.59 -15.10
CA VAL A 119 7.78 3.40 -16.19
C VAL A 119 8.13 2.78 -17.55
N TRP A 120 9.32 2.21 -17.65
CA TRP A 120 9.77 1.57 -18.88
C TRP A 120 9.23 0.15 -18.99
N MET A 121 8.85 -0.43 -17.86
CA MET A 121 8.31 -1.78 -17.82
C MET A 121 6.79 -1.75 -17.82
N ASN A 122 6.23 -0.66 -17.32
CA ASN A 122 4.78 -0.50 -17.25
C ASN A 122 4.16 -1.56 -16.35
N PHE A 123 4.72 -1.70 -15.14
CA PHE A 123 4.23 -2.69 -14.18
C PHE A 123 4.17 -2.08 -12.78
N ARG A 124 3.22 -2.55 -11.98
CA ARG A 124 3.06 -2.07 -10.62
C ARG A 124 2.40 -3.13 -9.74
N GLN A 125 2.99 -3.37 -8.57
CA GLN A 125 2.46 -4.36 -7.65
C GLN A 125 3.03 -4.18 -6.25
N LEU A 126 2.53 -4.95 -5.30
CA LEU A 126 2.98 -4.87 -3.92
C LEU A 126 4.28 -5.66 -3.74
N GLN A 127 5.24 -5.05 -3.04
CA GLN A 127 6.52 -5.69 -2.80
C GLN A 127 6.50 -6.50 -1.52
N GLU A 128 6.29 -5.83 -0.38
CA GLU A 128 6.26 -6.50 0.91
C GLU A 128 5.27 -5.81 1.86
N PHE A 129 4.81 -6.56 2.84
CA PHE A 129 3.87 -6.05 3.84
C PHE A 129 4.27 -6.53 5.23
N THR A 130 4.80 -5.61 6.04
CA THR A 130 5.23 -5.96 7.39
C THR A 130 4.18 -5.54 8.42
N TYR A 131 4.13 -6.26 9.53
CA TYR A 131 3.17 -5.96 10.58
C TYR A 131 3.87 -5.43 11.83
N LEU A 132 3.66 -4.15 12.11
CA LEU A 132 4.27 -3.51 13.27
C LEU A 132 3.39 -3.67 14.51
N GLY A 133 3.73 -2.96 15.57
CA GLY A 133 2.96 -3.03 16.80
C GLY A 133 1.62 -2.33 16.68
N ASP A 134 1.64 -1.00 16.83
CA ASP A 134 0.42 -0.21 16.74
C ASP A 134 0.75 1.28 16.63
N ALA A 135 -0.12 2.02 15.95
CA ALA A 135 0.07 3.46 15.77
C ALA A 135 -0.69 4.25 16.83
N MET A 1 17.82 2.45 5.48
CA MET A 1 17.85 2.45 6.96
C MET A 1 18.29 1.10 7.51
N ALA A 2 17.43 0.09 7.36
CA ALA A 2 17.73 -1.24 7.83
C ALA A 2 18.72 -1.94 6.91
N ASP A 3 18.57 -1.71 5.61
CA ASP A 3 19.45 -2.30 4.59
C ASP A 3 18.98 -3.70 4.19
N GLU A 4 18.20 -4.33 5.06
CA GLU A 4 17.69 -5.67 4.77
C GLU A 4 16.56 -5.63 3.76
N GLN A 5 15.70 -4.62 3.90
CA GLN A 5 14.57 -4.45 2.99
C GLN A 5 14.97 -3.63 1.77
N PRO A 6 15.60 -2.45 1.98
CA PRO A 6 16.04 -1.58 0.89
C PRO A 6 16.95 -2.30 -0.10
N LYS A 7 16.70 -2.09 -1.39
CA LYS A 7 17.51 -2.71 -2.43
C LYS A 7 17.41 -4.23 -2.36
N LYS A 8 16.49 -4.80 -3.14
CA LYS A 8 16.30 -6.25 -3.16
C LYS A 8 15.33 -6.65 -4.27
N PRO A 9 15.31 -7.94 -4.64
CA PRO A 9 14.42 -8.45 -5.69
C PRO A 9 12.95 -8.38 -5.30
N VAL A 10 12.08 -8.81 -6.20
CA VAL A 10 10.64 -8.80 -5.94
C VAL A 10 9.94 -9.95 -6.65
N PRO A 11 8.77 -10.38 -6.13
CA PRO A 11 8.00 -11.47 -6.71
C PRO A 11 7.26 -11.04 -7.99
N ALA A 12 6.34 -11.89 -8.44
CA ALA A 12 5.56 -11.60 -9.64
C ALA A 12 4.07 -11.83 -9.40
N ALA A 13 3.29 -10.77 -9.55
CA ALA A 13 1.84 -10.85 -9.35
C ALA A 13 1.16 -9.53 -9.70
N GLU A 14 -0.12 -9.60 -10.01
CA GLU A 14 -0.90 -8.40 -10.35
C GLU A 14 -2.36 -8.75 -10.59
N GLU A 15 -3.19 -8.51 -9.59
CA GLU A 15 -4.61 -8.80 -9.69
C GLU A 15 -5.36 -8.37 -8.44
N ALA A 16 -6.68 -8.37 -8.50
CA ALA A 16 -7.51 -7.98 -7.36
C ALA A 16 -8.59 -9.02 -7.08
N PRO A 17 -9.17 -8.99 -5.87
CA PRO A 17 -10.22 -9.94 -5.47
C PRO A 17 -11.54 -9.66 -6.18
N ALA A 18 -12.42 -10.66 -6.18
CA ALA A 18 -13.72 -10.52 -6.83
C ALA A 18 -14.83 -10.33 -5.80
N ALA A 19 -14.94 -9.11 -5.28
CA ALA A 19 -15.95 -8.79 -4.28
C ALA A 19 -17.06 -7.93 -4.89
N GLU A 20 -18.11 -7.70 -4.10
CA GLU A 20 -19.24 -6.89 -4.55
C GLU A 20 -19.69 -5.92 -3.46
N ALA A 21 -20.25 -4.79 -3.88
CA ALA A 21 -20.71 -3.78 -2.95
C ALA A 21 -19.57 -3.26 -2.08
N GLU A 22 -19.92 -2.49 -1.06
CA GLU A 22 -18.92 -1.92 -0.16
C GLU A 22 -18.78 -2.77 1.10
N ALA A 23 -17.55 -3.15 1.42
CA ALA A 23 -17.28 -3.96 2.61
C ALA A 23 -16.71 -3.12 3.74
N GLU A 24 -15.46 -2.69 3.57
CA GLU A 24 -14.79 -1.88 4.58
C GLU A 24 -15.54 -0.57 4.81
N GLU A 25 -16.14 -0.44 5.99
CA GLU A 25 -16.90 0.76 6.33
C GLU A 25 -16.13 1.62 7.34
N GLU A 26 -15.31 2.52 6.82
CA GLU A 26 -14.51 3.41 7.68
C GLU A 26 -15.07 4.83 7.64
N GLU A 27 -15.37 5.31 6.45
CA GLU A 27 -15.91 6.66 6.28
C GLU A 27 -16.26 6.93 4.82
N GLY A 28 -17.22 7.83 4.61
CA GLY A 28 -17.63 8.15 3.24
C GLY A 28 -16.49 8.71 2.41
N LEU A 29 -16.41 8.27 1.16
CA LEU A 29 -15.36 8.73 0.26
C LEU A 29 -15.55 8.15 -1.13
N HIS A 30 -15.25 8.95 -2.15
CA HIS A 30 -15.38 8.51 -3.53
C HIS A 30 -14.22 7.62 -3.94
N LEU A 31 -14.33 6.32 -3.65
CA LEU A 31 -13.28 5.38 -3.98
C LEU A 31 -13.79 3.94 -3.89
N GLU A 32 -12.98 3.00 -4.36
CA GLU A 32 -13.37 1.59 -4.32
C GLU A 32 -14.61 1.33 -5.16
N ASP A 33 -14.44 1.29 -6.48
CA ASP A 33 -15.55 1.05 -7.39
C ASP A 33 -15.10 0.29 -8.62
N ASP A 34 -13.99 0.74 -9.21
CA ASP A 34 -13.45 0.10 -10.41
C ASP A 34 -12.19 -0.71 -10.07
N GLN A 35 -11.27 -0.08 -9.33
CA GLN A 35 -10.04 -0.74 -8.94
C GLN A 35 -9.21 0.17 -8.04
N GLU A 36 -8.00 -0.28 -7.71
CA GLU A 36 -7.10 0.49 -6.86
C GLU A 36 -6.01 1.17 -7.68
N PRO A 37 -6.24 2.41 -8.13
CA PRO A 37 -5.27 3.17 -8.93
C PRO A 37 -4.04 3.57 -8.12
N ARG A 38 -3.23 4.46 -8.68
CA ARG A 38 -2.03 4.92 -8.00
C ARG A 38 -1.46 6.16 -8.71
N GLU A 39 -0.24 6.53 -8.33
CA GLU A 39 0.42 7.69 -8.92
C GLU A 39 1.90 7.42 -9.15
N HIS A 40 2.63 8.46 -9.58
CA HIS A 40 4.06 8.32 -9.84
C HIS A 40 4.86 9.14 -8.82
N PRO A 41 5.38 8.47 -7.76
CA PRO A 41 6.18 9.14 -6.73
C PRO A 41 7.52 9.62 -7.25
N ILE A 42 8.25 10.35 -6.40
CA ILE A 42 9.56 10.87 -6.78
C ILE A 42 10.67 10.14 -6.02
N MET A 43 11.87 10.15 -6.59
CA MET A 43 13.03 9.50 -5.97
C MET A 43 13.24 9.99 -4.55
N GLY A 44 13.69 9.09 -3.67
CA GLY A 44 13.93 9.45 -2.29
C GLY A 44 14.85 8.47 -1.59
N GLY A 45 14.61 8.26 -0.29
CA GLY A 45 15.43 7.35 0.47
C GLY A 45 14.60 6.45 1.38
N ILE A 46 15.12 6.19 2.58
CA ILE A 46 14.42 5.34 3.53
C ILE A 46 13.84 6.17 4.69
N TYR A 47 13.48 7.40 4.39
CA TYR A 47 12.91 8.30 5.39
C TYR A 47 12.51 9.63 4.78
N ASP A 48 11.20 9.88 4.72
CA ASP A 48 10.68 11.12 4.15
C ASP A 48 9.17 11.19 4.28
N ALA A 49 8.55 12.12 3.56
CA ALA A 49 7.11 12.29 3.59
C ALA A 49 6.55 12.55 2.20
N PRO A 50 6.68 11.58 1.29
CA PRO A 50 6.19 11.70 -0.08
C PRO A 50 4.69 11.92 -0.15
N LEU A 51 3.99 11.57 0.92
CA LEU A 51 2.54 11.72 0.98
C LEU A 51 2.14 13.18 0.78
N ASN A 52 1.99 13.58 -0.48
CA ASN A 52 1.60 14.95 -0.80
C ASN A 52 0.09 15.06 -0.96
N ASN A 53 -0.52 14.02 -1.53
CA ASN A 53 -1.96 14.01 -1.75
C ASN A 53 -2.67 13.31 -0.59
N GLU A 54 -2.84 14.03 0.51
CA GLU A 54 -3.49 13.48 1.70
C GLU A 54 -4.99 13.78 1.69
N ASN A 55 -5.52 14.15 0.52
CA ASN A 55 -6.93 14.47 0.39
C ASN A 55 -7.80 13.29 0.81
N GLY A 56 -7.28 12.08 0.60
CA GLY A 56 -8.01 10.88 0.95
C GLY A 56 -8.07 9.87 -0.17
N PHE A 57 -8.46 10.31 -1.36
CA PHE A 57 -8.55 9.43 -2.52
C PHE A 57 -7.19 8.81 -2.84
N ASP A 58 -6.16 9.65 -2.83
CA ASP A 58 -4.81 9.18 -3.12
C ASP A 58 -4.28 8.27 -2.02
N LYS A 59 -4.31 8.76 -0.78
CA LYS A 59 -3.83 8.00 0.36
C LYS A 59 -4.57 6.67 0.47
N GLU A 60 -5.90 6.72 0.34
CA GLU A 60 -6.72 5.52 0.43
C GLU A 60 -6.45 4.58 -0.73
N ASP A 61 -6.29 5.15 -1.92
CA ASP A 61 -6.02 4.36 -3.12
C ASP A 61 -4.75 3.53 -2.95
N LEU A 62 -3.68 4.18 -2.52
CA LEU A 62 -2.40 3.51 -2.32
C LEU A 62 -2.50 2.48 -1.20
N ALA A 63 -3.00 2.92 -0.04
CA ALA A 63 -3.15 2.03 1.12
C ALA A 63 -3.98 0.80 0.76
N ARG A 64 -5.17 1.03 0.23
CA ARG A 64 -6.06 -0.06 -0.16
C ARG A 64 -5.41 -0.92 -1.25
N PHE A 65 -4.66 -0.28 -2.13
CA PHE A 65 -3.98 -0.98 -3.21
C PHE A 65 -3.02 -2.03 -2.66
N ALA A 66 -2.04 -1.59 -1.88
CA ALA A 66 -1.07 -2.49 -1.29
C ALA A 66 -1.73 -3.53 -0.40
N VAL A 67 -2.53 -3.06 0.56
CA VAL A 67 -3.24 -3.96 1.47
C VAL A 67 -4.01 -5.03 0.71
N ARG A 68 -4.85 -4.60 -0.22
CA ARG A 68 -5.64 -5.52 -1.03
C ARG A 68 -4.73 -6.38 -1.92
N GLU A 69 -3.61 -5.81 -2.34
CA GLU A 69 -2.67 -6.51 -3.19
C GLU A 69 -2.12 -7.75 -2.49
N TYR A 70 -1.79 -7.60 -1.22
CA TYR A 70 -1.25 -8.71 -0.44
C TYR A 70 -2.37 -9.46 0.30
N ASN A 71 -3.53 -8.84 0.39
CA ASN A 71 -4.67 -9.45 1.08
C ASN A 71 -5.51 -10.29 0.12
N ASN A 72 -5.35 -10.05 -1.18
CA ASN A 72 -6.11 -10.81 -2.18
C ASN A 72 -5.39 -12.10 -2.57
N LYS A 73 -4.07 -12.06 -2.57
CA LYS A 73 -3.26 -13.23 -2.93
C LYS A 73 -3.78 -14.50 -2.25
N ASN A 74 -3.37 -14.72 -1.01
CA ASN A 74 -3.79 -15.89 -0.26
C ASN A 74 -3.87 -15.60 1.24
N ASN A 75 -3.85 -14.31 1.60
CA ASN A 75 -3.90 -13.92 3.00
C ASN A 75 -5.35 -13.88 3.50
N ALA A 76 -5.56 -13.27 4.65
CA ALA A 76 -6.89 -13.16 5.25
C ALA A 76 -7.70 -12.06 4.56
N LEU A 77 -8.76 -11.62 5.21
CA LEU A 77 -9.62 -10.58 4.66
C LEU A 77 -9.79 -9.43 5.66
N LEU A 78 -8.88 -8.46 5.60
CA LEU A 78 -8.93 -7.31 6.50
C LEU A 78 -9.27 -6.04 5.72
N GLU A 79 -9.31 -4.91 6.44
CA GLU A 79 -9.62 -3.64 5.81
C GLU A 79 -8.84 -2.50 6.45
N PHE A 80 -8.18 -1.70 5.63
CA PHE A 80 -7.39 -0.57 6.11
C PHE A 80 -8.31 0.59 6.53
N VAL A 81 -7.86 1.37 7.50
CA VAL A 81 -8.65 2.50 7.98
C VAL A 81 -8.06 3.82 7.49
N ARG A 82 -6.74 3.88 7.42
CA ARG A 82 -6.04 5.08 6.96
C ARG A 82 -4.54 4.92 7.07
N VAL A 83 -3.79 5.80 6.41
CA VAL A 83 -2.34 5.75 6.44
C VAL A 83 -1.77 6.63 7.54
N VAL A 84 -0.67 6.18 8.16
CA VAL A 84 -0.03 6.92 9.23
C VAL A 84 1.41 7.27 8.88
N LYS A 85 1.97 6.62 7.85
CA LYS A 85 3.33 6.88 7.43
C LYS A 85 3.49 6.72 5.92
N ALA A 86 4.47 7.42 5.35
CA ALA A 86 4.72 7.35 3.92
C ALA A 86 6.18 7.66 3.60
N LYS A 87 6.81 6.79 2.82
CA LYS A 87 8.20 6.95 2.43
C LYS A 87 8.42 6.53 0.98
N GLU A 88 9.51 7.01 0.39
CA GLU A 88 9.81 6.68 -1.00
C GLU A 88 11.31 6.44 -1.19
N GLN A 89 11.64 5.38 -1.93
CA GLN A 89 13.03 5.03 -2.20
C GLN A 89 13.22 4.65 -3.67
N VAL A 90 14.46 4.71 -4.13
CA VAL A 90 14.78 4.39 -5.52
C VAL A 90 15.46 3.02 -5.62
N VAL A 91 14.86 2.13 -6.39
CA VAL A 91 15.40 0.79 -6.59
C VAL A 91 14.85 0.15 -7.86
N SER A 92 15.61 0.24 -8.94
CA SER A 92 15.19 -0.32 -10.23
C SER A 92 13.90 0.34 -10.70
N GLY A 93 13.68 1.58 -10.27
CA GLY A 93 12.48 2.30 -10.65
C GLY A 93 12.03 3.27 -9.58
N MET A 94 10.89 2.96 -8.96
CA MET A 94 10.34 3.81 -7.90
C MET A 94 9.60 2.98 -6.86
N MET A 95 10.13 2.97 -5.64
CA MET A 95 9.52 2.21 -4.55
C MET A 95 8.97 3.15 -3.50
N HIS A 96 7.86 2.75 -2.86
CA HIS A 96 7.23 3.57 -1.84
C HIS A 96 6.84 2.73 -0.62
N TYR A 97 7.40 3.07 0.53
CA TYR A 97 7.10 2.36 1.76
C TYR A 97 6.14 3.17 2.62
N LEU A 98 4.88 2.76 2.65
CA LEU A 98 3.86 3.46 3.42
C LEU A 98 3.27 2.56 4.51
N THR A 99 3.01 3.14 5.68
CA THR A 99 2.43 2.40 6.79
C THR A 99 1.01 2.86 7.06
N VAL A 100 0.08 1.92 7.15
CA VAL A 100 -1.31 2.25 7.41
C VAL A 100 -1.91 1.33 8.47
N GLU A 101 -3.01 1.77 9.06
CA GLU A 101 -3.69 1.00 10.09
C GLU A 101 -4.71 0.06 9.47
N VAL A 102 -4.68 -1.20 9.88
CA VAL A 102 -5.61 -2.20 9.35
C VAL A 102 -6.47 -2.80 10.46
N ASN A 103 -7.67 -3.24 10.09
CA ASN A 103 -8.59 -3.83 11.04
C ASN A 103 -9.09 -5.19 10.54
N ASP A 104 -9.27 -6.12 11.48
CA ASP A 104 -9.73 -7.46 11.12
C ASP A 104 -10.68 -8.01 12.19
N ALA A 105 -11.97 -8.03 11.88
CA ALA A 105 -12.97 -8.52 12.80
C ALA A 105 -12.93 -7.77 14.13
N GLY A 106 -12.53 -6.50 14.06
CA GLY A 106 -12.45 -5.69 15.25
C GLY A 106 -11.03 -5.45 15.71
N LYS A 107 -10.14 -6.38 15.38
CA LYS A 107 -8.73 -6.28 15.76
C LYS A 107 -8.06 -5.13 15.02
N LYS A 108 -7.74 -4.06 15.74
CA LYS A 108 -7.09 -2.90 15.16
C LYS A 108 -5.58 -2.96 15.35
N LYS A 109 -4.83 -2.70 14.28
CA LYS A 109 -3.38 -2.73 14.34
C LYS A 109 -2.77 -1.88 13.22
N LEU A 110 -1.45 -1.71 13.27
CA LEU A 110 -0.74 -0.92 12.27
C LEU A 110 0.20 -1.80 11.46
N TYR A 111 -0.03 -1.86 10.15
CA TYR A 111 0.79 -2.68 9.26
C TYR A 111 1.48 -1.81 8.20
N GLU A 112 2.69 -2.21 7.82
CA GLU A 112 3.44 -1.49 6.81
C GLU A 112 3.38 -2.20 5.47
N ALA A 113 3.40 -1.42 4.39
CA ALA A 113 3.33 -1.97 3.05
C ALA A 113 4.31 -1.25 2.11
N LYS A 114 5.03 -2.02 1.32
CA LYS A 114 6.00 -1.45 0.38
C LYS A 114 5.62 -1.78 -1.06
N VAL A 115 5.35 -0.74 -1.84
CA VAL A 115 4.97 -0.92 -3.25
C VAL A 115 6.11 -0.51 -4.17
N TRP A 116 6.17 -1.15 -5.33
CA TRP A 116 7.22 -0.87 -6.31
C TRP A 116 6.62 -0.59 -7.68
N GLU A 117 7.22 0.37 -8.39
CA GLU A 117 6.76 0.74 -9.73
C GLU A 117 7.91 1.27 -10.57
N GLN A 118 8.10 0.68 -11.75
CA GLN A 118 9.17 1.10 -12.64
C GLN A 118 8.64 2.00 -13.76
N VAL A 119 9.55 2.53 -14.57
CA VAL A 119 9.17 3.40 -15.67
C VAL A 119 9.50 2.76 -17.01
N TRP A 120 10.63 2.06 -17.07
CA TRP A 120 11.06 1.39 -18.29
C TRP A 120 10.39 0.03 -18.44
N MET A 121 9.89 -0.51 -17.34
CA MET A 121 9.22 -1.80 -17.35
C MET A 121 7.70 -1.62 -17.40
N ASN A 122 7.24 -0.47 -16.90
CA ASN A 122 5.82 -0.16 -16.88
C ASN A 122 5.06 -1.16 -16.02
N PHE A 123 5.64 -1.54 -14.89
CA PHE A 123 5.03 -2.49 -13.98
C PHE A 123 4.98 -1.93 -12.56
N ARG A 124 3.90 -2.24 -11.84
CA ARG A 124 3.73 -1.78 -10.47
C ARG A 124 2.95 -2.79 -9.65
N GLN A 125 3.49 -3.15 -8.49
CA GLN A 125 2.84 -4.11 -7.61
C GLN A 125 3.40 -4.04 -6.19
N LEU A 126 2.81 -4.81 -5.28
CA LEU A 126 3.25 -4.84 -3.90
C LEU A 126 4.39 -5.84 -3.72
N GLN A 127 5.39 -5.46 -2.93
CA GLN A 127 6.54 -6.33 -2.67
C GLN A 127 6.38 -7.08 -1.36
N GLU A 128 6.18 -6.35 -0.28
CA GLU A 128 6.02 -6.97 1.04
C GLU A 128 5.05 -6.20 1.91
N PHE A 129 4.45 -6.91 2.87
CA PHE A 129 3.51 -6.33 3.80
C PHE A 129 3.79 -6.82 5.22
N THR A 130 4.30 -5.93 6.06
CA THR A 130 4.63 -6.28 7.43
C THR A 130 3.54 -5.84 8.39
N TYR A 131 3.40 -6.56 9.51
CA TYR A 131 2.39 -6.25 10.50
C TYR A 131 3.04 -5.76 11.79
N LEU A 132 2.87 -4.47 12.08
CA LEU A 132 3.43 -3.88 13.28
C LEU A 132 2.49 -4.03 14.47
N GLY A 133 2.86 -3.44 15.60
CA GLY A 133 2.02 -3.52 16.79
C GLY A 133 0.74 -2.72 16.65
N ASP A 134 0.87 -1.39 16.61
CA ASP A 134 -0.28 -0.51 16.48
C ASP A 134 0.15 0.94 16.38
N ALA A 135 -0.75 1.79 15.89
CA ALA A 135 -0.46 3.20 15.75
C ALA A 135 -1.21 4.04 16.78
#